data_7L3N
#
_entry.id   7L3N
#
_cell.length_a   1.00
_cell.length_b   1.00
_cell.length_c   1.00
_cell.angle_alpha   90.00
_cell.angle_beta   90.00
_cell.angle_gamma   90.00
#
_symmetry.space_group_name_H-M   'P 1'
#
loop_
_entity.id
_entity.type
_entity.pdbx_description
1 polymer 'Spike glycoprotein'
2 polymer 'LY-CoV555 Fab heavy chain'
3 polymer 'LY-CoV555 Fab light chain'
4 branched 2-acetamido-2-deoxy-beta-D-glucopyranose-(1-4)-2-acetamido-2-deoxy-beta-D-glucopyranose
5 non-polymer 2-acetamido-2-deoxy-beta-D-glucopyranose
#
loop_
_entity_poly.entity_id
_entity_poly.type
_entity_poly.pdbx_seq_one_letter_code
_entity_poly.pdbx_strand_id
1 'polypeptide(L)'
;SQCVNLTTRTQLPPAYTNSFTRGVYYPDKVFRSSVLHSTQDLFLPFFSNVTWFHAIHVSGTNGTKRFDNPVLPFNDGVYF
ASTEKSNIIRGWIFGTTLDSKTQSLLIVNNATNVVIKVCEFQFCNDPFLGVYYHKNNKSWMESEFRVYSSANNCTFEYVS
QPFLMDLEGKQGNFKNLREFVFKNIDGYFKIYSKHTPINLVRDLPQGFSALEPLVDLPIGINITRFQTLLALHRSYLTPG
DSSSGWTAGAAAYYVGYLQPRTFLLKYNENGTITDAVDCALDPLSETKCTLKSFTVEKGIYQTSNFRVQPTESIVRFPNI
TNLCPFGEVFNATRFASVYAWNRKRISNCVADYSVLYNSASFSTFKCYGVSPTKLNDLCFTNVYADSFVIRGDEVRQIAP
GQTGKIADYNYKLPDDFTGCVIAWNSNNLDSKVGGNYNYLYRLFRKSNLKPFERDISTEIYQAGSTPCNGVEGFNCYFPL
QSYGFQPTNGVGYQPYRVVVLSFELLHAPATVCGPKKSTNLVKNKCVNFNFNGLTGTGVLTESNKKFLPFQQFGRDIADT
TDAVRDPQTLEILDITPCSFGGVSVITPGTNTSNQVAVLYQDVNCTEVPVAIHADQLTPTWRVYSTGSNVFQTRAGCLIG
AEHVNNSYECDIPIGAGICASYQTQTNSPGSASSVASQSIIAYTMSLGAENSVAYSNNSIAIPTNFTISVTTEILPVSMT
KTSVDCTMYICGDSTECSNLLLQYGSFCTQLNRALTGIAVEQDKNTQEVFAQVKQIYKTPPIKDFGGFNFSQILPDPSKP
SKRSPIEDLLFNKVTLADAGFIKQYGDCLGDIAARDLICAQKFNGLTVLPPLLTDEMIAQYTSALLAGTITSGWTFGAGP
ALQIPFPMQMAYRFNGIGVTQNVLYENQKLIANQFNSAIGKIQDSLSSTPSALGKLQDVVNQNAQALNTLVKQLSSNFGA
ISSVLNDILSRLDPPEAEVQIDRLITGRLQSLQTYVTQQLIRAAEIRASANLAATKMSECVLGQSKRVDFCGKGYHLMSF
PQSAPHGVVFLHVTYVPAQEKNFTTAPAICHDGKAHFPREGVFVSNGTHWFVTQRNFYEPQIITTDNTFVSGNCDVVIGI
VNNTVYDPLQPELDSFKEELDKYFKNHTSPDVDLGDISGINASVVNIQKEIDRLNEVAKNLNESLIDLQELGKYEQGSGY
IPEAPRDGQAYVRKDGEWVLLSTFLGRSLEVLFQGPGHHHHHHHHSAWSHPQFEKGGGSGGGGSGGSAWSHPQFEK
;
A,B,C
2 'polypeptide(L)'
;QVQLVQSGAEVKKPGSSVKVSCKASGGTFSNYAISWVRQAPGQGLEWMGRIIPILGIANYAQKFQGRVTITADKSTSTAY
MELSSLRSEDTAVYYCARGYYEARHYYYYYAMDVWGQGTAVTVSSASTKGPSVFPLAPCSRSTSESTAALGCLVKDYFPE
PVTVSWNSGALTSGVHTFPAVLQSSGLYSLSSVVTVPSSSLGTKTYTCNVDHKPSNTKVDKRVHHHHH
;
D
3 'polypeptide(L)'
;DIQMTQSPSSLSASVGDRVTITCRASQSISSYLSWYQQKPGKAPKLLIYAASSLQSGVPSRFSGSGSGTDFTLTITSLQP
EDFATYYCQQSYSTPRTFGQGTKVEIKRTVAAPSVFIFPPSDEQLKSGTASVVCLLNNFYPREAKVQWKVDNALQSGNSQ
ESVTEQDSKDSTYSLSSTLTLSKADYEKHKVYACEVTQGTTSVTKSFNRGEC
;
E
#
loop_
_chem_comp.id
_chem_comp.type
_chem_comp.name
_chem_comp.formula
NAG D-saccharide, beta linking 2-acetamido-2-deoxy-beta-D-glucopyranose 'C8 H15 N O6'
#
# COMPACT_ATOMS: atom_id res chain seq x y z
N ALA A 15 -6.79 1.29 58.07
CA ALA A 15 -7.61 2.36 57.50
C ALA A 15 -7.23 2.63 56.06
N TYR A 16 -8.23 2.99 55.25
CA TYR A 16 -8.04 3.24 53.83
C TYR A 16 -8.68 4.57 53.45
N THR A 17 -8.17 5.16 52.37
CA THR A 17 -8.69 6.42 51.86
C THR A 17 -8.78 6.32 50.34
N ASN A 18 -9.63 7.17 49.77
CA ASN A 18 -9.91 7.17 48.34
C ASN A 18 -8.97 8.13 47.64
N SER A 19 -8.20 7.62 46.68
CA SER A 19 -7.19 8.43 45.99
C SER A 19 -7.77 9.49 45.08
N PHE A 20 -9.09 9.49 44.86
CA PHE A 20 -9.73 10.44 43.95
C PHE A 20 -9.01 10.54 42.61
N THR A 21 -8.46 11.71 42.30
CA THR A 21 -7.79 11.94 41.03
C THR A 21 -6.31 12.27 41.19
N ARG A 22 -5.72 11.94 42.35
CA ARG A 22 -4.33 12.26 42.60
C ARG A 22 -3.41 11.17 42.07
N GLY A 23 -2.13 11.52 41.94
CA GLY A 23 -1.12 10.56 41.58
C GLY A 23 -0.71 10.55 40.12
N VAL A 24 -0.89 11.67 39.40
CA VAL A 24 -0.55 11.77 37.99
C VAL A 24 0.68 12.65 37.83
N TYR A 25 1.63 12.18 37.03
CA TYR A 25 2.88 12.88 36.81
C TYR A 25 3.15 12.95 35.31
N TYR A 26 4.01 13.88 34.93
CA TYR A 26 4.40 14.02 33.54
C TYR A 26 5.27 12.85 33.14
N PRO A 27 4.83 11.97 32.23
CA PRO A 27 5.57 10.72 32.00
C PRO A 27 6.88 10.88 31.26
N ASP A 28 7.07 11.96 30.49
CA ASP A 28 8.20 12.01 29.57
C ASP A 28 8.91 13.35 29.51
N LYS A 29 8.45 14.37 30.26
CA LYS A 29 9.11 15.66 30.34
C LYS A 29 9.13 16.40 29.01
N VAL A 30 8.20 16.08 28.11
CA VAL A 30 8.10 16.73 26.81
C VAL A 30 6.88 17.64 26.82
N PHE A 31 7.04 18.86 26.30
CA PHE A 31 5.97 19.82 26.30
C PHE A 31 5.03 19.57 25.13
N ARG A 32 3.73 19.56 25.41
CA ARG A 32 2.69 19.49 24.40
C ARG A 32 1.49 20.26 24.91
N SER A 33 0.68 20.78 23.99
CA SER A 33 -0.40 21.67 24.41
C SER A 33 -1.65 21.43 23.57
N SER A 34 -2.80 21.61 24.22
CA SER A 34 -4.12 21.41 23.62
C SER A 34 -4.21 20.05 22.94
N VAL A 35 -3.81 19.00 23.67
CA VAL A 35 -3.67 17.66 23.09
C VAL A 35 -4.10 16.63 24.12
N LEU A 36 -4.72 15.56 23.65
CA LEU A 36 -5.07 14.41 24.49
C LEU A 36 -4.09 13.30 24.13
N HIS A 37 -3.25 12.91 25.09
CA HIS A 37 -2.19 11.95 24.83
C HIS A 37 -2.40 10.70 25.67
N SER A 38 -2.26 9.54 25.04
CA SER A 38 -2.39 8.26 25.72
C SER A 38 -1.00 7.76 26.08
N THR A 39 -0.82 7.38 27.35
CA THR A 39 0.49 6.96 27.83
C THR A 39 0.35 5.71 28.69
N GLN A 40 1.32 4.81 28.56
CA GLN A 40 1.36 3.57 29.33
C GLN A 40 2.63 3.57 30.18
N ASP A 41 2.45 3.62 31.49
CA ASP A 41 3.55 3.58 32.45
C ASP A 41 2.94 3.32 33.82
N LEU A 42 3.77 3.38 34.87
CA LEU A 42 3.31 3.17 36.23
C LEU A 42 2.62 4.43 36.74
N PHE A 43 1.29 4.41 36.79
CA PHE A 43 0.51 5.51 37.35
C PHE A 43 -0.31 5.01 38.53
N LEU A 44 -0.72 5.96 39.36
CA LEU A 44 -1.54 5.63 40.52
C LEU A 44 -2.97 5.38 40.07
N PRO A 45 -3.51 4.18 40.28
CA PRO A 45 -4.90 3.92 39.87
C PRO A 45 -5.89 4.86 40.54
N PHE A 46 -6.82 5.37 39.75
CA PHE A 46 -7.86 6.25 40.27
C PHE A 46 -8.79 5.48 41.20
N PHE A 47 -9.24 6.17 42.24
CA PHE A 47 -10.18 5.63 43.23
C PHE A 47 -9.66 4.35 43.89
N SER A 48 -8.35 4.13 43.89
CA SER A 48 -7.79 3.00 44.60
C SER A 48 -7.74 3.30 46.10
N ASN A 49 -7.61 2.22 46.88
CA ASN A 49 -7.49 2.36 48.32
C ASN A 49 -6.04 2.64 48.68
N VAL A 50 -5.82 3.72 49.42
CA VAL A 50 -4.48 4.10 49.88
C VAL A 50 -4.45 4.00 51.41
N THR A 51 -3.38 3.42 51.93
CA THR A 51 -3.26 3.20 53.36
C THR A 51 -2.94 4.51 54.06
N TRP A 52 -3.73 4.83 55.08
CA TRP A 52 -3.60 6.09 55.81
C TRP A 52 -3.04 5.83 57.20
N PHE A 53 -1.90 6.47 57.50
CA PHE A 53 -1.26 6.35 58.79
C PHE A 53 -1.39 7.66 59.57
N HIS A 54 -1.45 7.54 60.89
CA HIS A 54 -1.59 8.71 61.75
C HIS A 54 -0.45 8.78 62.75
N PHE A 67 0.96 7.72 67.58
CA PHE A 67 2.05 7.78 66.59
C PHE A 67 2.32 6.40 66.01
N ASP A 68 2.42 6.34 64.68
CA ASP A 68 2.59 5.06 63.99
C ASP A 68 3.34 5.30 62.69
N ASN A 69 4.38 4.48 62.46
CA ASN A 69 5.20 4.56 61.25
C ASN A 69 5.83 3.20 60.98
N PRO A 70 5.06 2.28 60.40
CA PRO A 70 5.58 0.94 60.12
C PRO A 70 6.36 0.91 58.80
N VAL A 71 6.93 -0.26 58.52
CA VAL A 71 7.68 -0.51 57.29
C VAL A 71 6.73 -0.97 56.20
N LEU A 72 6.81 -0.32 55.03
CA LEU A 72 5.94 -0.64 53.90
C LEU A 72 6.75 -1.17 52.72
N PRO A 73 6.20 -2.11 51.96
CA PRO A 73 6.86 -2.55 50.73
C PRO A 73 6.90 -1.45 49.68
N PHE A 74 7.90 -1.55 48.80
CA PHE A 74 8.07 -0.62 47.69
C PHE A 74 7.49 -1.13 46.37
N ASN A 75 7.53 -2.45 46.15
CA ASN A 75 7.11 -3.12 44.92
C ASN A 75 7.49 -2.36 43.65
N ASP A 76 6.52 -2.01 42.82
CA ASP A 76 6.78 -1.39 41.52
C ASP A 76 6.68 0.13 41.54
N GLY A 77 6.58 0.75 42.70
CA GLY A 77 6.47 2.19 42.79
C GLY A 77 5.58 2.60 43.94
N VAL A 78 5.85 3.78 44.49
CA VAL A 78 5.18 4.25 45.69
C VAL A 78 4.67 5.67 45.46
N TYR A 79 3.41 5.91 45.83
CA TYR A 79 2.86 7.24 45.96
C TYR A 79 2.81 7.59 47.44
N PHE A 80 3.28 8.80 47.77
CA PHE A 80 3.37 9.25 49.14
C PHE A 80 2.69 10.60 49.24
N ALA A 81 1.94 10.83 50.30
CA ALA A 81 1.27 12.11 50.46
C ALA A 81 1.28 12.50 51.93
N SER A 82 1.34 13.81 52.18
CA SER A 82 1.40 14.27 53.56
C SER A 82 0.73 15.62 53.69
N THR A 83 0.23 15.89 54.89
CA THR A 83 -0.37 17.18 55.20
C THR A 83 0.70 18.22 55.50
N ASN A 87 7.03 20.21 58.87
CA ASN A 87 8.24 19.51 58.43
C ASN A 87 8.57 18.40 59.43
N ILE A 88 7.55 17.63 59.80
CA ILE A 88 7.73 16.56 60.77
C ILE A 88 8.45 15.38 60.15
N ILE A 89 8.00 14.94 58.97
CA ILE A 89 8.66 13.86 58.24
C ILE A 89 9.85 14.44 57.48
N ARG A 90 10.99 13.77 57.58
CA ARG A 90 12.21 14.33 57.00
C ARG A 90 12.78 13.55 55.84
N GLY A 91 12.39 12.30 55.64
CA GLY A 91 13.03 11.54 54.58
C GLY A 91 12.43 10.17 54.40
N TRP A 92 13.09 9.40 53.54
CA TRP A 92 12.70 8.04 53.22
C TRP A 92 13.95 7.18 53.09
N ILE A 93 13.78 5.89 53.36
CA ILE A 93 14.86 4.90 53.25
C ILE A 93 14.36 3.76 52.38
N PHE A 94 15.16 3.37 51.39
CA PHE A 94 14.81 2.32 50.46
C PHE A 94 15.89 1.25 50.44
N GLY A 95 15.47 -0.01 50.34
CA GLY A 95 16.41 -1.09 50.18
C GLY A 95 15.68 -2.41 50.02
N THR A 96 16.45 -3.49 50.03
CA THR A 96 15.93 -4.85 49.90
C THR A 96 16.23 -5.71 51.13
N THR A 97 17.49 -5.78 51.53
CA THR A 97 17.92 -6.56 52.68
C THR A 97 18.62 -5.72 53.73
N LEU A 98 19.21 -4.58 53.35
CA LEU A 98 19.86 -3.61 54.23
C LEU A 98 20.83 -4.29 55.20
N ASP A 99 20.82 -3.88 56.47
CA ASP A 99 21.71 -4.43 57.49
C ASP A 99 23.17 -4.47 57.02
N SER A 100 23.54 -3.50 56.18
CA SER A 100 24.88 -3.36 55.61
C SER A 100 25.28 -4.51 54.70
N LYS A 101 24.34 -5.39 54.37
CA LYS A 101 24.64 -6.47 53.44
C LYS A 101 24.60 -6.00 51.99
N THR A 102 23.79 -4.98 51.71
CA THR A 102 23.72 -4.37 50.39
C THR A 102 23.50 -2.87 50.59
N GLN A 103 23.75 -2.10 49.53
CA GLN A 103 23.56 -0.66 49.59
C GLN A 103 22.07 -0.32 49.61
N SER A 104 21.73 0.70 50.40
CA SER A 104 20.34 1.13 50.56
C SER A 104 20.26 2.65 50.43
N LEU A 105 19.37 3.11 49.55
CA LEU A 105 19.20 4.53 49.27
C LEU A 105 18.63 5.25 50.49
N LEU A 106 19.24 6.36 50.87
CA LEU A 106 18.81 7.15 52.02
C LEU A 106 18.60 8.60 51.62
N ILE A 107 17.39 9.13 51.80
CA ILE A 107 17.07 10.52 51.50
C ILE A 107 16.60 11.19 52.78
N VAL A 108 17.32 12.23 53.24
CA VAL A 108 16.84 13.01 54.38
C VAL A 108 17.08 14.48 54.11
N ASN A 109 16.13 15.31 54.51
CA ASN A 109 16.21 16.76 54.34
C ASN A 109 16.53 17.37 55.70
N ASN A 110 17.82 17.58 55.94
CA ASN A 110 18.32 18.07 57.22
C ASN A 110 19.04 19.40 57.03
N ALA A 111 18.87 20.30 58.00
CA ALA A 111 19.54 21.60 58.03
C ALA A 111 19.42 22.32 56.70
N THR A 112 18.21 22.35 56.15
CA THR A 112 17.86 23.08 54.93
C THR A 112 18.62 22.58 53.71
N ASN A 113 19.35 21.48 53.82
CA ASN A 113 20.06 20.89 52.69
C ASN A 113 19.72 19.40 52.62
N VAL A 114 18.91 19.00 51.65
CA VAL A 114 18.51 17.60 51.54
C VAL A 114 19.66 16.80 50.94
N VAL A 115 19.97 15.66 51.57
CA VAL A 115 21.11 14.83 51.20
C VAL A 115 20.63 13.41 50.91
N ILE A 116 21.20 12.84 49.84
CA ILE A 116 20.90 11.49 49.39
C ILE A 116 22.21 10.70 49.38
N LYS A 117 22.17 9.50 49.96
CA LYS A 117 23.32 8.63 50.14
C LYS A 117 22.96 7.24 49.64
N VAL A 118 23.98 6.47 49.25
CA VAL A 118 23.75 5.08 48.85
C VAL A 118 24.74 4.19 49.59
N CYS A 119 25.09 4.59 50.82
CA CYS A 119 26.04 3.79 51.58
C CYS A 119 25.35 2.54 52.15
N GLU A 120 26.16 1.60 52.62
CA GLU A 120 25.67 0.36 53.24
C GLU A 120 25.40 0.57 54.73
N PHE A 121 24.43 1.43 55.02
CA PHE A 121 24.09 1.73 56.40
C PHE A 121 23.45 0.55 57.09
N GLN A 122 23.80 0.35 58.37
CA GLN A 122 23.08 -0.58 59.23
C GLN A 122 22.10 0.26 60.04
N PHE A 123 20.81 0.05 59.80
CA PHE A 123 19.77 0.85 60.39
C PHE A 123 19.38 0.32 61.77
N CYS A 124 18.92 1.23 62.63
CA CYS A 124 18.46 0.83 63.95
C CYS A 124 17.14 0.07 63.83
N ASN A 125 16.70 -0.48 64.97
CA ASN A 125 15.42 -1.17 64.99
C ASN A 125 14.25 -0.23 64.70
N ASP A 126 14.35 1.02 65.12
CA ASP A 126 13.36 2.04 64.81
C ASP A 126 14.08 3.35 64.50
N PRO A 127 14.55 3.51 63.26
CA PRO A 127 15.31 4.72 62.89
C PRO A 127 14.52 6.01 63.02
N PHE A 128 15.23 7.08 63.39
CA PHE A 128 14.69 8.42 63.55
C PHE A 128 15.81 9.43 63.40
N LEU A 129 15.42 10.70 63.38
CA LEU A 129 16.35 11.80 63.65
C LEU A 129 16.36 12.14 65.14
N GLY A 130 17.38 12.87 65.54
CA GLY A 130 17.53 13.29 66.92
C GLY A 130 17.99 12.16 67.82
N GLU A 144 21.37 16.40 65.13
CA GLU A 144 22.09 15.15 65.31
C GLU A 144 21.31 14.00 64.67
N PHE A 145 22.03 12.99 64.18
CA PHE A 145 21.42 11.92 63.42
C PHE A 145 22.11 10.59 63.72
N ARG A 146 21.30 9.53 63.76
CA ARG A 146 21.76 8.18 64.03
C ARG A 146 21.67 7.26 62.82
N VAL A 147 20.74 7.53 61.91
CA VAL A 147 20.45 6.74 60.73
C VAL A 147 21.70 6.52 59.86
N TYR A 148 22.72 7.35 60.05
CA TYR A 148 23.96 7.24 59.26
C TYR A 148 25.08 6.54 60.00
N SER A 149 24.78 5.49 60.76
CA SER A 149 25.88 4.79 61.40
C SER A 149 26.47 3.78 60.42
N SER A 150 27.73 3.39 60.68
CA SER A 150 28.46 2.46 59.82
C SER A 150 28.38 2.89 58.35
N ALA A 151 28.67 4.16 58.10
CA ALA A 151 28.57 4.72 56.75
C ALA A 151 29.84 4.37 55.97
N ASN A 152 29.77 3.29 55.21
CA ASN A 152 30.92 2.79 54.46
C ASN A 152 30.46 2.32 53.09
N ASN A 153 31.42 2.25 52.16
CA ASN A 153 31.21 1.74 50.80
C ASN A 153 30.24 2.62 50.02
N CYS A 154 30.19 3.91 50.35
CA CYS A 154 29.30 4.83 49.66
C CYS A 154 29.62 4.87 48.17
N THR A 155 28.58 4.76 47.34
CA THR A 155 28.74 4.70 45.89
C THR A 155 28.10 5.87 45.17
N PHE A 156 27.28 6.68 45.85
CA PHE A 156 26.63 7.81 45.20
C PHE A 156 26.19 8.80 46.26
N GLU A 157 26.36 10.08 45.95
CA GLU A 157 26.10 11.18 46.87
C GLU A 157 25.42 12.30 46.10
N TYR A 158 24.37 12.87 46.68
CA TYR A 158 23.68 13.96 46.00
C TYR A 158 23.14 14.94 47.02
N VAL A 159 23.18 16.23 46.67
CA VAL A 159 22.74 17.29 47.57
C VAL A 159 21.84 18.25 46.81
N SER A 160 20.70 18.60 47.40
CA SER A 160 19.77 19.55 46.81
C SER A 160 19.18 20.45 47.88
N GLN A 161 18.36 21.41 47.43
CA GLN A 161 17.61 22.32 48.28
C GLN A 161 16.18 21.83 48.46
N PRO A 162 15.62 21.94 49.66
CA PRO A 162 14.24 21.54 49.90
C PRO A 162 13.26 22.69 49.68
N PHE A 163 12.02 22.31 49.41
CA PHE A 163 10.92 23.26 49.31
C PHE A 163 9.81 22.84 50.27
N LEU A 164 9.23 23.80 50.96
CA LEU A 164 8.20 23.55 51.95
C LEU A 164 7.00 22.82 51.37
N LYS A 175 -3.08 22.51 55.87
CA LYS A 175 -3.57 23.29 54.75
C LYS A 175 -2.62 23.19 53.55
N ASN A 176 -1.64 22.29 53.64
CA ASN A 176 -0.65 22.10 52.59
C ASN A 176 -0.49 20.62 52.31
N LEU A 177 -0.57 20.25 51.04
CA LEU A 177 -0.39 18.87 50.60
C LEU A 177 0.97 18.73 49.94
N ARG A 178 1.71 17.72 50.36
CA ARG A 178 3.00 17.38 49.77
C ARG A 178 2.80 16.01 49.14
N GLU A 179 2.80 15.96 47.81
CA GLU A 179 2.62 14.72 47.06
C GLU A 179 3.96 14.33 46.45
N PHE A 180 4.25 13.04 46.49
CA PHE A 180 5.48 12.48 45.95
C PHE A 180 5.16 11.17 45.23
N VAL A 181 5.97 10.88 44.22
CA VAL A 181 5.95 9.60 43.52
C VAL A 181 7.39 9.14 43.35
N PHE A 182 7.65 7.89 43.71
CA PHE A 182 8.97 7.30 43.62
C PHE A 182 8.86 6.04 42.77
N LYS A 183 9.64 5.98 41.69
CA LYS A 183 9.63 4.79 40.84
C LYS A 183 11.06 4.46 40.44
N ASN A 184 11.32 3.17 40.22
CA ASN A 184 12.64 2.70 39.82
C ASN A 184 12.50 1.98 38.48
N ILE A 185 13.01 2.60 37.42
CA ILE A 185 12.87 2.08 36.06
C ILE A 185 14.24 2.04 35.39
N ASP A 186 14.67 0.83 35.01
CA ASP A 186 15.90 0.64 34.24
C ASP A 186 17.11 1.32 34.89
N GLY A 187 17.15 1.28 36.22
CA GLY A 187 18.28 1.82 36.96
C GLY A 187 18.14 3.27 37.36
N TYR A 188 17.10 3.97 36.90
CA TYR A 188 16.85 5.36 37.28
C TYR A 188 15.78 5.41 38.36
N PHE A 189 16.10 6.06 39.47
CA PHE A 189 15.17 6.30 40.56
C PHE A 189 14.61 7.71 40.36
N LYS A 190 13.33 7.77 39.95
CA LYS A 190 12.66 9.02 39.61
C LYS A 190 11.76 9.45 40.76
N ILE A 191 11.91 10.70 41.16
CA ILE A 191 11.12 11.33 42.22
C ILE A 191 10.37 12.52 41.64
N TYR A 192 9.05 12.52 41.84
CA TYR A 192 8.15 13.60 41.43
C TYR A 192 7.48 14.15 42.67
N SER A 193 7.14 15.43 42.65
CA SER A 193 6.50 16.01 43.84
C SER A 193 5.79 17.31 43.50
N LYS A 194 4.84 17.67 44.37
CA LYS A 194 4.12 18.94 44.26
C LYS A 194 3.43 19.31 45.57
N HIS A 195 3.40 20.61 45.84
CA HIS A 195 2.75 21.19 47.00
C HIS A 195 1.45 21.86 46.57
N THR A 196 0.40 21.69 47.38
CA THR A 196 -0.93 22.16 46.99
C THR A 196 -1.76 22.72 48.15
N PRO A 197 -2.51 23.79 47.91
CA PRO A 197 -3.37 24.35 48.97
C PRO A 197 -4.51 23.41 49.33
N ILE A 198 -4.97 23.52 50.58
CA ILE A 198 -5.99 22.63 51.11
C ILE A 198 -7.06 23.46 51.82
N ASN A 199 -8.30 22.95 51.78
CA ASN A 199 -9.42 23.52 52.51
C ASN A 199 -10.31 22.38 53.01
N LEU A 200 -9.68 21.26 53.40
CA LEU A 200 -10.37 20.08 53.89
C LEU A 200 -9.37 19.28 54.71
N VAL A 201 -9.56 19.22 56.02
CA VAL A 201 -8.68 18.42 56.88
C VAL A 201 -9.20 17.00 57.08
N ARG A 202 -10.45 16.72 56.72
CA ARG A 202 -11.01 15.39 56.93
C ARG A 202 -10.51 14.36 55.93
N ASP A 203 -10.24 14.76 54.68
CA ASP A 203 -9.83 13.86 53.62
C ASP A 203 -8.90 14.59 52.67
N LEU A 204 -8.67 13.99 51.49
CA LEU A 204 -7.84 14.44 50.38
C LEU A 204 -8.71 15.10 49.33
N PRO A 205 -8.39 16.34 48.95
CA PRO A 205 -9.24 17.06 47.99
C PRO A 205 -9.41 16.31 46.67
N GLN A 206 -10.59 16.48 46.07
CA GLN A 206 -10.93 15.78 44.84
C GLN A 206 -10.35 16.46 43.60
N GLY A 207 -9.75 17.64 43.74
CA GLY A 207 -9.20 18.38 42.63
C GLY A 207 -8.12 17.64 41.84
N PHE A 208 -7.58 18.29 40.82
CA PHE A 208 -6.61 17.67 39.93
C PHE A 208 -5.41 18.60 39.76
N SER A 209 -4.22 18.02 39.90
CA SER A 209 -2.98 18.75 39.66
C SER A 209 -1.87 17.74 39.46
N ALA A 210 -1.14 17.88 38.35
CA ALA A 210 -0.13 16.89 38.00
C ALA A 210 1.18 17.18 38.72
N LEU A 211 1.96 16.12 38.92
CA LEU A 211 3.20 16.20 39.68
C LEU A 211 4.37 16.41 38.72
N GLU A 212 5.13 17.49 38.94
CA GLU A 212 6.31 17.74 38.12
C GLU A 212 7.49 16.91 38.63
N PRO A 213 8.39 16.51 37.73
CA PRO A 213 9.56 15.75 38.18
C PRO A 213 10.54 16.64 38.93
N LEU A 214 11.18 16.08 39.94
CA LEU A 214 12.19 16.79 40.70
C LEU A 214 13.55 16.13 40.67
N VAL A 215 13.62 14.79 40.76
CA VAL A 215 14.91 14.13 40.94
C VAL A 215 14.98 12.90 40.04
N ASP A 216 16.16 12.65 39.47
CA ASP A 216 16.44 11.47 38.66
C ASP A 216 17.83 10.97 39.02
N LEU A 217 17.91 9.92 39.84
CA LEU A 217 19.19 9.42 40.31
C LEU A 217 19.54 8.08 39.67
N PRO A 218 20.67 7.93 39.00
CA PRO A 218 21.05 6.61 38.44
C PRO A 218 21.64 5.68 39.49
N ILE A 219 20.80 5.26 40.44
CA ILE A 219 21.30 4.43 41.54
C ILE A 219 21.40 2.97 41.11
N GLY A 220 20.37 2.46 40.44
CA GLY A 220 20.42 1.09 39.93
C GLY A 220 20.37 0.00 40.99
N ILE A 221 19.70 0.24 42.11
CA ILE A 221 19.56 -0.75 43.17
C ILE A 221 18.18 -1.37 43.09
N ASN A 222 18.11 -2.69 43.28
CA ASN A 222 16.84 -3.38 43.40
C ASN A 222 16.19 -3.02 44.74
N ILE A 223 15.14 -2.22 44.69
CA ILE A 223 14.44 -1.74 45.88
C ILE A 223 13.15 -2.54 46.02
N THR A 224 12.90 -3.06 47.23
CA THR A 224 11.68 -3.83 47.45
C THR A 224 10.87 -3.28 48.61
N ARG A 225 11.52 -2.60 49.56
CA ARG A 225 10.86 -2.12 50.76
C ARG A 225 11.34 -0.71 51.07
N PHE A 226 10.51 0.05 51.79
CA PHE A 226 10.86 1.41 52.13
C PHE A 226 10.24 1.80 53.47
N GLN A 227 10.77 2.87 54.06
CA GLN A 227 10.32 3.39 55.34
C GLN A 227 10.41 4.91 55.33
N THR A 228 9.50 5.54 56.07
CA THR A 228 9.58 6.97 56.35
C THR A 228 10.10 7.20 57.76
N LEU A 229 10.76 8.34 57.96
CA LEU A 229 11.27 8.73 59.27
C LEU A 229 10.96 10.20 59.56
N LEU A 230 10.41 10.45 60.75
CA LEU A 230 10.11 11.79 61.21
C LEU A 230 11.10 12.19 62.29
N ALA A 231 11.40 13.49 62.36
CA ALA A 231 12.37 14.01 63.32
C ALA A 231 11.71 14.14 64.69
N LEU A 232 12.15 13.33 65.65
CA LEU A 232 11.61 13.41 66.99
C LEU A 232 12.17 14.64 67.72
N HIS A 233 11.29 15.36 68.39
CA HIS A 233 11.70 16.44 69.29
C HIS A 233 10.80 16.43 70.50
N ARG A 234 11.40 16.37 71.69
CA ARG A 234 10.65 16.19 72.93
C ARG A 234 11.47 16.70 74.12
N GLY A 249 4.78 16.03 67.02
CA GLY A 249 3.97 16.24 65.83
C GLY A 249 3.11 15.04 65.48
N ALA A 250 1.85 15.08 65.90
CA ALA A 250 0.89 14.01 65.63
C ALA A 250 0.29 14.19 64.25
N ALA A 251 1.15 14.05 63.23
CA ALA A 251 0.75 14.27 61.86
C ALA A 251 0.17 12.98 61.27
N ALA A 252 -0.05 12.98 59.96
CA ALA A 252 -0.65 11.84 59.27
C ALA A 252 -0.22 11.88 57.81
N TYR A 253 -0.16 10.71 57.18
CA TYR A 253 0.23 10.64 55.79
C TYR A 253 -0.45 9.47 55.11
N TYR A 254 -0.38 9.46 53.77
CA TYR A 254 -1.04 8.48 52.93
C TYR A 254 0.00 7.79 52.06
N VAL A 255 -0.19 6.49 51.81
CA VAL A 255 0.69 5.73 50.93
C VAL A 255 -0.16 4.89 49.97
N GLY A 256 0.09 5.05 48.67
CA GLY A 256 -0.53 4.22 47.65
C GLY A 256 0.52 3.51 46.82
N TYR A 257 0.07 2.55 46.03
CA TYR A 257 0.95 1.74 45.19
C TYR A 257 0.56 1.89 43.73
N LEU A 258 1.57 1.89 42.86
CA LEU A 258 1.39 2.13 41.44
C LEU A 258 1.16 0.83 40.69
N GLN A 259 0.41 0.93 39.59
CA GLN A 259 0.16 -0.19 38.69
C GLN A 259 0.30 0.29 37.25
N PRO A 260 0.78 -0.57 36.35
CA PRO A 260 1.12 -0.14 34.98
C PRO A 260 -0.09 -0.04 34.06
N ARG A 261 -1.05 0.80 34.43
CA ARG A 261 -2.23 1.02 33.59
C ARG A 261 -2.07 2.28 32.74
N THR A 262 -2.80 2.32 31.64
CA THR A 262 -2.68 3.37 30.64
C THR A 262 -3.67 4.51 30.90
N PHE A 263 -3.18 5.74 30.74
CA PHE A 263 -3.94 6.95 31.07
C PHE A 263 -4.08 7.84 29.84
N LEU A 264 -5.17 8.61 29.81
CA LEU A 264 -5.33 9.70 28.86
C LEU A 264 -5.10 11.01 29.58
N LEU A 265 -4.11 11.78 29.13
CA LEU A 265 -3.68 13.03 29.74
C LEU A 265 -4.11 14.20 28.85
N LYS A 266 -4.74 15.20 29.47
CA LYS A 266 -5.19 16.41 28.78
C LYS A 266 -4.19 17.53 29.01
N TYR A 267 -3.53 17.98 27.94
CA TYR A 267 -2.62 19.10 27.99
C TYR A 267 -3.34 20.34 27.46
N ASN A 268 -3.40 21.38 28.27
CA ASN A 268 -4.13 22.60 27.94
C ASN A 268 -3.24 23.56 27.14
N GLU A 269 -3.73 24.78 26.92
CA GLU A 269 -2.99 25.77 26.14
C GLU A 269 -1.62 26.06 26.74
N ASN A 270 -1.55 26.23 28.06
CA ASN A 270 -0.29 26.60 28.69
C ASN A 270 0.71 25.46 28.66
N GLY A 271 0.24 24.21 28.75
CA GLY A 271 1.12 23.07 28.67
C GLY A 271 1.15 22.22 29.93
N THR A 272 0.12 22.33 30.76
CA THR A 272 0.03 21.60 32.00
C THR A 272 -1.06 20.53 31.92
N ILE A 273 -0.80 19.37 32.50
CA ILE A 273 -1.80 18.31 32.58
C ILE A 273 -2.91 18.79 33.51
N THR A 274 -4.11 18.97 32.96
CA THR A 274 -5.23 19.50 33.73
C THR A 274 -6.29 18.46 34.03
N ASP A 275 -6.33 17.34 33.30
CA ASP A 275 -7.23 16.25 33.62
C ASP A 275 -6.69 14.97 33.01
N ALA A 276 -7.21 13.85 33.47
CA ALA A 276 -6.73 12.55 33.03
C ALA A 276 -7.78 11.50 33.36
N VAL A 277 -7.82 10.45 32.54
CA VAL A 277 -8.76 9.36 32.74
C VAL A 277 -8.03 8.03 32.68
N ASP A 278 -8.35 7.14 33.62
CA ASP A 278 -7.80 5.80 33.71
C ASP A 278 -8.59 4.87 32.79
N CYS A 279 -7.94 4.38 31.74
CA CYS A 279 -8.60 3.57 30.73
C CYS A 279 -9.16 2.26 31.23
N ALA A 280 -8.91 1.87 32.48
CA ALA A 280 -9.45 0.62 33.02
C ALA A 280 -10.41 0.85 34.17
N LEU A 281 -10.86 2.08 34.41
CA LEU A 281 -11.72 2.35 35.55
C LEU A 281 -13.11 1.75 35.34
N ASP A 282 -13.67 1.94 34.17
CA ASP A 282 -15.04 1.52 33.86
C ASP A 282 -15.23 1.60 32.34
N PRO A 283 -16.27 0.96 31.81
CA PRO A 283 -16.46 0.96 30.35
C PRO A 283 -16.47 2.35 29.72
N LEU A 284 -17.02 3.35 30.42
CA LEU A 284 -17.03 4.70 29.86
C LEU A 284 -15.62 5.22 29.66
N SER A 285 -14.72 4.92 30.61
CA SER A 285 -13.33 5.34 30.46
C SER A 285 -12.64 4.57 29.32
N GLU A 286 -12.97 3.29 29.16
CA GLU A 286 -12.45 2.53 28.03
C GLU A 286 -12.88 3.19 26.72
N THR A 287 -14.14 3.66 26.65
CA THR A 287 -14.61 4.35 25.46
C THR A 287 -13.86 5.66 25.25
N LYS A 288 -13.69 6.44 26.34
CA LYS A 288 -12.97 7.71 26.22
C LYS A 288 -11.56 7.50 25.70
N CYS A 289 -10.88 6.45 26.16
CA CYS A 289 -9.52 6.21 25.70
C CYS A 289 -9.49 5.70 24.26
N THR A 290 -10.35 4.72 23.94
CA THR A 290 -10.32 4.16 22.59
C THR A 290 -10.74 5.20 21.54
N LEU A 291 -11.64 6.11 21.90
CA LEU A 291 -12.08 7.16 21.00
C LEU A 291 -11.17 8.39 21.04
N LYS A 292 -10.17 8.40 21.92
CA LYS A 292 -9.23 9.51 22.07
C LYS A 292 -9.95 10.85 22.24
N SER A 293 -10.89 10.87 23.20
CA SER A 293 -11.61 12.10 23.49
C SER A 293 -12.13 12.05 24.91
N PHE A 294 -12.31 13.23 25.50
CA PHE A 294 -12.90 13.38 26.83
C PHE A 294 -14.42 13.52 26.78
N THR A 295 -15.00 13.60 25.60
CA THR A 295 -16.45 13.66 25.42
C THR A 295 -16.85 12.62 24.40
N VAL A 296 -17.89 11.86 24.69
CA VAL A 296 -18.34 10.77 23.84
C VAL A 296 -19.77 11.10 23.37
N GLU A 297 -19.96 11.13 22.05
CA GLU A 297 -21.27 11.41 21.49
C GLU A 297 -22.18 10.19 21.63
N LYS A 298 -23.49 10.46 21.62
CA LYS A 298 -24.49 9.40 21.77
C LYS A 298 -24.34 8.36 20.67
N GLY A 299 -24.35 7.09 21.05
CA GLY A 299 -24.23 6.02 20.09
C GLY A 299 -23.65 4.77 20.72
N ILE A 300 -23.28 3.83 19.86
CA ILE A 300 -22.68 2.55 20.25
C ILE A 300 -21.22 2.55 19.82
N TYR A 301 -20.33 2.20 20.74
CA TYR A 301 -18.90 2.20 20.49
C TYR A 301 -18.29 0.85 20.84
N GLN A 302 -17.34 0.41 20.02
CA GLN A 302 -16.61 -0.83 20.24
C GLN A 302 -15.27 -0.49 20.89
N THR A 303 -15.04 -1.02 22.10
CA THR A 303 -13.87 -0.63 22.88
C THR A 303 -12.82 -1.71 23.03
N SER A 304 -13.20 -2.98 23.16
CA SER A 304 -12.22 -4.03 23.34
C SER A 304 -12.86 -5.38 23.00
N ASN A 305 -12.22 -6.47 23.41
CA ASN A 305 -12.68 -7.81 23.09
C ASN A 305 -12.69 -8.65 24.36
N PHE A 306 -13.83 -9.25 24.66
CA PHE A 306 -13.98 -10.17 25.77
C PHE A 306 -13.61 -11.57 25.28
N ARG A 307 -12.78 -12.25 26.08
CA ARG A 307 -12.31 -13.60 25.77
C ARG A 307 -12.30 -14.40 27.06
N VAL A 308 -12.99 -15.54 27.06
CA VAL A 308 -12.98 -16.39 28.24
C VAL A 308 -11.62 -17.04 28.38
N GLN A 309 -11.06 -16.98 29.58
CA GLN A 309 -9.71 -17.49 29.79
C GLN A 309 -9.76 -18.97 30.12
N PRO A 310 -8.83 -19.79 29.63
CA PRO A 310 -8.86 -21.21 29.99
C PRO A 310 -8.48 -21.45 31.44
N THR A 311 -9.01 -22.54 31.99
CA THR A 311 -8.83 -22.85 33.41
C THR A 311 -7.63 -23.76 33.67
N GLU A 312 -7.42 -24.77 32.83
CA GLU A 312 -6.29 -25.67 33.02
C GLU A 312 -5.93 -26.33 31.70
N SER A 313 -4.72 -26.89 31.66
CA SER A 313 -4.27 -27.71 30.56
C SER A 313 -4.38 -29.19 30.93
N ILE A 314 -4.83 -30.01 29.97
CA ILE A 314 -4.98 -31.44 30.18
C ILE A 314 -4.30 -32.17 29.03
N VAL A 315 -3.49 -33.17 29.36
CA VAL A 315 -2.81 -34.02 28.38
C VAL A 315 -3.33 -35.43 28.55
N ARG A 316 -3.85 -36.00 27.46
CA ARG A 316 -4.47 -37.32 27.49
C ARG A 316 -3.85 -38.20 26.40
N PHE A 317 -3.47 -39.41 26.77
CA PHE A 317 -2.81 -40.38 25.91
C PHE A 317 -3.47 -41.74 26.08
N PRO A 318 -3.34 -42.63 25.09
CA PRO A 318 -3.87 -43.99 25.24
C PRO A 318 -3.35 -44.71 26.47
N ASN A 319 -4.02 -45.80 26.82
CA ASN A 319 -3.68 -46.58 27.99
C ASN A 319 -2.26 -47.12 27.92
N ILE A 320 -1.63 -47.26 29.09
CA ILE A 320 -0.30 -47.84 29.19
C ILE A 320 -0.23 -49.15 28.43
N THR A 321 0.82 -49.33 27.63
CA THR A 321 1.04 -50.51 26.82
C THR A 321 2.27 -51.27 27.34
N ASN A 322 2.94 -52.00 26.46
CA ASN A 322 4.11 -52.76 26.84
C ASN A 322 5.30 -51.84 27.09
N LEU A 323 6.13 -52.22 28.06
CA LEU A 323 7.32 -51.45 28.41
C LEU A 323 8.57 -52.12 27.85
N PRO A 515 6.95 -43.36 31.51
CA PRO A 515 6.41 -42.56 30.41
C PRO A 515 5.56 -41.40 30.90
N LYS A 516 5.13 -40.54 29.97
CA LYS A 516 4.31 -39.39 30.33
C LYS A 516 2.97 -39.84 30.88
N LYS A 517 2.59 -39.28 32.03
CA LYS A 517 1.34 -39.63 32.67
C LYS A 517 0.17 -38.98 31.95
N SER A 518 -0.96 -39.68 31.94
CA SER A 518 -2.18 -39.12 31.38
C SER A 518 -2.91 -38.28 32.43
N THR A 519 -3.83 -37.45 31.94
CA THR A 519 -4.63 -36.58 32.78
C THR A 519 -6.10 -36.81 32.44
N ASN A 520 -6.98 -36.42 33.37
CA ASN A 520 -8.41 -36.60 33.15
C ASN A 520 -8.92 -35.60 32.12
N LEU A 521 -10.07 -35.93 31.53
CA LEU A 521 -10.72 -35.06 30.56
C LEU A 521 -11.85 -34.31 31.25
N VAL A 522 -11.94 -33.01 30.98
CA VAL A 522 -12.96 -32.14 31.56
C VAL A 522 -13.84 -31.63 30.43
N LYS A 523 -15.14 -31.74 30.61
CA LYS A 523 -16.12 -31.34 29.61
C LYS A 523 -16.78 -30.01 29.99
N ASN A 524 -17.24 -29.30 28.95
CA ASN A 524 -17.97 -28.04 29.10
C ASN A 524 -17.15 -26.97 29.81
N LYS A 525 -15.83 -27.01 29.68
CA LYS A 525 -14.97 -25.96 30.20
C LYS A 525 -13.91 -25.62 29.16
N CYS A 526 -13.63 -24.32 28.99
CA CYS A 526 -12.63 -23.90 28.02
C CYS A 526 -11.26 -24.26 28.57
N VAL A 527 -10.61 -25.24 27.94
CA VAL A 527 -9.37 -25.81 28.44
C VAL A 527 -8.38 -25.99 27.30
N ASN A 528 -7.11 -26.09 27.67
CA ASN A 528 -6.02 -26.30 26.71
C ASN A 528 -5.75 -27.80 26.65
N PHE A 529 -6.26 -28.43 25.59
CA PHE A 529 -6.17 -29.88 25.45
C PHE A 529 -5.00 -30.27 24.53
N ASN A 530 -4.55 -31.51 24.71
CA ASN A 530 -3.54 -32.13 23.87
C ASN A 530 -3.95 -33.60 23.72
N PHE A 531 -4.54 -33.94 22.57
CA PHE A 531 -4.99 -35.28 22.27
C PHE A 531 -4.06 -35.91 21.25
N ASN A 532 -3.25 -36.88 21.70
CA ASN A 532 -2.36 -37.65 20.83
C ASN A 532 -1.48 -36.75 19.97
N GLY A 533 -1.01 -35.65 20.55
CA GLY A 533 -0.13 -34.73 19.86
C GLY A 533 -0.81 -33.56 19.19
N LEU A 534 -2.13 -33.60 19.01
CA LEU A 534 -2.87 -32.47 18.49
C LEU A 534 -3.26 -31.57 19.65
N THR A 535 -2.77 -30.33 19.64
CA THR A 535 -3.00 -29.41 20.74
C THR A 535 -3.97 -28.31 20.32
N GLY A 536 -4.58 -27.69 21.32
CA GLY A 536 -5.52 -26.63 21.04
C GLY A 536 -6.23 -26.16 22.28
N THR A 537 -7.09 -25.16 22.09
CA THR A 537 -7.87 -24.55 23.15
C THR A 537 -9.35 -24.63 22.79
N GLY A 538 -10.18 -25.05 23.73
CA GLY A 538 -11.60 -25.13 23.43
C GLY A 538 -12.39 -25.83 24.51
N VAL A 539 -13.69 -25.87 24.28
CA VAL A 539 -14.66 -26.56 25.12
C VAL A 539 -14.95 -27.92 24.50
N LEU A 540 -14.83 -28.97 25.31
CA LEU A 540 -15.06 -30.33 24.86
C LEU A 540 -16.48 -30.74 25.25
N THR A 541 -17.29 -31.10 24.26
CA THR A 541 -18.67 -31.52 24.49
C THR A 541 -18.93 -32.80 23.74
N GLU A 542 -20.02 -33.48 24.11
CA GLU A 542 -20.37 -34.73 23.46
C GLU A 542 -20.77 -34.49 22.01
N SER A 543 -20.59 -35.52 21.19
CA SER A 543 -20.85 -35.43 19.76
C SER A 543 -21.59 -36.67 19.29
N ASN A 544 -22.24 -36.55 18.13
CA ASN A 544 -23.00 -37.64 17.54
C ASN A 544 -22.45 -38.02 16.17
N LYS A 545 -21.20 -37.63 15.88
CA LYS A 545 -20.56 -37.97 14.62
C LYS A 545 -19.82 -39.30 14.78
N LYS A 546 -20.26 -40.31 14.04
CA LYS A 546 -19.69 -41.66 14.12
C LYS A 546 -18.39 -41.70 13.33
N PHE A 547 -17.28 -41.45 14.01
CA PHE A 547 -15.98 -41.56 13.38
C PHE A 547 -15.73 -43.00 12.95
N LEU A 548 -14.99 -43.16 11.87
CA LEU A 548 -14.59 -44.50 11.48
C LEU A 548 -13.45 -44.99 12.37
N PRO A 549 -13.29 -46.31 12.51
CA PRO A 549 -12.29 -46.84 13.44
C PRO A 549 -10.86 -46.34 13.27
N PHE A 550 -10.51 -45.84 12.09
CA PHE A 550 -9.12 -45.49 11.84
C PHE A 550 -8.77 -44.01 12.00
N GLN A 551 -9.75 -43.10 12.02
CA GLN A 551 -9.44 -41.69 12.21
C GLN A 551 -9.49 -41.34 13.70
N GLN A 552 -8.58 -40.48 14.13
CA GLN A 552 -8.52 -40.02 15.51
C GLN A 552 -9.15 -38.65 15.72
N PHE A 553 -8.95 -37.72 14.79
CA PHE A 553 -9.48 -36.37 14.93
C PHE A 553 -10.09 -35.92 13.62
N GLY A 554 -11.13 -35.08 13.74
CA GLY A 554 -11.91 -34.66 12.59
C GLY A 554 -11.74 -33.18 12.29
N ARG A 555 -11.93 -32.83 11.02
CA ARG A 555 -11.77 -31.47 10.55
C ARG A 555 -13.06 -30.97 9.92
N ASP A 556 -13.30 -29.68 10.05
CA ASP A 556 -14.43 -28.98 9.45
C ASP A 556 -13.96 -28.22 8.22
N ILE A 557 -14.94 -27.74 7.44
CA ILE A 557 -14.65 -26.94 6.26
C ILE A 557 -13.63 -25.85 6.56
N ALA A 558 -12.74 -25.61 5.60
CA ALA A 558 -11.68 -24.60 5.70
C ALA A 558 -10.72 -24.90 6.84
N ASP A 559 -10.30 -26.16 6.95
CA ASP A 559 -9.15 -26.60 7.73
C ASP A 559 -9.18 -26.04 9.16
N THR A 560 -10.05 -26.63 9.97
CA THR A 560 -10.11 -26.36 11.39
C THR A 560 -10.49 -27.64 12.11
N THR A 561 -10.03 -27.76 13.36
CA THR A 561 -10.29 -28.97 14.14
C THR A 561 -11.71 -28.92 14.69
N ASP A 562 -12.51 -29.93 14.38
CA ASP A 562 -13.91 -29.98 14.78
C ASP A 562 -14.18 -30.95 15.91
N ALA A 563 -13.57 -32.13 15.87
CA ALA A 563 -13.78 -33.12 16.91
C ALA A 563 -12.58 -34.05 16.94
N VAL A 564 -12.44 -34.77 18.06
CA VAL A 564 -11.34 -35.69 18.29
C VAL A 564 -11.88 -36.88 19.06
N ARG A 565 -11.30 -38.05 18.81
CA ARG A 565 -11.73 -39.28 19.44
C ARG A 565 -10.84 -39.58 20.63
N ASP A 566 -11.43 -39.62 21.82
CA ASP A 566 -10.72 -39.83 23.06
C ASP A 566 -9.87 -41.09 22.95
N PRO A 567 -8.54 -40.99 23.09
CA PRO A 567 -7.69 -42.18 22.89
C PRO A 567 -7.99 -43.31 23.86
N GLN A 568 -8.38 -43.02 25.10
CA GLN A 568 -8.57 -44.04 26.12
C GLN A 568 -9.96 -44.64 26.15
N THR A 569 -10.87 -44.18 25.29
CA THR A 569 -12.20 -44.79 25.19
C THR A 569 -12.66 -44.70 23.74
N LEU A 570 -13.91 -45.09 23.49
CA LEU A 570 -14.50 -44.97 22.16
C LEU A 570 -15.31 -43.68 22.01
N GLU A 571 -15.22 -42.77 22.97
CA GLU A 571 -15.98 -41.53 22.90
C GLU A 571 -15.39 -40.58 21.85
N ILE A 572 -16.24 -39.72 21.32
CA ILE A 572 -15.87 -38.74 20.29
C ILE A 572 -16.34 -37.37 20.78
N LEU A 573 -15.40 -36.49 21.09
CA LEU A 573 -15.70 -35.19 21.67
C LEU A 573 -15.55 -34.10 20.62
N ASP A 574 -16.59 -33.28 20.47
CA ASP A 574 -16.52 -32.08 19.64
C ASP A 574 -15.86 -30.94 20.41
N ILE A 575 -15.02 -30.17 19.73
CA ILE A 575 -14.30 -29.07 20.34
C ILE A 575 -14.79 -27.75 19.75
N THR A 576 -15.44 -26.95 20.59
CA THR A 576 -15.99 -25.65 20.21
C THR A 576 -15.19 -24.55 20.87
N PRO A 577 -14.67 -23.57 20.14
CA PRO A 577 -13.96 -22.46 20.79
C PRO A 577 -14.86 -21.77 21.80
N CYS A 578 -14.29 -21.50 22.98
CA CYS A 578 -15.08 -20.93 24.06
C CYS A 578 -15.49 -19.49 23.73
N SER A 579 -16.67 -19.11 24.21
CA SER A 579 -17.33 -17.87 23.83
C SER A 579 -16.40 -16.67 23.94
N PHE A 580 -16.43 -15.83 22.91
CA PHE A 580 -15.65 -14.60 22.87
C PHE A 580 -16.38 -13.63 21.96
N GLY A 581 -16.00 -12.36 22.03
CA GLY A 581 -16.57 -11.39 21.11
C GLY A 581 -16.20 -9.99 21.51
N GLY A 582 -16.43 -9.06 20.57
CA GLY A 582 -16.20 -7.67 20.87
C GLY A 582 -17.18 -7.16 21.92
N VAL A 583 -16.79 -6.06 22.57
CA VAL A 583 -17.60 -5.47 23.62
C VAL A 583 -18.05 -4.09 23.16
N SER A 584 -19.34 -3.83 23.26
CA SER A 584 -19.93 -2.57 22.81
C SER A 584 -20.44 -1.78 24.01
N VAL A 585 -20.32 -0.47 23.94
CA VAL A 585 -20.74 0.42 25.01
C VAL A 585 -21.91 1.26 24.52
N ILE A 586 -23.02 1.19 25.24
CA ILE A 586 -24.19 2.03 24.97
C ILE A 586 -24.09 3.22 25.91
N THR A 587 -24.10 4.41 25.31
CA THR A 587 -23.92 5.66 26.04
C THR A 587 -24.95 6.66 25.56
N PRO A 588 -25.68 7.32 26.45
CA PRO A 588 -26.49 8.47 26.02
C PRO A 588 -25.64 9.70 25.75
N GLY A 589 -24.52 9.85 26.45
CA GLY A 589 -23.59 10.93 26.16
C GLY A 589 -23.18 11.68 27.41
N THR A 590 -21.88 11.98 27.55
CA THR A 590 -21.42 12.71 28.72
C THR A 590 -22.08 14.08 28.84
N ASN A 591 -22.59 14.62 27.73
CA ASN A 591 -23.31 15.88 27.79
C ASN A 591 -24.55 15.74 28.66
N THR A 592 -25.23 14.60 28.58
CA THR A 592 -26.47 14.38 29.32
C THR A 592 -26.21 13.67 30.64
N SER A 593 -25.55 12.51 30.61
CA SER A 593 -25.35 11.71 31.80
C SER A 593 -24.17 10.80 31.60
N ASN A 594 -23.54 10.41 32.72
CA ASN A 594 -22.42 9.48 32.69
C ASN A 594 -22.87 8.04 32.91
N GLN A 595 -24.15 7.76 32.77
CA GLN A 595 -24.66 6.40 32.88
C GLN A 595 -24.34 5.62 31.62
N VAL A 596 -23.93 4.37 31.78
CA VAL A 596 -23.46 3.54 30.68
C VAL A 596 -24.03 2.13 30.81
N ALA A 597 -24.26 1.47 29.67
CA ALA A 597 -24.62 0.06 29.64
C ALA A 597 -23.65 -0.64 28.71
N VAL A 598 -23.35 -1.91 28.98
CA VAL A 598 -22.34 -2.62 28.20
C VAL A 598 -22.91 -3.93 27.65
N LEU A 599 -22.67 -4.19 26.37
CA LEU A 599 -23.18 -5.35 25.66
C LEU A 599 -22.03 -6.25 25.21
N TYR A 600 -22.14 -7.54 25.54
CA TYR A 600 -21.22 -8.56 25.05
C TYR A 600 -21.85 -9.24 23.84
N GLN A 601 -21.25 -9.05 22.67
CA GLN A 601 -21.95 -9.26 21.40
C GLN A 601 -22.28 -10.72 21.07
N ASP A 602 -21.64 -11.71 21.68
CA ASP A 602 -21.90 -13.08 21.23
C ASP A 602 -21.71 -14.09 22.36
N VAL A 603 -22.18 -13.75 23.57
CA VAL A 603 -22.10 -14.66 24.70
C VAL A 603 -23.48 -14.71 25.32
N ASN A 604 -23.70 -15.72 26.17
CA ASN A 604 -24.97 -15.81 26.88
C ASN A 604 -24.92 -14.86 28.07
N CYS A 605 -25.94 -14.91 28.92
CA CYS A 605 -25.90 -14.17 30.19
C CYS A 605 -25.52 -15.09 31.34
N THR A 606 -24.35 -15.72 31.17
CA THR A 606 -23.78 -16.58 32.21
C THR A 606 -22.29 -16.33 32.35
N GLU A 607 -21.75 -15.28 31.71
CA GLU A 607 -20.32 -15.02 31.69
C GLU A 607 -20.09 -13.54 31.99
N VAL A 608 -19.49 -13.25 33.13
CA VAL A 608 -19.16 -11.89 33.52
C VAL A 608 -18.07 -11.34 32.62
N SER A 628 -28.01 -2.91 37.27
CA SER A 628 -27.36 -4.21 37.21
C SER A 628 -28.23 -5.23 36.49
N ASN A 629 -29.26 -4.76 35.79
CA ASN A 629 -30.13 -5.65 35.05
C ASN A 629 -29.35 -6.35 33.94
N VAL A 630 -29.73 -7.59 33.66
CA VAL A 630 -29.08 -8.41 32.65
C VAL A 630 -30.14 -8.93 31.70
N PHE A 631 -30.04 -8.60 30.42
CA PHE A 631 -31.03 -9.01 29.43
C PHE A 631 -30.34 -9.61 28.21
N GLN A 632 -30.76 -10.81 27.83
CA GLN A 632 -30.25 -11.49 26.65
C GLN A 632 -31.04 -11.09 25.41
N THR A 633 -30.32 -10.67 24.36
CA THR A 633 -30.90 -10.33 23.08
C THR A 633 -30.21 -11.16 22.00
N ARG A 634 -30.80 -11.17 20.81
CA ARG A 634 -30.19 -11.88 19.70
C ARG A 634 -28.86 -11.23 19.30
N ALA A 635 -28.59 -10.02 19.77
CA ALA A 635 -27.35 -9.32 19.51
C ALA A 635 -26.29 -9.58 20.58
N GLY A 636 -26.63 -10.25 21.67
CA GLY A 636 -25.69 -10.52 22.74
C GLY A 636 -26.33 -10.30 24.08
N CYS A 637 -25.51 -10.35 25.12
CA CYS A 637 -26.01 -10.17 26.49
C CYS A 637 -25.71 -8.74 26.92
N LEU A 638 -26.76 -7.97 27.19
CA LEU A 638 -26.65 -6.57 27.54
C LEU A 638 -26.87 -6.41 29.04
N ILE A 639 -25.88 -5.84 29.73
CA ILE A 639 -25.97 -5.62 31.17
C ILE A 639 -25.90 -4.12 31.44
N GLY A 640 -26.80 -3.66 32.30
CA GLY A 640 -26.92 -2.26 32.65
C GLY A 640 -28.19 -1.60 32.16
N ALA A 641 -28.85 -2.19 31.17
CA ALA A 641 -30.09 -1.66 30.62
C ALA A 641 -31.25 -2.57 30.99
N GLU A 642 -32.35 -1.97 31.44
CA GLU A 642 -33.57 -2.71 31.73
C GLU A 642 -34.44 -2.83 30.48
N HIS A 643 -34.93 -4.02 30.21
CA HIS A 643 -35.82 -4.24 29.07
C HIS A 643 -37.25 -3.85 29.45
N VAL A 644 -37.85 -2.97 28.66
CA VAL A 644 -39.21 -2.51 28.89
C VAL A 644 -40.08 -3.01 27.73
N ASN A 645 -41.31 -3.42 28.05
CA ASN A 645 -42.16 -4.09 27.07
C ASN A 645 -42.63 -3.14 25.97
N ASN A 646 -42.92 -1.90 26.29
CA ASN A 646 -43.49 -0.98 25.31
C ASN A 646 -42.44 -0.49 24.31
N SER A 647 -42.84 -0.38 23.06
CA SER A 647 -41.96 0.01 21.98
C SER A 647 -41.87 1.53 21.85
N TYR A 648 -40.74 1.99 21.33
CA TYR A 648 -40.48 3.40 21.10
C TYR A 648 -39.73 3.56 19.78
N GLU A 649 -39.54 4.81 19.38
CA GLU A 649 -38.76 5.11 18.18
C GLU A 649 -37.30 4.75 18.44
N CYS A 650 -36.64 4.23 17.42
CA CYS A 650 -35.27 3.74 17.61
C CYS A 650 -34.33 4.91 17.84
N ASP A 651 -33.52 4.81 18.90
CA ASP A 651 -32.62 5.89 19.28
C ASP A 651 -31.17 5.45 19.17
N ILE A 652 -30.69 4.61 20.06
CA ILE A 652 -29.32 4.09 20.01
C ILE A 652 -29.39 2.67 19.43
N PRO A 653 -28.80 2.42 18.27
CA PRO A 653 -28.91 1.11 17.66
C PRO A 653 -28.12 0.06 18.44
N ILE A 654 -28.75 -1.08 18.67
CA ILE A 654 -28.11 -2.23 19.29
C ILE A 654 -27.93 -3.37 18.29
N GLY A 655 -29.01 -3.80 17.67
CA GLY A 655 -28.98 -4.88 16.71
C GLY A 655 -30.15 -5.82 16.94
N ALA A 656 -30.49 -6.57 15.91
CA ALA A 656 -31.53 -7.59 15.96
C ALA A 656 -32.85 -7.04 16.51
N GLY A 657 -33.19 -5.82 16.12
CA GLY A 657 -34.49 -5.27 16.39
C GLY A 657 -34.65 -4.48 17.67
N ILE A 658 -33.61 -4.40 18.50
CA ILE A 658 -33.68 -3.68 19.77
C ILE A 658 -32.86 -2.41 19.67
N CYS A 659 -33.41 -1.32 20.22
CA CYS A 659 -32.75 -0.03 20.30
C CYS A 659 -32.79 0.43 21.76
N ALA A 660 -32.04 1.48 22.06
CA ALA A 660 -31.88 1.90 23.45
C ALA A 660 -31.69 3.41 23.58
N VAL A 675 -32.45 6.12 26.39
CA VAL A 675 -32.50 6.62 27.76
C VAL A 675 -33.88 7.21 28.07
N ALA A 676 -34.41 6.87 29.24
CA ALA A 676 -35.69 7.35 29.71
C ALA A 676 -35.84 6.98 31.17
N SER A 677 -36.53 7.83 31.93
CA SER A 677 -36.76 7.61 33.36
C SER A 677 -35.43 7.41 34.10
N GLN A 678 -34.44 8.24 33.74
CA GLN A 678 -33.13 8.33 34.42
C GLN A 678 -32.39 7.00 34.40
N SER A 679 -32.65 6.15 33.39
CA SER A 679 -31.92 4.90 33.25
C SER A 679 -31.91 4.51 31.77
N ILE A 680 -30.99 3.60 31.44
CA ILE A 680 -30.90 3.08 30.08
C ILE A 680 -31.89 1.95 29.92
N ILE A 681 -32.70 2.01 28.86
CA ILE A 681 -33.72 1.00 28.59
C ILE A 681 -33.49 0.40 27.21
N ALA A 682 -33.90 -0.84 27.05
CA ALA A 682 -33.82 -1.57 25.79
C ALA A 682 -35.18 -2.12 25.43
N TYR A 683 -35.55 -2.03 24.16
CA TYR A 683 -36.90 -2.37 23.75
C TYR A 683 -36.90 -2.76 22.28
N THR A 684 -37.98 -3.43 21.86
CA THR A 684 -38.19 -3.71 20.45
C THR A 684 -38.69 -2.45 19.76
N MET A 685 -38.05 -2.07 18.67
CA MET A 685 -38.33 -0.78 18.03
C MET A 685 -39.73 -0.78 17.42
N SER A 686 -40.39 0.37 17.50
CA SER A 686 -41.63 0.57 16.78
C SER A 686 -41.33 1.13 15.40
N LEU A 687 -42.13 0.73 14.41
CA LEU A 687 -41.92 1.13 13.04
C LEU A 687 -42.77 2.33 12.64
N GLY A 688 -43.59 2.83 13.56
CA GLY A 688 -44.47 3.95 13.29
C GLY A 688 -45.87 3.71 13.83
N ALA A 689 -46.66 4.77 13.89
CA ALA A 689 -48.01 4.66 14.42
C ALA A 689 -48.88 3.77 13.53
N GLU A 690 -49.79 3.04 14.17
CA GLU A 690 -50.74 2.21 13.43
C GLU A 690 -51.88 3.08 12.91
N ASN A 691 -52.16 2.97 11.62
CA ASN A 691 -53.14 3.84 10.98
C ASN A 691 -53.79 3.05 9.85
N SER A 692 -54.96 2.49 10.12
CA SER A 692 -55.73 1.81 9.10
C SER A 692 -56.48 2.84 8.25
N VAL A 693 -56.67 2.51 6.97
CA VAL A 693 -57.33 3.41 6.04
C VAL A 693 -58.76 2.93 5.87
N ALA A 694 -59.71 3.87 5.95
CA ALA A 694 -61.14 3.55 5.87
C ALA A 694 -61.53 3.28 4.43
N TYR A 695 -61.01 2.18 3.90
CA TYR A 695 -61.26 1.83 2.50
C TYR A 695 -62.72 1.44 2.30
N SER A 696 -63.28 1.91 1.19
CA SER A 696 -64.61 1.51 0.76
C SER A 696 -64.71 1.82 -0.72
N ASN A 697 -65.59 1.11 -1.41
CA ASN A 697 -65.73 1.31 -2.84
C ASN A 697 -66.75 2.39 -3.18
N ASN A 698 -67.01 3.31 -2.24
CA ASN A 698 -67.76 4.50 -2.60
C ASN A 698 -67.37 5.72 -1.76
N SER A 699 -66.16 5.75 -1.20
CA SER A 699 -65.74 6.84 -0.34
C SER A 699 -64.35 7.29 -0.76
N ILE A 700 -64.21 8.58 -1.03
CA ILE A 700 -62.94 9.18 -1.39
C ILE A 700 -62.67 10.30 -0.40
N ALA A 701 -61.45 10.37 0.10
CA ALA A 701 -60.99 11.54 0.83
C ALA A 701 -60.31 12.53 -0.10
N ILE A 702 -60.59 13.80 0.10
CA ILE A 702 -60.03 14.89 -0.70
C ILE A 702 -59.59 16.00 0.23
N PRO A 703 -58.39 16.57 0.05
CA PRO A 703 -57.97 17.66 0.93
C PRO A 703 -58.78 18.92 0.68
N THR A 704 -59.11 19.60 1.78
CA THR A 704 -59.88 20.83 1.74
C THR A 704 -59.02 22.05 2.02
N ASN A 705 -57.71 21.88 2.13
CA ASN A 705 -56.75 22.95 2.34
C ASN A 705 -55.38 22.34 2.09
N PHE A 706 -54.32 23.04 2.46
CA PHE A 706 -53.05 22.71 1.80
C PHE A 706 -51.92 23.47 2.48
N THR A 707 -50.80 22.79 2.70
CA THR A 707 -49.64 23.39 3.32
C THR A 707 -48.43 23.28 2.40
N ILE A 708 -47.72 24.39 2.23
CA ILE A 708 -46.47 24.41 1.48
C ILE A 708 -45.33 24.25 2.48
N SER A 709 -44.49 23.24 2.25
CA SER A 709 -43.40 22.93 3.14
C SER A 709 -42.08 23.11 2.41
N VAL A 710 -41.04 23.45 3.17
CA VAL A 710 -39.69 23.56 2.62
C VAL A 710 -38.78 22.64 3.41
N THR A 711 -38.06 21.79 2.70
CA THR A 711 -37.18 20.81 3.31
C THR A 711 -35.74 21.11 2.90
N THR A 712 -34.80 20.65 3.70
CA THR A 712 -33.39 20.87 3.45
C THR A 712 -32.75 19.55 3.11
N GLU A 713 -32.05 19.51 1.98
CA GLU A 713 -31.33 18.32 1.56
C GLU A 713 -29.87 18.67 1.37
N ILE A 714 -28.99 17.93 2.04
CA ILE A 714 -27.56 18.24 2.08
C ILE A 714 -26.81 17.15 1.34
N LEU A 715 -26.00 17.53 0.36
CA LEU A 715 -25.23 16.56 -0.40
C LEU A 715 -23.78 16.99 -0.52
N PRO A 716 -22.82 16.11 -0.25
CA PRO A 716 -21.42 16.43 -0.55
C PRO A 716 -21.19 16.50 -2.05
N VAL A 717 -20.26 17.38 -2.44
CA VAL A 717 -19.88 17.54 -3.84
C VAL A 717 -18.39 17.35 -4.05
N SER A 718 -17.56 17.81 -3.12
CA SER A 718 -16.11 17.68 -3.26
C SER A 718 -15.50 17.48 -1.88
N MET A 719 -14.23 17.05 -1.87
CA MET A 719 -13.48 16.89 -0.65
C MET A 719 -12.11 17.51 -0.82
N THR A 720 -11.44 17.73 0.31
CA THR A 720 -10.13 18.40 0.32
C THR A 720 -9.15 17.71 -0.62
N LYS A 721 -8.58 18.50 -1.53
CA LYS A 721 -7.65 17.99 -2.54
C LYS A 721 -6.28 17.82 -1.92
N THR A 722 -6.13 16.72 -1.18
CA THR A 722 -4.86 16.44 -0.53
C THR A 722 -3.86 15.85 -1.52
N SER A 723 -2.58 16.01 -1.20
CA SER A 723 -1.51 15.39 -1.98
C SER A 723 -0.36 15.07 -1.05
N VAL A 724 0.20 13.87 -1.20
CA VAL A 724 1.30 13.41 -0.37
C VAL A 724 2.47 13.06 -1.27
N ASP A 725 3.64 13.61 -0.95
CA ASP A 725 4.83 13.36 -1.75
C ASP A 725 5.43 12.02 -1.32
N CYS A 726 5.32 11.03 -2.20
CA CYS A 726 5.65 9.65 -1.82
C CYS A 726 7.09 9.54 -1.34
N THR A 727 8.03 10.09 -2.10
CA THR A 727 9.44 9.89 -1.78
C THR A 727 9.84 10.66 -0.53
N MET A 728 9.43 11.92 -0.42
CA MET A 728 9.85 12.70 0.74
C MET A 728 9.08 12.31 2.00
N TYR A 729 7.85 11.82 1.85
CA TYR A 729 7.14 11.27 3.00
C TYR A 729 7.82 10.00 3.51
N ILE A 730 8.06 9.05 2.61
CA ILE A 730 8.63 7.77 3.04
C ILE A 730 10.08 7.95 3.43
N CYS A 731 10.85 8.66 2.63
CA CYS A 731 12.30 8.73 2.71
C CYS A 731 12.71 10.19 2.93
N GLY A 732 12.48 10.68 4.13
CA GLY A 732 12.73 12.08 4.44
C GLY A 732 14.16 12.54 4.18
N ASP A 733 14.33 13.43 3.21
CA ASP A 733 15.55 14.17 2.89
C ASP A 733 16.85 13.39 3.10
N SER A 734 16.85 12.10 2.74
CA SER A 734 18.01 11.24 2.92
C SER A 734 18.23 10.44 1.63
N THR A 735 19.39 10.64 1.00
CA THR A 735 19.65 9.97 -0.27
C THR A 735 19.79 8.47 -0.10
N GLU A 736 20.31 8.02 1.05
CA GLU A 736 20.52 6.59 1.27
C GLU A 736 19.21 5.81 1.16
N CYS A 737 18.13 6.32 1.77
CA CYS A 737 16.84 5.65 1.61
C CYS A 737 16.27 5.89 0.22
N SER A 738 16.59 7.03 -0.39
CA SER A 738 16.11 7.32 -1.74
C SER A 738 16.56 6.25 -2.72
N ASN A 739 17.78 5.72 -2.54
CA ASN A 739 18.24 4.67 -3.44
C ASN A 739 17.40 3.40 -3.31
N LEU A 740 17.01 3.02 -2.10
CA LEU A 740 16.15 1.85 -1.95
C LEU A 740 14.76 2.12 -2.50
N LEU A 741 14.24 3.32 -2.28
CA LEU A 741 12.92 3.66 -2.80
C LEU A 741 12.94 3.64 -4.33
N LEU A 742 14.04 4.09 -4.93
CA LEU A 742 14.22 3.93 -6.37
C LEU A 742 14.40 2.48 -6.78
N GLN A 743 14.82 1.61 -5.85
CA GLN A 743 14.80 0.18 -6.14
C GLN A 743 13.42 -0.42 -5.97
N TYR A 744 12.46 0.32 -5.42
CA TYR A 744 11.08 -0.13 -5.37
C TYR A 744 10.26 0.34 -6.57
N GLY A 745 10.93 0.77 -7.64
CA GLY A 745 10.26 1.10 -8.89
C GLY A 745 9.35 2.31 -8.83
N SER A 746 8.19 2.17 -9.46
CA SER A 746 7.31 3.29 -9.81
C SER A 746 6.23 3.58 -8.78
N PHE A 747 6.27 2.96 -7.60
CA PHE A 747 5.20 3.16 -6.62
C PHE A 747 4.99 4.64 -6.32
N CYS A 748 6.09 5.39 -6.20
CA CYS A 748 6.10 6.81 -5.90
C CYS A 748 5.69 7.65 -7.08
N THR A 749 5.24 7.00 -8.15
CA THR A 749 4.62 7.67 -9.28
C THR A 749 3.18 7.27 -9.46
N GLN A 750 2.82 6.02 -9.15
CA GLN A 750 1.41 5.65 -9.14
C GLN A 750 0.65 6.40 -8.06
N LEU A 751 1.30 6.66 -6.93
CA LEU A 751 0.57 7.32 -5.85
C LEU A 751 0.33 8.79 -6.17
N ASN A 752 1.33 9.46 -6.75
CA ASN A 752 1.16 10.84 -7.15
C ASN A 752 0.16 10.96 -8.29
N ARG A 753 0.18 10.01 -9.23
CA ARG A 753 -0.79 10.04 -10.32
C ARG A 753 -2.21 9.86 -9.82
N ALA A 754 -2.42 8.91 -8.91
CA ALA A 754 -3.77 8.69 -8.37
C ALA A 754 -4.26 9.91 -7.60
N LEU A 755 -3.39 10.49 -6.77
CA LEU A 755 -3.83 11.66 -6.01
C LEU A 755 -4.09 12.88 -6.91
N THR A 756 -3.31 13.03 -7.98
CA THR A 756 -3.59 14.10 -8.94
C THR A 756 -4.93 13.87 -9.65
N GLY A 757 -5.21 12.63 -10.02
CA GLY A 757 -6.50 12.32 -10.61
C GLY A 757 -7.65 12.67 -9.70
N ILE A 758 -7.51 12.33 -8.41
CA ILE A 758 -8.58 12.67 -7.47
C ILE A 758 -8.71 14.18 -7.31
N ALA A 759 -7.58 14.89 -7.28
CA ALA A 759 -7.62 16.34 -7.14
C ALA A 759 -8.36 17.00 -8.30
N VAL A 760 -8.07 16.57 -9.53
CA VAL A 760 -8.77 17.16 -10.68
C VAL A 760 -10.24 16.72 -10.70
N GLU A 761 -10.53 15.50 -10.28
CA GLU A 761 -11.91 15.03 -10.28
C GLU A 761 -12.76 15.81 -9.27
N GLN A 762 -12.16 16.32 -8.20
CA GLN A 762 -12.95 17.13 -7.28
C GLN A 762 -13.39 18.44 -7.93
N ASP A 763 -12.52 19.03 -8.74
CA ASP A 763 -12.90 20.26 -9.44
C ASP A 763 -13.94 19.97 -10.50
N LYS A 764 -13.83 18.82 -11.17
CA LYS A 764 -14.86 18.43 -12.13
C LYS A 764 -16.20 18.23 -11.44
N ASN A 765 -16.19 17.65 -10.24
CA ASN A 765 -17.44 17.47 -9.47
C ASN A 765 -18.07 18.83 -9.16
N THR A 766 -17.27 19.76 -8.64
CA THR A 766 -17.84 21.05 -8.27
C THR A 766 -18.35 21.80 -9.50
N GLN A 767 -17.64 21.68 -10.63
CA GLN A 767 -18.08 22.32 -11.86
C GLN A 767 -19.39 21.74 -12.37
N GLU A 768 -19.50 20.40 -12.39
CA GLU A 768 -20.73 19.79 -12.88
C GLU A 768 -21.91 20.05 -11.94
N VAL A 769 -21.65 20.21 -10.64
CA VAL A 769 -22.76 20.51 -9.74
C VAL A 769 -23.22 21.96 -9.90
N PHE A 770 -22.28 22.90 -10.04
CA PHE A 770 -22.65 24.31 -10.01
C PHE A 770 -22.65 25.00 -11.37
N ALA A 771 -21.70 24.67 -12.26
CA ALA A 771 -21.55 25.40 -13.52
C ALA A 771 -22.54 24.87 -14.56
N GLN A 772 -23.82 25.10 -14.29
CA GLN A 772 -24.90 24.68 -15.17
C GLN A 772 -25.55 25.81 -15.93
N VAL A 773 -25.18 27.06 -15.67
CA VAL A 773 -25.67 28.21 -16.41
C VAL A 773 -24.49 28.89 -17.09
N LYS A 774 -24.59 29.08 -18.40
CA LYS A 774 -23.50 29.66 -19.16
C LYS A 774 -23.35 31.15 -18.90
N GLN A 775 -24.39 31.81 -18.40
CA GLN A 775 -24.33 33.23 -18.11
C GLN A 775 -24.91 33.51 -16.73
N ILE A 776 -24.41 34.56 -16.12
CA ILE A 776 -24.72 34.88 -14.72
C ILE A 776 -25.88 35.85 -14.70
N TYR A 777 -27.03 35.39 -14.21
CA TYR A 777 -28.20 36.24 -14.10
C TYR A 777 -28.11 37.05 -12.81
N LYS A 778 -28.87 38.14 -12.76
CA LYS A 778 -28.84 39.01 -11.60
C LYS A 778 -30.25 39.43 -11.23
N THR A 779 -30.51 39.50 -9.92
CA THR A 779 -31.82 39.82 -9.41
C THR A 779 -32.13 41.30 -9.62
N PRO A 780 -33.41 41.65 -9.76
CA PRO A 780 -33.77 43.07 -9.87
C PRO A 780 -33.62 43.77 -8.53
N PRO A 781 -33.48 45.10 -8.54
CA PRO A 781 -33.30 45.82 -7.26
C PRO A 781 -34.55 45.90 -6.41
N ILE A 782 -35.74 45.75 -6.97
CA ILE A 782 -36.99 45.87 -6.23
C ILE A 782 -37.56 44.47 -6.03
N LYS A 783 -37.80 44.12 -4.77
CA LYS A 783 -38.27 42.78 -4.41
C LYS A 783 -39.80 42.75 -4.32
N ASP A 784 -40.45 43.07 -5.43
CA ASP A 784 -41.91 43.03 -5.52
C ASP A 784 -42.35 41.70 -6.14
N PHE A 785 -42.22 40.64 -5.34
CA PHE A 785 -42.52 39.28 -5.79
C PHE A 785 -43.91 38.80 -5.37
N GLY A 786 -44.87 39.72 -5.30
CA GLY A 786 -46.23 39.32 -4.98
C GLY A 786 -46.48 38.85 -3.57
N GLY A 787 -45.61 39.21 -2.63
CA GLY A 787 -45.73 38.77 -1.25
C GLY A 787 -44.76 37.69 -0.83
N PHE A 788 -44.00 37.13 -1.77
CA PHE A 788 -42.97 36.17 -1.44
C PHE A 788 -41.70 36.91 -1.06
N ASN A 789 -41.02 36.44 -0.01
CA ASN A 789 -39.85 37.12 0.52
C ASN A 789 -38.65 36.20 0.42
N PHE A 790 -37.75 36.52 -0.51
CA PHE A 790 -36.57 35.71 -0.79
C PHE A 790 -35.31 36.27 -0.14
N SER A 791 -35.44 37.23 0.77
CA SER A 791 -34.27 37.85 1.39
C SER A 791 -33.42 36.86 2.17
N GLN A 792 -33.94 35.68 2.46
CA GLN A 792 -33.21 34.70 3.24
C GLN A 792 -32.38 33.76 2.38
N ILE A 793 -32.54 33.81 1.06
CA ILE A 793 -31.76 32.97 0.16
C ILE A 793 -30.98 33.77 -0.86
N LEU A 794 -31.33 35.03 -1.11
CA LEU A 794 -30.62 35.88 -2.06
C LEU A 794 -29.40 36.51 -1.41
N PRO A 795 -28.35 36.77 -2.18
CA PRO A 795 -27.13 37.35 -1.61
C PRO A 795 -27.39 38.72 -0.99
N ASP A 796 -26.67 38.99 0.10
CA ASP A 796 -26.75 40.27 0.78
C ASP A 796 -25.53 41.09 0.38
N PRO A 797 -25.67 42.14 -0.42
CA PRO A 797 -24.49 42.91 -0.85
C PRO A 797 -23.77 43.64 0.27
N SER A 798 -24.39 43.80 1.43
CA SER A 798 -23.79 44.56 2.52
C SER A 798 -22.74 43.77 3.29
N LYS A 799 -22.60 42.47 3.01
CA LYS A 799 -21.67 41.54 3.60
C LYS A 799 -20.40 41.45 2.75
N PRO A 800 -19.23 41.29 3.37
CA PRO A 800 -17.98 41.27 2.60
C PRO A 800 -17.87 40.14 1.60
N SER A 801 -18.69 39.09 1.71
CA SER A 801 -18.57 37.92 0.87
C SER A 801 -19.84 37.60 0.09
N LYS A 802 -20.82 38.51 0.10
CA LYS A 802 -22.08 38.38 -0.65
C LYS A 802 -22.64 36.95 -0.60
N ARG A 803 -22.94 36.51 0.61
CA ARG A 803 -23.60 35.23 0.85
C ARG A 803 -24.91 35.45 1.57
N SER A 804 -25.83 34.52 1.38
CA SER A 804 -27.15 34.64 1.98
C SER A 804 -27.08 34.32 3.47
N PRO A 805 -28.07 34.75 4.25
CA PRO A 805 -28.09 34.39 5.68
C PRO A 805 -28.01 32.89 5.92
N ILE A 806 -28.71 32.09 5.13
CA ILE A 806 -28.65 30.64 5.29
C ILE A 806 -27.24 30.14 4.98
N GLU A 807 -26.63 30.63 3.90
CA GLU A 807 -25.27 30.23 3.57
C GLU A 807 -24.30 30.67 4.66
N ASP A 808 -24.56 31.80 5.31
CA ASP A 808 -23.78 32.19 6.47
C ASP A 808 -23.92 31.17 7.59
N LEU A 809 -25.14 30.68 7.83
CA LEU A 809 -25.34 29.72 8.89
C LEU A 809 -24.61 28.42 8.58
N LEU A 810 -24.59 28.02 7.31
CA LEU A 810 -23.84 26.83 6.91
C LEU A 810 -22.34 27.02 7.09
N PHE A 811 -21.80 28.18 6.70
CA PHE A 811 -20.36 28.39 6.88
C PHE A 811 -19.97 28.57 8.34
N ASN A 812 -20.89 29.03 9.20
CA ASN A 812 -20.62 29.19 10.61
C ASN A 812 -21.02 27.98 11.45
N LYS A 813 -21.62 26.97 10.84
CA LYS A 813 -22.14 25.82 11.58
C LYS A 813 -21.24 24.60 11.47
N VAL A 814 -20.49 24.47 10.38
CA VAL A 814 -19.52 23.40 10.22
C VAL A 814 -18.16 23.89 10.71
N THR A 815 -17.54 23.11 11.60
CA THR A 815 -16.28 23.49 12.22
C THR A 815 -15.20 22.50 11.84
N LEU A 816 -13.98 23.00 11.65
CA LEU A 816 -12.83 22.17 11.36
C LEU A 816 -11.98 21.95 12.61
N GLN A 841 -1.89 17.09 10.42
CA GLN A 841 -2.98 17.09 9.45
C GLN A 841 -2.50 17.59 8.10
N LYS A 842 -1.58 18.56 8.11
CA LYS A 842 -1.02 19.10 6.88
C LYS A 842 0.33 19.77 7.12
N PHE A 843 1.28 19.03 7.71
CA PHE A 843 2.56 19.61 8.11
C PHE A 843 3.71 19.01 7.34
N ASN A 844 4.02 17.72 7.51
CA ASN A 844 5.22 17.11 6.95
C ASN A 844 4.86 16.22 5.77
N GLY A 845 5.10 16.74 4.56
CA GLY A 845 4.85 16.00 3.33
C GLY A 845 3.45 16.10 2.78
N LEU A 846 2.53 16.73 3.51
CA LEU A 846 1.14 16.82 3.09
C LEU A 846 0.87 18.22 2.56
N THR A 847 0.29 18.30 1.37
CA THR A 847 -0.12 19.57 0.79
C THR A 847 -1.62 19.52 0.54
N VAL A 848 -2.24 20.69 0.58
CA VAL A 848 -3.65 20.84 0.30
C VAL A 848 -3.77 21.79 -0.88
N LEU A 849 -4.20 21.29 -2.02
CA LEU A 849 -4.31 22.22 -3.12
C LEU A 849 -5.65 22.93 -3.04
N PRO A 850 -5.70 24.23 -3.33
CA PRO A 850 -6.95 24.96 -3.17
C PRO A 850 -7.90 24.64 -4.31
N PRO A 851 -9.20 24.82 -4.11
CA PRO A 851 -10.14 24.53 -5.19
C PRO A 851 -10.00 25.54 -6.31
N LEU A 852 -10.36 25.11 -7.52
CA LEU A 852 -10.31 26.03 -8.65
C LEU A 852 -11.39 27.09 -8.54
N LEU A 853 -12.56 26.72 -8.08
CA LEU A 853 -13.66 27.65 -7.84
C LEU A 853 -13.66 28.02 -6.36
N THR A 854 -13.45 29.30 -6.06
CA THR A 854 -13.49 29.74 -4.69
C THR A 854 -14.94 29.82 -4.20
N ASP A 855 -15.09 29.96 -2.88
CA ASP A 855 -16.43 30.05 -2.29
C ASP A 855 -17.21 31.24 -2.84
N GLU A 856 -16.53 32.33 -3.17
CA GLU A 856 -17.23 33.47 -3.76
C GLU A 856 -17.78 33.13 -5.13
N MET A 857 -17.02 32.39 -5.94
CA MET A 857 -17.49 32.04 -7.29
C MET A 857 -18.64 31.05 -7.22
N ILE A 858 -18.61 30.12 -6.27
CA ILE A 858 -19.73 29.19 -6.11
C ILE A 858 -20.97 29.93 -5.62
N ALA A 859 -20.78 30.86 -4.67
CA ALA A 859 -21.90 31.68 -4.22
C ALA A 859 -22.47 32.50 -5.37
N GLN A 860 -21.61 32.95 -6.29
CA GLN A 860 -22.07 33.70 -7.45
C GLN A 860 -22.85 32.81 -8.42
N TYR A 861 -22.40 31.56 -8.58
CA TYR A 861 -23.16 30.62 -9.42
C TYR A 861 -24.53 30.33 -8.82
N THR A 862 -24.61 30.13 -7.51
CA THR A 862 -25.92 29.90 -6.91
C THR A 862 -26.78 31.14 -6.93
N SER A 863 -26.17 32.33 -6.88
CA SER A 863 -26.94 33.56 -7.09
C SER A 863 -27.49 33.61 -8.49
N ALA A 864 -26.72 33.15 -9.47
CA ALA A 864 -27.23 33.07 -10.84
C ALA A 864 -28.40 32.12 -10.93
N LEU A 865 -28.30 30.95 -10.30
CA LEU A 865 -29.36 29.96 -10.37
C LEU A 865 -30.62 30.45 -9.67
N LEU A 866 -30.47 31.12 -8.53
CA LEU A 866 -31.64 31.68 -7.85
C LEU A 866 -32.27 32.82 -8.65
N ALA A 867 -31.45 33.69 -9.24
CA ALA A 867 -31.99 34.79 -10.02
C ALA A 867 -32.75 34.26 -11.23
N GLY A 868 -32.20 33.23 -11.88
CA GLY A 868 -32.91 32.61 -13.00
C GLY A 868 -34.21 31.96 -12.57
N THR A 869 -34.17 31.18 -11.49
CA THR A 869 -35.38 30.50 -11.03
C THR A 869 -36.45 31.50 -10.62
N ILE A 870 -36.05 32.60 -9.98
CA ILE A 870 -37.01 33.57 -9.46
C ILE A 870 -37.59 34.43 -10.56
N THR A 871 -36.78 34.80 -11.57
CA THR A 871 -37.24 35.72 -12.59
C THR A 871 -37.79 35.04 -13.84
N SER A 872 -37.39 33.80 -14.11
CA SER A 872 -37.70 33.19 -15.39
C SER A 872 -38.16 31.74 -15.29
N GLY A 873 -38.44 31.23 -14.10
CA GLY A 873 -38.85 29.84 -13.98
C GLY A 873 -37.76 28.90 -14.47
N TRP A 874 -38.15 27.95 -15.30
CA TRP A 874 -37.24 26.98 -15.89
C TRP A 874 -36.78 27.37 -17.28
N THR A 875 -37.25 28.50 -17.81
CA THR A 875 -36.96 28.83 -19.19
C THR A 875 -35.47 29.09 -19.42
N PHE A 876 -34.77 29.57 -18.40
CA PHE A 876 -33.32 29.78 -18.52
C PHE A 876 -32.54 28.48 -18.53
N GLY A 877 -33.17 27.36 -18.18
CA GLY A 877 -32.52 26.07 -18.28
C GLY A 877 -32.49 25.55 -19.70
N ALA A 878 -33.63 25.67 -20.39
CA ALA A 878 -33.75 25.13 -21.74
C ALA A 878 -33.07 26.01 -22.77
N GLY A 879 -33.29 27.33 -22.69
CA GLY A 879 -32.69 28.25 -23.61
C GLY A 879 -32.48 29.61 -23.00
N PRO A 880 -33.06 30.64 -23.60
CA PRO A 880 -32.90 32.00 -23.07
C PRO A 880 -33.85 32.26 -21.92
N ALA A 881 -33.42 33.17 -21.04
CA ALA A 881 -34.22 33.51 -19.86
C ALA A 881 -35.37 34.41 -20.29
N LEU A 882 -36.58 33.90 -20.17
CA LEU A 882 -37.79 34.63 -20.55
C LEU A 882 -38.49 35.03 -19.26
N GLN A 883 -38.53 36.32 -18.97
CA GLN A 883 -39.10 36.75 -17.71
C GLN A 883 -40.58 36.40 -17.64
N ILE A 884 -41.03 36.08 -16.44
CA ILE A 884 -42.41 35.71 -16.16
C ILE A 884 -42.73 36.23 -14.77
N PRO A 885 -43.86 36.90 -14.56
CA PRO A 885 -44.21 37.32 -13.19
C PRO A 885 -44.21 36.11 -12.28
N PHE A 886 -43.58 36.25 -11.12
CA PHE A 886 -43.37 35.08 -10.27
C PHE A 886 -44.65 34.44 -9.77
N PRO A 887 -45.71 35.17 -9.40
CA PRO A 887 -46.94 34.48 -9.02
C PRO A 887 -47.53 33.66 -10.14
N MET A 888 -47.39 34.09 -11.39
CA MET A 888 -47.82 33.25 -12.50
C MET A 888 -46.91 32.06 -12.68
N GLN A 889 -45.62 32.20 -12.38
CA GLN A 889 -44.72 31.06 -12.39
C GLN A 889 -45.18 30.01 -11.41
N MET A 890 -45.50 30.42 -10.19
CA MET A 890 -45.96 29.47 -9.19
C MET A 890 -47.33 28.90 -9.55
N ALA A 891 -48.19 29.69 -10.20
CA ALA A 891 -49.48 29.16 -10.65
C ALA A 891 -49.29 28.08 -11.71
N TYR A 892 -48.36 28.27 -12.65
CA TYR A 892 -48.08 27.21 -13.60
C TYR A 892 -47.45 26.00 -12.91
N ARG A 893 -46.59 26.22 -11.92
CA ARG A 893 -46.03 25.10 -11.17
C ARG A 893 -47.12 24.33 -10.43
N PHE A 894 -48.16 25.01 -9.97
CA PHE A 894 -49.33 24.31 -9.45
C PHE A 894 -50.05 23.53 -10.53
N ASN A 895 -50.19 24.13 -11.72
CA ASN A 895 -50.83 23.42 -12.82
C ASN A 895 -50.07 22.15 -13.16
N GLY A 896 -48.75 22.18 -13.05
CA GLY A 896 -47.93 21.03 -13.40
C GLY A 896 -48.08 19.84 -12.47
N ILE A 897 -48.64 20.04 -11.28
CA ILE A 897 -48.87 18.96 -10.33
C ILE A 897 -50.35 18.64 -10.17
N GLY A 898 -51.19 19.15 -11.06
CA GLY A 898 -52.60 18.81 -11.06
C GLY A 898 -53.48 19.68 -10.17
N VAL A 899 -53.06 20.89 -9.83
CA VAL A 899 -53.88 21.83 -9.09
C VAL A 899 -54.11 23.05 -9.97
N THR A 900 -55.36 23.30 -10.33
CA THR A 900 -55.68 24.39 -11.25
C THR A 900 -55.29 25.75 -10.67
N GLN A 901 -54.97 26.66 -11.58
CA GLN A 901 -54.36 27.95 -11.22
C GLN A 901 -55.17 28.73 -10.19
N ASN A 902 -56.50 28.60 -10.20
CA ASN A 902 -57.33 29.46 -9.36
C ASN A 902 -57.11 29.19 -7.88
N VAL A 903 -56.51 28.06 -7.51
CA VAL A 903 -56.19 27.82 -6.10
C VAL A 903 -55.16 28.82 -5.62
N LEU A 904 -54.18 29.16 -6.46
CA LEU A 904 -53.12 30.05 -6.02
C LEU A 904 -53.61 31.48 -5.89
N TYR A 905 -54.24 32.01 -6.94
CA TYR A 905 -54.55 33.43 -7.00
C TYR A 905 -55.52 33.84 -5.90
N GLU A 906 -56.52 33.00 -5.62
CA GLU A 906 -57.45 33.32 -4.54
C GLU A 906 -56.76 33.23 -3.18
N ASN A 907 -55.74 32.37 -3.05
CA ASN A 907 -55.07 32.12 -1.79
C ASN A 907 -53.62 32.61 -1.79
N GLN A 908 -53.29 33.59 -2.63
CA GLN A 908 -51.90 34.01 -2.78
C GLN A 908 -51.32 34.53 -1.48
N LYS A 909 -52.12 35.25 -0.68
CA LYS A 909 -51.61 35.81 0.57
C LYS A 909 -51.24 34.72 1.56
N LEU A 910 -52.11 33.71 1.70
CA LEU A 910 -51.84 32.59 2.58
C LEU A 910 -50.64 31.78 2.11
N ILE A 911 -50.52 31.58 0.80
CA ILE A 911 -49.36 30.89 0.25
C ILE A 911 -48.08 31.65 0.58
N ALA A 912 -48.12 32.97 0.45
CA ALA A 912 -46.95 33.78 0.78
C ALA A 912 -46.59 33.65 2.25
N ASN A 913 -47.60 33.69 3.13
CA ASN A 913 -47.31 33.59 4.56
C ASN A 913 -46.70 32.25 4.90
N GLN A 914 -47.22 31.17 4.30
CA GLN A 914 -46.68 29.84 4.60
C GLN A 914 -45.27 29.68 4.07
N PHE A 915 -45.00 30.18 2.86
CA PHE A 915 -43.66 30.09 2.30
C PHE A 915 -42.66 30.86 3.15
N ASN A 916 -43.02 32.10 3.53
CA ASN A 916 -42.11 32.92 4.33
C ASN A 916 -41.86 32.29 5.69
N SER A 917 -42.90 31.78 6.34
CA SER A 917 -42.71 31.17 7.67
C SER A 917 -41.86 29.91 7.58
N ALA A 918 -42.05 29.11 6.52
CA ALA A 918 -41.23 27.92 6.36
C ALA A 918 -39.76 28.27 6.14
N ILE A 919 -39.50 29.28 5.31
CA ILE A 919 -38.12 29.72 5.10
C ILE A 919 -37.53 30.24 6.40
N GLY A 920 -38.32 30.99 7.18
CA GLY A 920 -37.84 31.44 8.48
C GLY A 920 -37.52 30.29 9.42
N LYS A 921 -38.34 29.23 9.38
CA LYS A 921 -38.10 28.08 10.25
C LYS A 921 -36.85 27.31 9.83
N ILE A 922 -36.47 27.38 8.56
CA ILE A 922 -35.28 26.67 8.11
C ILE A 922 -34.05 27.11 8.90
N GLN A 923 -33.96 28.41 9.23
CA GLN A 923 -32.82 28.90 9.99
C GLN A 923 -32.72 28.19 11.33
N ASP A 924 -33.83 28.13 12.07
CA ASP A 924 -33.83 27.48 13.37
C ASP A 924 -33.57 25.99 13.24
N SER A 925 -34.10 25.38 12.18
CA SER A 925 -33.89 23.95 11.98
C SER A 925 -32.42 23.63 11.79
N LEU A 926 -31.74 24.38 10.93
CA LEU A 926 -30.31 24.15 10.71
C LEU A 926 -29.47 24.54 11.92
N SER A 927 -29.83 25.63 12.60
CA SER A 927 -28.99 26.17 13.68
C SER A 927 -29.24 25.51 15.03
N SER A 928 -30.31 24.73 15.19
CA SER A 928 -30.66 24.18 16.48
C SER A 928 -30.62 22.66 16.54
N THR A 929 -30.71 21.98 15.41
CA THR A 929 -30.67 20.53 15.37
C THR A 929 -29.28 20.08 14.97
N PRO A 930 -28.48 19.53 15.88
CA PRO A 930 -27.17 19.01 15.49
C PRO A 930 -27.31 17.82 14.57
N SER A 931 -26.18 17.42 13.97
CA SER A 931 -26.10 16.34 12.99
C SER A 931 -26.81 16.70 11.69
N ALA A 932 -27.48 17.86 11.65
CA ALA A 932 -28.13 18.31 10.42
C ALA A 932 -27.13 18.45 9.29
N LEU A 933 -25.90 18.88 9.60
CA LEU A 933 -24.82 18.97 8.63
C LEU A 933 -23.91 17.75 8.69
N GLY A 934 -24.39 16.65 9.25
CA GLY A 934 -23.53 15.49 9.44
C GLY A 934 -22.97 14.94 8.15
N LYS A 935 -23.76 14.98 7.08
CA LYS A 935 -23.31 14.42 5.82
C LYS A 935 -22.13 15.20 5.25
N LEU A 936 -22.01 16.48 5.58
CA LEU A 936 -20.88 17.28 5.14
C LEU A 936 -19.71 17.20 6.11
N GLN A 937 -20.00 17.09 7.41
CA GLN A 937 -18.94 17.00 8.40
C GLN A 937 -18.22 15.66 8.32
N ASP A 938 -18.93 14.60 7.91
CA ASP A 938 -18.36 13.27 7.92
C ASP A 938 -17.20 13.14 6.94
N VAL A 939 -17.29 13.78 5.78
CA VAL A 939 -16.23 13.63 4.79
C VAL A 939 -14.96 14.37 5.23
N VAL A 940 -15.11 15.59 5.74
CA VAL A 940 -13.94 16.32 6.22
C VAL A 940 -13.32 15.61 7.42
N ASN A 941 -14.15 15.06 8.31
CA ASN A 941 -13.61 14.32 9.45
C ASN A 941 -12.88 13.06 8.99
N GLN A 942 -13.42 12.36 7.99
CA GLN A 942 -12.77 11.15 7.50
C GLN A 942 -11.43 11.47 6.84
N ASN A 943 -11.35 12.57 6.10
CA ASN A 943 -10.09 12.92 5.47
C ASN A 943 -9.08 13.40 6.51
N ALA A 944 -9.52 14.17 7.50
CA ALA A 944 -8.62 14.60 8.56
C ALA A 944 -8.09 13.40 9.34
N GLN A 945 -8.96 12.41 9.61
CA GLN A 945 -8.52 11.23 10.33
C GLN A 945 -7.57 10.39 9.49
N ALA A 946 -7.83 10.28 8.18
CA ALA A 946 -6.92 9.52 7.33
C ALA A 946 -5.55 10.18 7.26
N LEU A 947 -5.50 11.51 7.23
CA LEU A 947 -4.21 12.19 7.25
C LEU A 947 -3.53 12.04 8.60
N ASN A 948 -4.31 12.10 9.69
CA ASN A 948 -3.74 11.96 11.02
C ASN A 948 -3.11 10.58 11.21
N THR A 949 -3.81 9.53 10.80
CA THR A 949 -3.24 8.19 10.89
C THR A 949 -2.06 8.03 9.93
N LEU A 950 -2.12 8.63 8.74
CA LEU A 950 -0.99 8.55 7.83
C LEU A 950 0.26 9.15 8.44
N VAL A 951 0.13 10.29 9.13
CA VAL A 951 1.28 10.91 9.76
C VAL A 951 1.72 10.10 10.97
N LYS A 952 0.77 9.60 11.76
CA LYS A 952 1.10 8.78 12.92
C LYS A 952 1.80 7.49 12.53
N GLN A 953 1.61 7.01 11.30
CA GLN A 953 2.38 5.85 10.85
C GLN A 953 3.86 6.16 10.65
N LEU A 954 4.26 7.43 10.73
CA LEU A 954 5.68 7.74 10.71
C LEU A 954 6.32 7.48 12.07
N SER A 955 5.54 7.54 13.15
CA SER A 955 5.99 7.26 14.50
C SER A 955 5.91 5.78 14.84
N SER A 956 6.26 4.90 13.91
CA SER A 956 6.13 3.47 14.11
C SER A 956 7.41 2.78 13.67
N ASN A 957 7.88 1.85 14.50
CA ASN A 957 9.17 1.20 14.26
C ASN A 957 9.12 0.27 13.04
N PHE A 958 8.06 -0.52 12.90
CA PHE A 958 7.93 -1.50 11.82
C PHE A 958 9.11 -2.48 11.83
N GLY A 959 9.59 -2.82 13.03
CA GLY A 959 10.70 -3.73 13.14
C GLY A 959 12.07 -3.09 13.11
N ALA A 960 12.13 -1.77 13.02
CA ALA A 960 13.40 -1.05 13.03
C ALA A 960 13.78 -0.63 14.45
N ILE A 961 15.08 -0.46 14.68
CA ILE A 961 15.59 -0.05 15.98
C ILE A 961 15.15 1.34 16.39
N SER A 962 14.60 2.14 15.48
CA SER A 962 14.10 3.46 15.83
C SER A 962 13.20 3.97 14.72
N SER A 963 12.37 4.95 15.08
CA SER A 963 11.42 5.52 14.12
C SER A 963 12.05 6.57 13.23
N VAL A 964 13.02 7.32 13.75
CA VAL A 964 13.63 8.43 13.01
C VAL A 964 14.77 7.87 12.19
N LEU A 965 14.62 7.90 10.86
CA LEU A 965 15.66 7.36 9.98
C LEU A 965 16.96 8.14 10.09
N ASN A 966 16.88 9.42 10.49
CA ASN A 966 18.10 10.20 10.67
C ASN A 966 19.01 9.58 11.71
N ASP A 967 18.42 8.92 12.72
CA ASP A 967 19.25 8.31 13.76
C ASP A 967 19.92 7.05 13.27
N ILE A 968 19.26 6.28 12.39
CA ILE A 968 19.90 5.08 11.85
C ILE A 968 20.99 5.48 10.86
N LEU A 969 20.74 6.48 10.02
CA LEU A 969 21.77 6.90 9.08
C LEU A 969 22.94 7.57 9.78
N SER A 970 22.70 8.26 10.91
CA SER A 970 23.77 8.89 11.67
C SER A 970 24.46 7.98 12.67
N ARG A 971 23.88 6.82 12.98
CA ARG A 971 24.43 5.96 14.02
C ARG A 971 24.88 4.58 13.54
N LEU A 972 24.28 4.05 12.49
CA LEU A 972 24.61 2.72 12.01
C LEU A 972 25.42 2.79 10.72
N ASP A 973 26.26 1.78 10.51
CA ASP A 973 27.02 1.69 9.29
C ASP A 973 26.09 1.36 8.12
N PRO A 974 26.36 1.91 6.93
CA PRO A 974 25.49 1.66 5.77
C PRO A 974 25.17 0.18 5.58
N PRO A 975 26.17 -0.75 5.73
CA PRO A 975 25.84 -2.17 5.54
C PRO A 975 24.67 -2.66 6.38
N GLU A 976 24.39 -1.99 7.49
CA GLU A 976 23.24 -2.30 8.33
C GLU A 976 22.15 -1.25 8.27
N ALA A 977 22.52 0.00 7.97
CA ALA A 977 21.51 1.02 7.74
C ALA A 977 20.61 0.66 6.58
N GLU A 978 21.13 -0.06 5.58
CA GLU A 978 20.28 -0.50 4.47
C GLU A 978 19.15 -1.39 4.96
N VAL A 979 19.48 -2.34 5.84
CA VAL A 979 18.49 -3.27 6.34
C VAL A 979 17.53 -2.57 7.29
N GLN A 980 18.04 -1.66 8.11
CA GLN A 980 17.16 -0.93 9.02
C GLN A 980 16.23 0.02 8.27
N ILE A 981 16.67 0.61 7.16
CA ILE A 981 15.79 1.45 6.37
C ILE A 981 14.72 0.62 5.66
N ASP A 982 15.10 -0.52 5.09
CA ASP A 982 14.14 -1.34 4.34
C ASP A 982 12.87 -1.58 5.16
N ARG A 983 13.01 -1.78 6.46
CA ARG A 983 11.89 -2.08 7.33
C ARG A 983 11.13 -0.82 7.76
N LEU A 984 11.44 0.30 7.15
CA LEU A 984 10.65 1.52 7.26
C LEU A 984 10.11 1.96 5.91
N ILE A 985 10.87 1.73 4.85
CA ILE A 985 10.37 1.91 3.50
C ILE A 985 9.13 1.04 3.29
N THR A 986 9.21 -0.23 3.70
CA THR A 986 8.09 -1.13 3.47
C THR A 986 6.84 -0.68 4.23
N GLY A 987 7.00 -0.29 5.50
CA GLY A 987 5.84 0.06 6.29
C GLY A 987 5.25 1.40 5.92
N ARG A 988 6.08 2.32 5.44
CA ARG A 988 5.55 3.64 5.11
C ARG A 988 4.93 3.62 3.72
N LEU A 989 5.49 2.82 2.80
CA LEU A 989 4.87 2.63 1.51
C LEU A 989 3.55 1.87 1.64
N GLN A 990 3.48 0.89 2.56
CA GLN A 990 2.21 0.21 2.79
C GLN A 990 1.16 1.14 3.39
N SER A 991 1.57 2.03 4.31
CA SER A 991 0.61 3.00 4.83
C SER A 991 0.13 3.94 3.74
N LEU A 992 1.06 4.36 2.86
CA LEU A 992 0.67 5.23 1.75
C LEU A 992 -0.29 4.52 0.80
N GLN A 993 -0.06 3.23 0.54
CA GLN A 993 -0.96 2.47 -0.31
C GLN A 993 -2.34 2.36 0.30
N THR A 994 -2.40 2.12 1.61
CA THR A 994 -3.70 2.03 2.27
C THR A 994 -4.44 3.36 2.16
N TYR A 995 -3.76 4.46 2.44
CA TYR A 995 -4.39 5.77 2.36
C TYR A 995 -4.89 6.06 0.94
N VAL A 996 -4.06 5.77 -0.07
CA VAL A 996 -4.45 6.05 -1.45
C VAL A 996 -5.66 5.23 -1.85
N THR A 997 -5.71 3.94 -1.47
CA THR A 997 -6.88 3.14 -1.82
C THR A 997 -8.14 3.66 -1.13
N GLN A 998 -8.05 4.00 0.17
CA GLN A 998 -9.23 4.54 0.84
C GLN A 998 -9.66 5.85 0.20
N GLN A 999 -8.71 6.67 -0.25
CA GLN A 999 -9.07 7.91 -0.90
C GLN A 999 -9.70 7.67 -2.26
N LEU A 1000 -9.26 6.65 -2.99
CA LEU A 1000 -9.91 6.35 -4.27
C LEU A 1000 -11.35 5.92 -4.07
N ILE A 1001 -11.60 5.09 -3.04
CA ILE A 1001 -12.97 4.63 -2.80
C ILE A 1001 -13.85 5.78 -2.32
N ARG A 1002 -13.36 6.58 -1.37
CA ARG A 1002 -14.16 7.71 -0.91
C ARG A 1002 -14.35 8.75 -2.01
N ALA A 1003 -13.37 8.90 -2.90
CA ALA A 1003 -13.54 9.76 -4.06
C ALA A 1003 -14.62 9.25 -4.99
N ALA A 1004 -14.72 7.93 -5.15
CA ALA A 1004 -15.81 7.39 -5.95
C ALA A 1004 -17.15 7.65 -5.30
N GLU A 1005 -17.22 7.56 -3.97
CA GLU A 1005 -18.47 7.88 -3.29
C GLU A 1005 -18.85 9.34 -3.47
N ILE A 1006 -17.88 10.25 -3.35
CA ILE A 1006 -18.15 11.66 -3.57
C ILE A 1006 -18.49 11.94 -5.03
N ARG A 1007 -17.90 11.19 -5.95
CA ARG A 1007 -18.26 11.26 -7.37
C ARG A 1007 -19.74 10.95 -7.57
N ALA A 1008 -20.21 9.87 -6.95
CA ALA A 1008 -21.62 9.51 -7.08
C ALA A 1008 -22.53 10.54 -6.42
N SER A 1009 -22.14 11.04 -5.24
CA SER A 1009 -22.96 12.05 -4.58
C SER A 1009 -22.99 13.35 -5.36
N ALA A 1010 -21.87 13.72 -5.99
CA ALA A 1010 -21.84 14.91 -6.83
C ALA A 1010 -22.69 14.75 -8.08
N ASN A 1011 -22.68 13.55 -8.67
CA ASN A 1011 -23.53 13.32 -9.83
C ASN A 1011 -25.01 13.37 -9.45
N LEU A 1012 -25.36 12.85 -8.26
CA LEU A 1012 -26.72 12.99 -7.78
C LEU A 1012 -27.08 14.46 -7.53
N ALA A 1013 -26.13 15.23 -7.00
CA ALA A 1013 -26.40 16.65 -6.79
C ALA A 1013 -26.58 17.38 -8.11
N ALA A 1014 -25.81 17.00 -9.13
CA ALA A 1014 -25.97 17.62 -10.44
C ALA A 1014 -27.31 17.25 -11.06
N THR A 1015 -27.74 16.00 -10.90
CA THR A 1015 -29.03 15.58 -11.43
C THR A 1015 -30.17 16.31 -10.71
N LYS A 1016 -30.07 16.47 -9.40
CA LYS A 1016 -31.10 17.21 -8.68
C LYS A 1016 -31.08 18.69 -9.06
N MET A 1017 -29.89 19.25 -9.28
CA MET A 1017 -29.81 20.65 -9.73
C MET A 1017 -30.49 20.81 -11.08
N SER A 1018 -30.26 19.87 -12.00
CA SER A 1018 -30.93 19.97 -13.28
C SER A 1018 -32.44 19.79 -13.13
N GLU A 1019 -32.87 18.78 -12.38
CA GLU A 1019 -34.26 18.36 -12.37
C GLU A 1019 -35.07 18.88 -11.19
N CYS A 1020 -34.54 19.77 -10.36
CA CYS A 1020 -35.36 20.28 -9.27
C CYS A 1020 -35.35 21.81 -9.24
N VAL A 1021 -34.19 22.43 -9.36
CA VAL A 1021 -34.14 23.89 -9.48
C VAL A 1021 -34.25 24.33 -10.94
N LEU A 1022 -33.55 23.69 -11.86
CA LEU A 1022 -33.56 24.17 -13.23
C LEU A 1022 -34.88 23.89 -13.91
N GLY A 1023 -35.64 22.91 -13.44
CA GLY A 1023 -36.94 22.57 -13.99
C GLY A 1023 -37.97 22.29 -12.92
N GLN A 1024 -38.86 21.33 -13.19
CA GLN A 1024 -39.78 20.81 -12.19
C GLN A 1024 -39.89 19.31 -12.39
N SER A 1025 -39.73 18.56 -11.32
CA SER A 1025 -39.70 17.10 -11.38
C SER A 1025 -41.07 16.54 -11.02
N LYS A 1026 -41.56 15.62 -11.84
CA LYS A 1026 -42.76 14.86 -11.55
C LYS A 1026 -42.46 13.56 -10.82
N ARG A 1027 -41.18 13.23 -10.64
CA ARG A 1027 -40.79 12.02 -9.94
C ARG A 1027 -40.84 12.27 -8.44
N VAL A 1028 -41.69 11.50 -7.74
CA VAL A 1028 -41.96 11.74 -6.34
C VAL A 1028 -40.76 11.35 -5.49
N ASP A 1029 -40.60 12.06 -4.37
CA ASP A 1029 -39.54 11.85 -3.38
C ASP A 1029 -38.14 12.04 -3.94
N PHE A 1030 -38.01 12.50 -5.19
CA PHE A 1030 -36.69 12.87 -5.71
C PHE A 1030 -36.31 14.28 -5.29
N CYS A 1031 -37.28 15.20 -5.26
CA CYS A 1031 -37.03 16.54 -4.75
C CYS A 1031 -37.83 16.74 -3.47
N GLY A 1032 -37.60 15.87 -2.49
CA GLY A 1032 -38.24 15.98 -1.20
C GLY A 1032 -39.62 15.34 -1.17
N LYS A 1033 -40.12 15.14 0.05
CA LYS A 1033 -41.42 14.54 0.24
C LYS A 1033 -42.52 15.53 -0.11
N GLY A 1034 -43.50 15.07 -0.87
CA GLY A 1034 -44.62 15.90 -1.30
C GLY A 1034 -44.59 16.11 -2.80
N TYR A 1035 -45.54 16.93 -3.25
CA TYR A 1035 -45.64 17.31 -4.65
C TYR A 1035 -44.67 18.46 -4.89
N HIS A 1036 -43.69 18.23 -5.77
CA HIS A 1036 -42.62 19.20 -5.96
C HIS A 1036 -43.12 20.46 -6.68
N LEU A 1037 -42.74 21.61 -6.14
CA LEU A 1037 -42.94 22.89 -6.81
C LEU A 1037 -41.61 23.43 -7.32
N MET A 1038 -40.65 23.68 -6.42
CA MET A 1038 -39.38 24.26 -6.86
C MET A 1038 -38.30 23.92 -5.84
N SER A 1039 -37.06 24.19 -6.21
CA SER A 1039 -35.95 24.06 -5.27
C SER A 1039 -35.01 25.24 -5.43
N PHE A 1040 -34.29 25.54 -4.35
CA PHE A 1040 -33.36 26.67 -4.30
C PHE A 1040 -32.00 26.13 -3.89
N PRO A 1041 -30.97 26.31 -4.69
CA PRO A 1041 -29.64 25.82 -4.31
C PRO A 1041 -28.88 26.81 -3.47
N GLN A 1042 -28.08 26.25 -2.56
CA GLN A 1042 -27.26 27.02 -1.63
C GLN A 1042 -25.90 26.35 -1.54
N SER A 1043 -24.85 27.15 -1.46
CA SER A 1043 -23.53 26.57 -1.34
C SER A 1043 -23.27 26.16 0.10
N ALA A 1044 -22.33 25.23 0.26
CA ALA A 1044 -21.88 24.80 1.56
C ALA A 1044 -20.44 24.36 1.38
N PRO A 1045 -19.62 24.44 2.41
CA PRO A 1045 -18.23 24.00 2.26
C PRO A 1045 -18.19 22.54 1.87
N HIS A 1046 -17.65 22.27 0.68
CA HIS A 1046 -17.57 20.93 0.13
C HIS A 1046 -18.95 20.31 -0.08
N GLY A 1047 -19.96 21.12 -0.38
CA GLY A 1047 -21.27 20.53 -0.60
C GLY A 1047 -22.30 21.54 -1.07
N VAL A 1048 -23.51 21.03 -1.28
CA VAL A 1048 -24.65 21.84 -1.72
C VAL A 1048 -25.86 21.51 -0.86
N VAL A 1049 -26.65 22.52 -0.56
CA VAL A 1049 -27.87 22.38 0.23
C VAL A 1049 -29.04 22.86 -0.61
N PHE A 1050 -30.05 22.03 -0.74
CA PHE A 1050 -31.24 22.32 -1.52
C PHE A 1050 -32.37 22.65 -0.57
N LEU A 1051 -33.05 23.76 -0.82
CA LEU A 1051 -34.30 24.06 -0.15
C LEU A 1051 -35.42 23.69 -1.11
N HIS A 1052 -36.11 22.60 -0.80
CA HIS A 1052 -37.16 22.07 -1.66
C HIS A 1052 -38.50 22.61 -1.17
N VAL A 1053 -39.20 23.33 -2.03
CA VAL A 1053 -40.53 23.85 -1.76
C VAL A 1053 -41.52 22.92 -2.42
N THR A 1054 -42.36 22.29 -1.59
CA THR A 1054 -43.26 21.22 -1.99
C THR A 1054 -44.66 21.49 -1.46
N TYR A 1055 -45.63 20.94 -2.20
CA TYR A 1055 -47.06 21.07 -1.90
C TYR A 1055 -47.56 19.81 -1.20
N VAL A 1056 -48.19 19.99 -0.03
CA VAL A 1056 -48.67 18.86 0.77
C VAL A 1056 -50.15 19.04 1.06
N PRO A 1057 -51.00 18.08 0.70
CA PRO A 1057 -52.41 18.15 1.10
C PRO A 1057 -52.54 18.17 2.62
N ALA A 1058 -53.42 19.02 3.12
CA ALA A 1058 -53.55 19.28 4.55
C ALA A 1058 -54.92 18.79 5.00
N GLN A 1059 -55.72 19.58 5.72
CA GLN A 1059 -57.03 19.15 6.19
C GLN A 1059 -57.83 18.52 5.07
N GLU A 1060 -58.55 17.45 5.40
CA GLU A 1060 -59.15 16.59 4.39
C GLU A 1060 -60.60 16.31 4.76
N LYS A 1061 -61.32 15.72 3.82
CA LYS A 1061 -62.72 15.38 4.03
C LYS A 1061 -63.03 14.05 3.37
N ASN A 1062 -64.14 13.46 3.84
CA ASN A 1062 -64.65 12.14 3.47
C ASN A 1062 -65.95 12.29 2.69
N PHE A 1063 -65.91 11.98 1.40
CA PHE A 1063 -67.04 12.23 0.51
C PHE A 1063 -67.45 10.96 -0.20
N THR A 1064 -68.74 10.83 -0.49
CA THR A 1064 -69.18 9.66 -1.24
C THR A 1064 -68.77 9.87 -2.69
N THR A 1065 -68.55 8.78 -3.41
CA THR A 1065 -68.13 8.91 -4.79
C THR A 1065 -68.83 7.89 -5.68
N ALA A 1066 -68.59 8.03 -6.99
CA ALA A 1066 -69.06 7.13 -8.02
C ALA A 1066 -68.14 7.27 -9.22
N PRO A 1067 -67.86 6.20 -9.94
CA PRO A 1067 -67.00 6.31 -11.13
C PRO A 1067 -67.67 6.93 -12.35
N ALA A 1068 -68.99 7.04 -12.40
CA ALA A 1068 -69.65 7.64 -13.56
C ALA A 1068 -71.02 8.15 -13.13
N ILE A 1069 -71.63 8.95 -14.00
CA ILE A 1069 -72.99 9.44 -13.81
C ILE A 1069 -73.86 8.90 -14.93
N CYS A 1070 -74.99 8.29 -14.58
CA CYS A 1070 -75.92 7.81 -15.58
C CYS A 1070 -76.95 8.90 -15.84
N HIS A 1071 -77.06 9.33 -17.09
CA HIS A 1071 -78.03 10.35 -17.48
C HIS A 1071 -78.71 9.91 -18.76
N ASP A 1072 -80.01 9.66 -18.68
CA ASP A 1072 -80.88 9.25 -19.78
C ASP A 1072 -80.24 8.17 -20.67
N GLY A 1073 -79.45 7.29 -20.06
CA GLY A 1073 -78.86 6.16 -20.73
C GLY A 1073 -77.38 6.30 -21.04
N LYS A 1074 -76.85 7.52 -21.07
CA LYS A 1074 -75.44 7.75 -21.33
C LYS A 1074 -74.64 7.75 -20.03
N ALA A 1075 -73.41 7.27 -20.13
CA ALA A 1075 -72.48 7.23 -19.00
C ALA A 1075 -71.52 8.42 -19.11
N HIS A 1076 -71.51 9.26 -18.08
CA HIS A 1076 -70.66 10.44 -18.02
C HIS A 1076 -69.46 10.16 -17.14
N PHE A 1077 -68.27 10.48 -17.64
CA PHE A 1077 -67.01 10.38 -16.93
C PHE A 1077 -66.38 11.75 -16.84
N PRO A 1078 -65.62 12.03 -15.77
CA PRO A 1078 -65.00 13.34 -15.65
C PRO A 1078 -63.81 13.50 -16.60
N ARG A 1079 -63.62 14.73 -17.08
CA ARG A 1079 -62.43 15.02 -17.86
C ARG A 1079 -61.19 15.08 -16.97
N GLU A 1080 -61.28 15.81 -15.87
CA GLU A 1080 -60.26 15.83 -14.83
C GLU A 1080 -60.96 15.93 -13.49
N GLY A 1081 -60.49 15.17 -12.52
CA GLY A 1081 -61.15 15.12 -11.23
C GLY A 1081 -62.14 13.97 -11.14
N VAL A 1082 -62.87 13.96 -10.02
CA VAL A 1082 -63.80 12.89 -9.71
C VAL A 1082 -65.11 13.46 -9.21
N PHE A 1083 -66.13 12.61 -9.25
CA PHE A 1083 -67.45 12.95 -8.77
C PHE A 1083 -67.50 12.77 -7.26
N VAL A 1084 -68.07 13.76 -6.56
CA VAL A 1084 -68.21 13.71 -5.12
C VAL A 1084 -69.64 14.06 -4.73
N SER A 1085 -70.09 13.46 -3.63
CA SER A 1085 -71.39 13.75 -3.07
C SER A 1085 -71.23 13.91 -1.56
N ASN A 1086 -72.01 14.81 -0.98
CA ASN A 1086 -72.16 14.86 0.47
C ASN A 1086 -73.47 14.20 0.92
N GLY A 1087 -74.05 13.38 0.06
CA GLY A 1087 -75.32 12.75 0.34
C GLY A 1087 -76.41 13.16 -0.64
N THR A 1088 -76.51 14.44 -0.94
CA THR A 1088 -77.67 14.98 -1.65
C THR A 1088 -77.36 15.45 -3.06
N HIS A 1089 -76.18 16.02 -3.31
CA HIS A 1089 -75.87 16.59 -4.61
C HIS A 1089 -74.52 16.08 -5.10
N TRP A 1090 -74.41 15.88 -6.41
CA TRP A 1090 -73.20 15.39 -7.04
C TRP A 1090 -72.46 16.52 -7.75
N PHE A 1091 -71.13 16.56 -7.55
CA PHE A 1091 -70.26 17.60 -8.08
C PHE A 1091 -69.02 16.96 -8.68
N VAL A 1092 -68.25 17.75 -9.42
CA VAL A 1092 -66.97 17.34 -9.94
C VAL A 1092 -65.89 18.18 -9.27
N THR A 1093 -64.78 17.55 -8.89
CA THR A 1093 -63.73 18.28 -8.22
C THR A 1093 -62.37 17.72 -8.59
N GLN A 1094 -61.37 18.59 -8.61
CA GLN A 1094 -60.01 18.15 -8.86
C GLN A 1094 -59.52 17.33 -7.68
N ARG A 1095 -58.79 16.26 -7.97
CA ARG A 1095 -58.48 15.25 -6.96
C ARG A 1095 -57.56 15.78 -5.86
N ASN A 1096 -56.72 16.77 -6.16
CA ASN A 1096 -55.73 17.25 -5.19
C ASN A 1096 -56.16 18.52 -4.47
N PHE A 1097 -57.42 18.92 -4.60
CA PHE A 1097 -57.95 20.05 -3.84
C PHE A 1097 -59.46 20.11 -3.98
N TYR A 1098 -60.19 20.08 -2.87
CA TYR A 1098 -61.63 20.11 -2.93
C TYR A 1098 -62.12 21.45 -3.47
N GLU A 1099 -62.78 21.41 -4.63
CA GLU A 1099 -63.37 22.60 -5.24
C GLU A 1099 -64.58 22.16 -6.03
N PRO A 1100 -65.75 22.11 -5.41
CA PRO A 1100 -66.90 21.50 -6.06
C PRO A 1100 -67.41 22.33 -7.22
N GLN A 1101 -67.75 21.66 -8.30
CA GLN A 1101 -68.30 22.29 -9.49
C GLN A 1101 -69.56 21.54 -9.91
N ILE A 1102 -70.49 22.28 -10.52
CA ILE A 1102 -71.71 21.65 -11.03
C ILE A 1102 -71.35 20.77 -12.21
N ILE A 1103 -72.04 19.64 -12.34
CA ILE A 1103 -71.75 18.70 -13.42
C ILE A 1103 -72.36 19.26 -14.69
N THR A 1104 -71.53 19.42 -15.72
CA THR A 1104 -71.96 19.97 -17.00
C THR A 1104 -71.37 19.14 -18.14
N THR A 1105 -71.80 19.46 -19.36
CA THR A 1105 -71.30 18.81 -20.55
C THR A 1105 -69.90 19.28 -20.96
N ASP A 1106 -69.36 20.34 -20.34
CA ASP A 1106 -68.02 20.79 -20.70
C ASP A 1106 -66.93 20.28 -19.77
N ASN A 1107 -67.27 19.62 -18.65
CA ASN A 1107 -66.26 18.95 -17.84
C ASN A 1107 -66.43 17.44 -17.81
N THR A 1108 -67.50 16.90 -18.40
CA THR A 1108 -67.69 15.46 -18.51
C THR A 1108 -67.73 15.06 -19.98
N PHE A 1109 -67.52 13.77 -20.21
CA PHE A 1109 -67.62 13.20 -21.55
C PHE A 1109 -68.35 11.87 -21.48
N VAL A 1110 -68.98 11.49 -22.59
CA VAL A 1110 -69.87 10.34 -22.64
C VAL A 1110 -69.18 9.21 -23.39
N SER A 1111 -69.30 8.00 -22.86
CA SER A 1111 -68.80 6.80 -23.52
C SER A 1111 -69.61 5.61 -23.06
N GLY A 1112 -70.22 4.90 -24.01
CA GLY A 1112 -70.99 3.71 -23.69
C GLY A 1112 -72.34 4.03 -23.07
N ASN A 1113 -72.83 3.10 -22.25
CA ASN A 1113 -74.13 3.25 -21.61
C ASN A 1113 -74.05 2.73 -20.18
N CYS A 1114 -75.14 2.94 -19.44
CA CYS A 1114 -75.17 2.72 -17.99
C CYS A 1114 -75.08 1.26 -17.57
N ASP A 1115 -75.23 0.31 -18.49
CA ASP A 1115 -75.25 -1.10 -18.08
C ASP A 1115 -73.87 -1.75 -18.10
N VAL A 1116 -72.81 -1.03 -18.48
CA VAL A 1116 -71.49 -1.61 -18.58
C VAL A 1116 -70.60 -1.19 -17.40
N VAL A 1117 -70.73 0.05 -16.94
CA VAL A 1117 -69.91 0.54 -15.84
C VAL A 1117 -70.47 0.01 -14.53
N ILE A 1118 -69.60 -0.63 -13.74
CA ILE A 1118 -70.00 -1.18 -12.45
C ILE A 1118 -70.00 -0.07 -11.42
N GLY A 1119 -71.15 0.16 -10.79
CA GLY A 1119 -71.25 1.15 -9.74
C GLY A 1119 -71.51 2.56 -10.24
N ILE A 1120 -72.74 2.84 -10.66
CA ILE A 1120 -73.10 4.15 -11.16
C ILE A 1120 -74.19 4.72 -10.25
N VAL A 1121 -74.15 6.04 -10.05
CA VAL A 1121 -75.23 6.74 -9.38
C VAL A 1121 -76.01 7.51 -10.44
N ASN A 1122 -77.25 7.84 -10.12
CA ASN A 1122 -78.15 8.56 -11.01
C ASN A 1122 -78.20 10.02 -10.58
N ASN A 1123 -77.69 10.91 -11.43
CA ASN A 1123 -77.90 12.33 -11.27
C ASN A 1123 -78.07 12.97 -12.64
N THR A 1124 -78.47 14.23 -12.63
CA THR A 1124 -78.74 14.98 -13.86
C THR A 1124 -77.54 15.84 -14.23
N VAL A 1125 -77.36 16.01 -15.53
CA VAL A 1125 -76.27 16.80 -16.08
C VAL A 1125 -76.85 18.03 -16.74
N TYR A 1126 -76.33 19.20 -16.40
CA TYR A 1126 -76.86 20.47 -16.87
C TYR A 1126 -76.04 20.98 -18.05
N ASP A 1127 -76.71 21.36 -19.13
CA ASP A 1127 -76.07 21.92 -20.30
C ASP A 1127 -76.35 23.42 -20.34
N PRO A 1128 -75.32 24.27 -20.26
CA PRO A 1128 -75.53 25.73 -20.31
C PRO A 1128 -76.33 26.21 -21.53
N LEU A 1129 -76.53 25.35 -22.52
CA LEU A 1129 -77.32 25.71 -23.68
C LEU A 1129 -78.80 25.81 -23.34
N GLN A 1130 -79.28 24.94 -22.45
CA GLN A 1130 -80.69 24.97 -22.07
C GLN A 1130 -81.13 26.33 -21.54
N PRO A 1131 -80.48 26.94 -20.55
CA PRO A 1131 -80.93 28.26 -20.10
C PRO A 1131 -80.72 29.35 -21.13
N GLU A 1132 -79.81 29.16 -22.09
CA GLU A 1132 -79.59 30.17 -23.12
C GLU A 1132 -80.69 30.14 -24.17
N LEU A 1133 -81.27 28.97 -24.46
CA LEU A 1133 -82.37 28.92 -25.41
C LEU A 1133 -83.72 29.17 -24.77
N ASP A 1134 -83.92 28.74 -23.53
CA ASP A 1134 -85.17 28.99 -22.82
C ASP A 1134 -85.28 30.44 -22.39
N ALA B 15 -0.46 -59.27 -19.61
CA ALA B 15 -1.82 -58.77 -19.71
C ALA B 15 -1.96 -57.40 -19.05
N TYR B 16 -2.87 -56.58 -19.58
CA TYR B 16 -3.11 -55.24 -19.06
C TYR B 16 -4.61 -55.03 -18.90
N THR B 17 -4.96 -54.19 -17.94
CA THR B 17 -6.36 -53.84 -17.70
C THR B 17 -6.46 -52.37 -17.31
N ASN B 18 -7.63 -51.78 -17.56
CA ASN B 18 -7.89 -50.40 -17.16
C ASN B 18 -8.70 -50.41 -15.87
N SER B 19 -8.18 -49.72 -14.86
CA SER B 19 -8.89 -49.64 -13.59
C SER B 19 -10.16 -48.81 -13.73
N PHE B 20 -11.21 -49.20 -13.01
CA PHE B 20 -12.50 -48.53 -13.02
C PHE B 20 -12.67 -47.85 -11.67
N THR B 21 -12.12 -46.63 -11.56
CA THR B 21 -12.17 -45.76 -10.37
C THR B 21 -11.73 -46.48 -9.10
N ARG B 22 -11.00 -47.58 -9.22
CA ARG B 22 -10.38 -48.23 -8.07
C ARG B 22 -9.02 -47.62 -7.77
N GLY B 23 -8.54 -47.84 -6.55
CA GLY B 23 -7.22 -47.43 -6.14
C GLY B 23 -7.15 -46.14 -5.34
N VAL B 24 -8.22 -45.75 -4.66
CA VAL B 24 -8.23 -44.55 -3.84
C VAL B 24 -8.24 -44.95 -2.38
N TYR B 25 -7.40 -44.30 -1.58
CA TYR B 25 -7.28 -44.58 -0.16
C TYR B 25 -7.35 -43.27 0.61
N TYR B 26 -7.66 -43.38 1.90
CA TYR B 26 -7.69 -42.19 2.73
C TYR B 26 -6.29 -41.66 2.89
N PRO B 27 -5.94 -40.51 2.28
CA PRO B 27 -4.54 -40.08 2.27
C PRO B 27 -4.04 -39.49 3.58
N ASP B 28 -4.93 -39.04 4.47
CA ASP B 28 -4.49 -38.33 5.68
C ASP B 28 -5.19 -38.81 6.94
N LYS B 29 -6.14 -39.74 6.85
CA LYS B 29 -6.70 -40.42 8.02
C LYS B 29 -7.38 -39.44 8.98
N VAL B 30 -7.83 -38.30 8.45
CA VAL B 30 -8.55 -37.30 9.21
C VAL B 30 -10.02 -37.37 8.83
N PHE B 31 -10.90 -37.26 9.82
CA PHE B 31 -12.33 -37.40 9.59
C PHE B 31 -12.90 -36.11 9.01
N ARG B 32 -13.69 -36.25 7.95
CA ARG B 32 -14.40 -35.15 7.32
C ARG B 32 -15.74 -35.68 6.84
N SER B 33 -16.74 -34.80 6.74
CA SER B 33 -18.06 -35.24 6.34
C SER B 33 -18.76 -34.21 5.47
N SER B 34 -19.54 -34.71 4.51
CA SER B 34 -20.31 -33.88 3.57
C SER B 34 -19.44 -32.76 2.99
N VAL B 35 -18.25 -33.12 2.52
CA VAL B 35 -17.26 -32.12 2.11
C VAL B 35 -16.45 -32.66 0.95
N LEU B 36 -16.02 -31.75 0.09
CA LEU B 36 -15.14 -32.08 -1.02
C LEU B 36 -13.73 -31.63 -0.64
N HIS B 37 -12.82 -32.58 -0.48
CA HIS B 37 -11.48 -32.30 0.01
C HIS B 37 -10.47 -32.54 -1.10
N SER B 38 -9.60 -31.56 -1.34
CA SER B 38 -8.60 -31.64 -2.39
C SER B 38 -7.29 -32.13 -1.77
N THR B 39 -6.67 -33.12 -2.42
CA THR B 39 -5.44 -33.73 -1.92
C THR B 39 -4.44 -33.84 -3.06
N GLN B 40 -3.17 -33.62 -2.73
CA GLN B 40 -2.07 -33.81 -3.68
C GLN B 40 -1.16 -34.88 -3.11
N ASP B 41 -1.24 -36.10 -3.64
CA ASP B 41 -0.54 -37.25 -3.07
C ASP B 41 -0.38 -38.32 -4.15
N LEU B 42 0.17 -39.46 -3.72
CA LEU B 42 0.40 -40.60 -4.61
C LEU B 42 -0.88 -41.41 -4.69
N PHE B 43 -1.61 -41.24 -5.80
CA PHE B 43 -2.80 -42.04 -6.06
C PHE B 43 -2.64 -42.83 -7.34
N LEU B 44 -3.50 -43.84 -7.48
CA LEU B 44 -3.56 -44.63 -8.70
C LEU B 44 -4.29 -43.84 -9.78
N PRO B 45 -3.65 -43.50 -10.89
CA PRO B 45 -4.34 -42.74 -11.94
C PRO B 45 -5.55 -43.51 -12.46
N PHE B 46 -6.66 -42.79 -12.63
CA PHE B 46 -7.87 -43.43 -13.14
C PHE B 46 -7.70 -43.83 -14.59
N PHE B 47 -8.29 -44.97 -14.94
CA PHE B 47 -8.22 -45.52 -16.30
C PHE B 47 -6.79 -45.73 -16.77
N SER B 48 -5.85 -45.83 -15.83
CA SER B 48 -4.47 -46.16 -16.16
C SER B 48 -4.31 -47.67 -16.34
N ASN B 49 -3.21 -48.05 -16.98
CA ASN B 49 -2.94 -49.45 -17.27
C ASN B 49 -2.35 -50.14 -16.05
N VAL B 50 -2.92 -51.28 -15.69
CA VAL B 50 -2.46 -52.11 -14.58
C VAL B 50 -2.06 -53.45 -15.15
N THR B 51 -0.90 -53.96 -14.72
CA THR B 51 -0.38 -55.21 -15.25
C THR B 51 -1.09 -56.40 -14.60
N TRP B 52 -1.53 -57.33 -15.42
CA TRP B 52 -2.28 -58.50 -14.96
C TRP B 52 -1.44 -59.74 -15.15
N PHE B 53 -1.18 -60.46 -14.05
CA PHE B 53 -0.47 -61.72 -14.08
C PHE B 53 -1.42 -62.86 -13.73
N HIS B 54 -1.24 -63.99 -14.39
CA HIS B 54 -2.12 -65.13 -14.22
C HIS B 54 -1.35 -66.37 -13.78
N ASN B 69 7.08 -65.43 -10.81
CA ASN B 69 7.11 -64.14 -11.49
C ASN B 69 8.43 -63.43 -11.21
N PRO B 70 8.91 -62.63 -12.15
CA PRO B 70 10.18 -61.92 -11.97
C PRO B 70 10.02 -60.72 -11.06
N VAL B 71 11.14 -60.03 -10.84
CA VAL B 71 11.17 -58.86 -9.96
C VAL B 71 10.70 -57.63 -10.73
N LEU B 72 9.74 -56.90 -10.16
CA LEU B 72 9.25 -55.67 -10.75
C LEU B 72 9.70 -54.47 -9.92
N PRO B 73 9.98 -53.33 -10.56
CA PRO B 73 10.33 -52.13 -9.81
C PRO B 73 9.19 -51.65 -8.92
N PHE B 74 9.54 -50.97 -7.83
CA PHE B 74 8.58 -50.47 -6.86
C PHE B 74 8.21 -49.01 -7.09
N ASN B 75 9.10 -48.23 -7.72
CA ASN B 75 8.96 -46.78 -7.90
C ASN B 75 8.57 -46.15 -6.56
N ASP B 76 7.51 -45.34 -6.49
CA ASP B 76 7.14 -44.61 -5.30
C ASP B 76 6.00 -45.26 -4.53
N GLY B 77 5.63 -46.49 -4.86
CA GLY B 77 4.50 -47.15 -4.24
C GLY B 77 3.82 -48.06 -5.24
N VAL B 78 3.15 -49.09 -4.72
CA VAL B 78 2.55 -50.13 -5.56
C VAL B 78 1.12 -50.38 -5.12
N TYR B 79 0.24 -50.54 -6.11
CA TYR B 79 -1.14 -50.95 -5.91
C TYR B 79 -1.23 -52.43 -6.28
N PHE B 80 -1.85 -53.22 -5.44
CA PHE B 80 -1.89 -54.67 -5.61
C PHE B 80 -3.34 -55.13 -5.47
N ALA B 81 -3.74 -56.09 -6.30
CA ALA B 81 -5.10 -56.58 -6.21
C ALA B 81 -5.14 -58.07 -6.53
N SER B 82 -6.08 -58.78 -5.91
CA SER B 82 -6.20 -60.21 -6.13
C SER B 82 -7.65 -60.63 -6.03
N THR B 83 -7.95 -61.78 -6.62
CA THR B 83 -9.30 -62.34 -6.61
C THR B 83 -9.18 -63.85 -6.31
N GLU B 84 -9.39 -64.20 -5.04
CA GLU B 84 -9.12 -65.56 -4.56
C GLU B 84 -10.02 -65.86 -3.39
N LYS B 85 -10.63 -67.05 -3.39
CA LYS B 85 -11.15 -67.65 -2.17
C LYS B 85 -10.15 -68.57 -1.49
N SER B 86 -9.15 -69.05 -2.23
CA SER B 86 -8.26 -70.10 -1.76
C SER B 86 -6.92 -69.57 -1.27
N ASN B 87 -6.74 -68.25 -1.23
CA ASN B 87 -5.61 -67.57 -0.58
C ASN B 87 -4.26 -68.15 -1.00
N ILE B 88 -4.06 -68.24 -2.33
CA ILE B 88 -2.83 -68.81 -2.85
C ILE B 88 -1.63 -67.91 -2.54
N ILE B 89 -1.82 -66.59 -2.55
CA ILE B 89 -0.73 -65.67 -2.28
C ILE B 89 -0.37 -65.75 -0.80
N ARG B 90 0.92 -65.97 -0.52
CA ARG B 90 1.35 -66.25 0.84
C ARG B 90 2.32 -65.21 1.41
N GLY B 91 2.58 -64.12 0.71
CA GLY B 91 3.41 -63.08 1.32
C GLY B 91 3.89 -62.05 0.32
N TRP B 92 4.65 -61.10 0.88
CA TRP B 92 5.26 -60.03 0.11
C TRP B 92 6.66 -59.78 0.65
N ILE B 93 7.57 -59.41 -0.25
CA ILE B 93 8.95 -59.08 0.09
C ILE B 93 9.28 -57.73 -0.55
N PHE B 94 9.86 -56.84 0.24
CA PHE B 94 10.27 -55.53 -0.26
C PHE B 94 11.73 -55.30 0.08
N GLY B 95 12.46 -54.65 -0.83
CA GLY B 95 13.85 -54.36 -0.53
C GLY B 95 14.51 -53.58 -1.65
N THR B 96 15.84 -53.56 -1.60
CA THR B 96 16.67 -52.84 -2.56
C THR B 96 17.47 -53.76 -3.46
N THR B 97 18.25 -54.69 -2.88
CA THR B 97 19.08 -55.61 -3.64
C THR B 97 18.82 -57.06 -3.33
N LEU B 98 18.31 -57.40 -2.15
CA LEU B 98 18.02 -58.77 -1.75
C LEU B 98 19.24 -59.67 -1.91
N ASP B 99 20.40 -59.17 -1.46
CA ASP B 99 21.67 -59.87 -1.60
C ASP B 99 22.41 -59.88 -0.28
N SER B 100 21.67 -59.89 0.84
CA SER B 100 22.23 -59.84 2.19
C SER B 100 22.99 -58.54 2.44
N LYS B 101 22.97 -57.64 1.46
CA LYS B 101 23.60 -56.33 1.61
C LYS B 101 22.69 -55.30 2.26
N THR B 102 21.37 -55.50 2.22
CA THR B 102 20.42 -54.54 2.78
C THR B 102 19.32 -55.29 3.52
N GLN B 103 18.56 -54.53 4.31
CA GLN B 103 17.40 -55.07 5.01
C GLN B 103 16.27 -55.33 4.03
N SER B 104 15.41 -56.29 4.39
CA SER B 104 14.29 -56.66 3.53
C SER B 104 13.03 -56.82 4.38
N LEU B 105 11.95 -56.18 3.92
CA LEU B 105 10.63 -56.33 4.52
C LEU B 105 10.03 -57.67 4.12
N LEU B 106 9.51 -58.40 5.11
CA LEU B 106 8.80 -59.65 4.91
C LEU B 106 7.44 -59.57 5.57
N ILE B 107 6.38 -59.74 4.78
CA ILE B 107 5.02 -59.84 5.31
C ILE B 107 4.47 -61.20 4.90
N VAL B 108 4.10 -62.02 5.88
CA VAL B 108 3.60 -63.37 5.61
C VAL B 108 2.36 -63.61 6.45
N ASN B 109 1.36 -64.27 5.86
CA ASN B 109 0.14 -64.64 6.57
C ASN B 109 0.18 -66.14 6.82
N ASN B 110 0.54 -66.52 8.04
CA ASN B 110 0.63 -67.94 8.40
C ASN B 110 -0.52 -68.27 9.31
N ALA B 111 -1.28 -69.32 8.96
CA ALA B 111 -2.52 -69.66 9.65
C ALA B 111 -3.42 -68.44 9.80
N THR B 112 -3.70 -68.04 11.04
CA THR B 112 -4.55 -66.90 11.35
C THR B 112 -3.73 -65.71 11.83
N ASN B 113 -2.41 -65.78 11.72
CA ASN B 113 -1.49 -64.80 12.29
C ASN B 113 -0.67 -64.16 11.17
N VAL B 114 -0.85 -62.85 10.97
CA VAL B 114 0.02 -62.11 10.07
C VAL B 114 1.31 -61.76 10.81
N VAL B 115 2.44 -62.01 10.17
CA VAL B 115 3.76 -61.76 10.74
C VAL B 115 4.51 -60.81 9.83
N ILE B 116 5.12 -59.78 10.41
CA ILE B 116 5.93 -58.82 9.67
C ILE B 116 7.31 -58.78 10.30
N LYS B 117 8.34 -58.88 9.47
CA LYS B 117 9.72 -58.83 9.95
C LYS B 117 10.56 -57.98 9.00
N VAL B 118 11.67 -57.49 9.52
CA VAL B 118 12.67 -56.79 8.71
C VAL B 118 13.98 -57.53 8.89
N CYS B 119 14.42 -58.26 7.86
CA CYS B 119 15.65 -59.03 7.95
C CYS B 119 16.28 -59.12 6.57
N GLU B 120 17.58 -59.44 6.55
CA GLU B 120 18.36 -59.54 5.32
C GLU B 120 18.30 -60.96 4.74
N PHE B 121 17.13 -61.30 4.23
CA PHE B 121 16.94 -62.61 3.61
C PHE B 121 17.75 -62.70 2.32
N GLN B 122 18.24 -63.92 2.04
CA GLN B 122 18.93 -64.20 0.80
C GLN B 122 17.96 -64.77 -0.24
N PHE B 123 17.82 -64.07 -1.35
CA PHE B 123 16.83 -64.42 -2.35
C PHE B 123 17.28 -65.65 -3.13
N CYS B 124 16.36 -66.57 -3.39
CA CYS B 124 16.70 -67.79 -4.08
C CYS B 124 16.87 -67.54 -5.58
N ASN B 125 17.50 -68.52 -6.25
CA ASN B 125 17.66 -68.42 -7.69
C ASN B 125 16.34 -68.60 -8.42
N ASP B 126 15.50 -69.51 -7.95
CA ASP B 126 14.16 -69.72 -8.50
C ASP B 126 13.17 -69.90 -7.34
N PRO B 127 12.74 -68.80 -6.72
CA PRO B 127 11.90 -68.91 -5.53
C PRO B 127 10.59 -69.62 -5.83
N PHE B 128 10.16 -70.47 -4.89
CA PHE B 128 8.88 -71.14 -5.01
C PHE B 128 8.28 -71.29 -3.62
N LEU B 129 7.05 -71.80 -3.59
CA LEU B 129 6.33 -72.10 -2.35
C LEU B 129 5.18 -73.08 -2.65
N SER B 143 3.42 -76.07 2.33
CA SER B 143 3.30 -76.57 3.69
C SER B 143 4.52 -76.21 4.53
N GLU B 144 5.56 -75.73 3.85
CA GLU B 144 6.84 -75.41 4.47
C GLU B 144 7.51 -74.31 3.65
N PHE B 145 8.68 -73.89 4.09
CA PHE B 145 9.36 -72.78 3.44
C PHE B 145 10.83 -73.08 3.19
N ARG B 146 11.38 -72.39 2.19
CA ARG B 146 12.79 -72.48 1.85
C ARG B 146 13.36 -71.11 1.52
N VAL B 147 12.54 -70.29 0.85
CA VAL B 147 12.90 -68.93 0.47
C VAL B 147 13.23 -68.03 1.67
N TYR B 148 12.91 -68.46 2.88
CA TYR B 148 13.06 -67.61 4.06
C TYR B 148 14.27 -68.01 4.90
N SER B 149 15.36 -68.43 4.26
CA SER B 149 16.56 -68.83 4.98
C SER B 149 17.47 -67.63 5.22
N SER B 150 18.48 -67.85 6.06
CA SER B 150 19.45 -66.83 6.46
C SER B 150 18.77 -65.61 7.08
N ALA B 151 17.93 -65.87 8.08
CA ALA B 151 17.20 -64.80 8.77
C ALA B 151 18.12 -64.21 9.84
N ASN B 152 18.81 -63.14 9.48
CA ASN B 152 19.74 -62.48 10.40
C ASN B 152 19.51 -60.97 10.36
N ASN B 153 20.08 -60.30 11.37
CA ASN B 153 19.99 -58.84 11.52
C ASN B 153 18.54 -58.36 11.48
N CYS B 154 17.67 -59.07 12.18
CA CYS B 154 16.25 -58.70 12.25
C CYS B 154 16.09 -57.53 13.21
N THR B 155 15.67 -56.38 12.68
CA THR B 155 15.56 -55.14 13.44
C THR B 155 14.13 -54.78 13.82
N PHE B 156 13.14 -55.50 13.32
CA PHE B 156 11.75 -55.16 13.63
C PHE B 156 10.89 -56.39 13.37
N GLU B 157 9.96 -56.64 14.29
CA GLU B 157 9.05 -57.78 14.24
C GLU B 157 7.70 -57.34 14.80
N TYR B 158 6.63 -57.73 14.11
CA TYR B 158 5.28 -57.36 14.52
C TYR B 158 4.32 -58.49 14.18
N VAL B 159 3.26 -58.59 14.98
CA VAL B 159 2.23 -59.62 14.84
C VAL B 159 0.87 -58.95 14.72
N SER B 160 0.08 -59.37 13.72
CA SER B 160 -1.21 -58.74 13.44
C SER B 160 -2.25 -59.82 13.14
N GLN B 161 -3.49 -59.36 12.96
CA GLN B 161 -4.63 -60.22 12.69
C GLN B 161 -4.71 -60.54 11.20
N PRO B 162 -5.43 -61.60 10.83
CA PRO B 162 -5.35 -62.10 9.46
C PRO B 162 -6.11 -61.25 8.45
N PHE B 163 -5.69 -61.37 7.20
CA PHE B 163 -6.30 -60.71 6.06
C PHE B 163 -6.77 -61.76 5.07
N LEU B 164 -7.78 -61.41 4.29
CA LEU B 164 -8.40 -62.31 3.32
C LEU B 164 -9.01 -63.52 4.02
N LYS B 175 -13.68 -65.06 -6.47
CA LYS B 175 -14.90 -64.32 -6.78
C LYS B 175 -15.03 -63.08 -5.90
N ASN B 176 -13.98 -62.81 -5.13
CA ASN B 176 -13.95 -61.68 -4.22
C ASN B 176 -12.63 -60.94 -4.41
N LEU B 177 -12.69 -59.61 -4.45
CA LEU B 177 -11.53 -58.79 -4.73
C LEU B 177 -10.94 -58.24 -3.44
N ARG B 178 -9.63 -58.40 -3.28
CA ARG B 178 -8.87 -57.90 -2.14
C ARG B 178 -7.80 -56.96 -2.70
N GLU B 179 -7.92 -55.68 -2.36
CA GLU B 179 -6.99 -54.65 -2.80
C GLU B 179 -6.07 -54.23 -1.67
N PHE B 180 -4.83 -53.89 -2.04
CA PHE B 180 -3.79 -53.44 -1.13
C PHE B 180 -3.06 -52.27 -1.77
N VAL B 181 -2.54 -51.38 -0.93
CA VAL B 181 -1.70 -50.27 -1.35
C VAL B 181 -0.51 -50.22 -0.42
N PHE B 182 0.70 -50.22 -0.99
CA PHE B 182 1.94 -50.19 -0.21
C PHE B 182 2.73 -48.96 -0.63
N LYS B 183 3.07 -48.11 0.33
CA LYS B 183 3.74 -46.86 -0.02
C LYS B 183 4.87 -46.56 0.94
N ASN B 184 5.99 -46.09 0.40
CA ASN B 184 7.17 -45.72 1.18
C ASN B 184 7.45 -44.23 0.99
N ILE B 185 7.15 -43.44 2.02
CA ILE B 185 7.35 -41.99 1.99
C ILE B 185 8.26 -41.60 3.14
N ASP B 186 9.44 -41.07 2.82
CA ASP B 186 10.42 -40.61 3.80
C ASP B 186 10.74 -41.71 4.82
N GLY B 187 10.78 -42.95 4.33
CA GLY B 187 11.08 -44.08 5.19
C GLY B 187 9.90 -44.71 5.86
N TYR B 188 8.70 -44.18 5.68
CA TYR B 188 7.49 -44.68 6.32
C TYR B 188 6.79 -45.62 5.34
N PHE B 189 6.62 -46.88 5.75
CA PHE B 189 5.95 -47.90 4.94
C PHE B 189 4.51 -48.03 5.42
N LYS B 190 3.57 -47.49 4.65
CA LYS B 190 2.15 -47.51 4.99
C LYS B 190 1.44 -48.56 4.16
N ILE B 191 0.59 -49.35 4.82
CA ILE B 191 -0.20 -50.39 4.16
C ILE B 191 -1.68 -50.06 4.29
N TYR B 192 -2.39 -50.09 3.16
CA TYR B 192 -3.83 -49.91 3.07
C TYR B 192 -4.43 -51.15 2.43
N SER B 193 -5.67 -51.48 2.78
CA SER B 193 -6.27 -52.68 2.22
C SER B 193 -7.79 -52.64 2.38
N LYS B 194 -8.46 -53.40 1.52
CA LYS B 194 -9.89 -53.63 1.64
C LYS B 194 -10.29 -54.88 0.88
N HIS B 195 -11.19 -55.66 1.49
CA HIS B 195 -11.80 -56.83 0.87
C HIS B 195 -13.25 -56.52 0.54
N THR B 196 -13.66 -56.83 -0.69
CA THR B 196 -15.04 -56.58 -1.10
C THR B 196 -15.43 -57.59 -2.18
N PRO B 197 -16.69 -58.05 -2.18
CA PRO B 197 -17.16 -59.01 -3.20
C PRO B 197 -17.23 -58.39 -4.60
N PRO B 205 -13.48 -56.04 -11.77
CA PRO B 205 -13.05 -55.02 -10.81
C PRO B 205 -14.02 -53.87 -10.70
N GLN B 206 -15.30 -54.13 -11.00
CA GLN B 206 -16.29 -53.07 -11.08
C GLN B 206 -16.74 -52.67 -9.69
N GLY B 207 -16.79 -51.36 -9.45
CA GLY B 207 -17.28 -50.83 -8.18
C GLY B 207 -16.53 -49.58 -7.76
N PHE B 208 -16.85 -49.06 -6.58
CA PHE B 208 -16.04 -48.02 -5.95
C PHE B 208 -15.90 -48.34 -4.47
N SER B 209 -14.66 -48.23 -3.97
CA SER B 209 -14.38 -48.58 -2.58
C SER B 209 -13.05 -47.97 -2.19
N ALA B 210 -13.02 -47.26 -1.07
CA ALA B 210 -11.80 -46.68 -0.54
C ALA B 210 -11.08 -47.67 0.36
N LEU B 211 -9.74 -47.61 0.34
CA LEU B 211 -8.91 -48.50 1.11
C LEU B 211 -8.48 -47.81 2.40
N GLU B 212 -8.77 -48.46 3.54
CA GLU B 212 -8.46 -47.90 4.85
C GLU B 212 -7.01 -48.18 5.22
N PRO B 213 -6.42 -47.34 6.06
CA PRO B 213 -5.09 -47.63 6.60
C PRO B 213 -5.16 -48.68 7.70
N LEU B 214 -4.07 -49.42 7.86
CA LEU B 214 -3.98 -50.36 8.97
C LEU B 214 -2.67 -50.25 9.75
N VAL B 215 -1.51 -50.23 9.10
CA VAL B 215 -0.24 -50.11 9.81
C VAL B 215 0.73 -49.24 9.03
N ASP B 216 1.65 -48.61 9.78
CA ASP B 216 2.68 -47.73 9.27
C ASP B 216 3.98 -48.05 10.00
N LEU B 217 4.97 -48.56 9.27
CA LEU B 217 6.24 -48.96 9.87
C LEU B 217 7.31 -47.92 9.61
N PRO B 218 7.95 -47.38 10.66
CA PRO B 218 9.01 -46.37 10.49
C PRO B 218 10.39 -47.00 10.22
N ILE B 219 10.50 -47.69 9.08
CA ILE B 219 11.70 -48.47 8.81
C ILE B 219 12.83 -47.59 8.29
N GLY B 220 12.52 -46.62 7.44
CA GLY B 220 13.57 -45.78 6.89
C GLY B 220 14.44 -46.47 5.87
N ILE B 221 13.88 -47.41 5.12
CA ILE B 221 14.61 -48.23 4.16
C ILE B 221 14.41 -47.70 2.75
N ASN B 222 15.50 -47.61 1.99
CA ASN B 222 15.42 -47.32 0.56
C ASN B 222 14.88 -48.53 -0.19
N ILE B 223 13.63 -48.44 -0.63
CA ILE B 223 12.96 -49.54 -1.32
C ILE B 223 13.00 -49.30 -2.82
N THR B 224 13.50 -50.28 -3.57
CA THR B 224 13.59 -50.18 -5.01
C THR B 224 12.92 -51.34 -5.75
N ARG B 225 12.77 -52.50 -5.12
CA ARG B 225 12.16 -53.65 -5.78
C ARG B 225 11.29 -54.40 -4.77
N PHE B 226 10.36 -55.20 -5.31
CA PHE B 226 9.41 -55.95 -4.52
C PHE B 226 9.06 -57.24 -5.25
N GLN B 227 8.55 -58.21 -4.49
CA GLN B 227 8.18 -59.50 -5.05
C GLN B 227 7.01 -60.07 -4.27
N THR B 228 6.20 -60.87 -4.97
CA THR B 228 5.05 -61.55 -4.39
C THR B 228 5.43 -62.98 -4.04
N LEU B 229 4.73 -63.56 -3.06
CA LEU B 229 4.95 -64.94 -2.65
C LEU B 229 3.62 -65.68 -2.65
N LEU B 230 3.57 -66.78 -3.40
CA LEU B 230 2.35 -67.56 -3.51
C LEU B 230 2.47 -68.87 -2.73
N ALA B 251 -5.64 -67.07 -8.36
CA ALA B 251 -4.61 -67.57 -9.27
C ALA B 251 -4.12 -66.48 -10.20
N ALA B 252 -4.58 -65.25 -9.96
CA ALA B 252 -4.20 -64.11 -10.78
C ALA B 252 -4.23 -62.85 -9.93
N TYR B 253 -3.38 -61.90 -10.30
CA TYR B 253 -3.29 -60.66 -9.54
C TYR B 253 -2.98 -59.50 -10.48
N TYR B 254 -3.15 -58.29 -9.95
CA TYR B 254 -2.92 -57.06 -10.70
C TYR B 254 -1.96 -56.17 -9.93
N VAL B 255 -1.05 -55.53 -10.65
CA VAL B 255 -0.04 -54.64 -10.06
C VAL B 255 -0.03 -53.33 -10.82
N GLY B 256 -0.22 -52.22 -10.09
CA GLY B 256 -0.21 -50.90 -10.66
C GLY B 256 0.73 -49.99 -9.89
N TYR B 257 0.90 -48.78 -10.41
CA TYR B 257 1.80 -47.81 -9.81
C TYR B 257 1.05 -46.54 -9.45
N LEU B 258 1.47 -45.92 -8.34
CA LEU B 258 0.92 -44.65 -7.90
C LEU B 258 1.75 -43.49 -8.45
N GLN B 259 1.10 -42.34 -8.57
CA GLN B 259 1.73 -41.15 -9.12
C GLN B 259 1.29 -39.94 -8.31
N PRO B 260 2.08 -38.85 -8.31
CA PRO B 260 1.79 -37.66 -7.48
C PRO B 260 0.67 -36.79 -8.04
N ARG B 261 -0.53 -37.35 -8.07
CA ARG B 261 -1.69 -36.69 -8.65
C ARG B 261 -2.53 -36.00 -7.58
N THR B 262 -3.33 -35.03 -8.03
CA THR B 262 -4.27 -34.30 -7.19
C THR B 262 -5.69 -34.81 -7.43
N PHE B 263 -6.40 -35.11 -6.34
CA PHE B 263 -7.75 -35.64 -6.39
C PHE B 263 -8.71 -34.76 -5.60
N LEU B 264 -9.96 -34.79 -6.02
CA LEU B 264 -11.09 -34.29 -5.23
C LEU B 264 -11.82 -35.50 -4.64
N LEU B 265 -11.82 -35.60 -3.31
CA LEU B 265 -12.41 -36.73 -2.61
C LEU B 265 -13.71 -36.28 -1.93
N LYS B 266 -14.77 -37.06 -2.10
CA LYS B 266 -16.08 -36.73 -1.57
C LYS B 266 -16.30 -37.48 -0.25
N TYR B 267 -16.38 -36.73 0.85
CA TYR B 267 -16.67 -37.31 2.16
C TYR B 267 -18.16 -37.17 2.44
N ASN B 268 -18.81 -38.29 2.72
CA ASN B 268 -20.24 -38.35 2.98
C ASN B 268 -20.50 -37.98 4.44
N GLU B 269 -21.77 -37.89 4.82
CA GLU B 269 -22.15 -37.54 6.19
C GLU B 269 -21.48 -38.47 7.20
N ASN B 270 -21.38 -39.75 6.89
CA ASN B 270 -20.76 -40.69 7.82
C ASN B 270 -19.25 -40.47 7.90
N GLY B 271 -18.62 -40.08 6.79
CA GLY B 271 -17.18 -39.90 6.76
C GLY B 271 -16.49 -40.85 5.79
N THR B 272 -17.24 -41.40 4.85
CA THR B 272 -16.73 -42.38 3.90
C THR B 272 -16.52 -41.74 2.52
N ILE B 273 -15.44 -42.15 1.86
CA ILE B 273 -15.17 -41.69 0.50
C ILE B 273 -16.21 -42.29 -0.44
N THR B 274 -17.01 -41.44 -1.07
CA THR B 274 -18.08 -41.89 -1.96
C THR B 274 -17.77 -41.66 -3.44
N ASP B 275 -16.93 -40.69 -3.77
CA ASP B 275 -16.56 -40.40 -5.14
C ASP B 275 -15.22 -39.69 -5.17
N ALA B 276 -14.63 -39.62 -6.35
CA ALA B 276 -13.32 -39.01 -6.51
C ALA B 276 -13.14 -38.53 -7.94
N VAL B 277 -12.40 -37.43 -8.08
CA VAL B 277 -12.16 -36.80 -9.38
C VAL B 277 -10.67 -36.59 -9.54
N ASP B 278 -10.11 -37.09 -10.64
CA ASP B 278 -8.71 -36.91 -10.99
C ASP B 278 -8.58 -35.61 -11.77
N CYS B 279 -8.02 -34.58 -11.15
CA CYS B 279 -7.97 -33.25 -11.75
C CYS B 279 -7.14 -33.21 -13.03
N ALA B 280 -6.41 -34.27 -13.37
CA ALA B 280 -5.63 -34.30 -14.60
C ALA B 280 -6.10 -35.37 -15.58
N LEU B 281 -7.29 -35.96 -15.34
CA LEU B 281 -7.75 -37.05 -16.19
C LEU B 281 -8.20 -36.53 -17.55
N ASP B 282 -9.05 -35.51 -17.56
CA ASP B 282 -9.63 -34.97 -18.79
C ASP B 282 -10.25 -33.61 -18.46
N PRO B 283 -10.53 -32.79 -19.49
CA PRO B 283 -11.04 -31.43 -19.22
C PRO B 283 -12.25 -31.36 -18.31
N LEU B 284 -13.17 -32.33 -18.40
CA LEU B 284 -14.32 -32.30 -17.52
C LEU B 284 -13.92 -32.44 -16.05
N SER B 285 -12.99 -33.34 -15.76
CA SER B 285 -12.54 -33.53 -14.38
C SER B 285 -11.72 -32.32 -13.91
N GLU B 286 -10.92 -31.74 -14.79
CA GLU B 286 -10.22 -30.51 -14.45
C GLU B 286 -11.20 -29.41 -14.09
N THR B 287 -12.30 -29.31 -14.84
CA THR B 287 -13.33 -28.33 -14.53
C THR B 287 -13.98 -28.63 -13.18
N LYS B 288 -14.33 -29.90 -12.93
CA LYS B 288 -14.94 -30.27 -11.66
C LYS B 288 -14.04 -29.91 -10.50
N CYS B 289 -12.73 -30.11 -10.65
CA CYS B 289 -11.79 -29.69 -9.61
C CYS B 289 -11.77 -28.18 -9.46
N THR B 290 -11.76 -27.45 -10.58
CA THR B 290 -11.65 -25.99 -10.52
C THR B 290 -12.79 -25.37 -9.72
N LEU B 291 -14.03 -25.86 -9.90
CA LEU B 291 -15.12 -25.40 -9.06
C LEU B 291 -15.21 -26.15 -7.74
N LYS B 292 -14.38 -27.17 -7.53
CA LYS B 292 -14.40 -27.96 -6.30
C LYS B 292 -15.82 -28.48 -6.02
N SER B 293 -16.44 -29.03 -7.07
CA SER B 293 -17.78 -29.58 -6.96
C SER B 293 -17.99 -30.62 -8.04
N PHE B 294 -18.93 -31.54 -7.78
CA PHE B 294 -19.27 -32.61 -8.70
C PHE B 294 -20.37 -32.26 -9.69
N THR B 295 -20.90 -31.05 -9.64
CA THR B 295 -21.89 -30.59 -10.61
C THR B 295 -21.39 -29.27 -11.19
N VAL B 296 -21.36 -29.19 -12.52
CA VAL B 296 -20.93 -28.00 -13.23
C VAL B 296 -22.11 -27.49 -14.05
N GLU B 297 -22.52 -26.25 -13.77
CA GLU B 297 -23.63 -25.66 -14.50
C GLU B 297 -23.17 -25.24 -15.89
N LYS B 298 -24.14 -25.03 -16.78
CA LYS B 298 -23.82 -24.62 -18.15
C LYS B 298 -23.06 -23.30 -18.14
N GLY B 299 -22.02 -23.24 -18.95
CA GLY B 299 -21.25 -22.01 -19.07
C GLY B 299 -19.85 -22.31 -19.56
N ILE B 300 -19.02 -21.27 -19.52
CA ILE B 300 -17.62 -21.35 -19.88
C ILE B 300 -16.80 -21.15 -18.62
N TYR B 301 -15.87 -22.07 -18.35
CA TYR B 301 -15.05 -22.03 -17.16
C TYR B 301 -13.58 -22.05 -17.55
N GLN B 302 -12.78 -21.27 -16.83
CA GLN B 302 -11.34 -21.22 -17.05
C GLN B 302 -10.66 -22.08 -15.99
N THR B 303 -9.95 -23.11 -16.43
CA THR B 303 -9.45 -24.12 -15.52
C THR B 303 -7.94 -24.18 -15.39
N SER B 304 -7.20 -23.84 -16.44
CA SER B 304 -5.75 -23.98 -16.41
C SER B 304 -5.14 -23.12 -17.51
N ASN B 305 -3.86 -23.35 -17.79
CA ASN B 305 -3.14 -22.57 -18.78
C ASN B 305 -2.27 -23.50 -19.61
N PHE B 306 -2.43 -23.42 -20.93
CA PHE B 306 -1.60 -24.17 -21.86
C PHE B 306 -0.29 -23.43 -22.07
N ARG B 307 0.82 -24.15 -21.91
CA ARG B 307 2.15 -23.59 -22.10
C ARG B 307 2.99 -24.64 -22.83
N VAL B 308 3.53 -24.27 -23.98
CA VAL B 308 4.33 -25.22 -24.74
C VAL B 308 5.63 -25.46 -24.01
N GLN B 309 5.98 -26.70 -23.81
CA GLN B 309 7.20 -26.95 -23.08
C GLN B 309 8.38 -27.07 -24.05
N PRO B 310 9.59 -26.71 -23.60
CA PRO B 310 10.74 -26.75 -24.50
C PRO B 310 11.08 -28.17 -24.91
N THR B 311 11.67 -28.28 -26.10
CA THR B 311 12.03 -29.57 -26.67
C THR B 311 13.47 -29.97 -26.38
N GLU B 312 14.39 -29.02 -26.40
CA GLU B 312 15.80 -29.34 -26.19
C GLU B 312 16.54 -28.11 -25.67
N SER B 313 17.65 -28.37 -24.99
CA SER B 313 18.52 -27.34 -24.44
C SER B 313 19.70 -27.11 -25.36
N ILE B 314 20.06 -25.85 -25.55
CA ILE B 314 21.19 -25.46 -26.40
C ILE B 314 22.08 -24.49 -25.63
N VAL B 315 23.38 -24.75 -25.64
CA VAL B 315 24.36 -23.89 -24.99
C VAL B 315 25.34 -23.39 -26.05
N ARG B 316 25.56 -22.07 -26.08
CA ARG B 316 26.43 -21.43 -27.06
C ARG B 316 27.54 -20.67 -26.33
N PHE B 317 28.79 -21.06 -26.57
CA PHE B 317 29.97 -20.47 -25.96
C PHE B 317 31.02 -20.25 -27.05
N PRO B 318 31.93 -19.28 -26.84
CA PRO B 318 32.93 -18.99 -27.87
C PRO B 318 33.88 -20.13 -28.14
N ASN B 319 34.76 -19.97 -29.13
CA ASN B 319 35.71 -21.00 -29.52
C ASN B 319 37.03 -20.94 -28.76
N ILE B 320 37.07 -20.21 -27.65
CA ILE B 320 38.26 -20.12 -26.80
C ILE B 320 38.65 -21.50 -26.30
N THR B 321 39.76 -22.04 -26.80
CA THR B 321 40.29 -23.32 -26.33
C THR B 321 41.53 -23.18 -25.46
N ASN B 322 41.98 -21.96 -25.18
CA ASN B 322 43.12 -21.74 -24.30
C ASN B 322 42.64 -21.68 -22.85
N LEU B 323 43.23 -22.51 -22.00
CA LEU B 323 42.94 -22.44 -20.57
C LEU B 323 43.82 -21.37 -19.92
N CYS B 324 43.34 -20.84 -18.80
CA CYS B 324 44.13 -19.85 -18.10
C CYS B 324 45.00 -20.48 -17.03
N PRO B 325 46.06 -19.79 -16.60
CA PRO B 325 47.01 -20.36 -15.63
C PRO B 325 46.66 -20.06 -14.17
N PHE B 326 45.44 -20.41 -13.76
CA PHE B 326 45.13 -20.38 -12.33
C PHE B 326 46.06 -21.29 -11.54
N GLY B 327 46.65 -22.29 -12.19
CA GLY B 327 47.67 -23.12 -11.57
C GLY B 327 48.86 -22.30 -11.12
N GLU B 328 49.62 -21.78 -12.09
CA GLU B 328 50.78 -20.94 -11.78
C GLU B 328 50.45 -19.85 -10.76
N VAL B 329 49.22 -19.33 -10.76
CA VAL B 329 48.86 -18.31 -9.79
C VAL B 329 48.75 -18.92 -8.40
N PHE B 330 48.00 -20.02 -8.28
CA PHE B 330 47.80 -20.66 -6.98
C PHE B 330 49.09 -21.30 -6.48
N ASN B 331 49.93 -21.80 -7.38
CA ASN B 331 51.14 -22.53 -7.03
C ASN B 331 52.35 -21.61 -6.87
N ALA B 332 52.16 -20.30 -6.87
CA ALA B 332 53.28 -19.38 -6.77
C ALA B 332 53.99 -19.54 -5.42
N THR B 333 55.32 -19.57 -5.46
CA THR B 333 56.10 -19.74 -4.24
C THR B 333 55.95 -18.56 -3.28
N ARG B 334 56.19 -17.34 -3.77
CA ARG B 334 56.16 -16.15 -2.94
C ARG B 334 54.90 -15.35 -3.23
N PHE B 335 54.08 -15.15 -2.20
CA PHE B 335 52.89 -14.33 -2.28
C PHE B 335 53.16 -12.95 -1.72
N ALA B 336 52.45 -11.96 -2.24
CA ALA B 336 52.68 -10.59 -1.81
C ALA B 336 52.04 -10.34 -0.45
N SER B 337 52.51 -9.28 0.21
CA SER B 337 51.97 -8.91 1.51
C SER B 337 50.58 -8.29 1.37
N VAL B 338 49.79 -8.40 2.44
CA VAL B 338 48.42 -7.89 2.42
C VAL B 338 48.37 -6.40 2.13
N TYR B 339 49.35 -5.64 2.61
CA TYR B 339 49.33 -4.19 2.34
C TYR B 339 49.53 -3.91 0.86
N ALA B 340 50.25 -4.77 0.15
CA ALA B 340 50.48 -4.60 -1.27
C ALA B 340 50.01 -5.85 -2.02
N TRP B 341 48.73 -6.19 -1.85
CA TRP B 341 48.18 -7.41 -2.42
C TRP B 341 48.34 -7.44 -3.93
N ASN B 342 48.70 -8.60 -4.46
CA ASN B 342 49.00 -8.74 -5.87
C ASN B 342 47.72 -8.98 -6.66
N ARG B 343 47.55 -8.25 -7.76
CA ARG B 343 46.39 -8.38 -8.62
C ARG B 343 46.81 -8.86 -10.01
N LYS B 344 46.13 -9.88 -10.52
CA LYS B 344 46.36 -10.38 -11.86
C LYS B 344 45.02 -10.48 -12.58
N ARG B 345 44.94 -9.84 -13.74
CA ARG B 345 43.71 -9.83 -14.53
C ARG B 345 43.72 -11.05 -15.44
N ILE B 346 42.69 -11.89 -15.31
CA ILE B 346 42.55 -13.10 -16.11
C ILE B 346 41.32 -12.94 -17.00
N SER B 347 41.47 -13.28 -18.27
CA SER B 347 40.41 -13.17 -19.24
C SER B 347 40.73 -14.07 -20.43
N ASN B 348 39.68 -14.38 -21.21
CA ASN B 348 39.81 -15.19 -22.43
C ASN B 348 40.28 -16.61 -22.11
N CYS B 349 39.78 -17.18 -21.02
CA CYS B 349 40.08 -18.56 -20.67
C CYS B 349 38.80 -19.31 -20.32
N VAL B 350 38.88 -20.63 -20.41
CA VAL B 350 37.77 -21.51 -20.03
C VAL B 350 37.97 -21.88 -18.57
N ALA B 351 37.45 -21.05 -17.68
CA ALA B 351 37.75 -21.15 -16.25
C ALA B 351 37.06 -22.38 -15.67
N ASP B 352 37.84 -23.43 -15.40
CA ASP B 352 37.31 -24.70 -14.93
C ASP B 352 37.31 -24.73 -13.39
N TYR B 353 36.35 -24.01 -12.82
CA TYR B 353 36.24 -23.93 -11.36
C TYR B 353 35.84 -25.25 -10.73
N SER B 354 35.29 -26.19 -11.50
CA SER B 354 34.85 -27.45 -10.91
C SER B 354 36.05 -28.29 -10.48
N VAL B 355 37.10 -28.30 -11.28
CA VAL B 355 38.34 -28.98 -10.89
C VAL B 355 38.95 -28.30 -9.67
N LEU B 356 38.97 -26.97 -9.67
CA LEU B 356 39.59 -26.22 -8.58
C LEU B 356 38.87 -26.45 -7.25
N TYR B 357 37.54 -26.51 -7.28
CA TYR B 357 36.79 -26.59 -6.03
C TYR B 357 36.99 -27.93 -5.35
N ASN B 358 36.79 -29.03 -6.09
CA ASN B 358 36.80 -30.36 -5.47
C ASN B 358 38.16 -30.77 -4.90
N SER B 359 39.17 -29.90 -4.86
CA SER B 359 40.42 -30.23 -4.18
C SER B 359 40.27 -29.96 -2.69
N ALA B 360 40.65 -30.94 -1.87
CA ALA B 360 40.51 -30.82 -0.43
C ALA B 360 41.59 -29.97 0.22
N SER B 361 42.56 -29.48 -0.56
CA SER B 361 43.65 -28.69 0.01
C SER B 361 43.16 -27.35 0.54
N PHE B 362 42.09 -26.81 -0.05
CA PHE B 362 41.63 -25.47 0.29
C PHE B 362 40.83 -25.52 1.59
N SER B 363 41.12 -24.60 2.50
CA SER B 363 40.48 -24.60 3.80
C SER B 363 39.30 -23.65 3.91
N THR B 364 39.20 -22.67 3.02
CA THR B 364 38.06 -21.76 3.01
C THR B 364 37.74 -21.40 1.57
N PHE B 365 36.50 -21.65 1.16
CA PHE B 365 36.04 -21.35 -0.20
C PHE B 365 34.64 -20.76 -0.03
N LYS B 366 34.56 -19.44 0.05
CA LYS B 366 33.30 -18.76 0.34
C LYS B 366 32.95 -17.83 -0.80
N CYS B 367 31.81 -18.06 -1.44
CA CYS B 367 31.39 -17.24 -2.56
C CYS B 367 30.15 -16.46 -2.18
N TYR B 368 30.09 -15.21 -2.63
CA TYR B 368 28.98 -14.31 -2.38
C TYR B 368 28.36 -13.90 -3.71
N GLY B 369 27.03 -13.96 -3.78
CA GLY B 369 26.30 -13.66 -5.00
C GLY B 369 26.46 -14.68 -6.10
N VAL B 370 27.16 -15.77 -5.86
CA VAL B 370 27.33 -16.88 -6.80
C VAL B 370 27.49 -18.15 -5.98
N SER B 371 26.75 -19.20 -6.32
CA SER B 371 26.91 -20.45 -5.61
C SER B 371 28.22 -21.14 -6.04
N PRO B 372 28.99 -21.65 -5.07
CA PRO B 372 30.32 -22.19 -5.38
C PRO B 372 30.37 -23.29 -6.43
N THR B 373 29.28 -23.99 -6.71
CA THR B 373 29.33 -25.14 -7.61
C THR B 373 28.66 -24.90 -8.95
N LYS B 374 27.81 -23.89 -9.06
CA LYS B 374 27.19 -23.56 -10.34
C LYS B 374 28.07 -22.67 -11.21
N LEU B 375 29.21 -22.21 -10.68
CA LEU B 375 30.11 -21.30 -11.40
C LEU B 375 30.50 -21.83 -12.76
N ASN B 376 30.42 -23.13 -12.98
CA ASN B 376 30.89 -23.72 -14.22
C ASN B 376 29.87 -23.58 -15.34
N ASP B 377 28.71 -23.00 -15.06
CA ASP B 377 27.64 -22.83 -16.04
C ASP B 377 27.42 -21.36 -16.39
N LEU B 378 28.38 -20.49 -16.08
CA LEU B 378 28.27 -19.06 -16.31
C LEU B 378 29.51 -18.57 -17.06
N CYS B 379 29.35 -17.44 -17.73
CA CYS B 379 30.44 -16.80 -18.46
C CYS B 379 30.65 -15.40 -17.91
N PHE B 380 31.92 -14.99 -17.83
CA PHE B 380 32.31 -13.76 -17.15
C PHE B 380 33.13 -12.87 -18.07
N THR B 381 32.94 -11.56 -17.92
CA THR B 381 33.60 -10.60 -18.79
C THR B 381 35.10 -10.54 -18.52
N ASN B 382 35.49 -10.55 -17.24
CA ASN B 382 36.87 -10.44 -16.78
C ASN B 382 36.91 -10.85 -15.32
N VAL B 383 37.92 -11.62 -14.94
CA VAL B 383 38.04 -12.08 -13.56
C VAL B 383 39.34 -11.53 -12.96
N TYR B 384 39.21 -10.80 -11.86
CA TYR B 384 40.39 -10.30 -11.15
C TYR B 384 40.80 -11.29 -10.08
N ALA B 385 42.08 -11.64 -10.02
CA ALA B 385 42.61 -12.56 -9.02
C ALA B 385 43.53 -11.78 -8.11
N ASP B 386 43.13 -11.59 -6.86
CA ASP B 386 43.97 -10.96 -5.86
C ASP B 386 44.59 -12.03 -4.98
N SER B 387 45.80 -11.79 -4.53
CA SER B 387 46.50 -12.76 -3.70
C SER B 387 47.32 -12.04 -2.64
N PHE B 388 47.39 -12.67 -1.46
CA PHE B 388 48.13 -12.13 -0.32
C PHE B 388 48.12 -13.18 0.78
N VAL B 389 48.81 -12.89 1.87
CA VAL B 389 48.91 -13.78 3.02
C VAL B 389 48.49 -13.01 4.27
N ILE B 390 47.63 -13.62 5.10
CA ILE B 390 47.22 -13.01 6.35
C ILE B 390 47.20 -14.09 7.43
N ARG B 391 46.85 -13.69 8.65
CA ARG B 391 46.77 -14.63 9.75
C ARG B 391 45.37 -15.25 9.81
N GLY B 392 45.26 -16.35 10.54
CA GLY B 392 44.07 -17.18 10.52
C GLY B 392 42.78 -16.48 10.90
N ASP B 393 42.74 -15.87 12.08
CA ASP B 393 41.53 -15.25 12.59
C ASP B 393 41.21 -13.93 11.89
N GLU B 394 41.91 -13.62 10.80
CA GLU B 394 41.60 -12.46 9.97
C GLU B 394 40.97 -12.81 8.64
N VAL B 395 41.01 -14.08 8.22
CA VAL B 395 40.30 -14.49 7.02
C VAL B 395 38.82 -14.22 7.14
N ARG B 396 38.26 -14.36 8.34
CA ARG B 396 36.87 -14.03 8.59
C ARG B 396 36.53 -12.59 8.21
N GLN B 397 37.53 -11.70 8.21
CA GLN B 397 37.30 -10.30 7.84
C GLN B 397 37.35 -10.05 6.33
N ILE B 398 37.85 -11.00 5.55
CA ILE B 398 37.86 -10.85 4.09
C ILE B 398 36.47 -11.25 3.58
N ALA B 399 35.47 -10.48 3.94
CA ALA B 399 34.09 -10.72 3.55
C ALA B 399 33.38 -9.38 3.45
N PRO B 400 32.31 -9.29 2.67
CA PRO B 400 31.59 -8.02 2.54
C PRO B 400 30.96 -7.59 3.86
N GLY B 401 30.96 -6.27 4.09
CA GLY B 401 30.35 -5.72 5.28
C GLY B 401 31.15 -5.92 6.55
N GLN B 402 32.40 -6.35 6.44
CA GLN B 402 33.21 -6.65 7.61
C GLN B 402 34.04 -5.44 8.03
N THR B 403 34.56 -5.51 9.27
CA THR B 403 35.36 -4.45 9.85
C THR B 403 36.59 -5.08 10.52
N GLY B 404 37.55 -4.23 10.85
CA GLY B 404 38.82 -4.67 11.39
C GLY B 404 40.00 -4.14 10.58
N LYS B 405 41.19 -4.37 11.14
CA LYS B 405 42.39 -3.73 10.61
C LYS B 405 42.60 -4.05 9.13
N ILE B 406 42.50 -5.32 8.75
CA ILE B 406 42.74 -5.68 7.35
C ILE B 406 41.60 -5.21 6.47
N ALA B 407 40.36 -5.39 6.93
CA ALA B 407 39.22 -4.97 6.12
C ALA B 407 39.18 -3.46 5.95
N ASP B 408 39.50 -2.71 7.00
CA ASP B 408 39.43 -1.26 6.92
C ASP B 408 40.64 -0.65 6.20
N TYR B 409 41.84 -1.18 6.42
CA TYR B 409 43.05 -0.51 5.95
C TYR B 409 43.89 -1.31 4.98
N ASN B 410 43.60 -2.59 4.74
CA ASN B 410 44.41 -3.40 3.83
C ASN B 410 43.63 -3.85 2.60
N TYR B 411 42.50 -4.51 2.78
CA TYR B 411 41.74 -5.04 1.65
C TYR B 411 40.26 -4.99 2.02
N LYS B 412 39.50 -4.18 1.29
CA LYS B 412 38.10 -3.92 1.59
C LYS B 412 37.23 -4.48 0.48
N LEU B 413 36.27 -5.34 0.85
CA LEU B 413 35.37 -5.89 -0.15
C LEU B 413 34.07 -5.11 -0.19
N PRO B 414 33.49 -4.92 -1.38
CA PRO B 414 32.29 -4.09 -1.50
C PRO B 414 31.07 -4.78 -0.90
N ASP B 415 30.08 -3.95 -0.56
CA ASP B 415 28.86 -4.45 0.04
C ASP B 415 28.16 -5.48 -0.86
N ASP B 416 28.22 -5.27 -2.17
CA ASP B 416 27.56 -6.13 -3.14
C ASP B 416 28.55 -7.00 -3.93
N PHE B 417 29.55 -7.54 -3.24
CA PHE B 417 30.56 -8.36 -3.89
C PHE B 417 29.92 -9.57 -4.54
N THR B 418 30.37 -9.89 -5.75
CA THR B 418 29.92 -11.07 -6.49
C THR B 418 31.16 -11.84 -6.92
N GLY B 419 31.52 -12.88 -6.17
CA GLY B 419 32.76 -13.58 -6.42
C GLY B 419 33.06 -14.57 -5.32
N CYS B 420 34.34 -14.98 -5.24
CA CYS B 420 34.76 -15.98 -4.28
C CYS B 420 36.03 -15.56 -3.55
N VAL B 421 36.12 -15.95 -2.28
CA VAL B 421 37.31 -15.79 -1.46
C VAL B 421 37.82 -17.16 -1.07
N ILE B 422 39.10 -17.41 -1.33
CA ILE B 422 39.74 -18.70 -1.20
C ILE B 422 40.91 -18.55 -0.24
N ALA B 423 41.09 -19.51 0.65
CA ALA B 423 42.18 -19.43 1.62
C ALA B 423 42.62 -20.83 2.00
N TRP B 424 43.92 -20.97 2.28
CA TRP B 424 44.44 -22.26 2.70
C TRP B 424 45.73 -22.10 3.50
N ASN B 425 46.03 -23.14 4.27
CA ASN B 425 47.12 -23.12 5.23
C ASN B 425 48.48 -23.09 4.54
N SER B 426 49.23 -22.02 4.78
CA SER B 426 50.55 -21.82 4.23
C SER B 426 51.66 -22.11 5.25
N ASN B 427 51.29 -22.62 6.42
CA ASN B 427 52.22 -22.72 7.55
C ASN B 427 53.52 -23.42 7.18
N ASN B 428 53.46 -24.38 6.26
CA ASN B 428 54.66 -25.11 5.87
C ASN B 428 55.56 -24.30 4.95
N LEU B 429 54.99 -23.60 3.96
CA LEU B 429 55.80 -22.89 2.98
C LEU B 429 56.27 -21.53 3.50
N ASP B 430 55.35 -20.71 4.02
CA ASP B 430 55.71 -19.34 4.33
C ASP B 430 56.37 -19.17 5.70
N SER B 431 56.08 -20.05 6.66
CA SER B 431 56.62 -19.91 8.00
C SER B 431 57.96 -20.62 8.10
N LYS B 432 58.98 -19.89 8.56
CA LYS B 432 60.34 -20.40 8.65
C LYS B 432 60.72 -20.62 10.11
N VAL B 433 61.65 -21.55 10.32
CA VAL B 433 62.13 -21.84 11.67
C VAL B 433 62.74 -20.58 12.27
N GLY B 434 62.38 -20.29 13.52
CA GLY B 434 62.77 -19.06 14.16
C GLY B 434 61.86 -17.89 13.91
N GLY B 435 60.64 -18.12 13.41
CA GLY B 435 59.70 -17.06 13.14
C GLY B 435 59.85 -16.41 11.79
N ASN B 436 58.74 -16.24 11.08
CA ASN B 436 58.72 -15.58 9.77
C ASN B 436 58.14 -14.19 9.97
N TYR B 437 59.02 -13.19 9.99
CA TYR B 437 58.63 -11.79 10.18
C TYR B 437 58.67 -10.99 8.89
N ASN B 438 58.61 -11.65 7.73
CA ASN B 438 58.78 -10.94 6.46
C ASN B 438 57.48 -10.33 5.95
N TYR B 439 56.32 -10.86 6.33
CA TYR B 439 55.05 -10.36 5.82
C TYR B 439 54.51 -9.26 6.75
N LEU B 440 54.17 -8.12 6.15
CA LEU B 440 53.78 -6.93 6.88
C LEU B 440 52.32 -6.60 6.62
N TYR B 441 51.67 -5.99 7.62
CA TYR B 441 50.30 -5.53 7.46
C TYR B 441 50.16 -4.14 8.06
N ARG B 442 49.35 -3.31 7.40
CA ARG B 442 49.17 -1.92 7.77
C ARG B 442 48.06 -1.76 8.80
N LEU B 443 48.32 -0.96 9.84
CA LEU B 443 47.32 -0.72 10.87
C LEU B 443 46.72 0.67 10.84
N PHE B 444 47.39 1.64 10.23
CA PHE B 444 46.97 3.02 10.33
C PHE B 444 46.85 3.65 8.95
N ARG B 445 45.92 4.59 8.85
CA ARG B 445 45.64 5.32 7.62
C ARG B 445 44.74 6.50 7.97
N LYS B 446 44.81 7.54 7.13
CA LYS B 446 44.01 8.74 7.39
C LYS B 446 42.52 8.43 7.30
N SER B 447 42.13 7.55 6.38
CA SER B 447 40.74 7.17 6.22
C SER B 447 40.67 5.71 5.80
N ASN B 448 39.48 5.13 5.95
CA ASN B 448 39.29 3.73 5.59
C ASN B 448 39.29 3.57 4.08
N LEU B 449 39.86 2.47 3.60
CA LEU B 449 39.96 2.23 2.17
C LEU B 449 38.57 2.13 1.54
N LYS B 450 38.44 2.67 0.34
CA LYS B 450 37.29 2.37 -0.48
C LYS B 450 37.44 0.96 -1.03
N PRO B 451 36.34 0.30 -1.41
CA PRO B 451 36.45 -1.09 -1.86
C PRO B 451 37.47 -1.27 -2.97
N PHE B 452 38.33 -2.29 -2.79
CA PHE B 452 39.42 -2.66 -3.68
C PHE B 452 40.53 -1.62 -3.79
N GLU B 453 40.59 -0.64 -2.89
CA GLU B 453 41.66 0.33 -2.94
C GLU B 453 42.97 -0.27 -2.45
N ARG B 454 44.08 0.21 -3.02
CA ARG B 454 45.42 -0.24 -2.68
C ARG B 454 46.22 0.96 -2.19
N ASP B 455 46.84 0.82 -1.02
CA ASP B 455 47.68 1.87 -0.45
C ASP B 455 48.98 1.24 0.01
N ILE B 456 50.07 1.55 -0.70
CA ILE B 456 51.38 0.97 -0.43
C ILE B 456 52.37 2.01 0.07
N SER B 457 51.89 3.19 0.43
CA SER B 457 52.76 4.21 0.99
C SER B 457 53.38 3.74 2.30
N THR B 458 54.54 4.31 2.63
CA THR B 458 55.26 3.97 3.84
C THR B 458 55.51 5.18 4.72
N GLU B 459 54.89 6.33 4.41
CA GLU B 459 55.03 7.52 5.22
C GLU B 459 54.56 7.25 6.65
N ILE B 460 55.20 7.94 7.61
CA ILE B 460 54.85 7.79 9.00
C ILE B 460 53.45 8.34 9.26
N TYR B 461 52.66 7.61 10.03
CA TYR B 461 51.29 8.01 10.34
C TYR B 461 51.31 9.04 11.47
N GLN B 462 50.93 10.28 11.15
CA GLN B 462 50.79 11.32 12.15
C GLN B 462 49.45 11.18 12.85
N ALA B 463 49.47 10.69 14.09
CA ALA B 463 48.25 10.54 14.86
C ALA B 463 47.94 11.75 15.73
N GLY B 464 48.86 12.70 15.85
CA GLY B 464 48.64 13.89 16.66
C GLY B 464 48.91 15.17 15.92
N SER B 465 49.11 16.26 16.66
CA SER B 465 49.37 17.56 16.04
C SER B 465 50.85 17.73 15.68
N THR B 466 51.75 17.13 16.45
CA THR B 466 53.18 17.35 16.24
C THR B 466 53.62 16.70 14.94
N PRO B 467 54.24 17.44 14.03
CA PRO B 467 54.65 16.84 12.75
C PRO B 467 55.77 15.83 12.93
N CYS B 468 55.75 14.81 12.07
CA CYS B 468 56.73 13.73 12.10
C CYS B 468 57.73 13.98 10.97
N ASN B 469 58.96 14.32 11.34
CA ASN B 469 59.98 14.62 10.34
C ASN B 469 60.65 13.35 9.82
N GLY B 470 59.84 12.40 9.34
CA GLY B 470 60.36 11.20 8.72
C GLY B 470 60.93 10.15 9.66
N VAL B 471 60.83 10.34 10.96
CA VAL B 471 61.30 9.37 11.94
C VAL B 471 60.23 9.19 13.00
N GLU B 472 59.94 7.94 13.34
CA GLU B 472 58.90 7.63 14.31
C GLU B 472 59.20 8.27 15.65
N GLY B 473 58.15 8.74 16.31
CA GLY B 473 58.27 9.34 17.62
C GLY B 473 56.93 9.36 18.33
N PHE B 474 56.78 10.35 19.22
CA PHE B 474 55.53 10.47 19.98
C PHE B 474 54.41 10.91 19.05
N ASN B 475 53.30 10.16 19.08
CA ASN B 475 52.17 10.40 18.18
C ASN B 475 52.59 10.25 16.72
N CYS B 476 53.63 9.48 16.48
CA CYS B 476 54.19 9.27 15.14
C CYS B 476 54.54 7.79 15.03
N TYR B 477 53.63 7.01 14.45
CA TYR B 477 53.74 5.56 14.40
C TYR B 477 54.11 5.11 12.99
N PHE B 478 54.98 4.12 12.91
CA PHE B 478 55.22 3.47 11.62
C PHE B 478 53.95 2.72 11.22
N PRO B 479 53.48 2.86 9.98
CA PRO B 479 52.14 2.37 9.65
C PRO B 479 52.04 0.86 9.54
N LEU B 480 53.16 0.16 9.42
CA LEU B 480 53.13 -1.29 9.22
C LEU B 480 53.66 -2.01 10.45
N GLN B 481 53.27 -3.28 10.57
CA GLN B 481 53.77 -4.19 11.59
C GLN B 481 53.85 -5.57 10.96
N SER B 482 54.81 -6.36 11.42
CA SER B 482 55.04 -7.65 10.80
C SER B 482 54.28 -8.75 11.53
N TYR B 483 53.92 -9.78 10.77
CA TYR B 483 53.28 -10.96 11.33
C TYR B 483 54.31 -11.83 12.03
N GLY B 484 54.02 -12.20 13.27
CA GLY B 484 54.87 -13.14 13.96
C GLY B 484 54.47 -14.58 13.69
N PHE B 485 54.74 -15.08 12.48
CA PHE B 485 54.40 -16.46 12.17
C PHE B 485 55.48 -17.38 12.74
N GLN B 486 55.05 -18.38 13.50
CA GLN B 486 55.95 -19.35 14.08
C GLN B 486 55.31 -20.73 13.96
N PRO B 487 56.11 -21.77 13.76
CA PRO B 487 55.54 -23.12 13.62
C PRO B 487 54.79 -23.59 14.85
N THR B 488 55.03 -23.00 16.02
CA THR B 488 54.35 -23.39 17.23
C THR B 488 53.10 -22.57 17.52
N ASN B 489 52.79 -21.56 16.70
CA ASN B 489 51.55 -20.83 16.86
C ASN B 489 50.35 -21.74 16.73
N GLY B 490 49.31 -21.45 17.50
CA GLY B 490 48.04 -22.10 17.31
C GLY B 490 47.49 -21.86 15.91
N VAL B 491 46.69 -22.81 15.43
CA VAL B 491 46.15 -22.75 14.07
C VAL B 491 45.51 -21.39 13.81
N GLY B 492 44.83 -20.83 14.82
CA GLY B 492 44.17 -19.55 14.65
C GLY B 492 45.11 -18.44 14.22
N TYR B 493 46.40 -18.54 14.55
CA TYR B 493 47.38 -17.54 14.20
C TYR B 493 48.32 -17.97 13.08
N GLN B 494 48.26 -19.22 12.64
CA GLN B 494 49.09 -19.66 11.54
C GLN B 494 48.75 -18.88 10.28
N PRO B 495 49.69 -18.73 9.35
CA PRO B 495 49.40 -17.97 8.12
C PRO B 495 48.46 -18.72 7.19
N TYR B 496 47.75 -17.94 6.38
CA TYR B 496 46.83 -18.45 5.38
C TYR B 496 47.03 -17.63 4.13
N ARG B 497 47.33 -18.31 3.02
CA ARG B 497 47.33 -17.67 1.73
C ARG B 497 45.89 -17.50 1.27
N VAL B 498 45.58 -16.32 0.75
CA VAL B 498 44.23 -15.95 0.33
C VAL B 498 44.29 -15.44 -1.10
N VAL B 499 43.41 -15.99 -1.94
CA VAL B 499 43.17 -15.52 -3.29
C VAL B 499 41.69 -15.16 -3.40
N VAL B 500 41.41 -13.95 -3.85
CA VAL B 500 40.06 -13.46 -4.00
C VAL B 500 39.80 -13.30 -5.49
N LEU B 501 38.89 -14.11 -6.03
CA LEU B 501 38.48 -13.98 -7.41
C LEU B 501 37.24 -13.10 -7.47
N SER B 502 37.35 -11.97 -8.15
CA SER B 502 36.24 -11.06 -8.36
C SER B 502 35.72 -11.23 -9.77
N PHE B 503 34.40 -11.39 -9.89
CA PHE B 503 33.69 -11.57 -11.14
C PHE B 503 32.86 -10.33 -11.43
N GLU B 504 33.00 -9.78 -12.62
CA GLU B 504 32.18 -8.66 -13.06
C GLU B 504 31.08 -9.16 -13.99
N LEU B 505 29.89 -8.56 -13.87
CA LEU B 505 28.73 -8.93 -14.68
C LEU B 505 28.05 -7.62 -15.11
N LEU B 506 28.57 -7.04 -16.18
CA LEU B 506 28.03 -5.82 -16.78
C LEU B 506 27.44 -6.13 -18.15
N HIS B 507 26.75 -5.13 -18.70
CA HIS B 507 26.21 -5.23 -20.06
C HIS B 507 27.36 -5.03 -21.05
N ALA B 508 28.19 -6.06 -21.15
CA ALA B 508 29.43 -5.99 -21.91
C ALA B 508 29.73 -7.37 -22.44
N PRO B 509 30.65 -7.49 -23.40
CA PRO B 509 30.94 -8.81 -23.97
C PRO B 509 31.62 -9.73 -22.97
N ALA B 510 31.17 -10.97 -22.92
CA ALA B 510 31.77 -11.97 -22.06
C ALA B 510 32.98 -12.60 -22.75
N THR B 511 33.99 -12.94 -21.94
CA THR B 511 35.16 -13.62 -22.51
C THR B 511 35.54 -14.90 -21.78
N VAL B 512 35.49 -14.92 -20.45
CA VAL B 512 35.77 -16.13 -19.69
C VAL B 512 34.47 -16.89 -19.46
N CYS B 513 34.41 -18.12 -19.98
CA CYS B 513 33.21 -18.95 -19.95
C CYS B 513 33.61 -20.34 -19.48
N GLY B 514 32.80 -20.93 -18.60
CA GLY B 514 33.03 -22.29 -18.17
C GLY B 514 33.02 -23.23 -19.37
N PRO B 515 33.79 -24.31 -19.31
CA PRO B 515 34.04 -25.10 -20.52
C PRO B 515 32.91 -26.07 -20.85
N LYS B 516 31.73 -25.52 -21.10
CA LYS B 516 30.60 -26.30 -21.59
C LYS B 516 30.65 -26.29 -23.11
N LYS B 517 30.75 -27.47 -23.71
CA LYS B 517 30.92 -27.57 -25.15
C LYS B 517 29.77 -26.88 -25.88
N SER B 518 30.08 -26.28 -27.02
CA SER B 518 29.08 -25.62 -27.83
C SER B 518 28.28 -26.66 -28.62
N THR B 519 27.06 -26.29 -28.99
CA THR B 519 26.17 -27.17 -29.72
C THR B 519 25.61 -26.46 -30.94
N ASN B 520 24.93 -27.22 -31.78
CA ASN B 520 24.32 -26.66 -32.97
C ASN B 520 23.13 -25.78 -32.59
N LEU B 521 22.75 -24.93 -33.53
CA LEU B 521 21.64 -24.00 -33.33
C LEU B 521 20.42 -24.53 -34.07
N VAL B 522 19.27 -24.55 -33.39
CA VAL B 522 18.00 -24.89 -33.99
C VAL B 522 17.09 -23.67 -33.98
N LYS B 523 16.56 -23.31 -35.14
CA LYS B 523 15.68 -22.17 -35.28
C LYS B 523 14.23 -22.62 -35.43
N ASN B 524 13.32 -21.73 -35.06
CA ASN B 524 11.87 -21.94 -35.18
C ASN B 524 11.39 -23.11 -34.33
N LYS B 525 12.04 -23.34 -33.18
CA LYS B 525 11.61 -24.38 -32.25
C LYS B 525 11.68 -23.83 -30.83
N CYS B 526 10.74 -24.25 -29.99
CA CYS B 526 10.76 -23.86 -28.58
C CYS B 526 11.89 -24.62 -27.89
N VAL B 527 12.92 -23.89 -27.44
CA VAL B 527 14.10 -24.49 -26.84
C VAL B 527 14.48 -23.69 -25.60
N ASN B 528 15.22 -24.34 -24.70
CA ASN B 528 15.81 -23.65 -23.56
C ASN B 528 17.29 -23.40 -23.86
N PHE B 529 17.62 -22.13 -24.06
CA PHE B 529 18.91 -21.66 -24.51
C PHE B 529 19.75 -21.10 -23.37
N ASN B 530 21.07 -21.09 -23.62
CA ASN B 530 22.07 -20.46 -22.76
C ASN B 530 23.11 -19.85 -23.68
N PHE B 531 23.01 -18.53 -23.90
CA PHE B 531 23.92 -17.78 -24.76
C PHE B 531 24.90 -17.05 -23.86
N ASN B 532 26.13 -17.56 -23.77
CA ASN B 532 27.25 -17.00 -23.00
C ASN B 532 26.83 -16.52 -21.61
N GLY B 533 26.01 -17.31 -20.91
CA GLY B 533 25.56 -17.00 -19.57
C GLY B 533 24.17 -16.42 -19.46
N LEU B 534 23.57 -15.99 -20.56
CA LEU B 534 22.18 -15.55 -20.59
C LEU B 534 21.30 -16.77 -20.80
N THR B 535 20.45 -17.08 -19.83
CA THR B 535 19.63 -18.27 -19.88
C THR B 535 18.18 -17.91 -20.13
N GLY B 536 17.44 -18.85 -20.71
CA GLY B 536 16.03 -18.60 -20.94
C GLY B 536 15.40 -19.69 -21.77
N THR B 537 14.09 -19.54 -21.95
CA THR B 537 13.28 -20.47 -22.75
C THR B 537 12.49 -19.67 -23.78
N GLY B 538 12.49 -20.11 -25.01
CA GLY B 538 11.82 -19.37 -26.06
C GLY B 538 12.12 -19.97 -27.42
N VAL B 539 11.50 -19.39 -28.44
CA VAL B 539 11.70 -19.82 -29.83
C VAL B 539 12.64 -18.82 -30.50
N LEU B 540 13.64 -19.36 -31.18
CA LEU B 540 14.70 -18.59 -31.82
C LEU B 540 14.36 -18.42 -33.30
N THR B 541 14.31 -17.18 -33.77
CA THR B 541 14.03 -16.91 -35.17
C THR B 541 15.06 -15.93 -35.71
N GLU B 542 15.09 -15.81 -37.04
CA GLU B 542 15.89 -14.78 -37.66
C GLU B 542 15.33 -13.40 -37.29
N SER B 543 16.18 -12.39 -37.35
CA SER B 543 15.75 -11.03 -37.08
C SER B 543 16.38 -10.08 -38.10
N ASN B 544 15.75 -8.92 -38.24
CA ASN B 544 16.22 -7.88 -39.14
C ASN B 544 16.67 -6.64 -38.38
N LYS B 545 17.00 -6.79 -37.10
CA LYS B 545 17.51 -5.69 -36.29
C LYS B 545 19.01 -5.60 -36.52
N LYS B 546 19.44 -4.54 -37.19
CA LYS B 546 20.85 -4.35 -37.54
C LYS B 546 21.59 -3.84 -36.32
N PHE B 547 22.06 -4.77 -35.49
CA PHE B 547 22.89 -4.38 -34.36
C PHE B 547 24.16 -3.71 -34.85
N LEU B 548 24.62 -2.74 -34.10
CA LEU B 548 25.89 -2.14 -34.46
C LEU B 548 27.02 -3.07 -34.01
N PRO B 549 28.18 -3.00 -34.66
CA PRO B 549 29.25 -3.98 -34.39
C PRO B 549 29.65 -4.14 -32.93
N PHE B 550 29.27 -3.20 -32.07
CA PHE B 550 29.67 -3.26 -30.68
C PHE B 550 28.60 -3.83 -29.75
N GLN B 551 27.35 -3.92 -30.20
CA GLN B 551 26.26 -4.40 -29.36
C GLN B 551 26.17 -5.93 -29.41
N GLN B 552 25.90 -6.53 -28.25
CA GLN B 552 25.78 -7.98 -28.15
C GLN B 552 24.34 -8.48 -28.03
N PHE B 553 23.50 -7.85 -27.23
CA PHE B 553 22.12 -8.27 -27.12
C PHE B 553 21.20 -7.07 -27.01
N GLY B 554 19.94 -7.27 -27.41
CA GLY B 554 18.93 -6.24 -27.36
C GLY B 554 17.89 -6.54 -26.31
N ARG B 555 17.34 -5.48 -25.72
CA ARG B 555 16.43 -5.61 -24.60
C ARG B 555 15.05 -5.06 -24.95
N ASP B 556 14.04 -5.60 -24.29
CA ASP B 556 12.66 -5.18 -24.41
C ASP B 556 12.30 -4.33 -23.20
N ILE B 557 11.15 -3.64 -23.29
CA ILE B 557 10.66 -2.84 -22.18
C ILE B 557 10.69 -3.64 -20.88
N ALA B 558 10.20 -4.87 -20.90
CA ALA B 558 10.17 -5.70 -19.71
C ALA B 558 11.56 -6.23 -19.39
N ASP B 559 11.67 -6.97 -18.28
CA ASP B 559 12.94 -7.54 -17.83
C ASP B 559 13.30 -8.79 -18.63
N THR B 560 13.35 -8.64 -19.94
CA THR B 560 13.57 -9.78 -20.82
C THR B 560 14.41 -9.36 -22.02
N THR B 561 15.24 -10.29 -22.49
CA THR B 561 16.04 -10.08 -23.67
C THR B 561 15.20 -10.38 -24.91
N ASP B 562 15.22 -9.47 -25.87
CA ASP B 562 14.44 -9.67 -27.09
C ASP B 562 15.27 -10.20 -28.24
N ALA B 563 16.56 -9.89 -28.28
CA ALA B 563 17.42 -10.41 -29.33
C ALA B 563 18.81 -10.61 -28.75
N VAL B 564 19.59 -11.44 -29.42
CA VAL B 564 20.91 -11.84 -28.94
C VAL B 564 21.81 -12.07 -30.13
N ARG B 565 23.11 -11.88 -29.94
CA ARG B 565 24.11 -12.19 -30.95
C ARG B 565 24.75 -13.51 -30.58
N ASP B 566 24.67 -14.47 -31.47
CA ASP B 566 25.29 -15.75 -31.19
C ASP B 566 26.80 -15.63 -31.36
N PRO B 567 27.58 -16.28 -30.51
CA PRO B 567 29.03 -16.30 -30.72
C PRO B 567 29.41 -17.23 -31.85
N GLN B 568 30.70 -17.18 -32.21
CA GLN B 568 31.27 -17.95 -33.33
C GLN B 568 30.77 -17.45 -34.68
N THR B 569 29.47 -17.18 -34.80
CA THR B 569 28.89 -16.78 -36.08
C THR B 569 28.30 -15.38 -36.09
N LEU B 570 28.23 -14.69 -34.95
CA LEU B 570 27.87 -13.28 -34.85
C LEU B 570 26.47 -12.98 -35.39
N GLU B 571 25.69 -14.00 -35.71
CA GLU B 571 24.37 -13.81 -36.30
C GLU B 571 23.40 -13.30 -35.22
N ILE B 572 22.30 -12.70 -35.68
CA ILE B 572 21.33 -12.02 -34.82
C ILE B 572 20.08 -12.88 -34.71
N LEU B 573 19.81 -13.36 -33.49
CA LEU B 573 18.65 -14.20 -33.20
C LEU B 573 17.62 -13.42 -32.41
N ASP B 574 16.39 -13.37 -32.93
CA ASP B 574 15.26 -12.87 -32.16
C ASP B 574 14.71 -13.99 -31.29
N ILE B 575 14.39 -13.65 -30.04
CA ILE B 575 13.88 -14.63 -29.08
C ILE B 575 12.45 -14.22 -28.75
N THR B 576 11.49 -15.02 -29.22
CA THR B 576 10.10 -14.75 -28.86
C THR B 576 9.56 -15.84 -27.96
N PRO B 577 8.92 -15.49 -26.85
CA PRO B 577 8.44 -16.51 -25.91
C PRO B 577 7.53 -17.52 -26.60
N CYS B 578 7.65 -18.77 -26.17
CA CYS B 578 6.86 -19.84 -26.75
C CYS B 578 5.37 -19.60 -26.53
N SER B 579 4.57 -19.91 -27.54
CA SER B 579 3.13 -19.65 -27.50
C SER B 579 2.49 -20.29 -26.27
N PHE B 580 1.62 -19.53 -25.61
CA PHE B 580 0.86 -20.04 -24.49
C PHE B 580 -0.44 -19.24 -24.36
N GLY B 581 -1.35 -19.77 -23.55
CA GLY B 581 -2.59 -19.06 -23.29
C GLY B 581 -3.51 -19.90 -22.44
N GLY B 582 -4.46 -19.23 -21.81
CA GLY B 582 -5.37 -19.90 -20.91
C GLY B 582 -6.26 -20.90 -21.64
N VAL B 583 -6.80 -21.85 -20.87
CA VAL B 583 -7.71 -22.86 -21.39
C VAL B 583 -9.05 -22.72 -20.69
N SER B 584 -10.12 -22.64 -21.48
CA SER B 584 -11.48 -22.60 -20.99
C SER B 584 -12.25 -23.83 -21.44
N VAL B 585 -13.13 -24.33 -20.59
CA VAL B 585 -13.90 -25.52 -20.89
C VAL B 585 -15.36 -25.13 -21.08
N ILE B 586 -15.93 -25.52 -22.21
CA ILE B 586 -17.35 -25.33 -22.51
C ILE B 586 -18.05 -26.63 -22.14
N THR B 587 -19.00 -26.54 -21.20
CA THR B 587 -19.75 -27.71 -20.80
C THR B 587 -21.23 -27.35 -20.70
N PRO B 588 -22.11 -28.16 -21.29
CA PRO B 588 -23.56 -27.89 -21.15
C PRO B 588 -24.06 -28.16 -19.76
N GLY B 589 -23.40 -29.06 -19.02
CA GLY B 589 -23.78 -29.33 -17.65
C GLY B 589 -23.80 -30.82 -17.34
N THR B 590 -23.27 -31.20 -16.18
CA THR B 590 -23.24 -32.60 -15.80
C THR B 590 -24.62 -33.22 -15.87
N ASN B 591 -25.66 -32.44 -15.55
CA ASN B 591 -27.02 -32.95 -15.61
C ASN B 591 -27.40 -33.35 -17.03
N THR B 592 -26.99 -32.56 -18.02
CA THR B 592 -27.36 -32.80 -19.41
C THR B 592 -26.40 -33.75 -20.12
N SER B 593 -25.09 -33.54 -19.97
CA SER B 593 -24.13 -34.35 -20.70
C SER B 593 -22.75 -34.19 -20.07
N ASN B 594 -21.93 -35.22 -20.26
CA ASN B 594 -20.54 -35.21 -19.80
C ASN B 594 -19.56 -34.85 -20.90
N GLN B 595 -20.05 -34.44 -22.07
CA GLN B 595 -19.19 -34.07 -23.18
C GLN B 595 -18.87 -32.58 -23.10
N VAL B 596 -17.61 -32.23 -23.39
CA VAL B 596 -17.13 -30.87 -23.25
C VAL B 596 -16.27 -30.48 -24.45
N ALA B 597 -16.13 -29.18 -24.65
CA ALA B 597 -15.28 -28.61 -25.67
C ALA B 597 -14.20 -27.76 -25.02
N VAL B 598 -13.03 -27.71 -25.64
CA VAL B 598 -11.85 -27.08 -25.04
C VAL B 598 -11.43 -25.90 -25.90
N LEU B 599 -11.30 -24.73 -25.28
CA LEU B 599 -10.91 -23.51 -25.97
C LEU B 599 -9.56 -23.05 -25.45
N TYR B 600 -8.57 -23.02 -26.34
CA TYR B 600 -7.25 -22.49 -26.03
C TYR B 600 -7.30 -21.03 -26.46
N GLN B 601 -7.47 -20.14 -25.49
CA GLN B 601 -7.72 -18.74 -25.82
C GLN B 601 -6.44 -18.05 -26.26
N ASP B 602 -6.51 -17.39 -27.42
CA ASP B 602 -5.38 -16.71 -28.04
C ASP B 602 -4.25 -17.69 -28.35
N VAL B 603 -4.59 -18.74 -29.09
CA VAL B 603 -3.63 -19.76 -29.53
C VAL B 603 -4.02 -20.20 -30.93
N ASN B 604 -3.20 -19.85 -31.92
CA ASN B 604 -3.44 -20.27 -33.29
C ASN B 604 -3.46 -21.80 -33.38
N CYS B 605 -4.32 -22.32 -34.25
CA CYS B 605 -4.52 -23.77 -34.34
C CYS B 605 -3.37 -24.39 -35.15
N THR B 606 -2.19 -24.36 -34.54
CA THR B 606 -1.06 -25.17 -34.98
C THR B 606 -0.39 -25.81 -33.76
N GLU B 607 -1.16 -26.00 -32.68
CA GLU B 607 -0.62 -26.53 -31.44
C GLU B 607 -1.71 -27.35 -30.76
N VAL B 608 -1.42 -28.62 -30.48
CA VAL B 608 -2.33 -29.50 -29.78
C VAL B 608 -2.44 -29.09 -28.31
N THR B 626 -7.12 -32.10 -29.82
CA THR B 626 -7.23 -33.55 -29.85
C THR B 626 -7.69 -34.03 -31.23
N GLY B 627 -7.84 -33.08 -32.14
CA GLY B 627 -8.06 -33.40 -33.54
C GLY B 627 -9.47 -33.81 -33.92
N SER B 628 -10.40 -33.86 -32.97
CA SER B 628 -11.77 -34.21 -33.31
C SER B 628 -12.40 -33.16 -34.21
N ASN B 629 -12.28 -31.88 -33.81
CA ASN B 629 -12.49 -30.75 -34.71
C ASN B 629 -11.66 -29.59 -34.20
N VAL B 630 -11.33 -28.67 -35.11
CA VAL B 630 -10.56 -27.48 -34.79
C VAL B 630 -11.23 -26.30 -35.48
N PHE B 631 -11.79 -25.39 -34.70
CA PHE B 631 -12.49 -24.22 -35.21
C PHE B 631 -11.79 -22.98 -34.68
N GLN B 632 -11.35 -22.11 -35.58
CA GLN B 632 -10.54 -20.94 -35.23
C GLN B 632 -11.42 -19.72 -35.06
N THR B 633 -11.27 -19.04 -33.91
CA THR B 633 -12.07 -17.87 -33.59
C THR B 633 -11.13 -16.77 -33.15
N ARG B 634 -11.65 -15.54 -33.12
CA ARG B 634 -10.83 -14.44 -32.62
C ARG B 634 -10.58 -14.56 -31.13
N ALA B 635 -11.31 -15.46 -30.46
CA ALA B 635 -11.05 -15.77 -29.06
C ALA B 635 -10.08 -16.92 -28.86
N GLY B 636 -9.70 -17.64 -29.92
CA GLY B 636 -8.76 -18.73 -29.76
C GLY B 636 -9.15 -19.95 -30.58
N CYS B 637 -8.49 -21.06 -30.28
CA CYS B 637 -8.70 -22.32 -31.00
C CYS B 637 -9.63 -23.20 -30.20
N LEU B 638 -10.75 -23.59 -30.79
CA LEU B 638 -11.78 -24.36 -30.08
C LEU B 638 -11.85 -25.77 -30.66
N ILE B 639 -11.73 -26.76 -29.80
CA ILE B 639 -11.74 -28.17 -30.18
C ILE B 639 -12.96 -28.84 -29.57
N GLY B 640 -13.68 -29.62 -30.37
CA GLY B 640 -14.75 -30.46 -29.89
C GLY B 640 -16.14 -30.02 -30.30
N ALA B 641 -16.32 -28.76 -30.69
CA ALA B 641 -17.63 -28.27 -31.10
C ALA B 641 -17.68 -28.14 -32.62
N GLU B 642 -18.83 -28.48 -33.20
CA GLU B 642 -19.03 -28.40 -34.63
C GLU B 642 -19.39 -26.97 -35.04
N HIS B 643 -18.73 -26.48 -36.08
CA HIS B 643 -19.01 -25.14 -36.58
C HIS B 643 -20.21 -25.20 -37.52
N VAL B 644 -21.32 -24.62 -37.10
CA VAL B 644 -22.54 -24.57 -37.90
C VAL B 644 -22.82 -23.12 -38.27
N ASN B 645 -23.57 -22.92 -39.35
CA ASN B 645 -23.82 -21.58 -39.86
C ASN B 645 -25.12 -20.96 -39.37
N ASN B 646 -26.22 -21.72 -39.33
CA ASN B 646 -27.46 -21.20 -38.78
C ASN B 646 -27.28 -20.66 -37.37
N SER B 647 -27.47 -19.35 -37.22
CA SER B 647 -27.38 -18.67 -35.94
C SER B 647 -28.57 -19.00 -35.03
N TYR B 648 -28.35 -18.77 -33.73
CA TYR B 648 -29.32 -18.95 -32.65
C TYR B 648 -29.09 -17.85 -31.62
N GLU B 649 -29.96 -17.82 -30.61
CA GLU B 649 -29.71 -17.02 -29.43
C GLU B 649 -28.55 -17.60 -28.64
N CYS B 650 -27.74 -16.73 -28.07
CA CYS B 650 -26.50 -17.16 -27.43
C CYS B 650 -26.78 -17.93 -26.15
N ASP B 651 -26.06 -19.04 -25.97
CA ASP B 651 -26.21 -19.90 -24.80
C ASP B 651 -25.00 -19.80 -23.90
N ILE B 652 -23.87 -20.37 -24.30
CA ILE B 652 -22.59 -20.21 -23.63
C ILE B 652 -21.72 -19.27 -24.46
N PRO B 653 -21.46 -18.05 -24.00
CA PRO B 653 -20.66 -17.12 -24.81
C PRO B 653 -19.19 -17.48 -24.80
N ILE B 654 -18.55 -17.38 -25.97
CA ILE B 654 -17.15 -17.68 -26.14
C ILE B 654 -16.33 -16.42 -26.34
N GLY B 655 -16.78 -15.55 -27.22
CA GLY B 655 -16.12 -14.28 -27.50
C GLY B 655 -16.12 -14.00 -28.98
N ALA B 656 -16.04 -12.70 -29.32
CA ALA B 656 -16.03 -12.24 -30.71
C ALA B 656 -17.28 -12.68 -31.46
N GLY B 657 -18.42 -12.68 -30.77
CA GLY B 657 -19.68 -13.02 -31.38
C GLY B 657 -20.01 -14.48 -31.45
N ILE B 658 -19.12 -15.36 -30.99
CA ILE B 658 -19.30 -16.79 -31.10
C ILE B 658 -19.90 -17.30 -29.80
N CYS B 659 -20.89 -18.18 -29.91
CA CYS B 659 -21.46 -18.85 -28.76
C CYS B 659 -21.54 -20.35 -29.04
N ALA B 660 -21.79 -21.11 -27.99
CA ALA B 660 -21.89 -22.56 -28.09
C ALA B 660 -22.70 -23.10 -26.94
N VAL B 675 -25.59 -26.54 -26.74
CA VAL B 675 -25.83 -27.95 -27.02
C VAL B 675 -27.10 -28.13 -27.85
N ALA B 676 -26.99 -28.94 -28.90
CA ALA B 676 -28.11 -29.22 -29.79
C ALA B 676 -27.75 -30.40 -30.67
N SER B 677 -28.76 -31.24 -30.97
CA SER B 677 -28.57 -32.45 -31.78
C SER B 677 -27.52 -33.36 -31.18
N GLN B 678 -27.57 -33.54 -29.86
CA GLN B 678 -26.72 -34.47 -29.11
C GLN B 678 -25.23 -34.10 -29.21
N SER B 679 -24.91 -32.84 -29.46
CA SER B 679 -23.51 -32.43 -29.56
C SER B 679 -23.40 -30.95 -29.20
N ILE B 680 -22.17 -30.53 -28.92
CA ILE B 680 -21.85 -29.12 -28.76
C ILE B 680 -21.55 -28.53 -30.13
N ILE B 681 -22.24 -27.43 -30.45
CA ILE B 681 -21.99 -26.72 -31.70
C ILE B 681 -21.65 -25.28 -31.38
N ALA B 682 -20.85 -24.67 -32.25
CA ALA B 682 -20.44 -23.28 -32.11
C ALA B 682 -20.88 -22.51 -33.34
N TYR B 683 -21.41 -21.30 -33.12
CA TYR B 683 -22.10 -20.57 -34.16
C TYR B 683 -21.95 -19.07 -33.91
N THR B 684 -22.29 -18.30 -34.93
CA THR B 684 -22.31 -16.84 -34.80
C THR B 684 -23.61 -16.44 -34.11
N MET B 685 -23.51 -15.56 -33.12
CA MET B 685 -24.68 -15.17 -32.34
C MET B 685 -25.62 -14.33 -33.18
N SER B 686 -26.92 -14.63 -33.08
CA SER B 686 -27.96 -13.80 -33.67
C SER B 686 -28.53 -12.85 -32.63
N LEU B 687 -28.94 -11.67 -33.09
CA LEU B 687 -29.39 -10.61 -32.20
C LEU B 687 -30.88 -10.61 -31.97
N GLY B 688 -31.63 -11.52 -32.60
CA GLY B 688 -33.07 -11.53 -32.50
C GLY B 688 -33.73 -11.70 -33.86
N ALA B 689 -35.05 -11.88 -33.80
CA ALA B 689 -35.83 -12.03 -35.02
C ALA B 689 -35.85 -10.73 -35.81
N GLU B 690 -35.77 -10.83 -37.13
CA GLU B 690 -35.74 -9.66 -37.99
C GLU B 690 -37.17 -9.19 -38.26
N ASN B 691 -37.39 -7.88 -38.16
CA ASN B 691 -38.74 -7.32 -38.20
C ASN B 691 -38.71 -5.99 -38.94
N SER B 692 -39.02 -6.01 -40.23
CA SER B 692 -39.26 -4.78 -40.95
C SER B 692 -40.66 -4.29 -40.66
N VAL B 693 -40.82 -2.97 -40.56
CA VAL B 693 -42.11 -2.36 -40.27
C VAL B 693 -42.63 -1.70 -41.54
N ALA B 694 -43.92 -1.90 -41.81
CA ALA B 694 -44.56 -1.38 -43.02
C ALA B 694 -44.85 0.11 -42.83
N TYR B 695 -43.77 0.89 -42.87
CA TYR B 695 -43.89 2.33 -42.72
C TYR B 695 -44.42 2.99 -43.98
N SER B 696 -45.32 3.95 -43.79
CA SER B 696 -45.87 4.74 -44.88
C SER B 696 -46.26 6.09 -44.30
N ASN B 697 -46.40 7.08 -45.17
CA ASN B 697 -46.66 8.43 -44.71
C ASN B 697 -48.11 8.67 -44.32
N ASN B 698 -49.00 7.68 -44.48
CA ASN B 698 -50.41 7.90 -44.19
C ASN B 698 -51.04 6.74 -43.43
N SER B 699 -50.25 5.99 -42.65
CA SER B 699 -50.78 4.81 -41.97
C SER B 699 -50.29 4.75 -40.54
N ILE B 700 -51.22 4.57 -39.61
CA ILE B 700 -50.93 4.47 -38.19
C ILE B 700 -51.59 3.20 -37.67
N ALA B 701 -50.90 2.48 -36.80
CA ALA B 701 -51.45 1.28 -36.18
C ALA B 701 -51.86 1.59 -34.75
N ILE B 702 -53.11 1.28 -34.43
CA ILE B 702 -53.66 1.52 -33.09
C ILE B 702 -54.02 0.18 -32.47
N PRO B 703 -53.57 -0.10 -31.25
CA PRO B 703 -54.05 -1.30 -30.54
C PRO B 703 -55.56 -1.34 -30.42
N THR B 704 -56.09 -2.56 -30.31
CA THR B 704 -57.49 -2.77 -30.01
C THR B 704 -57.69 -3.49 -28.69
N ASN B 705 -56.62 -3.87 -28.00
CA ASN B 705 -56.67 -4.40 -26.65
C ASN B 705 -55.33 -4.22 -25.96
N PHE B 706 -55.39 -4.25 -24.65
CA PHE B 706 -54.29 -4.26 -23.71
C PHE B 706 -54.01 -5.67 -23.19
N THR B 707 -52.80 -5.87 -22.70
CA THR B 707 -52.50 -6.92 -21.73
C THR B 707 -51.84 -6.27 -20.53
N ILE B 708 -52.32 -6.63 -19.34
CA ILE B 708 -51.68 -6.19 -18.11
C ILE B 708 -50.71 -7.26 -17.67
N SER B 709 -49.44 -6.91 -17.58
CA SER B 709 -48.38 -7.84 -17.25
C SER B 709 -47.75 -7.47 -15.93
N VAL B 710 -47.27 -8.47 -15.20
CA VAL B 710 -46.56 -8.28 -13.96
C VAL B 710 -45.18 -8.90 -14.11
N THR B 711 -44.15 -8.07 -13.98
CA THR B 711 -42.77 -8.50 -14.13
C THR B 711 -42.06 -8.38 -12.80
N THR B 712 -40.99 -9.16 -12.62
CA THR B 712 -40.30 -9.22 -11.34
C THR B 712 -38.87 -8.71 -11.54
N GLU B 713 -38.49 -7.71 -10.75
CA GLU B 713 -37.12 -7.19 -10.76
C GLU B 713 -36.54 -7.28 -9.36
N ILE B 714 -35.36 -7.90 -9.24
CA ILE B 714 -34.77 -8.24 -7.95
C ILE B 714 -33.50 -7.41 -7.76
N LEU B 715 -33.43 -6.68 -6.64
CA LEU B 715 -32.30 -5.81 -6.37
C LEU B 715 -31.73 -6.10 -4.97
N PRO B 716 -30.42 -6.29 -4.85
CA PRO B 716 -29.82 -6.39 -3.52
C PRO B 716 -29.92 -5.08 -2.77
N VAL B 717 -29.98 -5.18 -1.44
CA VAL B 717 -30.02 -3.98 -0.61
C VAL B 717 -28.93 -4.02 0.46
N SER B 718 -28.60 -5.20 0.98
CA SER B 718 -27.65 -5.31 2.07
C SER B 718 -26.75 -6.53 1.88
N MET B 719 -25.73 -6.61 2.72
CA MET B 719 -24.89 -7.80 2.86
C MET B 719 -24.71 -8.09 4.34
N THR B 720 -24.22 -9.29 4.64
CA THR B 720 -23.94 -9.68 6.02
C THR B 720 -22.94 -8.71 6.66
N LYS B 721 -23.31 -8.18 7.83
CA LYS B 721 -22.49 -7.22 8.55
C LYS B 721 -21.37 -7.95 9.28
N THR B 722 -20.34 -8.33 8.53
CA THR B 722 -19.21 -9.04 9.13
C THR B 722 -18.28 -8.06 9.85
N SER B 723 -17.48 -8.61 10.77
CA SER B 723 -16.49 -7.83 11.49
C SER B 723 -15.33 -8.76 11.85
N VAL B 724 -14.11 -8.22 11.77
CA VAL B 724 -12.89 -8.98 11.99
C VAL B 724 -12.09 -8.31 13.09
N ASP B 725 -11.65 -9.10 14.06
CA ASP B 725 -10.74 -8.63 15.12
C ASP B 725 -9.32 -8.79 14.61
N CYS B 726 -8.64 -7.67 14.32
CA CYS B 726 -7.35 -7.73 13.66
C CYS B 726 -6.32 -8.49 14.50
N THR B 727 -6.25 -8.17 15.79
CA THR B 727 -5.23 -8.77 16.64
C THR B 727 -5.52 -10.24 16.89
N MET B 728 -6.80 -10.59 17.11
CA MET B 728 -7.14 -11.99 17.31
C MET B 728 -6.97 -12.79 16.04
N TYR B 729 -7.24 -12.19 14.88
CA TYR B 729 -7.10 -12.94 13.63
C TYR B 729 -5.64 -13.19 13.29
N ILE B 730 -4.84 -12.14 13.13
CA ILE B 730 -3.48 -12.37 12.65
C ILE B 730 -2.60 -12.92 13.76
N CYS B 731 -2.82 -12.46 14.99
CA CYS B 731 -1.93 -12.71 16.12
C CYS B 731 -2.67 -13.52 17.18
N GLY B 732 -2.97 -14.77 16.87
CA GLY B 732 -3.75 -15.60 17.76
C GLY B 732 -3.17 -15.85 19.13
N ASP B 733 -3.85 -15.36 20.16
CA ASP B 733 -3.64 -15.69 21.58
C ASP B 733 -2.18 -15.79 22.02
N SER B 734 -1.32 -14.89 21.56
CA SER B 734 0.10 -14.87 21.91
C SER B 734 0.47 -13.46 22.34
N THR B 735 0.80 -13.29 23.62
CA THR B 735 1.03 -11.94 24.14
C THR B 735 2.31 -11.31 23.60
N GLU B 736 3.37 -12.10 23.44
CA GLU B 736 4.58 -11.58 22.81
C GLU B 736 4.29 -11.19 21.37
N CYS B 737 3.41 -11.93 20.71
CA CYS B 737 3.03 -11.59 19.34
C CYS B 737 2.21 -10.31 19.30
N SER B 738 1.31 -10.11 20.26
CA SER B 738 0.56 -8.85 20.31
C SER B 738 1.49 -7.67 20.56
N ASN B 739 2.45 -7.83 21.47
CA ASN B 739 3.43 -6.77 21.71
C ASN B 739 4.26 -6.51 20.47
N LEU B 740 4.51 -7.55 19.66
CA LEU B 740 5.22 -7.35 18.41
C LEU B 740 4.35 -6.66 17.37
N LEU B 741 3.05 -6.97 17.37
CA LEU B 741 2.11 -6.34 16.45
C LEU B 741 1.98 -4.85 16.74
N LEU B 742 2.07 -4.47 18.01
CA LEU B 742 1.98 -3.05 18.37
C LEU B 742 3.01 -2.19 17.66
N GLN B 743 3.93 -2.78 16.91
CA GLN B 743 4.96 -2.05 16.18
C GLN B 743 4.59 -1.82 14.72
N TYR B 744 3.33 -2.04 14.35
CA TYR B 744 2.84 -1.74 13.01
C TYR B 744 1.85 -0.58 13.01
N GLY B 745 1.81 0.19 14.09
CA GLY B 745 0.96 1.37 14.14
C GLY B 745 -0.52 1.03 14.21
N SER B 746 -1.32 1.72 13.39
CA SER B 746 -2.76 1.72 13.52
C SER B 746 -3.48 1.00 12.37
N PHE B 747 -2.86 -0.03 11.79
CA PHE B 747 -3.57 -0.81 10.79
C PHE B 747 -4.76 -1.54 11.39
N CYS B 748 -4.62 -2.03 12.62
CA CYS B 748 -5.63 -2.87 13.24
C CYS B 748 -6.78 -2.07 13.82
N THR B 749 -6.77 -0.74 13.68
CA THR B 749 -7.96 0.06 13.92
C THR B 749 -8.51 0.66 12.64
N GLN B 750 -7.68 0.79 11.60
CA GLN B 750 -8.21 1.16 10.30
C GLN B 750 -9.12 0.06 9.75
N LEU B 751 -8.68 -1.20 9.85
CA LEU B 751 -9.51 -2.28 9.36
C LEU B 751 -10.82 -2.38 10.14
N ASN B 752 -10.78 -2.16 11.45
CA ASN B 752 -11.95 -2.29 12.29
C ASN B 752 -12.77 -1.02 12.35
N ARG B 753 -12.34 0.03 11.66
CA ARG B 753 -13.22 1.17 11.42
C ARG B 753 -13.84 1.11 10.04
N ALA B 754 -13.14 0.55 9.06
CA ALA B 754 -13.74 0.34 7.75
C ALA B 754 -14.85 -0.71 7.81
N LEU B 755 -14.61 -1.81 8.53
CA LEU B 755 -15.64 -2.83 8.63
C LEU B 755 -16.87 -2.33 9.37
N THR B 756 -16.68 -1.48 10.39
CA THR B 756 -17.82 -0.88 11.08
C THR B 756 -18.55 0.10 10.17
N GLY B 757 -17.80 0.84 9.33
CA GLY B 757 -18.46 1.70 8.37
C GLY B 757 -19.36 0.94 7.43
N ILE B 758 -18.88 -0.22 6.95
CA ILE B 758 -19.73 -1.06 6.10
C ILE B 758 -20.93 -1.58 6.89
N ALA B 759 -20.70 -2.00 8.13
CA ALA B 759 -21.78 -2.56 8.95
C ALA B 759 -22.90 -1.55 9.14
N VAL B 760 -22.57 -0.31 9.44
CA VAL B 760 -23.60 0.71 9.62
C VAL B 760 -24.21 1.10 8.27
N GLU B 761 -23.42 1.09 7.19
CA GLU B 761 -23.96 1.43 5.88
C GLU B 761 -25.01 0.42 5.42
N GLN B 762 -24.91 -0.83 5.88
CA GLN B 762 -25.92 -1.80 5.48
C GLN B 762 -27.27 -1.52 6.13
N ASP B 763 -27.25 -1.08 7.39
CA ASP B 763 -28.50 -0.72 8.04
C ASP B 763 -29.05 0.57 7.46
N LYS B 764 -28.16 1.49 7.06
CA LYS B 764 -28.62 2.69 6.37
C LYS B 764 -29.29 2.33 5.05
N ASN B 765 -28.72 1.37 4.31
CA ASN B 765 -29.32 0.92 3.06
C ASN B 765 -30.72 0.37 3.29
N THR B 766 -30.86 -0.56 4.25
CA THR B 766 -32.16 -1.16 4.48
C THR B 766 -33.19 -0.12 4.93
N GLN B 767 -32.77 0.81 5.80
CA GLN B 767 -33.68 1.84 6.26
C GLN B 767 -34.09 2.77 5.13
N GLU B 768 -33.14 3.11 4.25
CA GLU B 768 -33.43 4.04 3.16
C GLU B 768 -34.31 3.41 2.10
N VAL B 769 -34.20 2.10 1.90
CA VAL B 769 -35.05 1.44 0.90
C VAL B 769 -36.45 1.20 1.46
N PHE B 770 -36.55 0.70 2.69
CA PHE B 770 -37.87 0.26 3.18
C PHE B 770 -38.60 1.28 4.05
N ALA B 771 -37.88 2.02 4.90
CA ALA B 771 -38.54 2.90 5.87
C ALA B 771 -38.90 4.25 5.27
N GLN B 772 -39.74 4.22 4.24
CA GLN B 772 -40.22 5.43 3.58
C GLN B 772 -41.64 5.79 3.97
N VAL B 773 -42.21 5.14 4.97
CA VAL B 773 -43.57 5.43 5.43
C VAL B 773 -43.51 5.99 6.84
N LYS B 774 -44.19 7.12 7.05
CA LYS B 774 -44.24 7.71 8.38
C LYS B 774 -45.11 6.89 9.32
N GLN B 775 -46.02 6.08 8.78
CA GLN B 775 -46.92 5.26 9.56
C GLN B 775 -46.94 3.85 8.98
N ILE B 776 -47.30 2.88 9.82
CA ILE B 776 -47.48 1.51 9.38
C ILE B 776 -48.96 1.34 9.04
N TYR B 777 -49.26 1.31 7.75
CA TYR B 777 -50.64 1.19 7.31
C TYR B 777 -51.08 -0.26 7.36
N LYS B 778 -52.40 -0.46 7.46
CA LYS B 778 -52.96 -1.79 7.62
C LYS B 778 -54.13 -1.94 6.67
N THR B 779 -54.20 -3.08 6.00
CA THR B 779 -55.25 -3.31 5.02
C THR B 779 -56.56 -3.68 5.72
N PRO B 780 -57.70 -3.34 5.13
CA PRO B 780 -58.99 -3.67 5.75
C PRO B 780 -59.23 -5.17 5.72
N PRO B 781 -60.10 -5.68 6.60
CA PRO B 781 -60.33 -7.13 6.63
C PRO B 781 -61.08 -7.68 5.44
N ILE B 782 -61.82 -6.84 4.71
CA ILE B 782 -62.63 -7.28 3.58
C ILE B 782 -61.91 -6.92 2.29
N LYS B 783 -61.56 -7.93 1.50
CA LYS B 783 -60.77 -7.73 0.28
C LYS B 783 -61.70 -7.57 -0.93
N ASP B 784 -62.59 -6.58 -0.85
CA ASP B 784 -63.48 -6.24 -1.95
C ASP B 784 -62.90 -5.07 -2.74
N PHE B 785 -61.82 -5.37 -3.47
CA PHE B 785 -61.10 -4.36 -4.25
C PHE B 785 -61.59 -4.27 -5.67
N GLY B 786 -62.90 -4.44 -5.90
CA GLY B 786 -63.43 -4.33 -7.24
C GLY B 786 -63.06 -5.47 -8.17
N GLY B 787 -62.75 -6.64 -7.64
CA GLY B 787 -62.40 -7.80 -8.45
C GLY B 787 -60.93 -8.14 -8.45
N PHE B 788 -60.09 -7.34 -7.83
CA PHE B 788 -58.65 -7.62 -7.76
C PHE B 788 -58.34 -8.48 -6.55
N ASN B 789 -57.42 -9.42 -6.73
CA ASN B 789 -57.08 -10.41 -5.70
C ASN B 789 -55.64 -10.23 -5.27
N PHE B 790 -55.44 -9.67 -4.08
CA PHE B 790 -54.12 -9.33 -3.57
C PHE B 790 -53.63 -10.31 -2.51
N SER B 791 -54.34 -11.42 -2.30
CA SER B 791 -53.94 -12.39 -1.30
C SER B 791 -52.58 -13.01 -1.61
N GLN B 792 -52.06 -12.81 -2.82
CA GLN B 792 -50.74 -13.27 -3.20
C GLN B 792 -49.63 -12.29 -2.85
N ILE B 793 -49.97 -11.08 -2.40
CA ILE B 793 -48.96 -10.07 -2.09
C ILE B 793 -49.10 -9.65 -0.63
N LEU B 794 -50.31 -9.74 -0.09
CA LEU B 794 -50.56 -9.29 1.26
C LEU B 794 -50.19 -10.36 2.27
N PRO B 795 -49.97 -9.98 3.52
CA PRO B 795 -49.62 -10.98 4.55
C PRO B 795 -50.73 -12.01 4.73
N ASP B 796 -50.31 -13.23 5.06
CA ASP B 796 -51.22 -14.32 5.33
C ASP B 796 -51.40 -14.44 6.84
N PRO B 797 -52.54 -14.03 7.40
CA PRO B 797 -52.70 -14.10 8.86
C PRO B 797 -52.68 -15.52 9.43
N SER B 798 -52.84 -16.54 8.60
CA SER B 798 -52.87 -17.91 9.09
C SER B 798 -51.48 -18.49 9.30
N LYS B 799 -50.47 -17.89 8.73
CA LYS B 799 -49.08 -18.32 8.81
C LYS B 799 -48.35 -17.54 9.89
N PRO B 800 -47.34 -18.14 10.53
CA PRO B 800 -46.49 -17.39 11.45
C PRO B 800 -45.76 -16.26 10.74
N SER B 801 -45.44 -15.22 11.51
CA SER B 801 -44.72 -14.02 11.10
C SER B 801 -45.55 -13.10 10.20
N LYS B 802 -46.76 -13.50 9.82
CA LYS B 802 -47.65 -12.71 8.98
C LYS B 802 -46.91 -12.17 7.75
N ARG B 803 -46.53 -13.12 6.91
CA ARG B 803 -45.78 -12.85 5.69
C ARG B 803 -46.57 -13.37 4.49
N SER B 804 -46.30 -12.78 3.32
CA SER B 804 -47.03 -13.13 2.11
C SER B 804 -46.50 -14.40 1.45
N PRO B 805 -47.30 -15.04 0.59
CA PRO B 805 -46.81 -16.24 -0.11
C PRO B 805 -45.58 -16.02 -0.96
N ILE B 806 -45.52 -14.92 -1.72
CA ILE B 806 -44.36 -14.69 -2.57
C ILE B 806 -43.12 -14.49 -1.72
N GLU B 807 -43.24 -13.78 -0.61
CA GLU B 807 -42.12 -13.63 0.31
C GLU B 807 -41.68 -14.97 0.87
N ASP B 808 -42.65 -15.87 1.12
CA ASP B 808 -42.31 -17.22 1.57
C ASP B 808 -41.51 -17.97 0.52
N LEU B 809 -41.91 -17.86 -0.74
CA LEU B 809 -41.18 -18.55 -1.81
C LEU B 809 -39.79 -17.95 -1.97
N LEU B 810 -39.66 -16.63 -1.78
CA LEU B 810 -38.35 -16.00 -1.89
C LEU B 810 -37.43 -16.43 -0.75
N PHE B 811 -37.95 -16.44 0.48
CA PHE B 811 -37.14 -16.90 1.61
C PHE B 811 -36.83 -18.38 1.54
N ASN B 812 -37.64 -19.16 0.84
CA ASN B 812 -37.38 -20.59 0.69
C ASN B 812 -36.59 -20.92 -0.55
N LYS B 813 -36.30 -19.93 -1.40
CA LYS B 813 -35.52 -20.15 -2.61
C LYS B 813 -34.09 -19.66 -2.49
N VAL B 814 -33.83 -18.67 -1.66
CA VAL B 814 -32.47 -18.18 -1.41
C VAL B 814 -31.88 -18.96 -0.23
N THR B 815 -30.77 -19.64 -0.48
CA THR B 815 -30.15 -20.52 0.51
C THR B 815 -28.78 -19.98 0.88
N LEU B 816 -28.42 -20.12 2.14
CA LEU B 816 -27.15 -19.60 2.64
C LEU B 816 -26.08 -20.68 2.61
N GLN B 841 -21.87 -19.20 11.39
CA GLN B 841 -20.58 -19.84 11.64
C GLN B 841 -19.70 -18.94 12.49
N LYS B 842 -18.75 -19.52 13.21
CA LYS B 842 -17.87 -18.75 14.09
C LYS B 842 -16.50 -19.39 14.14
N PHE B 843 -15.49 -18.65 13.71
CA PHE B 843 -14.10 -19.05 13.67
C PHE B 843 -13.31 -18.20 14.68
N ASN B 844 -12.02 -17.97 14.38
CA ASN B 844 -11.14 -17.23 15.28
C ASN B 844 -11.13 -15.74 14.92
N GLY B 845 -11.83 -14.94 15.73
CA GLY B 845 -11.86 -13.50 15.58
C GLY B 845 -12.89 -12.97 14.61
N LEU B 846 -13.67 -13.82 13.97
CA LEU B 846 -14.63 -13.38 12.96
C LEU B 846 -16.02 -13.41 13.56
N THR B 847 -16.74 -12.29 13.45
CA THR B 847 -18.09 -12.21 13.97
C THR B 847 -19.01 -11.68 12.88
N VAL B 848 -20.29 -11.99 13.03
CA VAL B 848 -21.33 -11.45 12.16
C VAL B 848 -22.34 -10.72 13.04
N LEU B 849 -22.47 -9.47 12.85
CA LEU B 849 -23.46 -8.79 13.66
C LEU B 849 -24.83 -8.92 13.00
N PRO B 850 -25.89 -9.00 13.77
CA PRO B 850 -27.21 -9.16 13.18
C PRO B 850 -27.69 -7.84 12.61
N PRO B 851 -28.54 -7.88 11.59
CA PRO B 851 -29.09 -6.62 11.06
C PRO B 851 -30.07 -6.00 12.03
N LEU B 852 -30.13 -4.67 12.00
CA LEU B 852 -30.98 -3.94 12.94
C LEU B 852 -32.45 -4.17 12.64
N LEU B 853 -32.81 -4.22 11.37
CA LEU B 853 -34.18 -4.49 10.96
C LEU B 853 -34.29 -5.98 10.67
N THR B 854 -35.03 -6.69 11.52
CA THR B 854 -35.23 -8.11 11.28
C THR B 854 -36.19 -8.30 10.12
N ASP B 855 -36.18 -9.52 9.56
CA ASP B 855 -37.05 -9.81 8.43
C ASP B 855 -38.51 -9.55 8.76
N GLU B 856 -38.91 -9.71 10.02
CA GLU B 856 -40.27 -9.41 10.42
C GLU B 856 -40.57 -7.93 10.24
N MET B 857 -39.65 -7.05 10.62
CA MET B 857 -39.90 -5.63 10.47
C MET B 857 -39.83 -5.18 9.01
N ILE B 858 -38.96 -5.80 8.21
CA ILE B 858 -38.95 -5.52 6.78
C ILE B 858 -40.28 -5.93 6.15
N ALA B 859 -40.79 -7.10 6.52
CA ALA B 859 -42.08 -7.55 6.02
C ALA B 859 -43.19 -6.62 6.47
N GLN B 860 -43.12 -6.12 7.70
CA GLN B 860 -44.13 -5.18 8.18
C GLN B 860 -44.07 -3.85 7.42
N TYR B 861 -42.87 -3.43 7.03
CA TYR B 861 -42.76 -2.21 6.21
C TYR B 861 -43.34 -2.43 4.82
N THR B 862 -43.05 -3.57 4.20
CA THR B 862 -43.62 -3.82 2.88
C THR B 862 -45.13 -4.02 2.96
N SER B 863 -45.65 -4.58 4.06
CA SER B 863 -47.08 -4.63 4.26
C SER B 863 -47.68 -3.24 4.38
N ALA B 864 -46.99 -2.32 5.07
CA ALA B 864 -47.49 -0.95 5.17
C ALA B 864 -47.51 -0.28 3.81
N LEU B 865 -46.46 -0.46 3.02
CA LEU B 865 -46.42 0.13 1.68
C LEU B 865 -47.47 -0.49 0.76
N LEU B 866 -47.74 -1.78 0.90
CA LEU B 866 -48.77 -2.40 0.08
C LEU B 866 -50.15 -1.92 0.49
N ALA B 867 -50.41 -1.79 1.78
CA ALA B 867 -51.70 -1.25 2.22
C ALA B 867 -51.87 0.18 1.74
N GLY B 868 -50.78 0.96 1.73
CA GLY B 868 -50.87 2.31 1.20
C GLY B 868 -51.17 2.33 -0.28
N THR B 869 -50.45 1.54 -1.08
CA THR B 869 -50.69 1.51 -2.51
C THR B 869 -52.10 1.04 -2.82
N ILE B 870 -52.61 0.08 -2.05
CA ILE B 870 -53.92 -0.50 -2.34
C ILE B 870 -55.04 0.44 -1.95
N THR B 871 -54.97 1.02 -0.75
CA THR B 871 -56.10 1.80 -0.25
C THR B 871 -56.01 3.29 -0.60
N SER B 872 -54.84 3.82 -0.95
CA SER B 872 -54.72 5.25 -1.18
C SER B 872 -53.87 5.62 -2.39
N GLY B 873 -53.44 4.67 -3.21
CA GLY B 873 -52.69 5.04 -4.40
C GLY B 873 -51.36 5.66 -4.06
N TRP B 874 -51.05 6.79 -4.70
CA TRP B 874 -49.78 7.47 -4.51
C TRP B 874 -49.83 8.57 -3.46
N THR B 875 -51.01 8.87 -2.91
CA THR B 875 -51.12 10.02 -2.03
C THR B 875 -50.43 9.84 -0.69
N PHE B 876 -50.23 8.59 -0.24
CA PHE B 876 -49.58 8.39 1.05
C PHE B 876 -48.10 8.71 1.00
N GLY B 877 -47.52 8.83 -0.19
CA GLY B 877 -46.16 9.32 -0.32
C GLY B 877 -46.06 10.82 -0.19
N ALA B 878 -46.99 11.53 -0.81
CA ALA B 878 -46.93 12.99 -0.79
C ALA B 878 -47.32 13.54 0.58
N GLY B 879 -48.38 13.01 1.19
CA GLY B 879 -48.82 13.49 2.46
C GLY B 879 -49.63 12.48 3.24
N PRO B 880 -50.87 12.82 3.57
CA PRO B 880 -51.73 11.89 4.30
C PRO B 880 -52.35 10.85 3.37
N ALA B 881 -52.75 9.74 3.98
CA ALA B 881 -53.42 8.67 3.25
C ALA B 881 -54.83 9.11 2.91
N LEU B 882 -55.10 9.28 1.62
CA LEU B 882 -56.41 9.69 1.13
C LEU B 882 -57.12 8.48 0.53
N GLN B 883 -58.30 8.17 1.05
CA GLN B 883 -59.02 6.97 0.66
C GLN B 883 -59.45 7.11 -0.79
N ILE B 884 -59.18 6.08 -1.60
CA ILE B 884 -59.74 6.06 -2.94
C ILE B 884 -60.15 4.64 -3.30
N PRO B 885 -61.33 4.44 -3.86
CA PRO B 885 -61.69 3.11 -4.38
C PRO B 885 -60.64 2.64 -5.38
N PHE B 886 -60.30 1.35 -5.29
CA PHE B 886 -59.23 0.83 -6.13
C PHE B 886 -59.53 0.99 -7.62
N PRO B 887 -60.76 0.79 -8.12
CA PRO B 887 -60.97 1.04 -9.54
C PRO B 887 -60.77 2.49 -9.95
N MET B 888 -61.12 3.45 -9.09
CA MET B 888 -60.86 4.84 -9.45
C MET B 888 -59.35 5.13 -9.49
N GLN B 889 -58.60 4.51 -8.59
CA GLN B 889 -57.16 4.62 -8.62
C GLN B 889 -56.59 4.05 -9.92
N MET B 890 -57.02 2.85 -10.30
CA MET B 890 -56.52 2.27 -11.53
C MET B 890 -56.97 3.08 -12.74
N ALA B 891 -58.13 3.73 -12.65
CA ALA B 891 -58.56 4.66 -13.70
C ALA B 891 -57.63 5.85 -13.80
N TYR B 892 -57.15 6.34 -12.66
CA TYR B 892 -56.15 7.41 -12.68
C TYR B 892 -54.87 6.93 -13.35
N ARG B 893 -54.45 5.72 -13.02
CA ARG B 893 -53.22 5.18 -13.58
C ARG B 893 -53.35 4.94 -15.08
N PHE B 894 -54.54 4.58 -15.56
CA PHE B 894 -54.76 4.55 -17.01
C PHE B 894 -54.74 5.95 -17.61
N ASN B 895 -55.35 6.91 -16.93
CA ASN B 895 -55.34 8.29 -17.42
C ASN B 895 -53.91 8.78 -17.60
N GLY B 896 -53.02 8.41 -16.68
CA GLY B 896 -51.65 8.85 -16.73
C GLY B 896 -50.82 8.28 -17.86
N ILE B 897 -51.30 7.22 -18.51
CA ILE B 897 -50.56 6.61 -19.61
C ILE B 897 -51.27 6.83 -20.95
N GLY B 898 -52.22 7.76 -21.00
CA GLY B 898 -52.85 8.10 -22.26
C GLY B 898 -53.97 7.20 -22.71
N VAL B 899 -54.59 6.46 -21.79
CA VAL B 899 -55.75 5.63 -22.08
C VAL B 899 -56.89 6.12 -21.20
N THR B 900 -57.98 6.54 -21.84
CA THR B 900 -59.08 7.18 -21.12
C THR B 900 -59.65 6.25 -20.06
N GLN B 901 -60.03 6.82 -18.93
CA GLN B 901 -60.42 6.03 -17.77
C GLN B 901 -61.60 5.11 -18.05
N ASN B 902 -62.45 5.46 -19.02
CA ASN B 902 -63.61 4.61 -19.28
C ASN B 902 -63.20 3.22 -19.74
N VAL B 903 -62.01 3.11 -20.35
CA VAL B 903 -61.51 1.82 -20.79
C VAL B 903 -61.38 0.87 -19.61
N LEU B 904 -61.06 1.40 -18.43
CA LEU B 904 -61.02 0.56 -17.24
C LEU B 904 -62.43 0.10 -16.86
N TYR B 905 -63.38 1.03 -16.82
CA TYR B 905 -64.69 0.70 -16.28
C TYR B 905 -65.43 -0.28 -17.18
N GLU B 906 -65.29 -0.13 -18.49
CA GLU B 906 -65.93 -1.06 -19.40
C GLU B 906 -65.24 -2.41 -19.42
N ASN B 907 -63.94 -2.46 -19.12
CA ASN B 907 -63.17 -3.70 -19.11
C ASN B 907 -62.66 -4.07 -17.73
N GLN B 908 -63.38 -3.67 -16.67
CA GLN B 908 -62.92 -3.90 -15.31
C GLN B 908 -62.72 -5.39 -15.01
N LYS B 909 -63.66 -6.23 -15.43
CA LYS B 909 -63.56 -7.64 -15.11
C LYS B 909 -62.41 -8.31 -15.87
N LEU B 910 -62.21 -7.95 -17.13
CA LEU B 910 -61.09 -8.50 -17.88
C LEU B 910 -59.77 -8.06 -17.28
N ILE B 911 -59.68 -6.79 -16.88
CA ILE B 911 -58.48 -6.28 -16.23
C ILE B 911 -58.20 -7.02 -14.94
N ALA B 912 -59.25 -7.24 -14.13
CA ALA B 912 -59.08 -7.97 -12.88
C ALA B 912 -58.59 -9.39 -13.15
N ASN B 913 -59.16 -10.05 -14.15
CA ASN B 913 -58.78 -11.43 -14.42
C ASN B 913 -57.35 -11.52 -14.94
N GLN B 914 -56.94 -10.57 -15.78
CA GLN B 914 -55.57 -10.58 -16.29
C GLN B 914 -54.57 -10.27 -15.18
N PHE B 915 -54.90 -9.31 -14.30
CA PHE B 915 -54.01 -8.98 -13.20
C PHE B 915 -53.87 -10.16 -12.24
N ASN B 916 -54.98 -10.83 -11.92
CA ASN B 916 -54.91 -11.99 -11.05
C ASN B 916 -54.14 -13.13 -11.69
N SER B 917 -54.30 -13.32 -13.00
CA SER B 917 -53.56 -14.38 -13.68
C SER B 917 -52.06 -14.10 -13.68
N ALA B 918 -51.66 -12.84 -13.92
CA ALA B 918 -50.24 -12.51 -13.92
C ALA B 918 -49.65 -12.63 -12.52
N ILE B 919 -50.35 -12.13 -11.51
CA ILE B 919 -49.86 -12.24 -10.14
C ILE B 919 -49.73 -13.71 -9.73
N GLY B 920 -50.69 -14.54 -10.13
CA GLY B 920 -50.57 -15.96 -9.86
C GLY B 920 -49.40 -16.59 -10.58
N LYS B 921 -49.17 -16.19 -11.83
CA LYS B 921 -48.07 -16.76 -12.61
C LYS B 921 -46.70 -16.35 -12.11
N ILE B 922 -46.59 -15.22 -11.39
CA ILE B 922 -45.26 -14.78 -10.97
C ILE B 922 -44.60 -15.81 -10.06
N GLN B 923 -45.39 -16.49 -9.22
CA GLN B 923 -44.84 -17.52 -8.33
C GLN B 923 -44.21 -18.64 -9.14
N ASP B 924 -44.94 -19.17 -10.11
CA ASP B 924 -44.43 -20.25 -10.93
C ASP B 924 -43.23 -19.79 -11.75
N SER B 925 -43.25 -18.53 -12.20
CA SER B 925 -42.17 -18.01 -13.02
C SER B 925 -40.87 -18.00 -12.24
N LEU B 926 -40.86 -17.34 -11.08
CA LEU B 926 -39.61 -17.26 -10.32
C LEU B 926 -39.26 -18.59 -9.68
N SER B 927 -40.24 -19.44 -9.34
CA SER B 927 -39.98 -20.72 -8.71
C SER B 927 -39.59 -21.83 -9.68
N SER B 928 -39.76 -21.63 -10.98
CA SER B 928 -39.46 -22.67 -11.94
C SER B 928 -38.30 -22.35 -12.87
N THR B 929 -37.93 -21.09 -13.00
CA THR B 929 -36.80 -20.70 -13.81
C THR B 929 -35.59 -20.52 -12.91
N PRO B 930 -34.60 -21.41 -12.95
CA PRO B 930 -33.42 -21.23 -12.09
C PRO B 930 -32.67 -19.97 -12.46
N SER B 931 -31.76 -19.57 -11.56
CA SER B 931 -30.98 -18.35 -11.63
C SER B 931 -31.83 -17.09 -11.47
N ALA B 932 -33.15 -17.23 -11.31
CA ALA B 932 -34.01 -16.07 -11.17
C ALA B 932 -33.62 -15.21 -9.96
N LEU B 933 -33.15 -15.84 -8.88
CA LEU B 933 -32.69 -15.14 -7.70
C LEU B 933 -31.18 -15.01 -7.65
N GLY B 934 -30.52 -15.11 -8.82
CA GLY B 934 -29.06 -15.04 -8.85
C GLY B 934 -28.49 -13.76 -8.29
N LYS B 935 -29.19 -12.64 -8.49
CA LYS B 935 -28.67 -11.36 -8.02
C LYS B 935 -28.60 -11.29 -6.50
N LEU B 936 -29.44 -12.05 -5.81
CA LEU B 936 -29.37 -12.10 -4.35
C LEU B 936 -28.49 -13.23 -3.83
N GLN B 937 -28.46 -14.36 -4.53
CA GLN B 937 -27.62 -15.47 -4.11
C GLN B 937 -26.13 -15.15 -4.32
N ASP B 938 -25.81 -14.37 -5.34
CA ASP B 938 -24.42 -14.08 -5.65
C ASP B 938 -23.76 -13.25 -4.55
N VAL B 939 -24.53 -12.34 -3.93
CA VAL B 939 -23.97 -11.52 -2.85
C VAL B 939 -23.59 -12.41 -1.67
N VAL B 940 -24.49 -13.31 -1.28
CA VAL B 940 -24.21 -14.23 -0.17
C VAL B 940 -23.03 -15.12 -0.51
N ASN B 941 -22.98 -15.62 -1.75
CA ASN B 941 -21.88 -16.49 -2.15
C ASN B 941 -20.54 -15.77 -2.09
N GLN B 942 -20.50 -14.51 -2.55
CA GLN B 942 -19.25 -13.76 -2.53
C GLN B 942 -18.82 -13.47 -1.10
N ASN B 943 -19.76 -13.13 -0.21
CA ASN B 943 -19.36 -12.85 1.17
C ASN B 943 -18.85 -14.11 1.86
N ALA B 944 -19.55 -15.23 1.69
CA ALA B 944 -19.12 -16.47 2.32
C ALA B 944 -17.78 -16.94 1.75
N GLN B 945 -17.59 -16.78 0.44
CA GLN B 945 -16.32 -17.17 -0.16
C GLN B 945 -15.18 -16.28 0.32
N ALA B 946 -15.44 -14.99 0.49
CA ALA B 946 -14.41 -14.10 1.01
C ALA B 946 -14.04 -14.46 2.44
N LEU B 947 -15.02 -14.83 3.26
CA LEU B 947 -14.69 -15.23 4.63
C LEU B 947 -13.93 -16.55 4.65
N ASN B 948 -14.34 -17.52 3.82
CA ASN B 948 -13.64 -18.80 3.79
C ASN B 948 -12.22 -18.65 3.27
N THR B 949 -12.01 -17.74 2.31
CA THR B 949 -10.68 -17.53 1.75
C THR B 949 -9.84 -16.61 2.62
N LEU B 950 -10.47 -15.90 3.55
CA LEU B 950 -9.73 -15.22 4.60
C LEU B 950 -9.24 -16.21 5.65
N VAL B 951 -10.08 -17.19 6.01
CA VAL B 951 -9.68 -18.18 6.99
C VAL B 951 -8.61 -19.11 6.41
N LYS B 952 -8.78 -19.55 5.17
CA LYS B 952 -7.81 -20.46 4.56
C LYS B 952 -6.40 -19.88 4.55
N GLN B 953 -6.28 -18.55 4.49
CA GLN B 953 -4.96 -17.93 4.50
C GLN B 953 -4.20 -18.16 5.80
N LEU B 954 -4.89 -18.51 6.89
CA LEU B 954 -4.21 -18.77 8.15
C LEU B 954 -3.38 -20.04 8.11
N SER B 955 -3.73 -20.99 7.24
CA SER B 955 -2.96 -22.22 7.08
C SER B 955 -1.92 -22.11 5.98
N SER B 956 -1.28 -20.96 5.83
CA SER B 956 -0.19 -20.80 4.86
C SER B 956 1.03 -20.23 5.56
N ASN B 957 2.19 -20.88 5.35
CA ASN B 957 3.39 -20.50 6.08
C ASN B 957 3.88 -19.11 5.71
N PHE B 958 3.62 -18.66 4.48
CA PHE B 958 4.04 -17.34 4.01
C PHE B 958 5.56 -17.22 3.95
N GLY B 959 6.23 -18.33 3.67
CA GLY B 959 7.67 -18.35 3.55
C GLY B 959 8.42 -18.68 4.82
N ALA B 960 7.71 -18.98 5.91
CA ALA B 960 8.36 -19.29 7.18
C ALA B 960 8.61 -20.80 7.29
N ILE B 961 8.54 -21.32 8.50
CA ILE B 961 8.81 -22.74 8.74
C ILE B 961 7.57 -23.53 9.12
N SER B 962 6.54 -22.90 9.67
CA SER B 962 5.28 -23.59 9.94
C SER B 962 4.18 -22.56 10.15
N SER B 963 3.05 -22.78 9.50
CA SER B 963 1.94 -21.83 9.52
C SER B 963 1.38 -21.58 10.92
N VAL B 964 1.78 -22.36 11.91
CA VAL B 964 1.33 -22.17 13.29
C VAL B 964 2.38 -21.34 14.02
N LEU B 965 1.97 -20.17 14.53
CA LEU B 965 2.89 -19.33 15.27
C LEU B 965 3.36 -20.00 16.56
N ASN B 966 2.49 -20.82 17.17
CA ASN B 966 2.90 -21.50 18.40
C ASN B 966 3.99 -22.52 18.14
N ASP B 967 4.02 -23.11 16.94
CA ASP B 967 5.04 -24.11 16.64
C ASP B 967 6.40 -23.45 16.43
N ILE B 968 6.42 -22.31 15.74
CA ILE B 968 7.68 -21.60 15.56
C ILE B 968 8.15 -21.01 16.88
N LEU B 969 7.21 -20.56 17.73
CA LEU B 969 7.59 -20.08 19.05
C LEU B 969 8.13 -21.20 19.93
N SER B 970 7.59 -22.41 19.79
CA SER B 970 8.04 -23.56 20.59
C SER B 970 9.27 -24.25 20.03
N ARG B 971 9.69 -23.96 18.80
CA ARG B 971 10.86 -24.61 18.25
C ARG B 971 12.03 -23.68 18.00
N LEU B 972 11.79 -22.39 17.80
CA LEU B 972 12.87 -21.42 17.64
C LEU B 972 12.96 -20.53 18.88
N ASP B 973 14.18 -20.14 19.21
CA ASP B 973 14.40 -19.21 20.30
C ASP B 973 13.88 -17.83 19.91
N PRO B 974 13.31 -17.08 20.86
CA PRO B 974 12.68 -15.78 20.54
C PRO B 974 13.52 -14.92 19.61
N PRO B 975 14.84 -14.76 19.85
CA PRO B 975 15.63 -13.90 18.94
C PRO B 975 15.59 -14.34 17.50
N GLU B 976 15.28 -15.60 17.22
CA GLU B 976 15.16 -16.10 15.86
C GLU B 976 13.71 -16.31 15.44
N ALA B 977 12.83 -16.65 16.38
CA ALA B 977 11.41 -16.71 16.10
C ALA B 977 10.85 -15.35 15.68
N GLU B 978 11.53 -14.26 16.06
CA GLU B 978 11.04 -12.93 15.73
C GLU B 978 10.85 -12.74 14.23
N VAL B 979 11.79 -13.23 13.42
CA VAL B 979 11.68 -13.00 11.98
C VAL B 979 10.55 -13.83 11.37
N GLN B 980 10.42 -15.08 11.80
CA GLN B 980 9.36 -15.92 11.24
C GLN B 980 7.99 -15.44 11.67
N ILE B 981 7.88 -14.91 12.89
CA ILE B 981 6.60 -14.35 13.31
C ILE B 981 6.34 -13.03 12.58
N ASP B 982 7.39 -12.27 12.27
CA ASP B 982 7.20 -11.10 11.42
C ASP B 982 6.65 -11.49 10.06
N ARG B 983 7.09 -12.62 9.52
CA ARG B 983 6.52 -13.10 8.27
C ARG B 983 5.05 -13.48 8.43
N LEU B 984 4.73 -14.23 9.49
CA LEU B 984 3.34 -14.63 9.71
C LEU B 984 2.43 -13.48 10.15
N ILE B 985 2.99 -12.33 10.50
CA ILE B 985 2.17 -11.16 10.73
C ILE B 985 2.02 -10.34 9.46
N THR B 986 3.10 -10.12 8.71
CA THR B 986 3.00 -9.31 7.50
C THR B 986 2.09 -9.96 6.46
N GLY B 987 2.20 -11.27 6.27
CA GLY B 987 1.36 -11.92 5.27
C GLY B 987 -0.10 -11.94 5.67
N ARG B 988 -0.39 -12.23 6.94
CA ARG B 988 -1.77 -12.29 7.39
C ARG B 988 -2.40 -10.91 7.40
N LEU B 989 -1.63 -9.88 7.76
CA LEU B 989 -2.14 -8.53 7.72
C LEU B 989 -2.40 -8.08 6.29
N GLN B 990 -1.54 -8.47 5.35
CA GLN B 990 -1.79 -8.15 3.95
C GLN B 990 -3.04 -8.86 3.43
N SER B 991 -3.28 -10.08 3.90
CA SER B 991 -4.50 -10.79 3.51
C SER B 991 -5.74 -10.10 4.06
N LEU B 992 -5.71 -9.72 5.33
CA LEU B 992 -6.82 -8.98 5.90
C LEU B 992 -7.04 -7.65 5.18
N GLN B 993 -5.96 -6.99 4.77
CA GLN B 993 -6.09 -5.73 4.05
C GLN B 993 -6.75 -5.94 2.69
N THR B 994 -6.39 -7.02 2.00
CA THR B 994 -7.01 -7.31 0.72
C THR B 994 -8.50 -7.62 0.90
N TYR B 995 -8.83 -8.38 1.93
CA TYR B 995 -10.23 -8.69 2.22
C TYR B 995 -11.03 -7.41 2.48
N VAL B 996 -10.50 -6.53 3.33
CA VAL B 996 -11.21 -5.30 3.65
C VAL B 996 -11.36 -4.40 2.43
N THR B 997 -10.34 -4.34 1.57
CA THR B 997 -10.45 -3.55 0.35
C THR B 997 -11.54 -4.08 -0.57
N GLN B 998 -11.58 -5.40 -0.76
CA GLN B 998 -12.63 -5.97 -1.61
C GLN B 998 -14.00 -5.79 -0.98
N GLN B 999 -14.08 -5.78 0.35
CA GLN B 999 -15.35 -5.53 1.00
C GLN B 999 -15.79 -4.07 0.84
N LEU B 1000 -14.84 -3.14 0.81
CA LEU B 1000 -15.18 -1.75 0.57
C LEU B 1000 -15.73 -1.57 -0.85
N ILE B 1001 -15.08 -2.20 -1.83
CA ILE B 1001 -15.59 -2.08 -3.20
C ILE B 1001 -16.97 -2.73 -3.33
N ARG B 1002 -17.14 -3.92 -2.75
CA ARG B 1002 -18.42 -4.59 -2.84
C ARG B 1002 -19.51 -3.83 -2.08
N ALA B 1003 -19.15 -3.21 -0.96
CA ALA B 1003 -20.10 -2.37 -0.24
C ALA B 1003 -20.51 -1.17 -1.08
N ALA B 1004 -19.58 -0.61 -1.86
CA ALA B 1004 -19.94 0.50 -2.74
C ALA B 1004 -20.91 0.04 -3.82
N GLU B 1005 -20.67 -1.14 -4.38
CA GLU B 1005 -21.57 -1.66 -5.41
C GLU B 1005 -22.97 -1.93 -4.85
N ILE B 1006 -23.04 -2.59 -3.69
CA ILE B 1006 -24.33 -2.85 -3.06
C ILE B 1006 -25.01 -1.56 -2.64
N ARG B 1007 -24.25 -0.54 -2.25
CA ARG B 1007 -24.86 0.75 -1.95
C ARG B 1007 -25.45 1.40 -3.19
N ALA B 1008 -24.78 1.26 -4.34
CA ALA B 1008 -25.36 1.74 -5.58
C ALA B 1008 -26.66 1.02 -5.89
N SER B 1009 -26.68 -0.30 -5.69
CA SER B 1009 -27.91 -1.06 -5.92
C SER B 1009 -29.01 -0.69 -4.92
N ALA B 1010 -28.63 -0.43 -3.66
CA ALA B 1010 -29.60 0.01 -2.67
C ALA B 1010 -30.16 1.39 -2.99
N ASN B 1011 -29.33 2.29 -3.51
CA ASN B 1011 -29.82 3.61 -3.90
C ASN B 1011 -30.78 3.51 -5.08
N LEU B 1012 -30.45 2.66 -6.07
CA LEU B 1012 -31.38 2.43 -7.16
C LEU B 1012 -32.67 1.80 -6.65
N ALA B 1013 -32.56 0.90 -5.65
CA ALA B 1013 -33.75 0.28 -5.08
C ALA B 1013 -34.61 1.30 -4.35
N ALA B 1014 -34.01 2.25 -3.64
CA ALA B 1014 -34.79 3.29 -2.98
C ALA B 1014 -35.44 4.22 -4.01
N THR B 1015 -34.71 4.51 -5.09
CA THR B 1015 -35.28 5.32 -6.16
C THR B 1015 -36.49 4.64 -6.77
N LYS B 1016 -36.39 3.33 -7.02
CA LYS B 1016 -37.54 2.58 -7.52
C LYS B 1016 -38.65 2.51 -6.48
N MET B 1017 -38.29 2.40 -5.21
CA MET B 1017 -39.28 2.36 -4.15
C MET B 1017 -40.12 3.62 -4.16
N SER B 1018 -39.49 4.76 -4.36
CA SER B 1018 -40.22 6.03 -4.40
C SER B 1018 -40.95 6.21 -5.72
N GLU B 1019 -40.28 5.98 -6.84
CA GLU B 1019 -40.75 6.36 -8.16
C GLU B 1019 -41.49 5.25 -8.88
N CYS B 1020 -41.73 4.14 -8.25
CA CYS B 1020 -42.50 3.06 -8.84
C CYS B 1020 -43.62 2.58 -7.93
N VAL B 1021 -43.34 2.41 -6.64
CA VAL B 1021 -44.34 1.96 -5.69
C VAL B 1021 -45.14 3.13 -5.12
N LEU B 1022 -44.45 4.18 -4.68
CA LEU B 1022 -45.09 5.30 -4.03
C LEU B 1022 -45.80 6.22 -5.01
N GLY B 1023 -45.45 6.16 -6.30
CA GLY B 1023 -46.13 6.94 -7.30
C GLY B 1023 -46.35 6.18 -8.59
N GLN B 1024 -46.29 6.90 -9.72
CA GLN B 1024 -46.36 6.31 -11.05
C GLN B 1024 -45.31 6.98 -11.92
N SER B 1025 -44.49 6.18 -12.58
CA SER B 1025 -43.35 6.68 -13.33
C SER B 1025 -43.67 6.79 -14.81
N LYS B 1026 -43.33 7.94 -15.39
CA LYS B 1026 -43.36 8.15 -16.83
C LYS B 1026 -42.03 7.77 -17.48
N ARG B 1027 -41.08 7.29 -16.69
CA ARG B 1027 -39.77 6.90 -17.19
C ARG B 1027 -39.88 5.51 -17.82
N VAL B 1028 -39.56 5.41 -19.11
CA VAL B 1028 -39.82 4.18 -19.83
C VAL B 1028 -38.87 3.08 -19.36
N ASP B 1029 -39.44 1.88 -19.18
CA ASP B 1029 -38.78 0.65 -18.74
C ASP B 1029 -37.97 0.82 -17.46
N PHE B 1030 -38.18 1.92 -16.74
CA PHE B 1030 -37.58 2.07 -15.43
C PHE B 1030 -38.37 1.29 -14.38
N CYS B 1031 -39.69 1.25 -14.52
CA CYS B 1031 -40.51 0.41 -13.67
C CYS B 1031 -41.18 -0.66 -14.54
N GLY B 1032 -40.37 -1.52 -15.14
CA GLY B 1032 -40.84 -2.63 -15.94
C GLY B 1032 -41.11 -2.26 -17.38
N LYS B 1033 -41.13 -3.28 -18.23
CA LYS B 1033 -41.40 -3.08 -19.65
C LYS B 1033 -42.87 -2.77 -19.88
N GLY B 1034 -43.14 -1.75 -20.68
CA GLY B 1034 -44.49 -1.32 -20.97
C GLY B 1034 -44.81 -0.02 -20.30
N TYR B 1035 -46.06 0.40 -20.44
CA TYR B 1035 -46.52 1.62 -19.78
C TYR B 1035 -46.82 1.30 -18.32
N HIS B 1036 -46.08 1.96 -17.43
CA HIS B 1036 -46.14 1.63 -16.01
C HIS B 1036 -47.48 2.06 -15.42
N LEU B 1037 -48.08 1.16 -14.66
CA LEU B 1037 -49.28 1.43 -13.89
C LEU B 1037 -48.98 1.48 -12.39
N MET B 1038 -48.43 0.41 -11.84
CA MET B 1038 -48.20 0.38 -10.40
C MET B 1038 -47.11 -0.63 -10.09
N SER B 1039 -46.62 -0.60 -8.85
CA SER B 1039 -45.62 -1.57 -8.42
C SER B 1039 -45.91 -2.04 -7.00
N PHE B 1040 -45.45 -3.26 -6.73
CA PHE B 1040 -45.71 -3.94 -5.45
C PHE B 1040 -44.38 -4.39 -4.86
N PRO B 1041 -44.03 -3.98 -3.65
CA PRO B 1041 -42.78 -4.41 -3.05
C PRO B 1041 -42.91 -5.72 -2.30
N GLN B 1042 -41.82 -6.49 -2.33
CA GLN B 1042 -41.74 -7.74 -1.59
C GLN B 1042 -40.35 -7.86 -0.99
N SER B 1043 -40.28 -8.37 0.24
CA SER B 1043 -39.00 -8.55 0.88
C SER B 1043 -38.36 -9.84 0.39
N ALA B 1044 -37.03 -9.88 0.45
CA ALA B 1044 -36.30 -11.06 0.04
C ALA B 1044 -35.00 -11.08 0.83
N PRO B 1045 -34.35 -12.25 0.97
CA PRO B 1045 -33.10 -12.30 1.73
C PRO B 1045 -32.08 -11.33 1.18
N HIS B 1046 -31.74 -10.33 1.98
CA HIS B 1046 -30.76 -9.31 1.60
C HIS B 1046 -31.18 -8.57 0.33
N GLY B 1047 -32.47 -8.37 0.12
CA GLY B 1047 -32.86 -7.66 -1.07
C GLY B 1047 -34.35 -7.37 -1.13
N VAL B 1048 -34.74 -6.73 -2.23
CA VAL B 1048 -36.12 -6.36 -2.47
C VAL B 1048 -36.52 -6.81 -3.87
N VAL B 1049 -37.76 -7.28 -4.00
CA VAL B 1049 -38.30 -7.77 -5.26
C VAL B 1049 -39.48 -6.89 -5.61
N PHE B 1050 -39.46 -6.32 -6.80
CA PHE B 1050 -40.51 -5.43 -7.26
C PHE B 1050 -41.36 -6.16 -8.28
N LEU B 1051 -42.68 -6.13 -8.07
CA LEU B 1051 -43.64 -6.65 -9.02
C LEU B 1051 -44.21 -5.45 -9.76
N HIS B 1052 -43.79 -5.27 -11.00
CA HIS B 1052 -44.19 -4.12 -11.79
C HIS B 1052 -45.40 -4.51 -12.62
N VAL B 1053 -46.52 -3.83 -12.37
CA VAL B 1053 -47.77 -4.04 -13.09
C VAL B 1053 -47.84 -2.96 -14.17
N THR B 1054 -47.82 -3.40 -15.42
CA THR B 1054 -47.67 -2.55 -16.57
C THR B 1054 -48.72 -2.87 -17.63
N TYR B 1055 -49.02 -1.86 -18.43
CA TYR B 1055 -49.95 -1.94 -19.55
C TYR B 1055 -49.15 -2.12 -20.84
N VAL B 1056 -49.47 -3.15 -21.61
CA VAL B 1056 -48.79 -3.43 -22.87
C VAL B 1056 -49.82 -3.55 -23.98
N PRO B 1057 -49.79 -2.67 -24.98
CA PRO B 1057 -50.73 -2.81 -26.11
C PRO B 1057 -50.46 -4.11 -26.88
N ALA B 1058 -51.53 -4.78 -27.29
CA ALA B 1058 -51.40 -6.12 -27.85
C ALA B 1058 -51.92 -6.23 -29.27
N GLN B 1059 -53.23 -6.12 -29.51
CA GLN B 1059 -53.79 -6.38 -30.83
C GLN B 1059 -53.85 -5.09 -31.63
N GLU B 1060 -52.89 -4.91 -32.53
CA GLU B 1060 -52.74 -3.70 -33.31
C GLU B 1060 -53.48 -3.82 -34.63
N LYS B 1061 -54.09 -2.72 -35.09
CA LYS B 1061 -54.77 -2.71 -36.37
C LYS B 1061 -54.39 -1.46 -37.16
N ASN B 1062 -54.14 -1.67 -38.45
CA ASN B 1062 -53.70 -0.60 -39.35
C ASN B 1062 -54.87 0.28 -39.75
N PHE B 1063 -54.63 1.60 -39.76
CA PHE B 1063 -55.64 2.55 -40.17
C PHE B 1063 -54.98 3.66 -40.98
N THR B 1064 -55.57 3.98 -42.13
CA THR B 1064 -55.06 5.10 -42.90
C THR B 1064 -55.37 6.39 -42.14
N THR B 1065 -54.42 7.31 -42.13
CA THR B 1065 -54.53 8.51 -41.32
C THR B 1065 -54.25 9.77 -42.14
N ALA B 1066 -54.50 10.91 -41.49
CA ALA B 1066 -54.28 12.23 -42.04
C ALA B 1066 -54.02 13.17 -40.88
N PRO B 1067 -53.07 14.10 -41.01
CA PRO B 1067 -52.70 14.93 -39.85
C PRO B 1067 -53.72 16.01 -39.53
N ALA B 1068 -54.50 16.48 -40.49
CA ALA B 1068 -55.53 17.47 -40.23
C ALA B 1068 -56.59 17.34 -41.31
N ILE B 1069 -57.80 17.82 -41.01
CA ILE B 1069 -58.91 17.69 -41.96
C ILE B 1069 -59.45 19.05 -42.33
N CYS B 1070 -59.75 19.23 -43.62
CA CYS B 1070 -60.21 20.50 -44.16
C CYS B 1070 -61.74 20.56 -44.06
N HIS B 1071 -62.26 21.60 -43.41
CA HIS B 1071 -63.69 21.86 -43.37
C HIS B 1071 -63.92 23.33 -43.66
N ASP B 1072 -64.63 23.60 -44.77
CA ASP B 1072 -64.97 24.95 -45.24
C ASP B 1072 -63.80 25.91 -45.21
N GLY B 1073 -62.59 25.39 -45.42
CA GLY B 1073 -61.39 26.19 -45.51
C GLY B 1073 -60.52 26.20 -44.26
N LYS B 1074 -61.07 25.80 -43.12
CA LYS B 1074 -60.31 25.72 -41.89
C LYS B 1074 -59.70 24.33 -41.72
N ALA B 1075 -58.50 24.29 -41.14
CA ALA B 1075 -57.80 23.04 -40.89
C ALA B 1075 -58.02 22.62 -39.44
N HIS B 1076 -58.59 21.45 -39.25
CA HIS B 1076 -58.92 20.93 -37.93
C HIS B 1076 -57.86 19.91 -37.51
N PHE B 1077 -57.37 20.06 -36.29
CA PHE B 1077 -56.40 19.18 -35.64
C PHE B 1077 -57.04 18.54 -34.41
N PRO B 1078 -56.65 17.32 -34.06
CA PRO B 1078 -57.29 16.66 -32.90
C PRO B 1078 -56.86 17.32 -31.60
N ARG B 1079 -57.82 17.43 -30.68
CA ARG B 1079 -57.47 17.96 -29.36
C ARG B 1079 -56.68 16.94 -28.56
N GLU B 1080 -57.12 15.68 -28.58
CA GLU B 1080 -56.36 14.56 -28.07
C GLU B 1080 -56.62 13.37 -28.98
N GLY B 1081 -55.58 12.62 -29.28
CA GLY B 1081 -55.72 11.51 -30.20
C GLY B 1081 -55.37 11.87 -31.63
N VAL B 1082 -55.69 10.94 -32.52
CA VAL B 1082 -55.27 11.01 -33.91
C VAL B 1082 -56.44 10.67 -34.81
N PHE B 1083 -56.35 11.13 -36.06
CA PHE B 1083 -57.36 10.82 -37.07
C PHE B 1083 -57.03 9.50 -37.75
N VAL B 1084 -58.02 8.60 -37.81
CA VAL B 1084 -57.89 7.33 -38.50
C VAL B 1084 -59.13 7.07 -39.32
N SER B 1085 -58.95 6.41 -40.46
CA SER B 1085 -60.05 6.15 -41.38
C SER B 1085 -60.08 4.67 -41.74
N ASN B 1086 -61.26 4.05 -41.62
CA ASN B 1086 -61.39 2.65 -41.96
C ASN B 1086 -61.18 2.42 -43.45
N GLY B 1087 -61.40 3.44 -44.26
CA GLY B 1087 -61.34 3.37 -45.71
C GLY B 1087 -62.32 4.36 -46.29
N THR B 1088 -63.39 4.63 -45.55
CA THR B 1088 -64.49 5.43 -46.06
C THR B 1088 -64.85 6.57 -45.12
N HIS B 1089 -64.68 6.37 -43.81
CA HIS B 1089 -65.07 7.35 -42.81
C HIS B 1089 -63.90 7.70 -41.92
N TRP B 1090 -63.81 8.96 -41.51
CA TRP B 1090 -62.76 9.44 -40.65
C TRP B 1090 -63.27 9.60 -39.22
N PHE B 1091 -62.48 9.12 -38.26
CA PHE B 1091 -62.80 9.20 -36.84
C PHE B 1091 -61.56 9.64 -36.09
N VAL B 1092 -61.77 10.09 -34.86
CA VAL B 1092 -60.68 10.46 -33.97
C VAL B 1092 -60.63 9.45 -32.83
N THR B 1093 -59.41 9.02 -32.49
CA THR B 1093 -59.21 7.95 -31.53
C THR B 1093 -58.00 8.23 -30.67
N GLN B 1094 -58.05 7.85 -29.40
CA GLN B 1094 -56.87 7.96 -28.56
C GLN B 1094 -55.80 7.00 -29.08
N ARG B 1095 -54.54 7.45 -29.03
CA ARG B 1095 -53.49 6.75 -29.75
C ARG B 1095 -53.24 5.34 -29.22
N ASN B 1096 -53.46 5.11 -27.94
CA ASN B 1096 -53.12 3.84 -27.32
C ASN B 1096 -54.29 2.87 -27.22
N PHE B 1097 -55.45 3.21 -27.77
CA PHE B 1097 -56.59 2.31 -27.73
C PHE B 1097 -57.67 2.76 -28.71
N TYR B 1098 -58.03 1.91 -29.66
CA TYR B 1098 -59.00 2.28 -30.68
C TYR B 1098 -60.38 2.48 -30.06
N GLU B 1099 -60.88 3.71 -30.10
CA GLU B 1099 -62.17 4.06 -29.53
C GLU B 1099 -62.72 5.25 -30.30
N PRO B 1100 -63.34 5.00 -31.46
CA PRO B 1100 -63.72 6.10 -32.34
C PRO B 1100 -64.87 6.93 -31.80
N GLN B 1101 -64.79 8.22 -32.06
CA GLN B 1101 -65.90 9.14 -31.84
C GLN B 1101 -66.07 9.97 -33.09
N ILE B 1102 -67.28 10.50 -33.28
CA ILE B 1102 -67.55 11.34 -34.44
C ILE B 1102 -66.72 12.61 -34.33
N ILE B 1103 -66.15 13.03 -35.46
CA ILE B 1103 -65.32 14.24 -35.47
C ILE B 1103 -66.22 15.45 -35.26
N THR B 1104 -65.96 16.21 -34.21
CA THR B 1104 -66.78 17.36 -33.84
C THR B 1104 -65.90 18.56 -33.59
N THR B 1105 -66.56 19.72 -33.47
CA THR B 1105 -65.86 20.93 -33.02
C THR B 1105 -65.49 20.87 -31.55
N ASP B 1106 -65.92 19.84 -30.83
CA ASP B 1106 -65.63 19.71 -29.41
C ASP B 1106 -64.42 18.83 -29.11
N ASN B 1107 -63.95 18.03 -30.08
CA ASN B 1107 -62.72 17.29 -29.93
C ASN B 1107 -61.63 17.71 -30.92
N THR B 1108 -61.93 18.59 -31.86
CA THR B 1108 -60.92 19.17 -32.74
C THR B 1108 -60.84 20.68 -32.53
N PHE B 1109 -59.70 21.25 -32.92
CA PHE B 1109 -59.47 22.68 -32.83
C PHE B 1109 -58.91 23.18 -34.15
N VAL B 1110 -59.17 24.46 -34.42
CA VAL B 1110 -58.85 25.07 -35.71
C VAL B 1110 -57.63 25.96 -35.55
N SER B 1111 -56.72 25.89 -36.52
CA SER B 1111 -55.57 26.79 -36.55
C SER B 1111 -55.08 26.91 -37.97
N GLY B 1112 -55.11 28.12 -38.52
CA GLY B 1112 -54.66 28.35 -39.87
C GLY B 1112 -55.69 27.96 -40.91
N ASN B 1113 -55.19 27.57 -42.10
CA ASN B 1113 -56.04 27.25 -43.24
C ASN B 1113 -55.48 26.02 -43.94
N CYS B 1114 -56.25 25.52 -44.89
CA CYS B 1114 -55.99 24.23 -45.52
C CYS B 1114 -54.81 24.24 -46.48
N ASP B 1115 -54.28 25.39 -46.84
CA ASP B 1115 -53.23 25.46 -47.85
C ASP B 1115 -51.82 25.30 -47.26
N VAL B 1116 -51.69 25.20 -45.94
CA VAL B 1116 -50.39 25.18 -45.30
C VAL B 1116 -50.02 23.78 -44.82
N VAL B 1117 -50.99 23.02 -44.29
CA VAL B 1117 -50.71 21.70 -43.74
C VAL B 1117 -50.58 20.70 -44.88
N ILE B 1118 -49.48 19.96 -44.90
CA ILE B 1118 -49.24 18.98 -45.95
C ILE B 1118 -49.95 17.68 -45.58
N GLY B 1119 -50.66 17.09 -46.54
CA GLY B 1119 -51.39 15.87 -46.33
C GLY B 1119 -52.80 16.05 -45.84
N ILE B 1120 -53.28 17.30 -45.72
CA ILE B 1120 -54.61 17.55 -45.23
C ILE B 1120 -55.64 16.92 -46.17
N VAL B 1121 -56.62 16.24 -45.59
CA VAL B 1121 -57.71 15.64 -46.35
C VAL B 1121 -58.98 16.44 -46.07
N ASN B 1122 -60.02 16.16 -46.86
CA ASN B 1122 -61.32 16.81 -46.70
C ASN B 1122 -62.28 15.85 -46.01
N ASN B 1123 -62.99 16.35 -45.01
CA ASN B 1123 -64.12 15.64 -44.43
C ASN B 1123 -65.07 16.65 -43.83
N THR B 1124 -66.02 16.16 -43.03
CA THR B 1124 -67.03 16.98 -42.39
C THR B 1124 -66.86 16.93 -40.88
N VAL B 1125 -67.18 18.05 -40.23
CA VAL B 1125 -67.11 18.19 -38.79
C VAL B 1125 -68.51 18.56 -38.30
N TYR B 1126 -68.99 17.82 -37.30
CA TYR B 1126 -70.36 17.96 -36.85
C TYR B 1126 -70.40 18.81 -35.59
N ASP B 1127 -71.33 19.76 -35.55
CA ASP B 1127 -71.45 20.67 -34.43
C ASP B 1127 -72.65 20.27 -33.58
N PRO B 1128 -72.46 19.84 -32.33
CA PRO B 1128 -73.60 19.48 -31.47
C PRO B 1128 -74.63 20.59 -31.33
N LEU B 1129 -74.23 21.81 -31.65
CA LEU B 1129 -75.15 22.94 -31.58
C LEU B 1129 -76.18 22.89 -32.71
N GLN B 1130 -75.81 22.33 -33.86
CA GLN B 1130 -76.73 22.24 -34.99
C GLN B 1130 -78.03 21.53 -34.65
N PRO B 1131 -78.02 20.30 -34.10
CA PRO B 1131 -79.31 19.65 -33.78
C PRO B 1131 -80.05 20.32 -32.63
N GLU B 1132 -79.34 20.99 -31.72
CA GLU B 1132 -80.00 21.62 -30.59
C GLU B 1132 -80.69 22.93 -30.98
N LEU B 1133 -80.19 23.61 -32.00
CA LEU B 1133 -80.81 24.88 -32.39
C LEU B 1133 -81.98 24.68 -33.35
N ASP B 1134 -81.89 23.71 -34.25
CA ASP B 1134 -82.98 23.43 -35.18
C ASP B 1134 -84.09 22.63 -34.49
N ALA C 15 38.70 31.36 -25.21
CA ALA C 15 37.54 31.38 -26.09
C ALA C 15 36.50 30.35 -25.63
N TYR C 16 35.23 30.66 -25.86
CA TYR C 16 34.14 29.75 -25.54
C TYR C 16 33.27 29.55 -26.76
N THR C 17 32.64 28.37 -26.82
CA THR C 17 31.71 28.01 -27.89
C THR C 17 30.49 27.41 -27.21
N ASN C 18 29.40 27.27 -27.96
CA ASN C 18 28.18 26.67 -27.44
C ASN C 18 28.13 25.20 -27.85
N SER C 19 27.59 24.37 -26.95
CA SER C 19 27.60 22.92 -27.14
C SER C 19 26.35 22.42 -27.86
N PHE C 20 25.22 23.10 -27.68
CA PHE C 20 23.97 22.81 -28.39
C PHE C 20 23.55 21.39 -28.03
N THR C 21 23.24 20.53 -29.00
CA THR C 21 22.79 19.17 -28.71
C THR C 21 23.78 18.15 -29.24
N ARG C 22 25.05 18.30 -28.87
CA ARG C 22 26.08 17.31 -29.17
C ARG C 22 26.67 16.78 -27.87
N GLY C 23 27.22 15.58 -27.96
CA GLY C 23 27.85 14.93 -26.83
C GLY C 23 27.04 13.84 -26.19
N VAL C 24 26.19 13.15 -26.94
CA VAL C 24 25.39 12.04 -26.45
C VAL C 24 25.99 10.73 -26.95
N TYR C 25 26.12 9.78 -26.03
CA TYR C 25 26.72 8.49 -26.32
C TYR C 25 25.81 7.39 -25.78
N TYR C 26 25.85 6.23 -26.42
CA TYR C 26 25.05 5.08 -26.01
C TYR C 26 25.41 4.70 -24.58
N PRO C 27 24.53 4.97 -23.62
CA PRO C 27 24.93 4.87 -22.20
C PRO C 27 25.05 3.44 -21.67
N ASP C 28 24.44 2.44 -22.31
CA ASP C 28 24.42 1.11 -21.72
C ASP C 28 24.74 -0.03 -22.68
N LYS C 29 24.96 0.25 -23.96
CA LYS C 29 25.42 -0.73 -24.94
C LYS C 29 24.44 -1.87 -25.16
N VAL C 30 23.19 -1.74 -24.70
CA VAL C 30 22.14 -2.71 -24.98
C VAL C 30 21.16 -2.06 -25.96
N PHE C 31 20.80 -2.79 -27.01
CA PHE C 31 20.02 -2.24 -28.10
C PHE C 31 18.57 -2.02 -27.66
N ARG C 32 18.00 -0.90 -28.10
CA ARG C 32 16.59 -0.60 -27.90
C ARG C 32 16.05 -0.05 -29.20
N SER C 33 14.73 -0.12 -29.37
CA SER C 33 14.12 0.38 -30.59
C SER C 33 12.76 0.99 -30.29
N SER C 34 12.46 2.08 -31.01
CA SER C 34 11.16 2.77 -30.95
C SER C 34 10.71 3.00 -29.51
N VAL C 35 11.62 3.49 -28.67
CA VAL C 35 11.34 3.60 -27.25
C VAL C 35 12.04 4.82 -26.68
N LEU C 36 11.44 5.40 -25.64
CA LEU C 36 12.00 6.54 -24.93
C LEU C 36 12.59 6.03 -23.61
N HIS C 37 13.90 6.11 -23.48
CA HIS C 37 14.62 5.51 -22.36
C HIS C 37 15.22 6.61 -21.49
N SER C 38 14.94 6.57 -20.20
CA SER C 38 15.46 7.54 -19.26
C SER C 38 16.67 6.96 -18.56
N THR C 39 17.79 7.70 -18.57
CA THR C 39 19.04 7.19 -18.03
C THR C 39 19.74 8.28 -17.23
N GLN C 40 20.49 7.84 -16.24
CA GLN C 40 21.33 8.71 -15.43
C GLN C 40 22.78 8.32 -15.67
N ASP C 41 23.56 9.27 -16.19
CA ASP C 41 24.97 9.03 -16.47
C ASP C 41 25.65 10.38 -16.64
N LEU C 42 26.94 10.32 -16.95
CA LEU C 42 27.73 11.53 -17.20
C LEU C 42 27.53 11.97 -18.64
N PHE C 43 26.75 13.04 -18.84
CA PHE C 43 26.59 13.64 -20.15
C PHE C 43 27.02 15.10 -20.09
N LEU C 44 27.33 15.65 -21.26
CA LEU C 44 27.66 17.06 -21.38
C LEU C 44 26.38 17.87 -21.42
N PRO C 45 26.07 18.67 -20.40
CA PRO C 45 24.78 19.36 -20.35
C PRO C 45 24.58 20.25 -21.57
N PHE C 46 23.34 20.29 -22.04
CA PHE C 46 23.02 20.96 -23.28
C PHE C 46 23.08 22.47 -23.12
N PHE C 47 23.40 23.15 -24.22
CA PHE C 47 23.54 24.61 -24.23
C PHE C 47 24.52 25.10 -23.17
N SER C 48 25.56 24.31 -22.90
CA SER C 48 26.63 24.73 -22.03
C SER C 48 27.78 25.32 -22.82
N ASN C 49 28.60 26.12 -22.16
CA ASN C 49 29.77 26.72 -22.77
C ASN C 49 30.94 25.75 -22.70
N VAL C 50 31.60 25.53 -23.83
CA VAL C 50 32.75 24.64 -23.92
C VAL C 50 33.97 25.47 -24.29
N THR C 51 35.09 25.18 -23.63
CA THR C 51 36.29 25.97 -23.87
C THR C 51 36.89 25.63 -25.23
N TRP C 52 37.21 26.65 -26.01
CA TRP C 52 37.74 26.51 -27.35
C TRP C 52 39.19 26.93 -27.35
N PHE C 53 40.08 26.01 -27.72
CA PHE C 53 41.51 26.28 -27.81
C PHE C 53 41.91 26.30 -29.27
N HIS C 54 42.81 27.20 -29.61
CA HIS C 54 43.20 27.39 -31.01
C HIS C 54 44.71 27.34 -31.17
N ASP C 68 52.32 24.64 -28.90
CA ASP C 68 51.83 25.08 -27.60
C ASP C 68 50.47 24.47 -27.31
N ASN C 69 50.32 23.89 -26.12
CA ASN C 69 49.09 23.27 -25.63
C ASN C 69 49.06 23.41 -24.11
N PRO C 70 47.90 23.71 -23.54
CA PRO C 70 47.81 23.92 -22.10
C PRO C 70 47.58 22.60 -21.36
N VAL C 71 47.66 22.68 -20.03
CA VAL C 71 47.29 21.58 -19.17
C VAL C 71 45.83 21.74 -18.78
N LEU C 72 45.03 20.69 -19.05
CA LEU C 72 43.60 20.78 -18.81
C LEU C 72 43.18 19.86 -17.67
N PRO C 73 42.26 20.29 -16.82
CA PRO C 73 41.69 19.37 -15.83
C PRO C 73 40.80 18.33 -16.50
N PHE C 74 40.78 17.14 -15.91
CA PHE C 74 39.98 16.03 -16.41
C PHE C 74 38.65 15.86 -15.69
N ASN C 75 38.61 16.19 -14.40
CA ASN C 75 37.47 16.01 -13.50
C ASN C 75 36.70 14.71 -13.76
N ASP C 76 35.41 14.80 -14.09
CA ASP C 76 34.55 13.63 -14.18
C ASP C 76 34.43 13.07 -15.59
N GLY C 77 35.15 13.60 -16.55
CA GLY C 77 35.05 13.16 -17.93
C GLY C 77 35.14 14.35 -18.85
N VAL C 78 35.58 14.10 -20.08
CA VAL C 78 35.82 15.17 -21.03
C VAL C 78 35.15 14.88 -22.37
N TYR C 79 34.54 15.91 -22.95
CA TYR C 79 34.07 15.88 -24.33
C TYR C 79 35.09 16.65 -25.17
N PHE C 80 35.50 16.06 -26.28
CA PHE C 80 36.53 16.59 -27.15
C PHE C 80 36.00 16.66 -28.57
N ALA C 81 36.37 17.71 -29.29
CA ALA C 81 36.00 17.84 -30.69
C ALA C 81 37.16 18.50 -31.42
N SER C 82 37.41 18.05 -32.65
CA SER C 82 38.51 18.66 -33.40
C SER C 82 38.18 18.67 -34.89
N THR C 83 38.77 19.62 -35.59
CA THR C 83 38.56 19.74 -37.03
C THR C 83 39.81 20.28 -37.73
N ASN C 87 44.66 15.32 -40.36
CA ASN C 87 45.24 14.43 -39.36
C ASN C 87 46.33 15.13 -38.56
N ILE C 88 46.05 16.38 -38.19
CA ILE C 88 47.02 17.18 -37.45
C ILE C 88 47.08 16.74 -35.99
N ILE C 89 45.93 16.48 -35.38
CA ILE C 89 45.83 16.20 -33.96
C ILE C 89 45.75 14.69 -33.77
N ARG C 90 46.83 14.10 -33.26
CA ARG C 90 46.92 12.66 -33.06
C ARG C 90 47.29 12.38 -31.60
N GLY C 91 46.51 11.53 -30.95
CA GLY C 91 46.85 11.04 -29.62
C GLY C 91 46.41 11.98 -28.52
N TRP C 92 46.40 11.43 -27.30
CA TRP C 92 46.09 12.20 -26.10
C TRP C 92 46.90 11.64 -24.94
N ILE C 93 47.12 12.48 -23.93
CA ILE C 93 47.86 12.10 -22.74
C ILE C 93 47.02 12.40 -21.50
N PHE C 94 46.92 11.43 -20.60
CA PHE C 94 46.15 11.55 -19.37
C PHE C 94 47.03 11.15 -18.19
N GLY C 95 46.81 11.77 -17.04
CA GLY C 95 47.52 11.37 -15.86
C GLY C 95 47.12 12.18 -14.65
N THR C 96 47.93 12.07 -13.61
CA THR C 96 47.74 12.79 -12.35
C THR C 96 48.82 13.83 -12.10
N THR C 97 50.09 13.45 -12.29
CA THR C 97 51.22 14.34 -12.08
C THR C 97 52.07 14.55 -13.32
N LEU C 98 51.99 13.65 -14.30
CA LEU C 98 52.67 13.82 -15.59
C LEU C 98 54.18 13.98 -15.42
N ASP C 99 54.76 13.25 -14.47
CA ASP C 99 56.19 13.40 -14.19
C ASP C 99 56.88 12.07 -13.91
N SER C 100 56.40 11.00 -14.54
CA SER C 100 56.97 9.66 -14.42
C SER C 100 56.89 9.07 -13.01
N LYS C 101 56.26 9.80 -12.09
CA LYS C 101 56.07 9.28 -10.73
C LYS C 101 54.81 8.43 -10.60
N THR C 102 53.84 8.59 -11.50
CA THR C 102 52.61 7.83 -11.46
C THR C 102 52.29 7.38 -12.88
N GLN C 103 51.45 6.36 -13.00
CA GLN C 103 51.10 5.81 -14.30
C GLN C 103 50.23 6.80 -15.06
N SER C 104 50.48 6.90 -16.37
CA SER C 104 49.80 7.87 -17.20
C SER C 104 49.34 7.24 -18.51
N LEU C 105 48.06 7.42 -18.82
CA LEU C 105 47.47 6.87 -20.03
C LEU C 105 47.98 7.62 -21.26
N LEU C 106 48.47 6.90 -22.26
CA LEU C 106 48.96 7.50 -23.49
C LEU C 106 48.32 6.82 -24.67
N ILE C 107 47.70 7.60 -25.55
CA ILE C 107 47.11 7.12 -26.80
C ILE C 107 47.85 7.80 -27.95
N VAL C 108 48.42 7.00 -28.85
CA VAL C 108 49.19 7.51 -29.98
C VAL C 108 48.74 6.80 -31.26
N ASN C 109 48.74 7.54 -32.36
CA ASN C 109 48.36 7.02 -33.68
C ASN C 109 49.64 6.93 -34.52
N ASN C 110 50.31 5.79 -34.46
CA ASN C 110 51.54 5.57 -35.20
C ASN C 110 51.41 4.39 -36.16
N ALA C 111 51.99 4.54 -37.35
CA ALA C 111 52.05 3.48 -38.36
C ALA C 111 50.71 2.78 -38.55
N THR C 112 49.64 3.57 -38.63
CA THR C 112 48.29 3.11 -38.95
C THR C 112 47.76 2.12 -37.90
N ASN C 113 48.54 1.84 -36.86
CA ASN C 113 48.11 0.96 -35.78
C ASN C 113 48.18 1.72 -34.46
N VAL C 114 47.01 2.03 -33.89
CA VAL C 114 46.98 2.88 -32.71
C VAL C 114 47.50 2.11 -31.50
N VAL C 115 48.33 2.78 -30.70
CA VAL C 115 48.98 2.18 -29.55
C VAL C 115 48.54 2.91 -28.29
N ILE C 116 48.15 2.14 -27.28
CA ILE C 116 47.77 2.70 -25.98
C ILE C 116 48.64 2.03 -24.92
N LYS C 117 49.28 2.86 -24.08
CA LYS C 117 50.17 2.33 -23.05
C LYS C 117 50.04 3.16 -21.78
N VAL C 118 50.32 2.53 -20.64
CA VAL C 118 50.14 3.19 -19.35
C VAL C 118 51.46 3.24 -18.59
N CYS C 119 52.57 3.45 -19.30
CA CYS C 119 53.87 3.41 -18.67
C CYS C 119 54.17 4.73 -17.96
N GLU C 120 55.06 4.67 -16.98
CA GLU C 120 55.55 5.86 -16.29
C GLU C 120 56.56 6.65 -17.12
N PHE C 121 56.22 6.96 -18.38
CA PHE C 121 57.05 7.82 -19.20
C PHE C 121 57.42 9.11 -18.47
N GLN C 122 58.63 9.61 -18.74
CA GLN C 122 59.00 10.95 -18.31
C GLN C 122 58.62 11.92 -19.41
N PHE C 123 57.80 12.91 -19.06
CA PHE C 123 57.20 13.79 -20.06
C PHE C 123 57.98 15.08 -20.27
N CYS C 124 57.82 15.65 -21.46
CA CYS C 124 58.39 16.93 -21.81
C CYS C 124 57.48 18.07 -21.34
N ASN C 125 58.02 19.28 -21.38
CA ASN C 125 57.20 20.45 -21.08
C ASN C 125 56.14 20.68 -22.15
N ASP C 126 56.44 20.36 -23.40
CA ASP C 126 55.47 20.50 -24.50
C ASP C 126 55.53 19.25 -25.36
N PRO C 127 54.72 18.24 -25.06
CA PRO C 127 54.74 17.00 -25.85
C PRO C 127 54.39 17.23 -27.31
N PHE C 128 55.05 16.46 -28.17
CA PHE C 128 54.86 16.50 -29.63
C PHE C 128 54.78 15.09 -30.19
N PHE C 145 58.61 12.15 -30.20
CA PHE C 145 58.89 10.80 -29.72
C PHE C 145 59.53 10.82 -28.34
N ARG C 146 60.18 11.94 -28.01
CA ARG C 146 60.79 12.17 -26.71
C ARG C 146 59.90 11.72 -25.56
N VAL C 147 58.59 11.92 -25.71
CA VAL C 147 57.61 11.63 -24.67
C VAL C 147 57.60 10.17 -24.24
N TYR C 148 58.09 9.25 -25.06
CA TYR C 148 57.97 7.83 -24.77
C TYR C 148 59.24 7.24 -24.15
N SER C 149 60.08 8.07 -23.57
CA SER C 149 61.31 7.57 -22.95
C SER C 149 61.01 7.06 -21.53
N SER C 150 62.00 6.36 -20.97
CA SER C 150 61.91 5.77 -19.62
C SER C 150 60.67 4.88 -19.50
N ALA C 151 60.51 3.97 -20.46
CA ALA C 151 59.36 3.07 -20.49
C ALA C 151 59.62 1.91 -19.53
N ASN C 152 59.22 2.10 -18.27
CA ASN C 152 59.35 1.07 -17.25
C ASN C 152 58.08 1.06 -16.41
N ASN C 153 57.96 0.01 -15.59
CA ASN C 153 56.77 -0.22 -14.77
C ASN C 153 55.50 -0.16 -15.61
N CYS C 154 55.55 -0.80 -16.78
CA CYS C 154 54.40 -0.86 -17.68
C CYS C 154 53.46 -1.97 -17.24
N THR C 155 52.17 -1.63 -17.08
CA THR C 155 51.18 -2.57 -16.59
C THR C 155 50.03 -2.81 -17.56
N PHE C 156 50.10 -2.28 -18.78
CA PHE C 156 49.04 -2.47 -19.76
C PHE C 156 49.52 -1.92 -21.10
N GLU C 157 49.25 -2.68 -22.16
CA GLU C 157 49.61 -2.32 -23.52
C GLU C 157 48.52 -2.82 -24.44
N TYR C 158 48.13 -1.99 -25.42
CA TYR C 158 47.08 -2.38 -26.33
C TYR C 158 47.36 -1.81 -27.71
N VAL C 159 47.02 -2.58 -28.74
CA VAL C 159 47.17 -2.18 -30.13
C VAL C 159 45.83 -2.38 -30.83
N SER C 160 45.37 -1.36 -31.54
CA SER C 160 44.07 -1.40 -32.19
C SER C 160 44.18 -0.79 -33.58
N GLN C 161 43.05 -0.76 -34.29
CA GLN C 161 42.99 -0.31 -35.66
C GLN C 161 42.81 1.20 -35.70
N PRO C 162 43.15 1.86 -36.81
CA PRO C 162 43.21 3.32 -36.79
C PRO C 162 41.86 3.99 -36.88
N PHE C 163 41.77 5.13 -36.20
CA PHE C 163 40.64 6.04 -36.26
C PHE C 163 41.18 7.45 -36.45
N LEU C 164 40.50 8.24 -37.25
CA LEU C 164 40.98 9.58 -37.60
C LEU C 164 42.37 9.52 -38.21
N LYS C 175 36.90 19.32 -43.37
CA LYS C 175 35.48 19.55 -43.61
C LYS C 175 34.63 18.63 -42.75
N ASN C 176 35.29 17.90 -41.85
CA ASN C 176 34.60 16.98 -40.95
C ASN C 176 35.20 17.09 -39.55
N LEU C 177 34.34 17.07 -38.55
CA LEU C 177 34.77 17.15 -37.16
C LEU C 177 34.81 15.75 -36.56
N ARG C 178 35.70 15.58 -35.60
CA ARG C 178 36.00 14.30 -34.98
C ARG C 178 35.71 14.50 -33.51
N GLU C 179 34.58 13.96 -33.06
CA GLU C 179 34.10 14.09 -31.69
C GLU C 179 34.49 12.85 -30.91
N PHE C 180 34.95 13.06 -29.68
CA PHE C 180 35.36 12.00 -28.78
C PHE C 180 34.81 12.30 -27.39
N VAL C 181 34.57 11.25 -26.63
CA VAL C 181 34.18 11.35 -25.23
C VAL C 181 35.04 10.38 -24.45
N PHE C 182 35.63 10.87 -23.35
CA PHE C 182 36.47 10.07 -22.47
C PHE C 182 35.82 10.09 -21.09
N LYS C 183 35.54 8.90 -20.56
CA LYS C 183 34.91 8.77 -19.24
C LYS C 183 35.66 7.72 -18.43
N ASN C 184 35.99 8.04 -17.19
CA ASN C 184 36.68 7.11 -16.32
C ASN C 184 35.79 6.78 -15.12
N ILE C 185 35.22 5.58 -15.13
CA ILE C 185 34.29 5.15 -14.08
C ILE C 185 34.70 3.78 -13.56
N ASP C 186 34.94 3.71 -12.24
CA ASP C 186 35.23 2.44 -11.56
C ASP C 186 36.35 1.66 -12.24
N GLY C 187 37.38 2.37 -12.67
CA GLY C 187 38.53 1.75 -13.27
C GLY C 187 38.44 1.51 -14.76
N TYR C 188 37.30 1.78 -15.37
CA TYR C 188 37.12 1.62 -16.81
C TYR C 188 37.25 2.96 -17.49
N PHE C 189 38.20 3.06 -18.43
CA PHE C 189 38.38 4.24 -19.27
C PHE C 189 37.66 3.97 -20.59
N LYS C 190 36.51 4.62 -20.78
CA LYS C 190 35.65 4.40 -21.92
C LYS C 190 35.89 5.52 -22.92
N ILE C 191 36.15 5.17 -24.17
CA ILE C 191 36.35 6.14 -25.25
C ILE C 191 35.35 5.89 -26.36
N TYR C 192 34.57 6.94 -26.66
CA TYR C 192 33.54 6.99 -27.69
C TYR C 192 33.94 8.04 -28.73
N SER C 193 33.49 7.87 -29.97
CA SER C 193 33.85 8.86 -30.99
C SER C 193 32.97 8.69 -32.23
N LYS C 194 32.89 9.77 -33.02
CA LYS C 194 32.29 9.77 -34.35
C LYS C 194 32.84 10.91 -35.20
N HIS C 195 32.88 10.67 -36.51
CA HIS C 195 33.29 11.64 -37.52
C HIS C 195 32.07 12.13 -38.30
N THR C 196 31.99 13.46 -38.52
CA THR C 196 30.81 14.01 -39.21
C THR C 196 31.16 15.19 -40.10
N PRO C 197 30.56 15.29 -41.29
CA PRO C 197 30.90 16.41 -42.20
C PRO C 197 30.37 17.76 -41.73
N ILE C 198 31.15 18.81 -42.01
CA ILE C 198 30.81 20.19 -41.65
C ILE C 198 31.20 21.13 -42.77
N ASN C 199 30.47 22.24 -42.87
CA ASN C 199 30.74 23.32 -43.81
C ASN C 199 30.47 24.66 -43.13
N LEU C 200 30.92 24.77 -41.87
CA LEU C 200 30.76 25.98 -41.05
C LEU C 200 31.88 25.97 -40.03
N VAL C 201 32.85 26.88 -40.18
CA VAL C 201 33.99 26.95 -39.27
C VAL C 201 33.79 27.98 -38.16
N ARG C 202 32.75 28.81 -38.24
CA ARG C 202 32.58 29.88 -37.26
C ARG C 202 32.13 29.36 -35.90
N ASP C 203 31.40 28.25 -35.84
CA ASP C 203 30.88 27.70 -34.59
C ASP C 203 30.90 26.18 -34.68
N LEU C 204 30.20 25.53 -33.71
CA LEU C 204 30.02 24.09 -33.59
C LEU C 204 28.63 23.72 -34.09
N PRO C 205 28.51 22.72 -34.96
CA PRO C 205 27.26 22.48 -35.67
C PRO C 205 26.05 22.34 -34.77
N GLN C 206 24.92 22.85 -35.25
CA GLN C 206 23.63 22.58 -34.62
C GLN C 206 23.10 21.27 -35.17
N GLY C 207 22.46 20.50 -34.32
CA GLY C 207 21.94 19.21 -34.73
C GLY C 207 22.08 18.20 -33.62
N PHE C 208 21.75 16.96 -33.93
CA PHE C 208 21.84 15.86 -32.99
C PHE C 208 22.49 14.65 -33.64
N SER C 209 23.42 14.04 -32.92
CA SER C 209 24.12 12.85 -33.41
C SER C 209 24.71 12.12 -32.22
N ALA C 210 24.39 10.83 -32.10
CA ALA C 210 24.83 10.01 -30.98
C ALA C 210 26.21 9.44 -31.27
N LEU C 211 27.04 9.38 -30.24
CA LEU C 211 28.44 9.01 -30.39
C LEU C 211 28.61 7.50 -30.17
N GLU C 212 28.98 6.80 -31.23
CA GLU C 212 29.15 5.35 -31.17
C GLU C 212 30.35 4.98 -30.31
N PRO C 213 30.23 4.01 -29.41
CA PRO C 213 31.38 3.63 -28.58
C PRO C 213 32.43 2.90 -29.39
N LEU C 214 33.69 3.07 -28.97
CA LEU C 214 34.79 2.37 -29.60
C LEU C 214 35.45 1.37 -28.66
N VAL C 215 35.96 1.79 -27.51
CA VAL C 215 36.57 0.77 -26.62
C VAL C 215 36.44 1.15 -25.16
N ASP C 216 36.88 0.22 -24.29
CA ASP C 216 36.76 0.35 -22.84
C ASP C 216 37.98 -0.35 -22.24
N LEU C 217 38.88 0.44 -21.64
CA LEU C 217 40.15 -0.09 -21.15
C LEU C 217 40.10 -0.25 -19.63
N PRO C 218 40.37 -1.43 -19.10
CA PRO C 218 40.42 -1.60 -17.63
C PRO C 218 41.74 -1.15 -17.02
N ILE C 219 42.01 0.16 -17.12
CA ILE C 219 43.29 0.67 -16.64
C ILE C 219 43.25 0.92 -15.13
N GLY C 220 42.21 1.60 -14.66
CA GLY C 220 42.08 1.85 -13.24
C GLY C 220 43.07 2.84 -12.63
N ILE C 221 43.50 3.84 -13.40
CA ILE C 221 44.45 4.85 -12.91
C ILE C 221 43.68 6.10 -12.54
N ASN C 222 44.03 6.68 -11.40
CA ASN C 222 43.41 7.94 -10.95
C ASN C 222 43.87 9.06 -11.87
N ILE C 223 42.99 9.49 -12.76
CA ILE C 223 43.32 10.52 -13.75
C ILE C 223 42.73 11.85 -13.31
N THR C 224 43.54 12.90 -13.34
CA THR C 224 43.10 14.23 -12.93
C THR C 224 43.34 15.30 -13.98
N ARG C 225 44.29 15.12 -14.90
CA ARG C 225 44.59 16.12 -15.91
C ARG C 225 44.90 15.42 -17.23
N PHE C 226 44.75 16.16 -18.32
CA PHE C 226 45.02 15.60 -19.64
C PHE C 226 45.48 16.72 -20.57
N GLN C 227 46.09 16.31 -21.68
CA GLN C 227 46.60 17.22 -22.68
C GLN C 227 46.49 16.58 -24.06
N THR C 228 46.31 17.42 -25.07
CA THR C 228 46.29 16.98 -26.46
C THR C 228 47.70 17.00 -27.03
N LEU C 229 47.89 16.25 -28.12
CA LEU C 229 49.19 16.08 -28.74
C LEU C 229 49.16 16.52 -30.19
N LEU C 230 50.13 17.32 -30.60
CA LEU C 230 50.25 17.85 -31.94
C LEU C 230 51.33 17.11 -32.72
N ALA C 231 51.22 17.17 -34.05
CA ALA C 231 52.15 16.47 -34.92
C ALA C 231 53.52 17.14 -34.88
N LEU C 232 54.54 16.40 -34.49
CA LEU C 232 55.86 16.96 -34.25
C LEU C 232 56.46 17.50 -35.55
N HIS C 233 57.17 18.62 -35.44
CA HIS C 233 57.81 19.26 -36.57
C HIS C 233 59.22 19.74 -36.18
N GLY C 249 49.06 30.63 -35.07
CA GLY C 249 48.74 29.83 -36.23
C GLY C 249 48.91 28.34 -36.00
N ALA C 250 47.83 27.67 -35.63
CA ALA C 250 47.85 26.23 -35.37
C ALA C 250 46.46 25.68 -35.67
N ALA C 251 46.18 24.48 -35.19
CA ALA C 251 44.86 23.88 -35.34
C ALA C 251 43.96 24.35 -34.20
N ALA C 252 42.82 23.68 -34.01
CA ALA C 252 41.86 24.09 -33.00
C ALA C 252 41.11 22.87 -32.49
N TYR C 253 40.64 22.97 -31.25
CA TYR C 253 39.80 21.94 -30.66
C TYR C 253 38.88 22.55 -29.61
N TYR C 254 37.83 21.81 -29.28
CA TYR C 254 36.84 22.23 -28.30
C TYR C 254 36.73 21.17 -27.22
N VAL C 255 36.69 21.58 -25.96
CA VAL C 255 36.56 20.62 -24.86
C VAL C 255 35.50 21.11 -23.88
N GLY C 256 34.59 20.21 -23.51
CA GLY C 256 33.61 20.46 -22.49
C GLY C 256 33.75 19.45 -21.36
N TYR C 257 33.07 19.73 -20.26
CA TYR C 257 33.17 18.92 -19.05
C TYR C 257 31.82 18.29 -18.76
N LEU C 258 31.85 17.00 -18.42
CA LEU C 258 30.64 16.22 -18.27
C LEU C 258 30.10 16.31 -16.85
N GLN C 259 28.79 16.18 -16.72
CA GLN C 259 28.10 16.35 -15.45
C GLN C 259 27.07 15.24 -15.31
N PRO C 260 26.77 14.80 -14.08
CA PRO C 260 25.84 13.67 -13.88
C PRO C 260 24.37 14.06 -14.07
N ARG C 261 24.03 14.45 -15.29
CA ARG C 261 22.67 14.86 -15.60
C ARG C 261 21.86 13.69 -16.15
N THR C 262 20.54 13.79 -15.99
CA THR C 262 19.61 12.75 -16.44
C THR C 262 19.12 13.07 -17.83
N PHE C 263 19.20 12.10 -18.74
CA PHE C 263 18.80 12.30 -20.12
C PHE C 263 17.73 11.29 -20.52
N LEU C 264 16.76 11.77 -21.30
CA LEU C 264 15.73 10.92 -21.89
C LEU C 264 16.00 10.82 -23.38
N LEU C 265 16.31 9.62 -23.85
CA LEU C 265 16.81 9.38 -25.20
C LEU C 265 15.76 8.68 -26.04
N LYS C 266 15.61 9.10 -27.29
CA LYS C 266 14.69 8.49 -28.23
C LYS C 266 15.42 7.51 -29.13
N TYR C 267 15.07 6.22 -29.03
CA TYR C 267 15.59 5.20 -29.94
C TYR C 267 14.55 4.96 -31.02
N ASN C 268 14.98 5.07 -32.28
CA ASN C 268 14.10 4.84 -33.41
C ASN C 268 14.05 3.35 -33.76
N GLU C 269 13.37 3.01 -34.84
CA GLU C 269 13.21 1.61 -35.23
C GLU C 269 14.56 0.92 -35.46
N ASN C 270 15.52 1.63 -36.02
CA ASN C 270 16.79 1.02 -36.38
C ASN C 270 17.76 0.93 -35.20
N GLY C 271 17.57 1.75 -34.18
CA GLY C 271 18.37 1.69 -32.98
C GLY C 271 19.34 2.83 -32.78
N THR C 272 19.19 3.93 -33.50
CA THR C 272 20.07 5.09 -33.40
C THR C 272 19.33 6.21 -32.68
N ILE C 273 20.03 6.87 -31.75
CA ILE C 273 19.40 7.95 -31.00
C ILE C 273 19.19 9.13 -31.95
N THR C 274 17.92 9.55 -32.08
CA THR C 274 17.58 10.66 -32.95
C THR C 274 17.27 11.93 -32.19
N ASP C 275 16.97 11.83 -30.90
CA ASP C 275 16.74 13.02 -30.09
C ASP C 275 16.97 12.68 -28.63
N ALA C 276 17.11 13.71 -27.81
CA ALA C 276 17.35 13.54 -26.38
C ALA C 276 16.91 14.81 -25.67
N VAL C 277 16.52 14.66 -24.41
CA VAL C 277 16.07 15.77 -23.59
C VAL C 277 16.79 15.73 -22.25
N ASP C 278 17.32 16.87 -21.83
CA ASP C 278 18.04 17.00 -20.56
C ASP C 278 17.00 17.22 -19.46
N CYS C 279 16.91 16.26 -18.54
CA CYS C 279 15.87 16.28 -17.51
C CYS C 279 16.00 17.43 -16.52
N ALA C 280 17.09 18.18 -16.52
CA ALA C 280 17.26 19.28 -15.58
C ALA C 280 17.56 20.63 -16.22
N LEU C 281 17.54 20.73 -17.55
CA LEU C 281 17.95 21.96 -18.19
C LEU C 281 16.90 23.06 -18.07
N ASP C 282 15.61 22.71 -18.18
CA ASP C 282 14.56 23.69 -18.31
C ASP C 282 13.26 23.06 -17.86
N PRO C 283 12.30 23.84 -17.36
CA PRO C 283 11.03 23.23 -16.91
C PRO C 283 10.32 22.46 -18.00
N LEU C 284 10.37 22.94 -19.25
CA LEU C 284 9.77 22.19 -20.34
C LEU C 284 10.46 20.85 -20.51
N SER C 285 11.80 20.84 -20.39
CA SER C 285 12.53 19.58 -20.45
C SER C 285 12.24 18.71 -19.24
N GLU C 286 11.96 19.31 -18.07
CA GLU C 286 11.54 18.53 -16.92
C GLU C 286 10.22 17.82 -17.18
N THR C 287 9.26 18.51 -17.83
CA THR C 287 8.01 17.83 -18.16
C THR C 287 8.23 16.75 -19.21
N LYS C 288 9.02 17.05 -20.25
CA LYS C 288 9.33 16.05 -21.26
C LYS C 288 9.93 14.81 -20.62
N CYS C 289 10.78 14.99 -19.60
CA CYS C 289 11.39 13.86 -18.92
C CYS C 289 10.38 13.12 -18.05
N THR C 290 9.63 13.86 -17.22
CA THR C 290 8.67 13.24 -16.32
C THR C 290 7.53 12.56 -17.09
N LEU C 291 7.08 13.17 -18.18
CA LEU C 291 6.03 12.57 -18.98
C LEU C 291 6.54 11.52 -19.96
N LYS C 292 7.85 11.30 -20.00
CA LYS C 292 8.47 10.33 -20.91
C LYS C 292 7.94 10.50 -22.33
N SER C 293 7.89 11.74 -22.78
CA SER C 293 7.39 12.08 -24.10
C SER C 293 8.07 13.35 -24.58
N PHE C 294 8.19 13.48 -25.90
CA PHE C 294 8.85 14.64 -26.49
C PHE C 294 7.87 15.73 -26.89
N THR C 295 6.57 15.49 -26.75
CA THR C 295 5.55 16.50 -26.94
C THR C 295 4.62 16.46 -25.76
N VAL C 296 4.36 17.62 -25.16
CA VAL C 296 3.49 17.73 -24.00
C VAL C 296 2.28 18.57 -24.38
N GLU C 297 1.09 18.00 -24.22
CA GLU C 297 -0.13 18.72 -24.52
C GLU C 297 -0.38 19.78 -23.46
N LYS C 298 -1.20 20.76 -23.82
CA LYS C 298 -1.49 21.86 -22.90
C LYS C 298 -2.04 21.33 -21.58
N GLY C 299 -1.64 21.99 -20.50
CA GLY C 299 -2.16 21.63 -19.20
C GLY C 299 -1.21 22.06 -18.10
N ILE C 300 -1.51 21.59 -16.90
CA ILE C 300 -0.70 21.82 -15.71
C ILE C 300 -0.05 20.49 -15.31
N TYR C 301 1.28 20.51 -15.15
CA TYR C 301 2.03 19.31 -14.84
C TYR C 301 2.99 19.58 -13.68
N GLN C 302 3.12 18.61 -12.80
CA GLN C 302 4.10 18.66 -11.72
C GLN C 302 5.30 17.79 -12.08
N THR C 303 6.50 18.37 -11.98
CA THR C 303 7.72 17.66 -12.34
C THR C 303 8.64 17.36 -11.18
N SER C 304 8.70 18.21 -10.16
CA SER C 304 9.63 18.02 -9.06
C SER C 304 9.15 18.80 -7.85
N ASN C 305 10.03 18.96 -6.87
CA ASN C 305 9.69 19.61 -5.62
C ASN C 305 10.75 20.62 -5.23
N PHE C 306 10.32 21.83 -4.92
CA PHE C 306 11.19 22.87 -4.39
C PHE C 306 11.33 22.68 -2.88
N ARG C 307 12.57 22.61 -2.41
CA ARG C 307 12.88 22.54 -0.99
C ARG C 307 14.14 23.35 -0.75
N VAL C 308 14.05 24.38 0.09
CA VAL C 308 15.20 25.23 0.33
C VAL C 308 16.23 24.47 1.16
N GLN C 309 17.48 24.53 0.73
CA GLN C 309 18.53 23.75 1.37
C GLN C 309 19.09 24.50 2.59
N PRO C 310 19.61 23.76 3.57
CA PRO C 310 20.20 24.42 4.74
C PRO C 310 21.44 25.19 4.36
N THR C 311 21.68 26.29 5.07
CA THR C 311 22.79 27.19 4.76
C THR C 311 24.04 26.91 5.59
N GLU C 312 23.89 26.57 6.87
CA GLU C 312 25.03 26.21 7.69
C GLU C 312 24.57 25.31 8.82
N SER C 313 25.53 24.60 9.41
CA SER C 313 25.30 23.74 10.56
C SER C 313 25.61 24.49 11.85
N ILE C 314 24.74 24.34 12.85
CA ILE C 314 24.93 24.95 14.16
C ILE C 314 24.80 23.87 15.21
N VAL C 315 25.72 23.88 16.18
CA VAL C 315 25.74 22.92 17.28
C VAL C 315 25.50 23.68 18.58
N ARG C 316 24.52 23.23 19.36
CA ARG C 316 24.22 23.80 20.65
C ARG C 316 24.25 22.71 21.71
N PHE C 317 25.15 22.86 22.68
CA PHE C 317 25.37 21.90 23.75
C PHE C 317 25.45 22.60 25.09
N PRO C 318 25.13 21.91 26.18
CA PRO C 318 25.30 22.49 27.52
C PRO C 318 26.72 22.97 27.77
N ASN C 319 26.85 23.88 28.73
CA ASN C 319 28.14 24.47 29.07
C ASN C 319 29.09 23.49 29.74
N ILE C 320 28.59 22.31 30.15
CA ILE C 320 29.36 21.29 30.85
C ILE C 320 30.74 21.10 30.23
N THR C 321 31.78 21.19 31.06
CA THR C 321 33.17 21.05 30.62
C THR C 321 33.87 19.86 31.27
N ASN C 322 33.18 19.08 32.09
CA ASN C 322 33.83 17.99 32.81
C ASN C 322 34.34 16.93 31.85
N LEU C 323 35.52 16.39 32.16
CA LEU C 323 36.12 15.34 31.36
C LEU C 323 35.72 13.98 31.91
N CYS C 324 35.54 13.02 31.02
CA CYS C 324 35.05 11.70 31.42
C CYS C 324 36.20 10.86 31.96
N PRO C 325 35.90 9.91 32.87
CA PRO C 325 36.95 9.07 33.46
C PRO C 325 37.70 8.17 32.47
N PHE C 326 37.29 8.18 31.20
CA PHE C 326 37.74 7.15 30.26
C PHE C 326 39.25 6.93 30.33
N GLY C 327 40.00 8.04 30.35
CA GLY C 327 41.44 8.01 30.41
C GLY C 327 41.99 7.01 31.41
N GLU C 328 41.58 7.15 32.67
CA GLU C 328 42.11 6.27 33.70
C GLU C 328 41.67 4.83 33.48
N VAL C 329 40.42 4.63 33.02
CA VAL C 329 39.85 3.28 32.95
C VAL C 329 40.68 2.38 32.05
N PHE C 330 41.10 2.88 30.90
CA PHE C 330 41.97 2.10 30.03
C PHE C 330 43.35 1.93 30.64
N ASN C 331 43.87 2.97 31.30
CA ASN C 331 45.25 2.98 31.76
C ASN C 331 45.42 2.47 33.18
N ALA C 332 44.35 1.94 33.80
CA ALA C 332 44.45 1.49 35.18
C ALA C 332 45.52 0.41 35.31
N THR C 333 46.31 0.49 36.39
CA THR C 333 47.41 -0.44 36.58
C THR C 333 46.92 -1.82 36.99
N ARG C 334 46.03 -1.89 38.00
CA ARG C 334 45.53 -3.15 38.51
C ARG C 334 44.11 -3.38 38.01
N PHE C 335 43.92 -4.44 37.23
CA PHE C 335 42.61 -4.78 36.70
C PHE C 335 41.99 -5.92 37.50
N ALA C 336 40.66 -5.92 37.57
CA ALA C 336 39.95 -6.96 38.26
C ALA C 336 39.95 -8.25 37.43
N SER C 337 39.69 -9.36 38.12
CA SER C 337 39.58 -10.64 37.43
C SER C 337 38.30 -10.71 36.63
N VAL C 338 38.31 -11.55 35.57
CA VAL C 338 37.18 -11.61 34.66
C VAL C 338 35.90 -12.05 35.37
N TYR C 339 36.02 -12.90 36.39
CA TYR C 339 34.82 -13.29 37.13
C TYR C 339 34.22 -12.11 37.89
N ALA C 340 35.04 -11.13 38.24
CA ALA C 340 34.59 -9.96 38.98
C ALA C 340 34.83 -8.70 38.14
N TRP C 341 34.26 -8.68 36.95
CA TRP C 341 34.44 -7.55 36.04
C TRP C 341 34.00 -6.25 36.69
N ASN C 342 34.81 -5.20 36.51
CA ASN C 342 34.57 -3.92 37.15
C ASN C 342 33.61 -3.10 36.30
N ARG C 343 32.55 -2.59 36.93
CA ARG C 343 31.56 -1.74 36.27
C ARG C 343 31.58 -0.35 36.85
N LYS C 344 31.73 0.65 35.99
CA LYS C 344 31.63 2.05 36.36
C LYS C 344 30.54 2.73 35.54
N ARG C 345 29.72 3.53 36.20
CA ARG C 345 28.67 4.29 35.54
C ARG C 345 29.22 5.67 35.21
N ILE C 346 29.06 6.11 33.97
CA ILE C 346 29.64 7.36 33.51
C ILE C 346 28.54 8.22 32.88
N SER C 347 28.38 9.43 33.41
CA SER C 347 27.39 10.39 32.95
C SER C 347 27.89 11.79 33.29
N ASN C 348 27.28 12.79 32.66
CA ASN C 348 27.55 14.20 32.94
C ASN C 348 29.03 14.54 32.77
N CYS C 349 29.54 14.26 31.57
CA CYS C 349 30.92 14.60 31.24
C CYS C 349 31.11 14.51 29.73
N VAL C 350 31.86 15.46 29.18
CA VAL C 350 32.25 15.37 27.78
C VAL C 350 33.31 14.29 27.63
N ALA C 351 33.27 13.58 26.50
CA ALA C 351 34.16 12.44 26.27
C ALA C 351 34.81 12.59 24.91
N ASP C 352 36.13 12.78 24.90
CA ASP C 352 36.90 13.01 23.68
C ASP C 352 37.41 11.67 23.16
N TYR C 353 36.58 10.98 22.39
CA TYR C 353 36.96 9.71 21.77
C TYR C 353 38.08 9.84 20.75
N SER C 354 38.45 11.06 20.35
CA SER C 354 39.55 11.19 19.40
C SER C 354 40.91 10.93 20.06
N VAL C 355 41.07 11.33 21.32
CA VAL C 355 42.26 10.94 22.07
C VAL C 355 42.31 9.43 22.27
N LEU C 356 41.16 8.82 22.56
CA LEU C 356 41.09 7.37 22.69
C LEU C 356 41.51 6.69 21.39
N TYR C 357 41.03 7.19 20.26
CA TYR C 357 41.37 6.59 18.97
C TYR C 357 42.84 6.77 18.64
N ASN C 358 43.32 8.02 18.63
CA ASN C 358 44.70 8.31 18.27
C ASN C 358 45.71 7.82 19.30
N SER C 359 45.26 7.27 20.44
CA SER C 359 46.12 6.54 21.36
C SER C 359 46.25 5.08 20.96
N ALA C 360 46.39 4.83 19.66
CA ALA C 360 46.22 3.49 19.09
C ALA C 360 47.27 2.50 19.59
N SER C 361 46.86 1.59 20.45
CA SER C 361 47.67 0.44 20.84
C SER C 361 46.79 -0.80 21.01
N PHE C 362 45.57 -0.77 20.50
CA PHE C 362 44.60 -1.84 20.69
C PHE C 362 44.75 -2.91 19.62
N SER C 363 44.55 -4.17 20.01
CA SER C 363 44.57 -5.27 19.08
C SER C 363 43.19 -5.70 18.60
N THR C 364 42.12 -5.30 19.31
CA THR C 364 40.76 -5.63 18.90
C THR C 364 39.86 -4.44 19.22
N PHE C 365 39.21 -3.90 18.20
CA PHE C 365 38.25 -2.81 18.40
C PHE C 365 37.04 -3.11 17.54
N LYS C 366 35.99 -3.68 18.13
CA LYS C 366 34.79 -4.05 17.39
C LYS C 366 33.58 -3.46 18.10
N CYS C 367 32.78 -2.69 17.39
CA CYS C 367 31.61 -2.08 18.00
C CYS C 367 30.36 -2.60 17.30
N TYR C 368 29.32 -2.84 18.09
CA TYR C 368 28.06 -3.38 17.59
C TYR C 368 26.92 -2.42 17.91
N GLY C 369 26.05 -2.23 16.93
CA GLY C 369 24.91 -1.34 17.04
C GLY C 369 25.23 0.12 16.94
N VAL C 370 26.48 0.48 16.65
CA VAL C 370 26.91 1.85 16.38
C VAL C 370 28.14 1.76 15.49
N SER C 371 28.35 2.77 14.66
CA SER C 371 29.56 2.82 13.85
C SER C 371 30.74 3.27 14.71
N PRO C 372 31.87 2.56 14.67
CA PRO C 372 33.03 2.98 15.49
C PRO C 372 33.59 4.33 15.09
N THR C 373 33.61 4.63 13.79
CA THR C 373 34.17 5.87 13.28
C THR C 373 33.35 7.09 13.64
N LYS C 374 32.12 6.92 14.12
CA LYS C 374 31.20 8.02 14.37
C LYS C 374 30.67 7.98 15.80
N LEU C 375 31.53 7.57 16.74
CA LEU C 375 31.18 7.67 18.15
C LEU C 375 31.37 9.08 18.69
N ASN C 376 31.99 9.98 17.92
CA ASN C 376 32.32 11.32 18.39
C ASN C 376 31.29 12.36 17.98
N ASP C 377 30.13 11.94 17.45
CA ASP C 377 29.16 12.88 16.91
C ASP C 377 27.77 12.70 17.47
N LEU C 378 27.59 11.88 18.50
CA LEU C 378 26.28 11.60 19.07
C LEU C 378 26.24 12.10 20.51
N CYS C 379 25.12 11.84 21.18
CA CYS C 379 25.02 12.04 22.62
C CYS C 379 24.14 10.96 23.25
N PHE C 380 24.67 10.31 24.28
CA PHE C 380 24.07 9.17 24.95
C PHE C 380 23.60 9.57 26.34
N THR C 381 22.63 8.81 26.87
CA THR C 381 22.15 9.08 28.22
C THR C 381 23.18 8.72 29.28
N ASN C 382 23.90 7.61 29.10
CA ASN C 382 24.93 7.19 30.04
C ASN C 382 25.67 5.98 29.48
N VAL C 383 26.96 5.91 29.83
CA VAL C 383 27.84 4.83 29.39
C VAL C 383 28.25 4.00 30.60
N TYR C 384 27.97 2.71 30.55
CA TYR C 384 28.49 1.78 31.54
C TYR C 384 29.75 1.15 31.00
N ALA C 385 30.82 1.19 31.79
CA ALA C 385 32.11 0.67 31.38
C ALA C 385 32.44 -0.56 32.22
N ASP C 386 32.49 -1.71 31.58
CA ASP C 386 32.91 -2.94 32.24
C ASP C 386 34.33 -3.28 31.79
N SER C 387 35.10 -3.86 32.70
CA SER C 387 36.50 -4.12 32.41
C SER C 387 36.94 -5.42 33.06
N PHE C 388 37.90 -6.08 32.41
CA PHE C 388 38.43 -7.35 32.89
C PHE C 388 39.64 -7.73 32.03
N VAL C 389 40.29 -8.83 32.42
CA VAL C 389 41.46 -9.35 31.71
C VAL C 389 41.15 -10.80 31.33
N ILE C 390 41.45 -11.19 30.10
CA ILE C 390 41.23 -12.55 29.63
C ILE C 390 42.41 -12.98 28.76
N ARG C 391 42.38 -14.22 28.30
CA ARG C 391 43.39 -14.71 27.38
C ARG C 391 42.96 -14.42 25.94
N GLY C 392 43.93 -14.54 25.01
CA GLY C 392 43.68 -14.13 23.64
C GLY C 392 42.55 -14.89 22.97
N ASP C 393 42.61 -16.22 23.01
CA ASP C 393 41.65 -17.04 22.27
C ASP C 393 40.25 -17.00 22.87
N GLU C 394 40.04 -16.15 23.87
CA GLU C 394 38.72 -15.93 24.44
C GLU C 394 38.12 -14.58 24.06
N VAL C 395 38.90 -13.68 23.46
CA VAL C 395 38.38 -12.36 23.10
C VAL C 395 37.16 -12.48 22.20
N ARG C 396 37.20 -13.39 21.22
CA ARG C 396 36.07 -13.58 20.31
C ARG C 396 34.80 -13.97 21.04
N GLN C 397 34.90 -14.51 22.27
CA GLN C 397 33.73 -14.86 23.04
C GLN C 397 32.99 -13.64 23.57
N ILE C 398 33.65 -12.48 23.65
CA ILE C 398 33.05 -11.30 24.25
C ILE C 398 32.21 -10.57 23.21
N ALA C 399 31.12 -11.18 22.79
CA ALA C 399 30.20 -10.59 21.83
C ALA C 399 28.81 -11.15 22.09
N PRO C 400 27.76 -10.43 21.71
CA PRO C 400 26.40 -10.97 21.86
C PRO C 400 26.19 -12.17 20.97
N GLY C 401 25.33 -13.09 21.44
CA GLY C 401 25.04 -14.29 20.68
C GLY C 401 26.18 -15.28 20.59
N GLN C 402 27.25 -15.07 21.36
CA GLN C 402 28.39 -15.97 21.37
C GLN C 402 28.19 -17.03 22.46
N THR C 403 29.04 -18.05 22.41
CA THR C 403 28.98 -19.16 23.35
C THR C 403 30.36 -19.43 23.92
N GLY C 404 30.39 -20.25 24.96
CA GLY C 404 31.60 -20.55 25.70
C GLY C 404 31.48 -20.17 27.17
N LYS C 405 32.43 -20.66 27.94
CA LYS C 405 32.41 -20.45 29.39
C LYS C 405 32.36 -18.97 29.74
N ILE C 406 33.13 -18.15 29.01
CA ILE C 406 33.25 -16.73 29.37
C ILE C 406 31.92 -16.01 29.14
N ALA C 407 31.30 -16.23 27.98
CA ALA C 407 30.05 -15.53 27.68
C ALA C 407 28.90 -16.05 28.53
N ASP C 408 28.89 -17.36 28.82
CA ASP C 408 27.78 -17.93 29.57
C ASP C 408 27.85 -17.63 31.06
N TYR C 409 29.03 -17.74 31.68
CA TYR C 409 29.13 -17.71 33.13
C TYR C 409 30.08 -16.65 33.68
N ASN C 410 30.81 -15.92 32.84
CA ASN C 410 31.77 -14.93 33.30
C ASN C 410 31.32 -13.51 33.00
N TYR C 411 31.01 -13.21 31.74
CA TYR C 411 30.54 -11.88 31.35
C TYR C 411 29.54 -12.06 30.21
N LYS C 412 28.31 -11.62 30.43
CA LYS C 412 27.24 -11.79 29.46
C LYS C 412 26.77 -10.44 28.96
N LEU C 413 26.70 -10.29 27.65
CA LEU C 413 26.16 -9.15 26.90
C LEU C 413 24.68 -9.38 26.59
N PRO C 414 23.86 -8.33 26.61
CA PRO C 414 22.44 -8.50 26.32
C PRO C 414 22.19 -8.88 24.87
N ASP C 415 21.02 -9.45 24.63
CA ASP C 415 20.66 -9.92 23.29
C ASP C 415 20.74 -8.81 22.25
N ASP C 416 20.31 -7.60 22.63
CA ASP C 416 20.37 -6.47 21.72
C ASP C 416 21.42 -5.46 22.17
N PHE C 417 22.61 -5.95 22.52
CA PHE C 417 23.67 -5.10 23.03
C PHE C 417 24.01 -4.00 22.04
N THR C 418 24.13 -2.78 22.56
CA THR C 418 24.50 -1.60 21.77
C THR C 418 25.72 -0.97 22.43
N GLY C 419 26.89 -1.19 21.86
CA GLY C 419 28.11 -0.64 22.43
C GLY C 419 29.33 -1.22 21.76
N CYS C 420 30.48 -0.92 22.34
CA CYS C 420 31.77 -1.24 21.74
C CYS C 420 32.57 -2.15 22.66
N VAL C 421 33.28 -3.13 22.09
CA VAL C 421 34.17 -4.00 22.83
C VAL C 421 35.59 -3.78 22.33
N ILE C 422 36.50 -3.43 23.23
CA ILE C 422 37.87 -3.08 22.90
C ILE C 422 38.81 -3.88 23.77
N ALA C 423 39.91 -4.35 23.19
CA ALA C 423 40.86 -5.17 23.93
C ALA C 423 42.26 -4.95 23.35
N TRP C 424 43.27 -5.10 24.22
CA TRP C 424 44.62 -4.79 23.82
C TRP C 424 45.64 -5.65 24.55
N ASN C 425 46.82 -5.73 23.93
CA ASN C 425 47.91 -6.61 24.33
C ASN C 425 48.50 -6.17 25.67
N SER C 426 48.39 -7.03 26.67
CA SER C 426 48.84 -6.72 28.03
C SER C 426 49.97 -7.64 28.48
N ASN C 427 50.71 -8.23 27.54
CA ASN C 427 51.73 -9.21 27.90
C ASN C 427 52.84 -8.55 28.72
N ASN C 428 53.32 -7.39 28.30
CA ASN C 428 54.45 -6.77 29.00
C ASN C 428 54.09 -6.41 30.42
N LEU C 429 52.90 -5.83 30.62
CA LEU C 429 52.50 -5.39 31.95
C LEU C 429 52.19 -6.55 32.88
N ASP C 430 51.52 -7.59 32.39
CA ASP C 430 50.98 -8.63 33.27
C ASP C 430 51.56 -10.03 33.05
N SER C 431 52.67 -10.17 32.35
CA SER C 431 53.33 -11.47 32.23
C SER C 431 54.60 -11.46 33.08
N LYS C 432 54.56 -12.15 34.21
CA LYS C 432 55.68 -12.20 35.14
C LYS C 432 56.46 -13.49 34.95
N VAL C 433 57.76 -13.41 35.25
CA VAL C 433 58.63 -14.59 35.12
C VAL C 433 58.11 -15.70 36.01
N GLY C 434 57.94 -16.88 35.44
CA GLY C 434 57.36 -18.02 36.14
C GLY C 434 55.84 -18.09 36.12
N GLY C 435 55.17 -17.25 35.34
CA GLY C 435 53.73 -17.35 35.20
C GLY C 435 52.95 -16.71 36.34
N ASN C 436 52.04 -15.80 35.99
CA ASN C 436 51.15 -15.19 36.97
C ASN C 436 49.84 -15.98 37.02
N TYR C 437 49.30 -16.14 38.24
CA TYR C 437 48.13 -16.97 38.45
C TYR C 437 47.11 -16.27 39.33
N ASN C 438 47.11 -14.93 39.34
CA ASN C 438 46.28 -14.17 40.26
C ASN C 438 44.82 -14.08 39.84
N TYR C 439 44.48 -14.43 38.60
CA TYR C 439 43.15 -14.18 38.09
C TYR C 439 42.25 -15.39 38.35
N LEU C 440 40.98 -15.29 37.93
CA LEU C 440 39.96 -16.29 38.22
C LEU C 440 38.84 -16.16 37.21
N TYR C 441 38.64 -17.18 36.39
CA TYR C 441 37.46 -17.28 35.53
C TYR C 441 36.57 -18.42 36.00
N ARG C 442 35.26 -18.21 35.86
CA ARG C 442 34.28 -19.20 36.32
C ARG C 442 34.11 -20.29 35.28
N LEU C 443 34.13 -21.54 35.75
CA LEU C 443 33.94 -22.70 34.88
C LEU C 443 32.58 -23.36 35.04
N PHE C 444 31.96 -23.28 36.22
CA PHE C 444 30.70 -23.98 36.48
C PHE C 444 29.74 -23.05 37.20
N ARG C 445 28.45 -23.26 36.97
CA ARG C 445 27.39 -22.51 37.61
C ARG C 445 26.08 -23.27 37.45
N LYS C 446 25.17 -23.05 38.40
CA LYS C 446 23.88 -23.74 38.36
C LYS C 446 23.07 -23.37 37.13
N SER C 447 23.13 -22.11 36.71
CA SER C 447 22.40 -21.66 35.54
C SER C 447 23.17 -20.54 34.87
N ASN C 448 22.72 -20.19 33.65
CA ASN C 448 23.34 -19.10 32.91
C ASN C 448 22.95 -17.75 33.49
N LEU C 449 23.89 -16.82 33.48
CA LEU C 449 23.65 -15.48 34.04
C LEU C 449 22.52 -14.78 33.30
N LYS C 450 21.74 -14.01 34.05
CA LYS C 450 20.78 -13.10 33.45
C LYS C 450 21.52 -11.92 32.84
N PRO C 451 20.89 -11.18 31.93
CA PRO C 451 21.56 -10.02 31.32
C PRO C 451 22.04 -9.03 32.38
N PHE C 452 23.33 -8.70 32.30
CA PHE C 452 24.03 -7.82 33.24
C PHE C 452 24.01 -8.33 34.67
N GLU C 453 23.66 -9.59 34.89
CA GLU C 453 23.66 -10.15 36.24
C GLU C 453 25.09 -10.43 36.69
N ARG C 454 25.32 -10.24 38.00
CA ARG C 454 26.62 -10.50 38.61
C ARG C 454 26.41 -11.45 39.77
N ASP C 455 27.24 -12.49 39.85
CA ASP C 455 27.13 -13.51 40.89
C ASP C 455 28.51 -13.74 41.48
N ILE C 456 28.65 -13.47 42.79
CA ILE C 456 29.90 -13.64 43.50
C ILE C 456 29.79 -14.66 44.63
N SER C 457 28.70 -15.43 44.66
CA SER C 457 28.53 -16.45 45.68
C SER C 457 29.63 -17.52 45.58
N THR C 458 29.87 -18.20 46.70
CA THR C 458 30.97 -19.14 46.81
C THR C 458 30.52 -20.55 47.19
N GLU C 459 29.22 -20.83 47.17
CA GLU C 459 28.74 -22.17 47.50
C GLU C 459 29.32 -23.20 46.55
N ILE C 460 29.65 -24.37 47.09
CA ILE C 460 30.24 -25.44 46.28
C ILE C 460 29.20 -25.96 45.30
N TYR C 461 29.61 -26.16 44.05
CA TYR C 461 28.71 -26.60 43.00
C TYR C 461 28.53 -28.11 43.09
N GLN C 462 27.31 -28.54 43.43
CA GLN C 462 26.96 -29.95 43.44
C GLN C 462 26.60 -30.38 42.01
N ALA C 463 27.50 -31.14 41.38
CA ALA C 463 27.27 -31.61 40.02
C ALA C 463 26.64 -33.00 39.99
N GLY C 464 26.57 -33.70 41.12
CA GLY C 464 26.00 -35.03 41.16
C GLY C 464 24.95 -35.19 42.23
N SER C 465 24.66 -36.45 42.60
CA SER C 465 23.69 -36.70 43.66
C SER C 465 24.29 -36.53 45.04
N THR C 466 25.58 -36.76 45.19
CA THR C 466 26.23 -36.63 46.49
C THR C 466 26.32 -35.17 46.90
N PRO C 467 25.81 -34.79 48.07
CA PRO C 467 25.88 -33.38 48.48
C PRO C 467 27.28 -32.96 48.84
N CYS C 468 27.58 -31.69 48.64
CA CYS C 468 28.87 -31.10 48.98
C CYS C 468 28.72 -30.31 50.27
N ASN C 469 29.32 -30.82 51.35
CA ASN C 469 29.27 -30.14 52.65
C ASN C 469 30.39 -29.12 52.78
N GLY C 470 30.51 -28.21 51.81
CA GLY C 470 31.50 -27.17 51.85
C GLY C 470 32.91 -27.59 51.53
N VAL C 471 33.13 -28.85 51.15
CA VAL C 471 34.46 -29.37 50.85
C VAL C 471 34.42 -30.01 49.47
N GLU C 472 35.42 -29.69 48.64
CA GLU C 472 35.50 -30.27 47.31
C GLU C 472 35.63 -31.79 47.38
N GLY C 473 34.94 -32.48 46.47
CA GLY C 473 35.03 -33.91 46.40
C GLY C 473 34.44 -34.49 45.13
N PHE C 474 33.90 -35.71 45.23
CA PHE C 474 33.31 -36.37 44.06
C PHE C 474 32.06 -35.63 43.63
N ASN C 475 32.03 -35.19 42.37
CA ASN C 475 30.95 -34.37 41.82
C ASN C 475 30.83 -33.04 42.55
N CYS C 476 31.94 -32.56 43.12
CA CYS C 476 31.97 -31.32 43.89
C CYS C 476 33.20 -30.55 43.44
N TYR C 477 33.02 -29.64 42.49
CA TYR C 477 34.12 -28.92 41.86
C TYR C 477 34.11 -27.46 42.29
N PHE C 478 35.29 -26.90 42.47
CA PHE C 478 35.41 -25.47 42.75
C PHE C 478 35.00 -24.69 41.50
N PRO C 479 34.13 -23.68 41.63
CA PRO C 479 33.57 -23.04 40.42
C PRO C 479 34.53 -22.10 39.71
N LEU C 480 35.66 -21.74 40.32
CA LEU C 480 36.60 -20.82 39.72
C LEU C 480 37.89 -21.54 39.31
N GLN C 481 38.61 -20.92 38.36
CA GLN C 481 39.85 -21.47 37.86
C GLN C 481 40.75 -20.30 37.47
N SER C 482 42.05 -20.50 37.59
CA SER C 482 43.02 -19.43 37.38
C SER C 482 43.53 -19.42 35.94
N TYR C 483 44.07 -18.27 35.55
CA TYR C 483 44.68 -18.08 34.24
C TYR C 483 46.19 -18.11 34.38
N GLY C 484 46.85 -18.93 33.58
CA GLY C 484 48.30 -19.01 33.62
C GLY C 484 48.95 -18.26 32.48
N PHE C 485 49.43 -17.05 32.76
CA PHE C 485 49.98 -16.18 31.73
C PHE C 485 51.51 -16.20 31.83
N GLN C 486 52.16 -16.56 30.73
CA GLN C 486 53.61 -16.65 30.68
C GLN C 486 54.13 -15.82 29.53
N PRO C 487 55.29 -15.19 29.69
CA PRO C 487 55.84 -14.36 28.60
C PRO C 487 56.17 -15.15 27.35
N THR C 488 56.44 -16.46 27.46
CA THR C 488 56.72 -17.30 26.31
C THR C 488 55.50 -18.04 25.80
N ASN C 489 54.35 -17.90 26.46
CA ASN C 489 53.13 -18.54 26.00
C ASN C 489 52.74 -18.04 24.60
N GLY C 490 52.10 -18.93 23.84
CA GLY C 490 51.62 -18.55 22.53
C GLY C 490 50.68 -17.36 22.59
N VAL C 491 50.63 -16.63 21.47
CA VAL C 491 49.83 -15.41 21.38
C VAL C 491 48.39 -15.66 21.82
N GLY C 492 47.84 -16.81 21.42
CA GLY C 492 46.47 -17.14 21.79
C GLY C 492 46.24 -17.18 23.29
N TYR C 493 47.28 -17.46 24.07
CA TYR C 493 47.17 -17.53 25.51
C TYR C 493 47.66 -16.27 26.22
N GLN C 494 48.29 -15.35 25.48
CA GLN C 494 48.77 -14.11 26.07
C GLN C 494 47.61 -13.31 26.65
N PRO C 495 47.85 -12.51 27.69
CA PRO C 495 46.76 -11.74 28.30
C PRO C 495 46.35 -10.55 27.44
N TYR C 496 45.08 -10.17 27.60
CA TYR C 496 44.47 -9.07 26.88
C TYR C 496 43.55 -8.35 27.84
N ARG C 497 43.75 -7.05 28.01
CA ARG C 497 42.81 -6.25 28.77
C ARG C 497 41.62 -5.91 27.88
N VAL C 498 40.41 -6.02 28.43
CA VAL C 498 39.18 -5.82 27.68
C VAL C 498 38.30 -4.83 28.43
N VAL C 499 37.78 -3.85 27.70
CA VAL C 499 36.77 -2.91 28.19
C VAL C 499 35.56 -2.98 27.26
N VAL C 500 34.39 -3.15 27.85
CA VAL C 500 33.12 -3.19 27.13
C VAL C 500 32.33 -1.95 27.53
N LEU C 501 32.14 -1.04 26.59
CA LEU C 501 31.36 0.17 26.79
C LEU C 501 29.95 -0.08 26.29
N SER C 502 28.97 -0.04 27.19
CA SER C 502 27.56 -0.15 26.83
C SER C 502 26.92 1.23 26.90
N PHE C 503 26.21 1.60 25.84
CA PHE C 503 25.60 2.91 25.69
C PHE C 503 24.10 2.78 25.85
N GLU C 504 23.51 3.58 26.75
CA GLU C 504 22.06 3.58 26.86
C GLU C 504 21.46 4.80 26.17
N LEU C 505 20.26 4.62 25.62
CA LEU C 505 19.52 5.68 24.92
C LEU C 505 18.06 5.59 25.37
N LEU C 506 17.73 6.33 26.42
CA LEU C 506 16.40 6.32 27.02
C LEU C 506 15.62 7.54 26.56
N HIS C 507 14.34 7.55 26.93
CA HIS C 507 13.44 8.66 26.58
C HIS C 507 13.71 9.84 27.53
N ALA C 508 14.89 10.42 27.37
CA ALA C 508 15.32 11.56 28.17
C ALA C 508 16.46 12.25 27.44
N PRO C 509 16.76 13.50 27.80
CA PRO C 509 17.88 14.19 27.14
C PRO C 509 19.22 13.57 27.50
N ALA C 510 20.11 13.52 26.51
CA ALA C 510 21.44 12.94 26.70
C ALA C 510 22.37 13.96 27.33
N THR C 511 23.23 13.48 28.22
CA THR C 511 24.19 14.34 28.93
C THR C 511 25.64 14.05 28.60
N VAL C 512 26.07 12.79 28.63
CA VAL C 512 27.49 12.44 28.49
C VAL C 512 27.79 12.12 27.03
N CYS C 513 28.15 13.16 26.28
CA CYS C 513 28.57 12.93 24.89
C CYS C 513 29.98 13.41 24.59
N GLY C 514 30.17 14.14 23.50
CA GLY C 514 31.50 14.45 23.03
C GLY C 514 31.79 15.90 22.66
N PRO C 515 33.08 16.21 22.57
CA PRO C 515 33.53 17.59 22.33
C PRO C 515 33.18 18.18 20.98
N LYS C 516 31.91 18.20 20.61
CA LYS C 516 31.51 18.91 19.39
C LYS C 516 31.36 20.39 19.71
N LYS C 517 32.06 21.23 18.96
CA LYS C 517 32.13 22.65 19.27
C LYS C 517 30.77 23.31 19.12
N SER C 518 30.45 24.19 20.06
CA SER C 518 29.23 24.97 19.95
C SER C 518 29.36 26.04 18.87
N THR C 519 28.22 26.51 18.37
CA THR C 519 28.17 27.54 17.36
C THR C 519 27.16 28.59 17.82
N ASN C 520 27.22 29.77 17.20
CA ASN C 520 26.26 30.81 17.52
C ASN C 520 24.90 30.47 16.93
N LEU C 521 23.87 31.15 17.42
CA LEU C 521 22.49 30.87 17.04
C LEU C 521 22.03 31.86 15.96
N VAL C 522 21.36 31.34 14.94
CA VAL C 522 20.85 32.14 13.83
C VAL C 522 19.34 32.00 13.78
N LYS C 523 18.66 33.13 13.63
CA LYS C 523 17.21 33.20 13.66
C LYS C 523 16.61 33.26 12.27
N ASN C 524 15.40 32.70 12.13
CA ASN C 524 14.56 32.85 10.94
C ASN C 524 15.24 32.41 9.65
N LYS C 525 16.13 31.43 9.72
CA LYS C 525 16.82 30.97 8.52
C LYS C 525 16.94 29.45 8.54
N CYS C 526 16.84 28.84 7.36
CA CYS C 526 16.84 27.38 7.23
C CYS C 526 18.23 26.83 7.54
N VAL C 527 18.35 26.12 8.66
CA VAL C 527 19.62 25.55 9.09
C VAL C 527 19.37 24.14 9.61
N ASN C 528 20.42 23.32 9.57
CA ASN C 528 20.39 21.99 10.15
C ASN C 528 21.05 22.03 11.53
N PHE C 529 20.22 21.95 12.55
CA PHE C 529 20.60 22.09 13.95
C PHE C 529 20.81 20.74 14.62
N ASN C 530 21.55 20.78 15.73
CA ASN C 530 21.84 19.62 16.58
C ASN C 530 21.79 20.12 18.02
N PHE C 531 20.65 19.88 18.68
CA PHE C 531 20.43 20.28 20.06
C PHE C 531 20.52 19.06 20.96
N ASN C 532 21.62 18.95 21.70
CA ASN C 532 21.84 17.84 22.64
C ASN C 532 21.63 16.48 21.98
N GLY C 533 22.12 16.35 20.75
CA GLY C 533 21.99 15.10 20.02
C GLY C 533 20.74 14.99 19.17
N LEU C 534 19.77 15.88 19.37
CA LEU C 534 18.56 15.91 18.55
C LEU C 534 18.88 16.65 17.26
N THR C 535 18.82 15.95 16.15
CA THR C 535 19.25 16.49 14.87
C THR C 535 18.02 16.83 14.03
N GLY C 536 18.15 17.83 13.17
CA GLY C 536 17.03 18.18 12.31
C GLY C 536 17.34 19.41 11.50
N THR C 537 16.40 19.72 10.60
CA THR C 537 16.52 20.86 9.72
C THR C 537 15.27 21.72 9.81
N GLY C 538 15.44 23.02 9.90
CA GLY C 538 14.31 23.90 10.06
C GLY C 538 14.76 25.33 10.29
N VAL C 539 13.77 26.21 10.43
CA VAL C 539 13.99 27.59 10.82
C VAL C 539 13.61 27.75 12.28
N LEU C 540 14.48 28.40 13.05
CA LEU C 540 14.27 28.63 14.47
C LEU C 540 13.77 30.04 14.68
N THR C 541 12.62 30.17 15.34
CA THR C 541 11.98 31.45 15.54
C THR C 541 11.67 31.61 17.04
N GLU C 542 11.40 32.85 17.44
CA GLU C 542 10.97 33.10 18.81
C GLU C 542 9.64 32.41 19.07
N SER C 543 9.39 32.12 20.34
CA SER C 543 8.16 31.46 20.75
C SER C 543 7.54 32.17 21.94
N ASN C 544 6.22 32.03 22.06
CA ASN C 544 5.46 32.57 23.18
C ASN C 544 4.67 31.46 23.88
N LYS C 545 5.11 30.22 23.75
CA LYS C 545 4.49 29.08 24.41
C LYS C 545 5.13 28.91 25.78
N LYS C 546 4.34 29.07 26.84
CA LYS C 546 4.88 29.10 28.19
C LYS C 546 5.34 27.72 28.63
N PHE C 547 6.61 27.38 28.33
CA PHE C 547 7.19 26.14 28.81
C PHE C 547 7.29 26.17 30.33
N LEU C 548 7.03 25.03 30.95
CA LEU C 548 7.25 24.91 32.38
C LEU C 548 8.73 24.71 32.64
N PRO C 549 9.21 25.06 33.84
CA PRO C 549 10.66 24.99 34.11
C PRO C 549 11.35 23.66 33.81
N PHE C 550 10.61 22.55 33.75
CA PHE C 550 11.27 21.26 33.65
C PHE C 550 11.33 20.67 32.23
N GLN C 551 10.58 21.19 31.27
CA GLN C 551 10.61 20.57 29.95
C GLN C 551 11.83 21.05 29.16
N GLN C 552 12.38 20.14 28.36
CA GLN C 552 13.55 20.43 27.54
C GLN C 552 13.19 20.74 26.09
N PHE C 553 12.27 19.99 25.50
CA PHE C 553 11.81 20.22 24.14
C PHE C 553 10.32 19.90 24.02
N GLY C 554 9.69 20.48 23.02
CA GLY C 554 8.26 20.30 22.78
C GLY C 554 7.96 19.47 21.53
N ARG C 555 6.93 18.64 21.63
CA ARG C 555 6.47 17.80 20.53
C ARG C 555 5.01 18.09 20.23
N ASP C 556 4.68 18.07 18.94
CA ASP C 556 3.33 18.23 18.44
C ASP C 556 2.82 16.91 17.88
N ILE C 557 1.50 16.86 17.72
CA ILE C 557 0.71 15.69 17.34
C ILE C 557 1.38 14.83 16.28
N ALA C 558 1.29 13.52 16.46
CA ALA C 558 1.91 12.53 15.57
C ALA C 558 3.42 12.69 15.55
N ASP C 559 3.99 12.86 16.75
CA ASP C 559 5.43 12.80 16.96
C ASP C 559 6.20 13.74 16.03
N THR C 560 6.19 15.04 16.31
CA THR C 560 7.07 15.94 15.57
C THR C 560 7.63 16.98 16.51
N THR C 561 8.85 17.42 16.24
CA THR C 561 9.49 18.42 17.09
C THR C 561 8.94 19.79 16.74
N ASP C 562 8.28 20.44 17.69
CA ASP C 562 7.72 21.77 17.45
C ASP C 562 8.48 22.88 18.13
N ALA C 563 9.05 22.62 19.30
CA ALA C 563 9.83 23.63 20.00
C ALA C 563 10.90 22.93 20.82
N VAL C 564 11.94 23.68 21.16
CA VAL C 564 13.09 23.16 21.90
C VAL C 564 13.61 24.28 22.77
N ARG C 565 14.20 23.90 23.92
CA ARG C 565 14.87 24.85 24.78
C ARG C 565 16.37 24.67 24.59
N ASP C 566 17.04 25.73 24.16
CA ASP C 566 18.46 25.61 23.88
C ASP C 566 19.28 25.61 25.16
N PRO C 567 20.47 25.02 25.14
CA PRO C 567 21.37 25.13 26.28
C PRO C 567 21.96 26.53 26.37
N GLN C 568 22.70 26.77 27.46
CA GLN C 568 23.42 28.02 27.70
C GLN C 568 22.49 29.20 27.94
N THR C 569 21.41 29.29 27.16
CA THR C 569 20.48 30.41 27.26
C THR C 569 19.09 29.98 27.72
N LEU C 570 18.80 28.68 27.78
CA LEU C 570 17.53 28.10 28.22
C LEU C 570 16.32 28.71 27.51
N GLU C 571 16.55 29.44 26.41
CA GLU C 571 15.47 30.09 25.70
C GLU C 571 14.68 29.06 24.88
N ILE C 572 13.42 29.38 24.65
CA ILE C 572 12.46 28.47 24.02
C ILE C 572 12.22 28.90 22.58
N LEU C 573 12.72 28.10 21.64
CA LEU C 573 12.65 28.37 20.21
C LEU C 573 11.65 27.44 19.53
N ASP C 574 10.79 28.02 18.68
CA ASP C 574 9.97 27.22 17.78
C ASP C 574 10.78 26.78 16.58
N ILE C 575 10.54 25.54 16.13
CA ILE C 575 11.17 24.99 14.94
C ILE C 575 10.09 24.79 13.90
N THR C 576 10.19 25.53 12.80
CA THR C 576 9.25 25.39 11.69
C THR C 576 9.97 24.79 10.50
N PRO C 577 9.45 23.72 9.90
CA PRO C 577 10.15 23.09 8.77
C PRO C 577 10.38 24.08 7.65
N CYS C 578 11.52 23.92 6.97
CA CYS C 578 11.89 24.83 5.91
C CYS C 578 10.87 24.79 4.78
N SER C 579 10.66 25.96 4.15
CA SER C 579 9.67 26.10 3.09
C SER C 579 9.90 25.06 2.00
N PHE C 580 8.81 24.41 1.59
CA PHE C 580 8.87 23.41 0.53
C PHE C 580 7.51 23.33 -0.14
N GLY C 581 7.51 22.75 -1.34
CA GLY C 581 6.28 22.57 -2.10
C GLY C 581 6.53 22.08 -3.51
N GLY C 582 5.50 21.57 -4.16
CA GLY C 582 5.67 21.09 -5.52
C GLY C 582 5.90 22.20 -6.53
N VAL C 583 6.48 21.81 -7.66
CA VAL C 583 6.68 22.72 -8.78
C VAL C 583 5.78 22.27 -9.93
N SER C 584 5.00 23.21 -10.46
CA SER C 584 4.07 22.94 -11.55
C SER C 584 4.52 23.70 -12.79
N VAL C 585 4.32 23.09 -13.95
CA VAL C 585 4.70 23.69 -15.22
C VAL C 585 3.44 23.96 -16.03
N ILE C 586 3.25 25.22 -16.41
CA ILE C 586 2.14 25.64 -17.26
C ILE C 586 2.69 25.74 -18.67
N THR C 587 2.10 25.01 -19.60
CA THR C 587 2.55 25.01 -20.98
C THR C 587 1.37 25.08 -21.94
N PRO C 588 1.47 25.92 -22.96
CA PRO C 588 0.42 25.90 -24.00
C PRO C 588 0.51 24.66 -24.88
N GLY C 589 1.69 24.06 -24.99
CA GLY C 589 1.85 22.83 -25.74
C GLY C 589 3.07 22.85 -26.63
N THR C 590 3.75 21.71 -26.76
CA THR C 590 4.91 21.63 -27.63
C THR C 590 4.52 21.80 -29.10
N ASN C 591 3.23 21.73 -29.41
CA ASN C 591 2.73 21.95 -30.75
C ASN C 591 2.42 23.43 -31.02
N THR C 592 2.37 24.25 -29.99
CA THR C 592 2.00 25.66 -30.10
C THR C 592 3.13 26.58 -29.72
N SER C 593 3.77 26.37 -28.58
CA SER C 593 4.86 27.24 -28.14
C SER C 593 5.71 26.51 -27.12
N ASN C 594 6.99 26.86 -27.10
CA ASN C 594 7.93 26.32 -26.12
C ASN C 594 8.05 27.20 -24.89
N GLN C 595 7.17 28.17 -24.72
CA GLN C 595 7.20 29.02 -23.56
C GLN C 595 6.53 28.32 -22.38
N VAL C 596 7.08 28.53 -21.19
CA VAL C 596 6.65 27.82 -20.00
C VAL C 596 6.50 28.81 -18.85
N ALA C 597 5.59 28.48 -17.93
CA ALA C 597 5.43 29.21 -16.69
C ALA C 597 5.60 28.22 -15.55
N VAL C 598 6.07 28.70 -14.41
CA VAL C 598 6.38 27.84 -13.27
C VAL C 598 5.60 28.32 -12.06
N LEU C 599 4.89 27.39 -11.42
CA LEU C 599 4.08 27.66 -10.24
C LEU C 599 4.69 26.92 -9.06
N TYR C 600 5.06 27.67 -8.03
CA TYR C 600 5.59 27.08 -6.80
C TYR C 600 4.42 26.98 -5.83
N GLN C 601 3.95 25.76 -5.60
CA GLN C 601 2.74 25.56 -4.82
C GLN C 601 2.95 25.83 -3.34
N ASP C 602 2.01 26.55 -2.73
CA ASP C 602 2.00 26.83 -1.29
C ASP C 602 3.35 27.34 -0.78
N VAL C 603 4.07 28.05 -1.64
CA VAL C 603 5.41 28.54 -1.31
C VAL C 603 5.49 30.02 -1.60
N ASN C 604 5.06 30.86 -0.65
CA ASN C 604 5.09 32.30 -0.86
C ASN C 604 6.49 32.67 -1.29
N CYS C 605 6.60 33.45 -2.36
CA CYS C 605 7.88 33.58 -3.03
C CYS C 605 8.58 34.89 -2.71
N THR C 606 9.74 34.74 -2.07
CA THR C 606 10.78 35.72 -1.86
C THR C 606 12.03 34.90 -2.21
N GLU C 607 11.94 33.61 -1.93
CA GLU C 607 13.00 32.66 -2.21
C GLU C 607 13.12 32.43 -3.70
N VAL C 608 14.35 32.36 -4.19
CA VAL C 608 14.61 32.11 -5.60
C VAL C 608 14.63 30.60 -5.85
N ASN C 629 7.38 37.88 -15.36
CA ASN C 629 6.70 38.54 -14.26
C ASN C 629 6.45 37.54 -13.14
N VAL C 630 6.44 38.02 -11.90
CA VAL C 630 6.21 37.20 -10.72
C VAL C 630 4.90 37.63 -10.08
N PHE C 631 3.92 36.73 -10.07
CA PHE C 631 2.59 37.02 -9.57
C PHE C 631 2.25 36.06 -8.44
N GLN C 632 1.85 36.61 -7.30
CA GLN C 632 1.46 35.83 -6.14
C GLN C 632 -0.02 35.48 -6.20
N THR C 633 -0.33 34.19 -6.10
CA THR C 633 -1.69 33.70 -6.07
C THR C 633 -1.90 32.90 -4.80
N ARG C 634 -3.16 32.65 -4.45
CA ARG C 634 -3.45 31.90 -3.25
C ARG C 634 -3.03 30.45 -3.37
N ALA C 635 -2.66 30.01 -4.57
CA ALA C 635 -2.14 28.67 -4.79
C ALA C 635 -0.62 28.62 -4.76
N GLY C 636 0.06 29.76 -4.76
CA GLY C 636 1.50 29.76 -4.81
C GLY C 636 2.02 30.89 -5.67
N CYS C 637 3.28 30.81 -6.05
CA CYS C 637 3.94 31.90 -6.76
C CYS C 637 4.17 31.50 -8.21
N LEU C 638 3.52 32.21 -9.13
CA LEU C 638 3.56 31.89 -10.55
C LEU C 638 4.50 32.87 -11.24
N ILE C 639 5.54 32.36 -11.88
CA ILE C 639 6.52 33.16 -12.60
C ILE C 639 6.48 32.77 -14.06
N GLY C 640 6.52 33.77 -14.93
CA GLY C 640 6.48 33.58 -16.36
C GLY C 640 5.19 34.05 -17.01
N ALA C 641 4.13 34.19 -16.24
CA ALA C 641 2.86 34.71 -16.73
C ALA C 641 2.59 36.08 -16.12
N GLU C 642 2.24 37.05 -16.97
CA GLU C 642 1.91 38.38 -16.48
C GLU C 642 0.45 38.46 -16.09
N HIS C 643 0.18 39.11 -14.96
CA HIS C 643 -1.16 39.20 -14.42
C HIS C 643 -1.96 40.25 -15.18
N VAL C 644 -3.03 39.82 -15.84
CA VAL C 644 -3.91 40.71 -16.58
C VAL C 644 -5.26 40.73 -15.88
N ASN C 645 -5.83 41.92 -15.73
CA ASN C 645 -7.02 42.09 -14.90
C ASN C 645 -8.31 42.06 -15.71
N ASN C 646 -8.24 41.68 -16.98
CA ASN C 646 -9.43 41.29 -17.73
C ASN C 646 -9.66 39.79 -17.63
N SER C 647 -10.90 39.40 -17.38
CA SER C 647 -11.26 37.99 -17.21
C SER C 647 -11.59 37.35 -18.55
N TYR C 648 -11.30 36.04 -18.64
CA TYR C 648 -11.59 35.21 -19.79
C TYR C 648 -12.10 33.87 -19.29
N GLU C 649 -12.53 33.02 -20.23
CA GLU C 649 -12.91 31.66 -19.89
C GLU C 649 -11.66 30.86 -19.57
N CYS C 650 -11.76 29.97 -18.58
CA CYS C 650 -10.59 29.28 -18.07
C CYS C 650 -10.03 28.31 -19.09
N ASP C 651 -8.72 28.32 -19.26
CA ASP C 651 -8.07 27.40 -20.18
C ASP C 651 -7.23 26.39 -19.40
N ILE C 652 -6.08 26.81 -18.90
CA ILE C 652 -5.23 25.98 -18.04
C ILE C 652 -5.45 26.42 -16.60
N PRO C 653 -6.09 25.61 -15.77
CA PRO C 653 -6.42 26.06 -14.40
C PRO C 653 -5.20 26.12 -13.51
N ILE C 654 -5.16 27.14 -12.65
CA ILE C 654 -4.11 27.32 -11.66
C ILE C 654 -4.61 27.01 -10.25
N GLY C 655 -5.70 27.63 -9.86
CA GLY C 655 -6.29 27.43 -8.54
C GLY C 655 -6.75 28.73 -7.94
N ALA C 656 -7.70 28.63 -7.02
CA ALA C 656 -8.27 29.78 -6.32
C ALA C 656 -8.80 30.84 -7.28
N GLY C 657 -9.37 30.38 -8.39
CA GLY C 657 -9.98 31.27 -9.35
C GLY C 657 -9.07 31.75 -10.48
N ILE C 658 -7.81 31.38 -10.46
CA ILE C 658 -6.84 31.84 -11.45
C ILE C 658 -6.64 30.75 -12.49
N CYS C 659 -6.55 31.15 -13.75
CA CYS C 659 -6.28 30.25 -14.85
C CYS C 659 -5.20 30.87 -15.74
N ALA C 660 -4.76 30.12 -16.74
CA ALA C 660 -3.65 30.56 -17.58
C ALA C 660 -3.72 29.98 -18.99
N VAL C 675 -2.17 30.46 -23.41
CA VAL C 675 -1.39 31.47 -24.12
C VAL C 675 -2.33 32.43 -24.84
N ALA C 676 -1.96 33.71 -24.84
CA ALA C 676 -2.72 34.74 -25.52
C ALA C 676 -1.84 35.97 -25.67
N SER C 677 -1.97 36.65 -26.81
CA SER C 677 -1.13 37.80 -27.14
C SER C 677 0.35 37.43 -27.07
N GLN C 678 0.69 36.26 -27.62
CA GLN C 678 2.05 35.77 -27.78
C GLN C 678 2.77 35.56 -26.45
N SER C 679 2.04 35.41 -25.36
CA SER C 679 2.68 35.13 -24.07
C SER C 679 1.70 34.43 -23.15
N ILE C 680 2.23 33.85 -22.09
CA ILE C 680 1.41 33.19 -21.07
C ILE C 680 0.90 34.25 -20.11
N ILE C 681 -0.40 34.23 -19.84
CA ILE C 681 -1.01 35.19 -18.93
C ILE C 681 -1.79 34.46 -17.86
N ALA C 682 -1.95 35.11 -16.71
CA ALA C 682 -2.71 34.59 -15.58
C ALA C 682 -3.80 35.60 -15.22
N TYR C 683 -5.01 35.10 -14.99
CA TYR C 683 -6.18 35.95 -14.85
C TYR C 683 -7.25 35.23 -14.05
N THR C 684 -8.19 36.01 -13.52
CA THR C 684 -9.30 35.43 -12.80
C THR C 684 -10.33 34.91 -13.80
N MET C 685 -10.74 33.66 -13.63
CA MET C 685 -11.64 33.04 -14.59
C MET C 685 -12.99 33.74 -14.57
N SER C 686 -13.62 33.81 -15.73
CA SER C 686 -14.96 34.37 -15.84
C SER C 686 -15.99 33.27 -15.63
N LEU C 687 -17.08 33.63 -14.96
CA LEU C 687 -18.16 32.70 -14.69
C LEU C 687 -19.23 32.74 -15.78
N GLY C 688 -19.08 33.62 -16.75
CA GLY C 688 -20.05 33.82 -17.81
C GLY C 688 -20.42 35.28 -17.95
N ALA C 689 -21.08 35.56 -19.07
CA ALA C 689 -21.50 36.94 -19.33
C ALA C 689 -22.59 37.35 -18.37
N GLU C 690 -22.62 38.64 -18.03
CA GLU C 690 -23.66 39.18 -17.18
C GLU C 690 -24.92 39.43 -18.00
N ASN C 691 -26.05 39.05 -17.44
CA ASN C 691 -27.32 39.15 -18.16
C ASN C 691 -28.41 39.39 -17.11
N SER C 692 -28.79 40.65 -16.94
CA SER C 692 -29.92 40.96 -16.10
C SER C 692 -31.20 40.66 -16.85
N VAL C 693 -32.21 40.15 -16.14
CA VAL C 693 -33.49 39.83 -16.74
C VAL C 693 -34.48 40.90 -16.32
N ALA C 694 -35.24 41.41 -17.27
CA ALA C 694 -36.13 42.53 -16.99
C ALA C 694 -37.35 42.09 -16.19
N TYR C 695 -37.16 41.72 -14.92
CA TYR C 695 -38.31 41.32 -14.13
C TYR C 695 -39.23 42.50 -13.91
N SER C 696 -40.51 42.30 -14.18
CA SER C 696 -41.56 43.24 -13.85
C SER C 696 -42.84 42.45 -13.71
N ASN C 697 -43.70 42.82 -12.78
CA ASN C 697 -45.03 42.24 -12.83
C ASN C 697 -45.73 42.79 -14.08
N ASN C 698 -46.68 42.02 -14.61
CA ASN C 698 -47.44 42.25 -15.85
C ASN C 698 -46.48 42.36 -17.04
N SER C 699 -45.57 41.40 -17.17
CA SER C 699 -44.69 41.33 -18.34
C SER C 699 -44.12 39.93 -18.45
N ILE C 700 -44.52 39.20 -19.50
CA ILE C 700 -43.97 37.90 -19.81
C ILE C 700 -43.35 37.94 -21.20
N ALA C 701 -42.22 37.29 -21.37
CA ALA C 701 -41.57 37.16 -22.67
C ALA C 701 -41.90 35.80 -23.24
N ILE C 702 -42.50 35.78 -24.41
CA ILE C 702 -43.00 34.56 -25.04
C ILE C 702 -42.29 34.36 -26.37
N PRO C 703 -41.69 33.20 -26.59
CA PRO C 703 -40.88 33.01 -27.80
C PRO C 703 -41.76 32.98 -29.05
N THR C 704 -41.24 33.59 -30.11
CA THR C 704 -41.97 33.78 -31.36
C THR C 704 -41.42 32.89 -32.46
N ASN C 705 -40.47 32.03 -32.13
CA ASN C 705 -39.85 31.09 -33.04
C ASN C 705 -39.12 30.05 -32.20
N PHE C 706 -38.30 29.23 -32.86
CA PHE C 706 -37.71 28.07 -32.18
C PHE C 706 -36.46 27.66 -32.95
N THR C 707 -35.72 26.73 -32.36
CA THR C 707 -34.58 26.14 -33.03
C THR C 707 -34.48 24.68 -32.61
N ILE C 708 -34.32 23.81 -33.60
CA ILE C 708 -34.17 22.38 -33.35
C ILE C 708 -32.67 22.11 -33.31
N SER C 709 -32.18 21.66 -32.17
CA SER C 709 -30.75 21.52 -31.95
C SER C 709 -30.42 20.05 -31.71
N VAL C 710 -29.21 19.69 -32.09
CA VAL C 710 -28.68 18.35 -31.89
C VAL C 710 -27.39 18.45 -31.11
N THR C 711 -27.33 17.77 -29.97
CA THR C 711 -26.16 17.76 -29.11
C THR C 711 -25.59 16.35 -29.07
N THR C 712 -24.30 16.23 -28.84
CA THR C 712 -23.64 14.93 -28.75
C THR C 712 -23.11 14.76 -27.33
N GLU C 713 -23.56 13.69 -26.69
CA GLU C 713 -23.09 13.34 -25.34
C GLU C 713 -22.49 11.95 -25.36
N ILE C 714 -21.26 11.83 -24.87
CA ILE C 714 -20.49 10.59 -24.96
C ILE C 714 -20.40 9.96 -23.58
N LEU C 715 -20.77 8.68 -23.50
CA LEU C 715 -20.70 7.92 -22.26
C LEU C 715 -19.96 6.60 -22.52
N PRO C 716 -18.91 6.30 -21.76
CA PRO C 716 -18.24 5.01 -21.92
C PRO C 716 -19.09 3.88 -21.38
N VAL C 717 -18.93 2.69 -21.97
CA VAL C 717 -19.66 1.52 -21.50
C VAL C 717 -18.74 0.38 -21.09
N SER C 718 -17.57 0.25 -21.73
CA SER C 718 -16.68 -0.84 -21.41
C SER C 718 -15.21 -0.41 -21.47
N MET C 719 -14.36 -1.29 -20.97
CA MET C 719 -12.91 -1.16 -21.07
C MET C 719 -12.36 -2.49 -21.58
N THR C 720 -11.13 -2.46 -22.07
CA THR C 720 -10.50 -3.66 -22.59
C THR C 720 -10.46 -4.74 -21.51
N LYS C 721 -10.89 -5.94 -21.87
CA LYS C 721 -10.93 -7.09 -20.95
C LYS C 721 -9.53 -7.67 -20.78
N THR C 722 -8.74 -7.01 -19.93
CA THR C 722 -7.38 -7.47 -19.66
C THR C 722 -7.39 -8.64 -18.67
N SER C 723 -6.36 -9.47 -18.76
CA SER C 723 -6.21 -10.63 -17.89
C SER C 723 -4.74 -10.89 -17.66
N VAL C 724 -4.39 -11.23 -16.42
CA VAL C 724 -3.02 -11.47 -16.01
C VAL C 724 -2.91 -12.89 -15.47
N ASP C 725 -1.93 -13.64 -15.97
CA ASP C 725 -1.65 -14.97 -15.46
C ASP C 725 -0.72 -14.81 -14.28
N CYS C 726 -1.30 -14.79 -13.07
CA CYS C 726 -0.57 -14.64 -11.82
C CYS C 726 0.79 -15.33 -11.79
N THR C 727 0.78 -16.64 -12.04
CA THR C 727 2.01 -17.42 -12.08
C THR C 727 2.94 -16.89 -13.16
N MET C 728 2.60 -17.11 -14.43
CA MET C 728 3.42 -16.68 -15.55
C MET C 728 3.90 -15.24 -15.38
N TYR C 729 3.10 -14.39 -14.74
CA TYR C 729 3.52 -13.02 -14.49
C TYR C 729 4.64 -12.96 -13.46
N ILE C 730 4.40 -13.52 -12.27
CA ILE C 730 5.39 -13.47 -11.21
C ILE C 730 6.51 -14.49 -11.44
N CYS C 731 6.17 -15.68 -11.91
CA CYS C 731 7.10 -16.79 -12.06
C CYS C 731 7.18 -17.24 -13.52
N GLY C 732 7.77 -16.42 -14.37
CA GLY C 732 7.85 -16.77 -15.77
C GLY C 732 8.55 -18.09 -15.99
N ASP C 733 7.77 -19.09 -16.45
CA ASP C 733 8.25 -20.41 -16.85
C ASP C 733 9.29 -21.00 -15.91
N SER C 734 9.13 -20.77 -14.60
CA SER C 734 10.05 -21.29 -13.60
C SER C 734 9.24 -21.89 -12.46
N THR C 735 9.33 -23.22 -12.30
CA THR C 735 8.64 -23.89 -11.20
C THR C 735 9.28 -23.58 -9.85
N GLU C 736 10.59 -23.31 -9.84
CA GLU C 736 11.31 -23.13 -8.59
C GLU C 736 10.67 -22.05 -7.72
N CYS C 737 10.34 -20.91 -8.31
CA CYS C 737 9.69 -19.87 -7.55
C CYS C 737 8.20 -20.12 -7.40
N SER C 738 7.57 -20.77 -8.38
CA SER C 738 6.15 -21.09 -8.27
C SER C 738 5.87 -21.89 -7.01
N ASN C 739 6.80 -22.77 -6.64
CA ASN C 739 6.66 -23.52 -5.39
C ASN C 739 6.67 -22.60 -4.17
N LEU C 740 7.43 -21.49 -4.24
CA LEU C 740 7.37 -20.50 -3.17
C LEU C 740 6.08 -19.70 -3.22
N LEU C 741 5.57 -19.46 -4.42
CA LEU C 741 4.35 -18.67 -4.57
C LEU C 741 3.17 -19.42 -4.00
N LEU C 742 3.07 -20.72 -4.29
CA LEU C 742 1.99 -21.55 -3.79
C LEU C 742 1.92 -21.56 -2.26
N GLN C 743 2.91 -20.96 -1.58
CA GLN C 743 2.95 -20.93 -0.13
C GLN C 743 2.29 -19.70 0.45
N TYR C 744 2.00 -18.69 -0.37
CA TYR C 744 1.30 -17.50 0.07
C TYR C 744 -0.20 -17.70 0.11
N GLY C 745 -0.65 -18.95 0.04
CA GLY C 745 -2.07 -19.24 0.04
C GLY C 745 -2.76 -18.87 -1.25
N SER C 746 -3.79 -18.04 -1.17
CA SER C 746 -4.66 -17.75 -2.29
C SER C 746 -4.55 -16.31 -2.78
N PHE C 747 -3.39 -15.67 -2.62
CA PHE C 747 -3.20 -14.38 -3.25
C PHE C 747 -3.10 -14.53 -4.76
N CYS C 748 -2.48 -15.62 -5.21
CA CYS C 748 -2.30 -15.84 -6.64
C CYS C 748 -3.64 -16.05 -7.33
N THR C 749 -4.57 -16.75 -6.69
CA THR C 749 -5.85 -17.10 -7.29
C THR C 749 -7.02 -16.33 -6.69
N GLN C 750 -6.75 -15.17 -6.08
CA GLN C 750 -7.79 -14.22 -5.69
C GLN C 750 -7.60 -12.92 -6.46
N LEU C 751 -6.73 -12.95 -7.46
CA LEU C 751 -6.50 -11.85 -8.38
C LEU C 751 -6.84 -12.22 -9.81
N ASN C 752 -6.74 -13.50 -10.15
CA ASN C 752 -7.24 -14.02 -11.41
C ASN C 752 -8.71 -14.39 -11.31
N ARG C 753 -9.33 -14.16 -10.14
CA ARG C 753 -10.75 -14.37 -9.94
C ARG C 753 -11.41 -13.08 -9.46
N ALA C 754 -10.77 -11.95 -9.72
CA ALA C 754 -11.34 -10.62 -9.55
C ALA C 754 -11.24 -9.80 -10.82
N LEU C 755 -10.41 -10.20 -11.78
CA LEU C 755 -10.35 -9.59 -13.09
C LEU C 755 -11.32 -10.26 -14.07
N THR C 756 -11.55 -11.56 -13.92
CA THR C 756 -12.56 -12.23 -14.73
C THR C 756 -13.94 -11.65 -14.47
N GLY C 757 -14.22 -11.29 -13.22
CA GLY C 757 -15.47 -10.61 -12.92
C GLY C 757 -15.63 -9.32 -13.70
N ILE C 758 -14.55 -8.54 -13.80
CA ILE C 758 -14.57 -7.32 -14.59
C ILE C 758 -14.76 -7.64 -16.06
N ALA C 759 -14.06 -8.68 -16.55
CA ALA C 759 -14.15 -9.06 -17.96
C ALA C 759 -15.58 -9.39 -18.35
N VAL C 760 -16.27 -10.18 -17.52
CA VAL C 760 -17.66 -10.53 -17.84
C VAL C 760 -18.58 -9.33 -17.63
N GLU C 761 -18.31 -8.49 -16.62
CA GLU C 761 -19.17 -7.35 -16.38
C GLU C 761 -19.07 -6.31 -17.48
N GLN C 762 -17.96 -6.25 -18.22
CA GLN C 762 -17.90 -5.33 -19.34
C GLN C 762 -18.84 -5.77 -20.46
N ASP C 763 -18.93 -7.08 -20.70
CA ASP C 763 -19.87 -7.57 -21.70
C ASP C 763 -21.30 -7.40 -21.21
N LYS C 764 -21.53 -7.56 -19.90
CA LYS C 764 -22.84 -7.28 -19.36
C LYS C 764 -23.22 -5.82 -19.55
N ASN C 765 -22.25 -4.91 -19.39
CA ASN C 765 -22.51 -3.49 -19.61
C ASN C 765 -22.91 -3.21 -21.06
N THR C 766 -22.13 -3.71 -22.01
CA THR C 766 -22.46 -3.45 -23.41
C THR C 766 -23.81 -4.06 -23.77
N GLN C 767 -24.07 -5.29 -23.31
CA GLN C 767 -25.32 -5.96 -23.62
C GLN C 767 -26.52 -5.25 -23.00
N GLU C 768 -26.35 -4.71 -21.79
CA GLU C 768 -27.44 -4.00 -21.13
C GLU C 768 -27.70 -2.64 -21.76
N VAL C 769 -26.66 -2.00 -22.28
CA VAL C 769 -26.87 -0.69 -22.90
C VAL C 769 -27.46 -0.82 -24.29
N PHE C 770 -26.96 -1.76 -25.10
CA PHE C 770 -27.38 -1.83 -26.50
C PHE C 770 -28.50 -2.83 -26.76
N ALA C 771 -28.45 -4.02 -26.17
CA ALA C 771 -29.46 -5.04 -26.42
C ALA C 771 -30.65 -4.84 -25.48
N GLN C 772 -31.36 -3.73 -25.71
CA GLN C 772 -32.64 -3.49 -25.06
C GLN C 772 -33.82 -3.79 -25.96
N VAL C 773 -33.58 -4.27 -27.17
CA VAL C 773 -34.63 -4.62 -28.12
C VAL C 773 -34.53 -6.11 -28.41
N LYS C 774 -35.66 -6.81 -28.29
CA LYS C 774 -35.66 -8.25 -28.52
C LYS C 774 -35.60 -8.60 -30.00
N GLN C 775 -35.99 -7.67 -30.88
CA GLN C 775 -36.04 -7.93 -32.31
C GLN C 775 -35.38 -6.79 -33.07
N ILE C 776 -34.85 -7.12 -34.24
CA ILE C 776 -34.11 -6.16 -35.06
C ILE C 776 -35.06 -5.49 -36.04
N TYR C 777 -35.28 -4.21 -35.85
CA TYR C 777 -36.11 -3.43 -36.77
C TYR C 777 -35.27 -2.98 -37.96
N LYS C 778 -35.96 -2.67 -39.07
CA LYS C 778 -35.29 -2.19 -40.26
C LYS C 778 -36.07 -1.03 -40.85
N THR C 779 -35.33 -0.04 -41.35
CA THR C 779 -35.93 1.12 -41.98
C THR C 779 -36.43 0.77 -43.38
N PRO C 780 -37.53 1.38 -43.83
CA PRO C 780 -38.07 1.03 -45.13
C PRO C 780 -37.15 1.49 -46.25
N PRO C 781 -37.18 0.83 -47.40
CA PRO C 781 -36.20 1.15 -48.45
C PRO C 781 -36.38 2.53 -49.06
N ILE C 782 -37.54 3.16 -48.91
CA ILE C 782 -37.80 4.50 -49.45
C ILE C 782 -37.79 5.48 -48.30
N LYS C 783 -36.84 6.43 -48.34
CA LYS C 783 -36.61 7.35 -47.23
C LYS C 783 -37.46 8.62 -47.39
N ASP C 784 -38.77 8.43 -47.45
CA ASP C 784 -39.70 9.55 -47.52
C ASP C 784 -40.25 9.86 -46.13
N PHE C 785 -39.38 10.41 -45.28
CA PHE C 785 -39.72 10.70 -43.89
C PHE C 785 -40.26 12.11 -43.72
N GLY C 786 -41.02 12.61 -44.69
CA GLY C 786 -41.60 13.94 -44.56
C GLY C 786 -40.63 15.08 -44.67
N GLY C 787 -39.47 14.87 -45.29
CA GLY C 787 -38.45 15.90 -45.41
C GLY C 787 -37.31 15.76 -44.43
N PHE C 788 -37.41 14.84 -43.46
CA PHE C 788 -36.39 14.67 -42.44
C PHE C 788 -35.32 13.71 -42.97
N ASN C 789 -34.10 14.20 -43.10
CA ASN C 789 -33.01 13.44 -43.71
C ASN C 789 -32.18 12.79 -42.62
N PHE C 790 -31.89 11.50 -42.80
CA PHE C 790 -31.19 10.70 -41.78
C PHE C 790 -29.98 9.97 -42.33
N SER C 791 -29.61 10.21 -43.59
CA SER C 791 -28.46 9.55 -44.20
C SER C 791 -27.18 9.66 -43.38
N GLN C 792 -27.17 10.57 -42.40
CA GLN C 792 -25.98 10.81 -41.60
C GLN C 792 -25.92 10.00 -40.32
N ILE C 793 -27.04 9.38 -39.92
CA ILE C 793 -27.04 8.51 -38.74
C ILE C 793 -27.47 7.09 -39.05
N LEU C 794 -28.16 6.85 -40.15
CA LEU C 794 -28.54 5.50 -40.53
C LEU C 794 -27.40 4.81 -41.25
N PRO C 795 -27.36 3.49 -41.23
CA PRO C 795 -26.27 2.77 -41.90
C PRO C 795 -26.25 3.05 -43.39
N ASP C 796 -25.05 3.05 -43.96
CA ASP C 796 -24.85 3.19 -45.40
C ASP C 796 -24.57 1.81 -45.98
N PRO C 797 -25.54 1.18 -46.67
CA PRO C 797 -25.31 -0.17 -47.20
C PRO C 797 -24.18 -0.24 -48.22
N SER C 798 -23.76 0.89 -48.79
CA SER C 798 -22.76 0.88 -49.84
C SER C 798 -21.34 0.74 -49.31
N LYS C 799 -21.16 0.79 -48.02
CA LYS C 799 -19.89 0.70 -47.32
C LYS C 799 -19.61 -0.74 -46.92
N PRO C 800 -18.34 -1.17 -46.93
CA PRO C 800 -18.03 -2.57 -46.58
C PRO C 800 -18.45 -2.96 -45.17
N SER C 801 -18.73 -2.00 -44.30
CA SER C 801 -19.21 -2.28 -42.95
C SER C 801 -20.44 -1.43 -42.68
N LYS C 802 -21.49 -2.06 -42.14
CA LYS C 802 -22.79 -1.41 -41.98
C LYS C 802 -22.69 -0.39 -40.85
N ARG C 803 -21.91 0.66 -41.08
CA ARG C 803 -21.74 1.76 -40.13
C ARG C 803 -22.19 3.06 -40.77
N SER C 804 -22.75 3.94 -39.95
CA SER C 804 -23.19 5.24 -40.44
C SER C 804 -22.00 6.17 -40.57
N PRO C 805 -22.15 7.27 -41.32
CA PRO C 805 -21.03 8.23 -41.42
C PRO C 805 -20.55 8.75 -40.08
N ILE C 806 -21.46 9.10 -39.17
CA ILE C 806 -21.06 9.57 -37.85
C ILE C 806 -20.34 8.47 -37.08
N GLU C 807 -20.85 7.24 -37.14
CA GLU C 807 -20.19 6.13 -36.45
C GLU C 807 -18.83 5.84 -37.07
N ASP C 808 -18.71 5.96 -38.39
CA ASP C 808 -17.42 5.76 -39.03
C ASP C 808 -16.42 6.82 -38.60
N LEU C 809 -16.89 8.06 -38.48
CA LEU C 809 -16.02 9.13 -38.00
C LEU C 809 -15.56 8.86 -36.58
N LEU C 810 -16.48 8.40 -35.73
CA LEU C 810 -16.10 8.09 -34.35
C LEU C 810 -15.13 6.91 -34.27
N PHE C 811 -15.31 5.90 -35.14
CA PHE C 811 -14.33 4.83 -35.17
C PHE C 811 -12.98 5.30 -35.70
N ASN C 812 -12.96 6.39 -36.46
CA ASN C 812 -11.71 6.91 -36.99
C ASN C 812 -11.10 8.05 -36.16
N LYS C 813 -11.77 8.49 -35.09
CA LYS C 813 -11.20 9.55 -34.26
C LYS C 813 -10.49 9.02 -33.02
N VAL C 814 -10.97 7.94 -32.43
CA VAL C 814 -10.34 7.35 -31.25
C VAL C 814 -9.39 6.24 -31.70
N THR C 815 -8.13 6.34 -31.28
CA THR C 815 -7.07 5.42 -31.71
C THR C 815 -6.57 4.63 -30.52
N LEU C 816 -6.28 3.36 -30.76
CA LEU C 816 -5.80 2.45 -29.72
C LEU C 816 -4.29 2.33 -29.76
N GLN C 841 1.89 -5.07 -29.68
CA GLN C 841 2.53 -5.30 -28.40
C GLN C 841 2.61 -6.80 -28.10
N LYS C 842 3.59 -7.17 -27.28
CA LYS C 842 3.79 -8.56 -26.89
C LYS C 842 4.32 -8.56 -25.46
N PHE C 843 3.55 -9.16 -24.55
CA PHE C 843 3.86 -9.15 -23.13
C PHE C 843 4.11 -10.56 -22.62
N ASN C 844 4.27 -10.68 -21.30
CA ASN C 844 4.51 -11.95 -20.61
C ASN C 844 3.36 -12.23 -19.64
N GLY C 845 2.47 -13.13 -20.03
CA GLY C 845 1.34 -13.49 -19.19
C GLY C 845 0.18 -12.52 -19.26
N LEU C 846 0.29 -11.47 -20.05
CA LEU C 846 -0.72 -10.43 -20.15
C LEU C 846 -1.50 -10.66 -21.43
N THR C 847 -2.82 -10.83 -21.32
CA THR C 847 -3.64 -11.08 -22.49
C THR C 847 -4.89 -10.20 -22.45
N VAL C 848 -5.49 -10.01 -23.61
CA VAL C 848 -6.73 -9.25 -23.74
C VAL C 848 -7.77 -10.13 -24.41
N LEU C 849 -8.90 -10.31 -23.73
CA LEU C 849 -9.97 -11.14 -24.27
C LEU C 849 -10.84 -10.30 -25.20
N PRO C 850 -11.34 -10.87 -26.29
CA PRO C 850 -12.18 -10.12 -27.19
C PRO C 850 -13.58 -9.97 -26.62
N PRO C 851 -14.29 -8.91 -26.97
CA PRO C 851 -15.62 -8.70 -26.40
C PRO C 851 -16.65 -9.66 -26.99
N LEU C 852 -17.72 -9.87 -26.23
CA LEU C 852 -18.77 -10.77 -26.68
C LEU C 852 -19.53 -10.20 -27.87
N LEU C 853 -19.85 -8.91 -27.83
CA LEU C 853 -20.57 -8.24 -28.89
C LEU C 853 -19.56 -7.49 -29.77
N THR C 854 -19.36 -7.98 -30.99
CA THR C 854 -18.43 -7.32 -31.88
C THR C 854 -19.03 -6.02 -32.42
N ASP C 855 -18.18 -5.20 -33.03
CA ASP C 855 -18.60 -3.88 -33.48
C ASP C 855 -19.78 -3.96 -34.45
N GLU C 856 -19.81 -4.99 -35.29
CA GLU C 856 -20.93 -5.14 -36.22
C GLU C 856 -22.24 -5.35 -35.49
N MET C 857 -22.22 -6.14 -34.40
CA MET C 857 -23.46 -6.42 -33.69
C MET C 857 -23.94 -5.20 -32.93
N ILE C 858 -23.03 -4.42 -32.36
CA ILE C 858 -23.43 -3.19 -31.69
C ILE C 858 -23.99 -2.19 -32.70
N ALA C 859 -23.36 -2.12 -33.89
CA ALA C 859 -23.90 -1.26 -34.94
C ALA C 859 -25.28 -1.72 -35.38
N GLN C 860 -25.50 -3.04 -35.42
CA GLN C 860 -26.82 -3.55 -35.78
C GLN C 860 -27.86 -3.23 -34.71
N TYR C 861 -27.47 -3.28 -33.44
CA TYR C 861 -28.39 -2.92 -32.38
C TYR C 861 -28.75 -1.44 -32.44
N THR C 862 -27.77 -0.57 -32.72
CA THR C 862 -28.09 0.84 -32.87
C THR C 862 -28.92 1.11 -34.12
N SER C 863 -28.70 0.36 -35.19
CA SER C 863 -29.54 0.49 -36.37
C SER C 863 -30.98 0.07 -36.07
N ALA C 864 -31.15 -0.99 -35.29
CA ALA C 864 -32.49 -1.40 -34.89
C ALA C 864 -33.15 -0.33 -34.02
N LEU C 865 -32.39 0.25 -33.09
CA LEU C 865 -32.96 1.28 -32.23
C LEU C 865 -33.34 2.52 -33.05
N LEU C 866 -32.54 2.86 -34.06
CA LEU C 866 -32.85 4.00 -34.91
C LEU C 866 -34.08 3.73 -35.76
N ALA C 867 -34.17 2.53 -36.36
CA ALA C 867 -35.34 2.20 -37.15
C ALA C 867 -36.60 2.21 -36.30
N GLY C 868 -36.49 1.74 -35.05
CA GLY C 868 -37.63 1.78 -34.16
C GLY C 868 -38.05 3.20 -33.84
N THR C 869 -37.08 4.04 -33.46
CA THR C 869 -37.42 5.42 -33.12
C THR C 869 -38.01 6.17 -34.31
N ILE C 870 -37.51 5.88 -35.51
CA ILE C 870 -37.98 6.58 -36.70
C ILE C 870 -39.37 6.13 -37.10
N THR C 871 -39.59 4.82 -37.20
CA THR C 871 -40.81 4.30 -37.78
C THR C 871 -41.93 4.02 -36.77
N SER C 872 -41.63 3.94 -35.47
CA SER C 872 -42.63 3.55 -34.50
C SER C 872 -42.65 4.43 -33.26
N GLY C 873 -41.90 5.51 -33.23
CA GLY C 873 -41.92 6.38 -32.07
C GLY C 873 -41.35 5.67 -30.85
N TRP C 874 -42.05 5.81 -29.73
CA TRP C 874 -41.64 5.12 -28.50
C TRP C 874 -42.43 3.85 -28.25
N THR C 875 -43.39 3.52 -29.11
CA THR C 875 -44.23 2.36 -28.89
C THR C 875 -43.43 1.05 -28.97
N PHE C 876 -42.33 1.04 -29.71
CA PHE C 876 -41.53 -0.18 -29.80
C PHE C 876 -40.77 -0.45 -28.50
N GLY C 877 -40.66 0.53 -27.62
CA GLY C 877 -40.05 0.32 -26.32
C GLY C 877 -40.98 -0.37 -25.35
N ALA C 878 -42.24 0.06 -25.34
CA ALA C 878 -43.22 -0.53 -24.43
C ALA C 878 -43.67 -1.91 -24.86
N GLY C 879 -43.92 -2.10 -26.16
CA GLY C 879 -44.38 -3.37 -26.65
C GLY C 879 -44.11 -3.59 -28.12
N PRO C 880 -45.17 -3.76 -28.91
CA PRO C 880 -45.01 -4.00 -30.34
C PRO C 880 -44.84 -2.72 -31.11
N ALA C 881 -44.23 -2.85 -32.30
CA ALA C 881 -43.97 -1.70 -33.16
C ALA C 881 -45.28 -1.29 -33.84
N LEU C 882 -45.77 -0.11 -33.50
CA LEU C 882 -46.95 0.47 -34.13
C LEU C 882 -46.47 1.57 -35.06
N GLN C 883 -46.51 1.31 -36.37
CA GLN C 883 -45.93 2.27 -37.30
C GLN C 883 -46.73 3.57 -37.29
N ILE C 884 -46.02 4.68 -37.45
CA ILE C 884 -46.64 6.00 -37.45
C ILE C 884 -45.79 6.92 -38.32
N PRO C 885 -46.40 7.75 -39.16
CA PRO C 885 -45.62 8.71 -39.95
C PRO C 885 -44.76 9.60 -39.05
N PHE C 886 -43.56 9.91 -39.54
CA PHE C 886 -42.64 10.71 -38.73
C PHE C 886 -43.18 12.09 -38.38
N PRO C 887 -43.83 12.84 -39.28
CA PRO C 887 -44.39 14.12 -38.86
C PRO C 887 -45.42 14.03 -37.75
N MET C 888 -46.25 12.97 -37.70
CA MET C 888 -47.14 12.86 -36.56
C MET C 888 -46.41 12.47 -35.29
N GLN C 889 -45.33 11.69 -35.42
CA GLN C 889 -44.53 11.38 -34.24
C GLN C 889 -43.96 12.65 -33.64
N MET C 890 -43.34 13.49 -34.48
CA MET C 890 -42.79 14.74 -33.96
C MET C 890 -43.89 15.70 -33.51
N ALA C 891 -45.08 15.66 -34.13
CA ALA C 891 -46.17 16.48 -33.66
C ALA C 891 -46.62 16.08 -32.25
N TYR C 892 -46.66 14.77 -31.99
CA TYR C 892 -47.01 14.34 -30.64
C TYR C 892 -45.91 14.70 -29.65
N ARG C 893 -44.65 14.59 -30.06
CA ARG C 893 -43.57 15.01 -29.16
C ARG C 893 -43.66 16.50 -28.87
N PHE C 894 -44.05 17.29 -29.86
CA PHE C 894 -44.27 18.71 -29.65
C PHE C 894 -45.38 18.94 -28.64
N ASN C 895 -46.46 18.18 -28.76
CA ASN C 895 -47.50 18.26 -27.74
C ASN C 895 -46.98 17.81 -26.38
N GLY C 896 -46.00 16.90 -26.38
CA GLY C 896 -45.38 16.45 -25.15
C GLY C 896 -44.49 17.48 -24.50
N ILE C 897 -44.05 18.49 -25.24
CA ILE C 897 -43.25 19.57 -24.65
C ILE C 897 -44.05 20.85 -24.52
N GLY C 898 -45.38 20.76 -24.55
CA GLY C 898 -46.24 21.89 -24.26
C GLY C 898 -46.50 22.85 -25.38
N VAL C 899 -46.22 22.47 -26.63
CA VAL C 899 -46.51 23.29 -27.80
C VAL C 899 -47.45 22.51 -28.71
N THR C 900 -48.59 23.13 -29.05
CA THR C 900 -49.61 22.45 -29.83
C THR C 900 -49.05 21.99 -31.18
N GLN C 901 -49.48 20.80 -31.60
CA GLN C 901 -48.85 20.10 -32.71
C GLN C 901 -48.91 20.88 -34.02
N ASN C 902 -49.84 21.82 -34.17
CA ASN C 902 -49.95 22.49 -35.46
C ASN C 902 -48.71 23.31 -35.78
N VAL C 903 -47.95 23.69 -34.76
CA VAL C 903 -46.72 24.46 -34.98
C VAL C 903 -45.75 23.64 -35.81
N LEU C 904 -45.81 22.31 -35.71
CA LEU C 904 -45.01 21.48 -36.61
C LEU C 904 -45.58 21.51 -38.02
N TYR C 905 -46.88 21.26 -38.15
CA TYR C 905 -47.47 21.08 -39.47
C TYR C 905 -47.36 22.34 -40.31
N GLU C 906 -47.54 23.50 -39.69
CA GLU C 906 -47.37 24.76 -40.40
C GLU C 906 -45.90 25.04 -40.71
N ASN C 907 -44.98 24.51 -39.89
CA ASN C 907 -43.57 24.80 -40.02
C ASN C 907 -42.74 23.56 -40.35
N GLN C 908 -43.36 22.56 -40.98
CA GLN C 908 -42.67 21.28 -41.20
C GLN C 908 -41.41 21.45 -42.05
N LYS C 909 -41.47 22.29 -43.08
CA LYS C 909 -40.29 22.45 -43.94
C LYS C 909 -39.15 23.12 -43.18
N LEU C 910 -39.45 24.15 -42.40
CA LEU C 910 -38.43 24.81 -41.60
C LEU C 910 -37.82 23.86 -40.59
N ILE C 911 -38.67 23.09 -39.90
CA ILE C 911 -38.17 22.17 -38.88
C ILE C 911 -37.31 21.08 -39.50
N ALA C 912 -37.72 20.55 -40.64
CA ALA C 912 -36.92 19.54 -41.32
C ALA C 912 -35.57 20.12 -41.73
N ASN C 913 -35.55 21.36 -42.25
CA ASN C 913 -34.28 21.94 -42.67
C ASN C 913 -33.37 22.23 -41.47
N GLN C 914 -33.96 22.67 -40.35
CA GLN C 914 -33.17 22.89 -39.15
C GLN C 914 -32.57 21.58 -38.66
N PHE C 915 -33.36 20.51 -38.66
CA PHE C 915 -32.89 19.21 -38.22
C PHE C 915 -31.74 18.72 -39.10
N ASN C 916 -31.91 18.80 -40.41
CA ASN C 916 -30.87 18.33 -41.32
C ASN C 916 -29.60 19.17 -41.17
N SER C 917 -29.74 20.48 -40.97
CA SER C 917 -28.55 21.31 -40.80
C SER C 917 -27.83 20.98 -39.51
N ALA C 918 -28.56 20.75 -38.42
CA ALA C 918 -27.91 20.38 -37.16
C ALA C 918 -27.20 19.04 -37.28
N ILE C 919 -27.84 18.07 -37.92
CA ILE C 919 -27.21 16.76 -38.09
C ILE C 919 -25.96 16.88 -38.95
N GLY C 920 -26.01 17.72 -39.98
CA GLY C 920 -24.82 17.96 -40.78
C GLY C 920 -23.71 18.64 -40.00
N LYS C 921 -24.08 19.56 -39.11
CA LYS C 921 -23.09 20.24 -38.29
C LYS C 921 -22.42 19.30 -37.31
N ILE C 922 -23.14 18.28 -36.83
CA ILE C 922 -22.57 17.35 -35.85
C ILE C 922 -21.35 16.64 -36.45
N GLN C 923 -21.42 16.25 -37.72
CA GLN C 923 -20.30 15.54 -38.31
C GLN C 923 -19.07 16.44 -38.43
N ASP C 924 -19.26 17.68 -38.86
CA ASP C 924 -18.13 18.60 -38.95
C ASP C 924 -17.56 18.90 -37.57
N SER C 925 -18.42 19.00 -36.56
CA SER C 925 -17.95 19.25 -35.21
C SER C 925 -17.08 18.10 -34.72
N LEU C 926 -17.56 16.87 -34.90
CA LEU C 926 -16.77 15.71 -34.48
C LEU C 926 -15.49 15.57 -35.30
N SER C 927 -15.52 15.93 -36.58
CA SER C 927 -14.35 15.74 -37.44
C SER C 927 -13.33 16.86 -37.33
N SER C 928 -13.69 18.01 -36.75
CA SER C 928 -12.79 19.13 -36.66
C SER C 928 -12.44 19.54 -35.22
N THR C 929 -13.25 19.17 -34.24
CA THR C 929 -12.97 19.53 -32.85
C THR C 929 -12.37 18.32 -32.14
N PRO C 930 -11.06 18.29 -31.92
CA PRO C 930 -10.47 17.18 -31.16
C PRO C 930 -10.91 17.21 -29.70
N SER C 931 -10.53 16.15 -28.98
CA SER C 931 -10.83 16.00 -27.57
C SER C 931 -12.32 15.78 -27.30
N ALA C 932 -13.15 15.86 -28.36
CA ALA C 932 -14.57 15.58 -28.20
C ALA C 932 -14.80 14.16 -27.69
N LEU C 933 -13.90 13.24 -28.04
CA LEU C 933 -13.93 11.87 -27.54
C LEU C 933 -12.99 11.69 -26.35
N GLY C 934 -12.74 12.77 -25.61
CA GLY C 934 -11.85 12.67 -24.46
C GLY C 934 -12.34 11.69 -23.42
N LYS C 935 -13.66 11.63 -23.22
CA LYS C 935 -14.22 10.70 -22.24
C LYS C 935 -13.95 9.26 -22.63
N LEU C 936 -13.78 8.98 -23.92
CA LEU C 936 -13.49 7.64 -24.40
C LEU C 936 -12.00 7.36 -24.55
N GLN C 937 -11.22 8.39 -24.89
CA GLN C 937 -9.78 8.20 -25.02
C GLN C 937 -9.09 8.13 -23.67
N ASP C 938 -9.61 8.84 -22.67
CA ASP C 938 -8.94 8.87 -21.37
C ASP C 938 -8.98 7.51 -20.67
N VAL C 939 -10.06 6.75 -20.82
CA VAL C 939 -10.09 5.43 -20.18
C VAL C 939 -9.10 4.49 -20.87
N VAL C 940 -8.99 4.58 -22.19
CA VAL C 940 -8.01 3.75 -22.91
C VAL C 940 -6.60 4.12 -22.48
N ASN C 941 -6.31 5.42 -22.36
CA ASN C 941 -4.98 5.84 -21.94
C ASN C 941 -4.71 5.42 -20.50
N GLN C 942 -5.71 5.50 -19.62
CA GLN C 942 -5.52 5.10 -18.23
C GLN C 942 -5.23 3.61 -18.12
N ASN C 943 -5.94 2.80 -18.90
CA ASN C 943 -5.68 1.36 -18.86
C ASN C 943 -4.32 1.03 -19.46
N ALA C 944 -3.97 1.67 -20.57
CA ALA C 944 -2.68 1.40 -21.19
C ALA C 944 -1.54 1.80 -20.28
N GLN C 945 -1.67 2.91 -19.56
CA GLN C 945 -0.61 3.33 -18.65
C GLN C 945 -0.56 2.44 -17.41
N ALA C 946 -1.71 1.96 -16.91
CA ALA C 946 -1.66 1.03 -15.78
C ALA C 946 -0.98 -0.28 -16.19
N LEU C 947 -1.26 -0.77 -17.39
CA LEU C 947 -0.57 -1.96 -17.88
C LEU C 947 0.91 -1.69 -18.09
N ASN C 948 1.27 -0.51 -18.59
CA ASN C 948 2.67 -0.18 -18.79
C ASN C 948 3.42 -0.11 -17.46
N THR C 949 2.78 0.45 -16.44
CA THR C 949 3.41 0.50 -15.12
C THR C 949 3.57 -0.91 -14.56
N LEU C 950 2.55 -1.75 -14.71
CA LEU C 950 2.65 -3.13 -14.26
C LEU C 950 3.81 -3.85 -14.94
N VAL C 951 4.00 -3.61 -16.24
CA VAL C 951 5.09 -4.27 -16.94
C VAL C 951 6.44 -3.73 -16.48
N LYS C 952 6.55 -2.41 -16.31
CA LYS C 952 7.80 -1.83 -15.86
C LYS C 952 8.17 -2.31 -14.46
N GLN C 953 7.18 -2.66 -13.64
CA GLN C 953 7.46 -3.17 -12.30
C GLN C 953 8.31 -4.45 -12.33
N LEU C 954 8.37 -5.14 -13.47
CA LEU C 954 9.22 -6.32 -13.58
C LEU C 954 10.70 -5.98 -13.63
N SER C 955 11.06 -4.77 -14.06
CA SER C 955 12.47 -4.38 -14.12
C SER C 955 13.00 -3.93 -12.76
N SER C 956 12.14 -3.80 -11.76
CA SER C 956 12.57 -3.43 -10.43
C SER C 956 13.15 -4.63 -9.69
N ASN C 957 14.12 -4.35 -8.82
CA ASN C 957 14.79 -5.39 -8.04
C ASN C 957 14.12 -5.66 -6.71
N PHE C 958 13.48 -4.65 -6.11
CA PHE C 958 12.83 -4.77 -4.80
C PHE C 958 13.79 -5.21 -3.70
N GLY C 959 15.10 -5.03 -3.91
CA GLY C 959 16.10 -5.48 -2.98
C GLY C 959 16.85 -6.72 -3.42
N ALA C 960 16.37 -7.40 -4.46
CA ALA C 960 17.08 -8.57 -4.97
C ALA C 960 18.33 -8.14 -5.73
N ILE C 961 19.25 -9.08 -5.90
CA ILE C 961 20.49 -8.80 -6.62
C ILE C 961 20.25 -8.62 -8.11
N SER C 962 19.14 -9.13 -8.65
CA SER C 962 18.80 -8.92 -10.05
C SER C 962 17.31 -9.16 -10.24
N SER C 963 16.69 -8.36 -11.09
CA SER C 963 15.27 -8.50 -11.37
C SER C 963 14.98 -9.68 -12.29
N VAL C 964 15.95 -10.12 -13.08
CA VAL C 964 15.75 -11.22 -14.01
C VAL C 964 15.74 -12.52 -13.21
N LEU C 965 14.55 -13.13 -13.12
CA LEU C 965 14.39 -14.30 -12.26
C LEU C 965 15.24 -15.47 -12.73
N ASN C 966 15.34 -15.64 -14.04
CA ASN C 966 16.08 -16.75 -14.60
C ASN C 966 17.57 -16.63 -14.29
N ASP C 967 18.09 -15.41 -14.18
CA ASP C 967 19.52 -15.25 -13.94
C ASP C 967 19.88 -15.54 -12.48
N ILE C 968 19.06 -15.10 -11.53
CA ILE C 968 19.35 -15.39 -10.13
C ILE C 968 19.14 -16.87 -9.86
N LEU C 969 18.10 -17.47 -10.46
CA LEU C 969 17.98 -18.92 -10.36
C LEU C 969 19.13 -19.63 -11.07
N SER C 970 19.73 -18.98 -12.08
CA SER C 970 20.82 -19.55 -12.84
C SER C 970 22.19 -19.41 -12.18
N ARG C 971 22.34 -18.56 -11.17
CA ARG C 971 23.64 -18.46 -10.52
C ARG C 971 23.66 -18.70 -9.01
N LEU C 972 22.53 -18.59 -8.31
CA LEU C 972 22.49 -18.91 -6.88
C LEU C 972 21.86 -20.27 -6.64
N ASP C 973 22.39 -20.98 -5.65
CA ASP C 973 21.88 -22.29 -5.25
C ASP C 973 20.56 -22.12 -4.49
N PRO C 974 19.63 -23.06 -4.64
CA PRO C 974 18.26 -22.89 -4.09
C PRO C 974 18.23 -22.40 -2.65
N PRO C 975 18.96 -23.00 -1.72
CA PRO C 975 18.77 -22.61 -0.30
C PRO C 975 19.02 -21.14 -0.03
N GLU C 976 19.85 -20.47 -0.82
CA GLU C 976 20.11 -19.06 -0.65
C GLU C 976 19.46 -18.20 -1.72
N ALA C 977 19.20 -18.77 -2.90
CA ALA C 977 18.37 -18.10 -3.90
C ALA C 977 16.95 -17.89 -3.42
N GLU C 978 16.50 -18.68 -2.45
CA GLU C 978 15.11 -18.60 -2.00
C GLU C 978 14.74 -17.21 -1.51
N VAL C 979 15.65 -16.54 -0.79
CA VAL C 979 15.31 -15.21 -0.26
C VAL C 979 15.31 -14.16 -1.36
N GLN C 980 16.28 -14.25 -2.29
CA GLN C 980 16.29 -13.33 -3.43
C GLN C 980 15.03 -13.51 -4.27
N ILE C 981 14.50 -14.74 -4.33
CA ILE C 981 13.24 -14.98 -5.00
C ILE C 981 12.10 -14.35 -4.23
N ASP C 982 12.08 -14.56 -2.91
CA ASP C 982 10.99 -14.07 -2.07
C ASP C 982 10.85 -12.55 -2.14
N ARG C 983 11.96 -11.83 -2.26
CA ARG C 983 11.85 -10.37 -2.38
C ARG C 983 11.11 -9.98 -3.66
N LEU C 984 11.41 -10.67 -4.76
CA LEU C 984 10.71 -10.42 -6.01
C LEU C 984 9.25 -10.86 -5.92
N ILE C 985 9.00 -11.97 -5.23
CA ILE C 985 7.64 -12.47 -5.10
C ILE C 985 6.77 -11.44 -4.40
N THR C 986 7.24 -10.94 -3.24
CA THR C 986 6.44 -9.98 -2.50
C THR C 986 6.29 -8.67 -3.27
N GLY C 987 7.35 -8.20 -3.94
CA GLY C 987 7.22 -6.94 -4.65
C GLY C 987 6.27 -7.03 -5.83
N ARG C 988 6.40 -8.08 -6.63
CA ARG C 988 5.55 -8.23 -7.81
C ARG C 988 4.11 -8.51 -7.41
N LEU C 989 3.90 -9.26 -6.33
CA LEU C 989 2.53 -9.54 -5.88
C LEU C 989 1.87 -8.27 -5.34
N GLN C 990 2.63 -7.41 -4.66
CA GLN C 990 2.04 -6.16 -4.21
C GLN C 990 1.72 -5.24 -5.40
N SER C 991 2.58 -5.27 -6.42
CA SER C 991 2.28 -4.52 -7.64
C SER C 991 0.99 -5.01 -8.28
N LEU C 992 0.82 -6.33 -8.37
CA LEU C 992 -0.40 -6.89 -8.95
C LEU C 992 -1.63 -6.53 -8.12
N GLN C 993 -1.51 -6.54 -6.80
CA GLN C 993 -2.64 -6.17 -5.96
C GLN C 993 -3.03 -4.71 -6.17
N THR C 994 -2.04 -3.84 -6.35
CA THR C 994 -2.34 -2.44 -6.64
C THR C 994 -3.07 -2.32 -7.98
N TYR C 995 -2.57 -3.03 -9.00
CA TYR C 995 -3.19 -3.01 -10.32
C TYR C 995 -4.65 -3.45 -10.23
N VAL C 996 -4.89 -4.58 -9.56
CA VAL C 996 -6.25 -5.12 -9.49
C VAL C 996 -7.19 -4.20 -8.72
N THR C 997 -6.73 -3.61 -7.61
CA THR C 997 -7.59 -2.68 -6.89
C THR C 997 -7.95 -1.48 -7.76
N GLN C 998 -6.96 -0.92 -8.48
CA GLN C 998 -7.26 0.21 -9.36
C GLN C 998 -8.25 -0.20 -10.44
N GLN C 999 -8.12 -1.41 -10.97
CA GLN C 999 -9.05 -1.84 -12.02
C GLN C 999 -10.45 -2.04 -11.46
N LEU C 1000 -10.57 -2.54 -10.24
CA LEU C 1000 -11.90 -2.69 -9.66
C LEU C 1000 -12.57 -1.34 -9.44
N ILE C 1001 -11.80 -0.35 -9.00
CA ILE C 1001 -12.40 0.98 -8.81
C ILE C 1001 -12.79 1.60 -10.15
N ARG C 1002 -11.90 1.50 -11.14
CA ARG C 1002 -12.21 2.03 -12.46
C ARG C 1002 -13.38 1.29 -13.11
N ALA C 1003 -13.50 -0.01 -12.86
CA ALA C 1003 -14.66 -0.76 -13.31
C ALA C 1003 -15.93 -0.30 -12.63
N ALA C 1004 -15.85 0.08 -11.36
CA ALA C 1004 -17.03 0.64 -10.72
C ALA C 1004 -17.44 1.96 -11.38
N GLU C 1005 -16.45 2.78 -11.74
CA GLU C 1005 -16.75 4.04 -12.41
C GLU C 1005 -17.39 3.82 -13.78
N ILE C 1006 -16.77 2.95 -14.60
CA ILE C 1006 -17.31 2.66 -15.92
C ILE C 1006 -18.65 1.94 -15.81
N ARG C 1007 -18.88 1.14 -14.77
CA ARG C 1007 -20.18 0.52 -14.58
C ARG C 1007 -21.26 1.56 -14.28
N ALA C 1008 -20.95 2.54 -13.43
CA ALA C 1008 -21.92 3.61 -13.20
C ALA C 1008 -22.18 4.37 -14.49
N SER C 1009 -21.15 4.57 -15.31
CA SER C 1009 -21.34 5.24 -16.59
C SER C 1009 -22.20 4.41 -17.53
N ALA C 1010 -21.98 3.09 -17.56
CA ALA C 1010 -22.79 2.20 -18.40
C ALA C 1010 -24.25 2.16 -17.93
N ASN C 1011 -24.47 2.19 -16.63
CA ASN C 1011 -25.86 2.23 -16.14
C ASN C 1011 -26.53 3.53 -16.53
N LEU C 1012 -25.80 4.65 -16.46
CA LEU C 1012 -26.36 5.91 -16.92
C LEU C 1012 -26.61 5.90 -18.42
N ALA C 1013 -25.71 5.27 -19.19
CA ALA C 1013 -25.90 5.15 -20.63
C ALA C 1013 -27.13 4.32 -20.96
N ALA C 1014 -27.36 3.23 -20.22
CA ALA C 1014 -28.55 2.43 -20.45
C ALA C 1014 -29.81 3.21 -20.06
N THR C 1015 -29.73 3.98 -18.98
CA THR C 1015 -30.87 4.78 -18.57
C THR C 1015 -31.20 5.85 -19.61
N LYS C 1016 -30.19 6.47 -20.19
CA LYS C 1016 -30.43 7.44 -21.25
C LYS C 1016 -30.93 6.78 -22.53
N MET C 1017 -30.37 5.62 -22.89
CA MET C 1017 -30.88 4.88 -24.03
C MET C 1017 -32.35 4.57 -23.87
N SER C 1018 -32.77 4.25 -22.65
CA SER C 1018 -34.19 3.98 -22.42
C SER C 1018 -35.00 5.27 -22.46
N GLU C 1019 -34.66 6.23 -21.62
CA GLU C 1019 -35.49 7.39 -21.37
C GLU C 1019 -35.21 8.56 -22.30
N CYS C 1020 -34.43 8.35 -23.36
CA CYS C 1020 -34.21 9.41 -24.33
C CYS C 1020 -34.45 8.85 -25.73
N VAL C 1021 -33.92 7.66 -26.00
CA VAL C 1021 -34.09 7.06 -27.32
C VAL C 1021 -35.41 6.31 -27.41
N LEU C 1022 -35.70 5.45 -26.43
CA LEU C 1022 -36.91 4.64 -26.46
C LEU C 1022 -38.15 5.41 -26.03
N GLY C 1023 -37.99 6.58 -25.40
CA GLY C 1023 -39.14 7.34 -24.98
C GLY C 1023 -39.01 8.82 -25.25
N GLN C 1024 -39.60 9.63 -24.38
CA GLN C 1024 -39.43 11.08 -24.38
C GLN C 1024 -39.31 11.53 -22.94
N SER C 1025 -38.27 12.29 -22.63
CA SER C 1025 -37.94 12.62 -21.26
C SER C 1025 -38.45 14.01 -20.89
N LYS C 1026 -39.17 14.08 -19.77
CA LYS C 1026 -39.53 15.35 -19.16
C LYS C 1026 -38.52 15.78 -18.13
N ARG C 1027 -37.46 14.99 -17.94
CA ARG C 1027 -36.38 15.33 -17.01
C ARG C 1027 -35.51 16.37 -17.70
N VAL C 1028 -35.56 17.60 -17.21
CA VAL C 1028 -34.83 18.69 -17.85
C VAL C 1028 -33.33 18.48 -17.69
N ASP C 1029 -32.59 18.78 -18.76
CA ASP C 1029 -31.15 18.66 -18.87
C ASP C 1029 -30.71 17.20 -18.72
N PHE C 1030 -31.65 16.26 -18.81
CA PHE C 1030 -31.26 14.85 -18.80
C PHE C 1030 -30.81 14.40 -20.18
N CYS C 1031 -31.55 14.80 -21.22
CA CYS C 1031 -31.20 14.38 -22.58
C CYS C 1031 -30.80 15.60 -23.41
N GLY C 1032 -29.76 16.30 -22.98
CA GLY C 1032 -29.29 17.49 -23.66
C GLY C 1032 -29.98 18.76 -23.20
N LYS C 1033 -29.36 19.89 -23.55
CA LYS C 1033 -29.89 21.18 -23.15
C LYS C 1033 -31.13 21.54 -23.97
N GLY C 1034 -32.17 22.01 -23.31
CA GLY C 1034 -33.39 22.40 -23.98
C GLY C 1034 -34.53 21.45 -23.68
N TYR C 1035 -35.64 21.68 -24.36
CA TYR C 1035 -36.80 20.79 -24.23
C TYR C 1035 -36.56 19.57 -25.10
N HIS C 1036 -36.51 18.40 -24.48
CA HIS C 1036 -36.18 17.19 -25.22
C HIS C 1036 -37.34 16.76 -26.10
N LEU C 1037 -37.04 16.50 -27.37
CA LEU C 1037 -37.99 15.87 -28.27
C LEU C 1037 -37.65 14.40 -28.47
N MET C 1038 -36.48 14.10 -28.98
CA MET C 1038 -36.17 12.71 -29.30
C MET C 1038 -34.66 12.54 -29.35
N SER C 1039 -34.20 11.30 -29.41
CA SER C 1039 -32.77 11.03 -29.37
C SER C 1039 -32.37 9.93 -30.33
N PHE C 1040 -31.07 9.91 -30.64
CA PHE C 1040 -30.47 8.97 -31.56
C PHE C 1040 -29.27 8.31 -30.89
N PRO C 1041 -29.22 6.98 -30.84
CA PRO C 1041 -28.00 6.32 -30.37
C PRO C 1041 -27.02 6.12 -31.51
N GLN C 1042 -25.73 6.17 -31.16
CA GLN C 1042 -24.68 5.82 -32.09
C GLN C 1042 -23.57 5.11 -31.32
N SER C 1043 -22.96 4.11 -31.94
CA SER C 1043 -21.89 3.38 -31.29
C SER C 1043 -20.55 4.09 -31.46
N ALA C 1044 -19.64 3.83 -30.53
CA ALA C 1044 -18.28 4.31 -30.58
C ALA C 1044 -17.43 3.26 -29.88
N PRO C 1045 -16.13 3.20 -30.18
CA PRO C 1045 -15.30 2.18 -29.55
C PRO C 1045 -15.35 2.30 -28.05
N HIS C 1046 -15.88 1.26 -27.40
CA HIS C 1046 -16.01 1.19 -25.96
C HIS C 1046 -16.91 2.30 -25.41
N GLY C 1047 -17.92 2.72 -26.18
CA GLY C 1047 -18.83 3.71 -25.64
C GLY C 1047 -19.99 3.98 -26.56
N VAL C 1048 -20.87 4.87 -26.11
CA VAL C 1048 -22.07 5.24 -26.83
C VAL C 1048 -22.14 6.76 -26.88
N VAL C 1049 -22.60 7.28 -28.02
CA VAL C 1049 -22.80 8.71 -28.19
C VAL C 1049 -24.26 8.96 -28.52
N PHE C 1050 -24.88 9.87 -27.80
CA PHE C 1050 -26.28 10.21 -28.00
C PHE C 1050 -26.34 11.53 -28.74
N LEU C 1051 -27.11 11.54 -29.83
CA LEU C 1051 -27.47 12.75 -30.54
C LEU C 1051 -28.84 13.14 -30.04
N HIS C 1052 -28.89 14.12 -29.16
CA HIS C 1052 -30.13 14.57 -28.55
C HIS C 1052 -30.71 15.67 -29.42
N VAL C 1053 -31.93 15.47 -29.91
CA VAL C 1053 -32.65 16.44 -30.70
C VAL C 1053 -33.67 17.11 -29.78
N THR C 1054 -33.48 18.40 -29.57
CA THR C 1054 -34.24 19.17 -28.59
C THR C 1054 -34.75 20.47 -29.21
N TYR C 1055 -35.83 20.97 -28.64
CA TYR C 1055 -36.48 22.20 -29.04
C TYR C 1055 -36.06 23.32 -28.10
N VAL C 1056 -35.45 24.36 -28.64
CA VAL C 1056 -34.95 25.50 -27.86
C VAL C 1056 -35.64 26.75 -28.36
N PRO C 1057 -36.37 27.49 -27.53
CA PRO C 1057 -36.92 28.78 -27.97
C PRO C 1057 -35.80 29.71 -28.41
N ALA C 1058 -36.03 30.43 -29.50
CA ALA C 1058 -34.98 31.18 -30.18
C ALA C 1058 -35.16 32.68 -30.12
N GLN C 1059 -36.36 33.19 -30.35
CA GLN C 1059 -36.63 34.61 -30.39
C GLN C 1059 -37.86 34.87 -29.53
N GLU C 1060 -37.83 35.94 -28.75
CA GLU C 1060 -38.88 36.19 -27.78
C GLU C 1060 -39.34 37.64 -27.86
N LYS C 1061 -40.60 37.87 -27.48
CA LYS C 1061 -41.13 39.21 -27.41
C LYS C 1061 -41.79 39.45 -26.06
N ASN C 1062 -41.67 40.68 -25.58
CA ASN C 1062 -42.33 41.11 -24.35
C ASN C 1062 -43.82 41.36 -24.58
N PHE C 1063 -44.64 40.92 -23.63
CA PHE C 1063 -46.07 41.15 -23.69
C PHE C 1063 -46.60 41.46 -22.29
N THR C 1064 -47.56 42.37 -22.23
CA THR C 1064 -48.21 42.69 -20.97
C THR C 1064 -49.11 41.54 -20.57
N THR C 1065 -49.17 41.25 -19.27
CA THR C 1065 -49.81 40.03 -18.80
C THR C 1065 -50.77 40.37 -17.65
N ALA C 1066 -51.63 39.40 -17.34
CA ALA C 1066 -52.57 39.50 -16.23
C ALA C 1066 -53.02 38.09 -15.89
N PRO C 1067 -53.25 37.77 -14.62
CA PRO C 1067 -53.68 36.42 -14.27
C PRO C 1067 -55.13 36.10 -14.59
N ALA C 1068 -55.98 37.10 -14.81
CA ALA C 1068 -57.39 36.84 -15.07
C ALA C 1068 -57.98 37.96 -15.91
N ILE C 1069 -59.11 37.66 -16.54
CA ILE C 1069 -59.89 38.63 -17.32
C ILE C 1069 -61.27 38.75 -16.71
N CYS C 1070 -61.72 39.98 -16.46
CA CYS C 1070 -63.04 40.21 -15.92
C CYS C 1070 -64.06 40.40 -17.03
N HIS C 1071 -65.14 39.63 -16.98
CA HIS C 1071 -66.27 39.82 -17.89
C HIS C 1071 -67.54 39.72 -17.07
N ASP C 1072 -68.32 40.80 -17.07
CA ASP C 1072 -69.61 40.94 -16.36
C ASP C 1072 -69.56 40.40 -14.94
N GLY C 1073 -68.40 40.48 -14.29
CA GLY C 1073 -68.23 40.10 -12.91
C GLY C 1073 -67.52 38.78 -12.69
N LYS C 1074 -67.45 37.92 -13.72
CA LYS C 1074 -66.76 36.64 -13.61
C LYS C 1074 -65.29 36.78 -13.98
N ALA C 1075 -64.45 36.04 -13.28
CA ALA C 1075 -63.01 36.05 -13.47
C ALA C 1075 -62.60 34.82 -14.29
N HIS C 1076 -61.95 35.06 -15.42
CA HIS C 1076 -61.55 34.01 -16.35
C HIS C 1076 -60.05 33.77 -16.23
N PHE C 1077 -59.66 32.51 -16.12
CA PHE C 1077 -58.29 32.06 -16.12
C PHE C 1077 -58.05 31.12 -17.29
N PRO C 1078 -56.83 31.09 -17.84
CA PRO C 1078 -56.59 30.25 -19.02
C PRO C 1078 -56.50 28.78 -18.63
N ARG C 1079 -57.04 27.92 -19.49
CA ARG C 1079 -56.84 26.50 -19.29
C ARG C 1079 -55.44 26.09 -19.73
N GLU C 1080 -55.02 26.55 -20.90
CA GLU C 1080 -53.66 26.36 -21.39
C GLU C 1080 -53.19 27.67 -22.00
N GLY C 1081 -51.96 28.04 -21.70
CA GLY C 1081 -51.44 29.32 -22.13
C GLY C 1081 -51.68 30.43 -21.12
N VAL C 1082 -51.26 31.63 -21.52
CA VAL C 1082 -51.23 32.82 -20.68
C VAL C 1082 -51.83 33.98 -21.44
N PHE C 1083 -52.28 34.98 -20.68
CA PHE C 1083 -52.87 36.17 -21.26
C PHE C 1083 -51.77 37.13 -21.71
N VAL C 1084 -51.90 37.66 -22.92
CA VAL C 1084 -50.92 38.60 -23.46
C VAL C 1084 -51.66 39.77 -24.09
N SER C 1085 -50.94 40.87 -24.27
CA SER C 1085 -51.53 42.07 -24.85
C SER C 1085 -50.46 42.77 -25.67
N ASN C 1086 -50.85 43.21 -26.87
CA ASN C 1086 -49.97 44.02 -27.71
C ASN C 1086 -50.07 45.49 -27.34
N GLY C 1087 -50.39 45.77 -26.08
CA GLY C 1087 -50.64 47.14 -25.65
C GLY C 1087 -52.12 47.46 -25.62
N THR C 1088 -52.84 47.06 -26.68
CA THR C 1088 -54.21 47.50 -26.90
C THR C 1088 -55.24 46.37 -26.86
N HIS C 1089 -54.88 45.16 -27.29
CA HIS C 1089 -55.82 44.06 -27.37
C HIS C 1089 -55.28 42.83 -26.65
N TRP C 1090 -56.17 42.08 -26.03
CA TRP C 1090 -55.82 40.90 -25.25
C TRP C 1090 -56.02 39.62 -26.04
N PHE C 1091 -55.08 38.69 -25.87
CA PHE C 1091 -55.12 37.38 -26.51
C PHE C 1091 -54.69 36.35 -25.48
N VAL C 1092 -54.90 35.08 -25.80
CA VAL C 1092 -54.36 33.97 -25.04
C VAL C 1092 -53.38 33.22 -25.94
N THR C 1093 -52.23 32.83 -25.38
CA THR C 1093 -51.26 32.13 -26.20
C THR C 1093 -50.50 31.10 -25.37
N GLN C 1094 -50.10 30.02 -26.03
CA GLN C 1094 -49.34 28.97 -25.36
C GLN C 1094 -47.96 29.48 -24.99
N ARG C 1095 -47.47 29.03 -23.83
CA ARG C 1095 -46.31 29.63 -23.19
C ARG C 1095 -45.02 29.45 -24.00
N ASN C 1096 -44.90 28.38 -24.77
CA ASN C 1096 -43.65 28.08 -25.46
C ASN C 1096 -43.68 28.43 -26.94
N PHE C 1097 -44.68 29.18 -27.39
CA PHE C 1097 -44.74 29.66 -28.77
C PHE C 1097 -45.81 30.71 -28.90
N TYR C 1098 -45.46 31.88 -29.41
CA TYR C 1098 -46.45 32.94 -29.59
C TYR C 1098 -47.43 32.55 -30.67
N GLU C 1099 -48.69 32.39 -30.30
CA GLU C 1099 -49.76 32.07 -31.24
C GLU C 1099 -51.04 32.62 -30.66
N PRO C 1100 -51.32 33.90 -30.89
CA PRO C 1100 -52.44 34.55 -30.19
C PRO C 1100 -53.78 34.05 -30.70
N GLN C 1101 -54.68 33.85 -29.76
CA GLN C 1101 -56.05 33.46 -30.05
C GLN C 1101 -56.98 34.40 -29.29
N ILE C 1102 -58.14 34.67 -29.87
CA ILE C 1102 -59.06 35.59 -29.21
C ILE C 1102 -59.62 34.92 -27.98
N ILE C 1103 -59.84 35.70 -26.93
CA ILE C 1103 -60.28 35.15 -25.66
C ILE C 1103 -61.75 34.76 -25.76
N THR C 1104 -62.04 33.48 -25.52
CA THR C 1104 -63.38 32.92 -25.59
C THR C 1104 -63.62 32.08 -24.34
N THR C 1105 -64.86 31.64 -24.19
CA THR C 1105 -65.24 30.78 -23.08
C THR C 1105 -64.79 29.33 -23.25
N ASP C 1106 -64.28 28.93 -24.41
CA ASP C 1106 -63.87 27.54 -24.60
C ASP C 1106 -62.39 27.31 -24.37
N ASN C 1107 -61.57 28.35 -24.25
CA ASN C 1107 -60.19 28.20 -23.83
C ASN C 1107 -59.90 28.82 -22.47
N THR C 1108 -60.85 29.56 -21.90
CA THR C 1108 -60.74 30.06 -20.54
C THR C 1108 -61.83 29.44 -19.69
N PHE C 1109 -61.63 29.45 -18.37
CA PHE C 1109 -62.62 28.94 -17.44
C PHE C 1109 -62.83 29.92 -16.29
N VAL C 1110 -64.02 29.87 -15.72
CA VAL C 1110 -64.46 30.83 -14.71
C VAL C 1110 -64.38 30.20 -13.33
N SER C 1111 -63.90 30.97 -12.36
CA SER C 1111 -63.91 30.55 -10.96
C SER C 1111 -63.95 31.79 -10.08
N GLY C 1112 -64.98 31.90 -9.25
CA GLY C 1112 -65.06 33.02 -8.33
C GLY C 1112 -65.42 34.32 -9.04
N ASN C 1113 -64.95 35.42 -8.47
CA ASN C 1113 -65.24 36.74 -9.01
C ASN C 1113 -64.00 37.63 -8.91
N CYS C 1114 -64.10 38.82 -9.51
CA CYS C 1114 -62.97 39.72 -9.67
C CYS C 1114 -62.45 40.32 -8.37
N ASP C 1115 -63.18 40.21 -7.26
CA ASP C 1115 -62.82 40.96 -6.06
C ASP C 1115 -61.78 40.26 -5.20
N VAL C 1116 -61.30 39.07 -5.59
CA VAL C 1116 -60.37 38.30 -4.79
C VAL C 1116 -58.97 38.27 -5.42
N VAL C 1117 -58.87 38.15 -6.74
CA VAL C 1117 -57.57 37.98 -7.38
C VAL C 1117 -56.86 39.32 -7.46
N ILE C 1118 -55.59 39.34 -7.05
CA ILE C 1118 -54.81 40.58 -7.04
C ILE C 1118 -54.31 40.88 -8.44
N GLY C 1119 -54.67 42.06 -8.96
CA GLY C 1119 -54.09 42.55 -10.19
C GLY C 1119 -54.63 41.92 -11.46
N ILE C 1120 -55.90 42.14 -11.75
CA ILE C 1120 -56.53 41.56 -12.93
C ILE C 1120 -57.26 42.62 -13.75
N VAL C 1121 -57.33 42.36 -15.05
CA VAL C 1121 -57.70 43.34 -16.03
C VAL C 1121 -59.19 43.20 -16.33
N ASN C 1122 -59.74 44.15 -17.07
CA ASN C 1122 -61.05 43.96 -17.71
C ASN C 1122 -60.85 43.87 -19.22
N ASN C 1123 -61.53 42.90 -19.82
CA ASN C 1123 -61.64 42.80 -21.26
C ASN C 1123 -62.99 42.17 -21.58
N THR C 1124 -63.16 41.75 -22.83
CA THR C 1124 -64.38 41.06 -23.26
C THR C 1124 -64.01 39.67 -23.75
N VAL C 1125 -64.90 38.72 -23.49
CA VAL C 1125 -64.71 37.34 -23.92
C VAL C 1125 -65.84 37.00 -24.89
N TYR C 1126 -65.48 36.44 -26.04
CA TYR C 1126 -66.44 36.19 -27.10
C TYR C 1126 -67.01 34.79 -26.98
N ASP C 1127 -68.35 34.71 -26.95
CA ASP C 1127 -69.05 33.44 -26.90
C ASP C 1127 -69.63 33.16 -28.28
N PRO C 1128 -69.13 32.15 -29.00
CA PRO C 1128 -69.65 31.88 -30.36
C PRO C 1128 -71.15 31.68 -30.43
N LEU C 1129 -71.79 31.42 -29.28
CA LEU C 1129 -73.22 31.21 -29.26
C LEU C 1129 -73.99 32.49 -29.56
N GLN C 1130 -73.48 33.63 -29.10
CA GLN C 1130 -74.10 34.91 -29.43
C GLN C 1130 -74.16 35.16 -30.93
N PRO C 1131 -73.04 35.20 -31.67
CA PRO C 1131 -73.15 35.39 -33.12
C PRO C 1131 -73.78 34.21 -33.83
N GLU C 1132 -73.79 33.02 -33.23
CA GLU C 1132 -74.45 31.87 -33.85
C GLU C 1132 -75.97 31.97 -33.76
N LEU C 1133 -76.49 32.67 -32.74
CA LEU C 1133 -77.93 32.80 -32.59
C LEU C 1133 -78.50 33.94 -33.42
N ASP C 1134 -77.71 34.99 -33.69
CA ASP C 1134 -78.19 36.12 -34.48
C ASP C 1134 -78.31 35.74 -35.95
N GLN D 1 70.94 -14.79 22.83
CA GLN D 1 70.98 -13.33 22.78
C GLN D 1 71.56 -12.84 21.47
N VAL D 2 70.81 -11.98 20.79
CA VAL D 2 71.26 -11.40 19.52
C VAL D 2 72.35 -10.38 19.81
N GLN D 3 73.53 -10.57 19.18
CA GLN D 3 74.66 -9.68 19.34
C GLN D 3 75.02 -9.08 17.99
N LEU D 4 75.59 -7.88 18.02
CA LEU D 4 76.08 -7.21 16.82
C LEU D 4 77.60 -7.21 16.81
N VAL D 5 78.19 -7.68 15.72
CA VAL D 5 79.63 -7.73 15.53
C VAL D 5 79.98 -6.82 14.37
N GLN D 6 80.78 -5.80 14.64
CA GLN D 6 81.15 -4.82 13.63
C GLN D 6 82.54 -5.10 13.08
N SER D 7 82.83 -4.48 11.94
CA SER D 7 84.12 -4.64 11.28
C SER D 7 85.20 -3.90 12.07
N GLY D 8 86.45 -4.16 11.70
CA GLY D 8 87.59 -3.61 12.41
C GLY D 8 87.87 -2.17 12.02
N ALA D 9 88.76 -1.54 12.79
CA ALA D 9 89.10 -0.14 12.59
C ALA D 9 89.65 0.08 11.18
N GLU D 10 89.42 1.29 10.66
CA GLU D 10 89.84 1.67 9.32
C GLU D 10 90.50 3.03 9.35
N VAL D 11 91.61 3.16 8.62
CA VAL D 11 92.30 4.42 8.43
C VAL D 11 92.18 4.79 6.96
N LYS D 12 91.64 5.99 6.69
CA LYS D 12 91.43 6.41 5.31
C LYS D 12 91.73 7.90 5.19
N LYS D 13 92.27 8.29 4.03
CA LYS D 13 92.57 9.67 3.76
C LYS D 13 91.30 10.47 3.50
N PRO D 14 91.33 11.78 3.73
CA PRO D 14 90.15 12.60 3.43
C PRO D 14 89.82 12.56 1.93
N GLY D 15 88.53 12.59 1.63
CA GLY D 15 88.05 12.53 0.27
C GLY D 15 87.70 11.13 -0.22
N SER D 16 88.19 10.10 0.46
CA SER D 16 87.89 8.73 0.10
C SER D 16 86.53 8.32 0.70
N SER D 17 86.25 7.02 0.71
CA SER D 17 85.01 6.50 1.26
C SER D 17 85.31 5.35 2.21
N VAL D 18 84.39 5.12 3.15
CA VAL D 18 84.56 4.11 4.18
C VAL D 18 83.32 3.24 4.20
N LYS D 19 83.53 1.94 4.48
CA LYS D 19 82.49 0.93 4.47
C LYS D 19 82.60 0.12 5.77
N VAL D 20 81.72 0.40 6.72
CA VAL D 20 81.65 -0.30 7.99
C VAL D 20 80.56 -1.36 7.92
N SER D 21 80.81 -2.53 8.50
CA SER D 21 79.85 -3.62 8.49
C SER D 21 79.32 -3.89 9.90
N CYS D 22 78.15 -4.51 9.95
CA CYS D 22 77.49 -4.86 11.21
C CYS D 22 76.71 -6.15 10.98
N LYS D 23 77.15 -7.24 11.60
CA LYS D 23 76.58 -8.57 11.42
C LYS D 23 75.82 -8.99 12.68
N ALA D 24 74.64 -9.55 12.49
CA ALA D 24 73.90 -10.16 13.58
C ALA D 24 74.44 -11.57 13.86
N SER D 25 74.58 -11.89 15.14
CA SER D 25 75.07 -13.19 15.59
C SER D 25 74.12 -13.73 16.65
N GLY D 26 73.69 -14.97 16.47
CA GLY D 26 72.72 -15.56 17.37
C GLY D 26 71.31 -15.04 17.21
N GLY D 27 71.00 -14.45 16.07
CA GLY D 27 69.67 -13.91 15.85
C GLY D 27 69.54 -13.38 14.44
N THR D 28 68.37 -12.83 14.16
CA THR D 28 68.05 -12.24 12.86
C THR D 28 67.31 -10.93 13.09
N PHE D 29 67.17 -10.14 12.03
CA PHE D 29 66.46 -8.87 12.12
C PHE D 29 64.96 -9.11 12.21
N SER D 30 64.53 -9.73 13.31
CA SER D 30 63.13 -10.09 13.52
C SER D 30 62.36 -8.87 14.03
N ASN D 31 61.87 -8.06 13.09
CA ASN D 31 61.14 -6.83 13.39
C ASN D 31 61.98 -5.83 14.17
N TYR D 32 63.26 -5.72 13.83
CA TYR D 32 64.13 -4.76 14.48
C TYR D 32 64.83 -3.90 13.43
N ALA D 33 65.09 -2.64 13.81
CA ALA D 33 65.81 -1.69 12.99
C ALA D 33 67.27 -1.64 13.41
N ILE D 34 68.12 -1.17 12.49
CA ILE D 34 69.54 -1.02 12.76
C ILE D 34 69.85 0.47 12.78
N SER D 35 70.21 0.98 13.94
CA SER D 35 70.53 2.39 14.10
C SER D 35 72.05 2.56 14.13
N TRP D 36 72.51 3.73 13.71
CA TRP D 36 73.92 4.06 13.74
C TRP D 36 74.15 5.25 14.65
N VAL D 37 75.20 5.15 15.49
CA VAL D 37 75.54 6.15 16.47
C VAL D 37 77.01 6.51 16.28
N ARG D 38 77.35 7.78 16.48
CA ARG D 38 78.69 8.28 16.26
C ARG D 38 79.26 8.79 17.57
N GLN D 39 80.59 8.70 17.70
CA GLN D 39 81.25 9.12 18.94
C GLN D 39 82.64 9.63 18.58
N ALA D 40 82.81 10.96 18.61
CA ALA D 40 84.11 11.55 18.36
C ALA D 40 85.08 11.21 19.48
N PRO D 41 86.39 11.26 19.22
CA PRO D 41 87.37 10.96 20.27
C PRO D 41 87.18 11.87 21.48
N GLY D 42 87.05 11.25 22.65
CA GLY D 42 86.85 11.98 23.87
C GLY D 42 85.54 12.72 23.98
N GLN D 43 84.59 12.45 23.11
CA GLN D 43 83.30 13.11 23.07
C GLN D 43 82.21 12.08 23.37
N GLY D 44 80.96 12.52 23.38
CA GLY D 44 79.82 11.67 23.68
C GLY D 44 79.28 10.97 22.45
N LEU D 45 78.01 10.59 22.55
CA LEU D 45 77.34 9.83 21.50
C LEU D 45 76.59 10.79 20.57
N GLU D 46 76.57 10.45 19.28
CA GLU D 46 75.86 11.24 18.28
C GLU D 46 74.98 10.32 17.46
N TRP D 47 73.66 10.52 17.54
CA TRP D 47 72.71 9.75 16.74
C TRP D 47 72.64 10.32 15.33
N MET D 48 72.77 9.45 14.33
CA MET D 48 72.71 9.86 12.94
C MET D 48 71.46 9.40 12.20
N GLY D 49 71.02 8.16 12.42
CA GLY D 49 69.87 7.66 11.70
C GLY D 49 69.71 6.17 11.91
N ARG D 50 68.69 5.62 11.24
CA ARG D 50 68.45 4.19 11.33
C ARG D 50 67.84 3.67 10.04
N ILE D 51 68.06 2.38 9.79
CA ILE D 51 67.53 1.67 8.63
C ILE D 51 66.59 0.57 9.09
N ILE D 52 65.48 0.43 8.38
CA ILE D 52 64.58 -0.72 8.47
C ILE D 52 64.87 -1.60 7.26
N PRO D 53 65.61 -2.69 7.43
CA PRO D 53 65.95 -3.54 6.28
C PRO D 53 64.74 -4.12 5.57
N ILE D 54 63.76 -4.63 6.32
CA ILE D 54 62.56 -5.28 5.82
C ILE D 54 62.00 -4.56 4.61
N LEU D 55 62.00 -3.23 4.66
CA LEU D 55 61.51 -2.40 3.57
C LEU D 55 62.62 -1.60 2.90
N GLY D 56 63.84 -1.68 3.39
CA GLY D 56 64.92 -0.86 2.88
C GLY D 56 64.72 0.61 3.13
N ILE D 57 64.04 0.97 4.21
CA ILE D 57 63.81 2.37 4.54
C ILE D 57 65.02 2.90 5.31
N ALA D 58 65.52 4.05 4.91
CA ALA D 58 66.68 4.64 5.58
C ALA D 58 66.40 6.08 5.94
N ASN D 59 66.70 6.44 7.19
CA ASN D 59 66.56 7.81 7.67
C ASN D 59 67.87 8.26 8.28
N TYR D 60 68.22 9.51 8.04
CA TYR D 60 69.49 10.09 8.49
C TYR D 60 69.23 11.47 9.06
N ALA D 61 70.10 11.89 9.98
CA ALA D 61 70.05 13.25 10.50
C ALA D 61 70.35 14.27 9.41
N GLN D 62 69.71 15.43 9.52
CA GLN D 62 69.91 16.51 8.54
C GLN D 62 71.39 16.79 8.30
N LYS D 63 72.15 16.93 9.39
CA LYS D 63 73.57 17.25 9.36
C LYS D 63 74.37 16.44 8.33
N PHE D 64 74.12 15.13 8.25
CA PHE D 64 74.91 14.24 7.43
C PHE D 64 74.31 13.97 6.05
N GLN D 65 73.00 14.11 5.90
CA GLN D 65 72.28 13.83 4.67
C GLN D 65 73.04 14.26 3.42
N GLY D 66 73.18 13.34 2.47
CA GLY D 66 73.81 13.62 1.20
C GLY D 66 75.06 12.82 0.90
N ARG D 67 75.97 12.72 1.86
CA ARG D 67 77.22 11.98 1.71
C ARG D 67 77.23 10.68 2.49
N VAL D 68 76.14 10.33 3.17
CA VAL D 68 76.05 9.18 4.06
C VAL D 68 74.99 8.23 3.53
N THR D 69 75.32 6.93 3.49
CA THR D 69 74.35 5.93 3.02
C THR D 69 74.41 4.72 3.93
N ILE D 70 73.24 4.27 4.39
CA ILE D 70 73.11 3.03 5.14
C ILE D 70 72.31 2.04 4.27
N THR D 71 72.82 0.83 4.14
CA THR D 71 72.09 -0.24 3.46
C THR D 71 72.10 -1.49 4.32
N ALA D 72 71.18 -2.40 4.04
CA ALA D 72 71.06 -3.61 4.83
C ALA D 72 70.63 -4.78 3.96
N ASP D 73 71.09 -5.97 4.34
CA ASP D 73 70.70 -7.23 3.73
C ASP D 73 69.94 -8.03 4.79
N LYS D 74 68.64 -8.21 4.56
CA LYS D 74 67.78 -8.89 5.52
C LYS D 74 68.00 -10.40 5.50
N SER D 75 68.42 -10.97 4.36
CA SER D 75 68.53 -12.42 4.28
C SER D 75 69.72 -12.92 5.09
N THR D 76 70.86 -12.26 4.97
CA THR D 76 72.03 -12.59 5.77
C THR D 76 72.09 -11.78 7.06
N SER D 77 71.21 -10.80 7.23
CA SER D 77 71.18 -9.91 8.41
C SER D 77 72.52 -9.20 8.58
N THR D 78 72.92 -8.46 7.54
CA THR D 78 74.18 -7.71 7.57
C THR D 78 73.94 -6.32 7.02
N ALA D 79 74.27 -5.30 7.80
CA ALA D 79 74.12 -3.93 7.36
C ALA D 79 75.50 -3.31 7.10
N TYR D 80 75.56 -2.43 6.10
CA TYR D 80 76.81 -1.73 5.83
C TYR D 80 76.58 -0.25 5.59
N MET D 81 77.51 0.53 6.13
CA MET D 81 77.50 1.98 6.20
C MET D 81 78.59 2.50 5.26
N GLU D 82 78.21 3.27 4.25
CA GLU D 82 79.11 3.78 3.24
C GLU D 82 79.11 5.31 3.28
N LEU D 83 80.26 5.88 3.63
CA LEU D 83 80.40 7.32 3.77
C LEU D 83 81.44 7.84 2.77
N SER D 84 81.09 8.88 2.04
CA SER D 84 81.93 9.45 1.01
C SER D 84 82.26 10.91 1.36
N SER D 85 83.18 11.48 0.57
CA SER D 85 83.65 12.84 0.79
C SER D 85 84.19 13.03 2.21
N LEU D 86 84.97 12.04 2.66
CA LEU D 86 85.52 12.07 4.01
C LEU D 86 86.30 13.34 4.27
N ARG D 87 86.03 13.96 5.42
CA ARG D 87 86.83 15.07 5.94
C ARG D 87 87.39 14.68 7.31
N SER D 88 88.35 15.49 7.79
CA SER D 88 89.06 15.14 9.01
C SER D 88 88.14 15.07 10.23
N GLU D 89 87.05 15.82 10.24
CA GLU D 89 86.10 15.72 11.34
C GLU D 89 85.31 14.41 11.36
N ASP D 90 85.54 13.51 10.41
CA ASP D 90 84.80 12.25 10.35
C ASP D 90 85.47 11.14 11.15
N THR D 91 86.63 11.40 11.74
CA THR D 91 87.28 10.42 12.61
C THR D 91 86.44 10.22 13.86
N ALA D 92 85.94 9.00 14.06
CA ALA D 92 85.08 8.70 15.21
C ALA D 92 84.80 7.21 15.25
N VAL D 93 84.23 6.77 16.37
CA VAL D 93 83.75 5.41 16.53
C VAL D 93 82.28 5.35 16.12
N TYR D 94 81.95 4.38 15.27
CA TYR D 94 80.59 4.16 14.79
C TYR D 94 80.05 2.87 15.38
N TYR D 95 78.88 2.95 16.03
CA TYR D 95 78.21 1.81 16.62
C TYR D 95 76.92 1.52 15.88
N CYS D 96 76.62 0.23 15.70
CA CYS D 96 75.31 -0.19 15.22
C CYS D 96 74.53 -0.76 16.41
N ALA D 97 73.21 -0.59 16.37
CA ALA D 97 72.39 -0.96 17.52
C ALA D 97 71.02 -1.43 17.07
N ARG D 98 70.52 -2.46 17.75
CA ARG D 98 69.18 -2.97 17.51
C ARG D 98 68.14 -2.06 18.14
N GLY D 99 67.18 -1.59 17.33
CA GLY D 99 66.14 -0.71 17.80
C GLY D 99 64.77 -1.18 17.35
N TYR D 100 63.76 -0.41 17.75
CA TYR D 100 62.37 -0.76 17.53
C TYR D 100 61.73 0.28 16.61
N TYR D 101 60.65 -0.14 15.94
CA TYR D 101 59.88 0.78 15.13
C TYR D 101 58.41 0.40 15.10
N GLU D 102 58.09 -0.83 15.51
CA GLU D 102 56.72 -1.33 15.44
C GLU D 102 55.90 -0.81 16.62
N ALA D 103 54.66 -0.43 16.32
CA ALA D 103 53.75 0.04 17.37
C ALA D 103 53.61 -0.98 18.50
N ARG D 104 53.71 -2.27 18.20
CA ARG D 104 53.51 -3.29 19.23
C ARG D 104 54.53 -3.16 20.35
N HIS D 105 55.67 -2.53 20.08
CA HIS D 105 56.74 -2.33 21.04
C HIS D 105 56.70 -0.93 21.65
N TYR D 106 55.51 -0.31 21.67
CA TYR D 106 55.36 1.05 22.16
C TYR D 106 55.96 1.24 23.56
N TYR D 107 55.91 0.21 24.40
CA TYR D 107 56.42 0.35 25.76
C TYR D 107 57.95 0.38 25.83
N TYR D 108 58.64 0.06 24.74
CA TYR D 108 60.09 0.18 24.69
C TYR D 108 60.55 1.56 24.25
N TYR D 109 59.68 2.32 23.58
CA TYR D 109 59.96 3.68 23.12
C TYR D 109 61.29 3.78 22.39
N TYR D 110 61.47 2.89 21.41
CA TYR D 110 62.58 2.96 20.44
C TYR D 110 63.95 2.86 21.10
N ALA D 111 64.03 2.23 22.27
CA ALA D 111 65.32 2.05 22.92
C ALA D 111 66.17 1.05 22.16
N MET D 112 67.46 1.02 22.50
CA MET D 112 68.42 0.09 21.91
C MET D 112 69.01 -0.77 23.02
N ASP D 113 68.79 -2.08 22.93
CA ASP D 113 69.15 -2.99 24.02
C ASP D 113 70.43 -3.77 23.78
N VAL D 114 70.89 -3.92 22.54
CA VAL D 114 72.14 -4.60 22.24
C VAL D 114 72.95 -3.72 21.29
N TRP D 115 74.23 -3.53 21.63
CA TRP D 115 75.13 -2.66 20.89
C TRP D 115 76.34 -3.44 20.42
N GLY D 116 76.80 -3.13 19.20
CA GLY D 116 78.03 -3.72 18.70
C GLY D 116 79.25 -3.15 19.41
N GLN D 117 80.41 -3.74 19.10
CA GLN D 117 81.65 -3.29 19.73
C GLN D 117 82.17 -1.98 19.15
N GLY D 118 81.63 -1.52 18.03
CA GLY D 118 82.06 -0.26 17.46
C GLY D 118 83.20 -0.42 16.47
N THR D 119 83.28 0.53 15.54
CA THR D 119 84.33 0.57 14.53
C THR D 119 84.91 1.96 14.49
N ALA D 120 86.20 2.08 14.80
CA ALA D 120 86.89 3.36 14.73
C ALA D 120 87.32 3.65 13.30
N VAL D 121 86.95 4.82 12.79
CA VAL D 121 87.37 5.26 11.46
C VAL D 121 88.16 6.56 11.62
N THR D 122 89.41 6.53 11.19
CA THR D 122 90.33 7.66 11.35
C THR D 122 90.60 8.28 9.98
N VAL D 123 90.34 9.58 9.86
CA VAL D 123 90.54 10.33 8.63
C VAL D 123 91.71 11.27 8.85
N SER D 124 92.73 11.13 8.01
CA SER D 124 93.94 11.96 8.11
C SER D 124 94.75 11.89 6.82
N ASP E 1 64.95 20.67 17.36
CA ASP E 1 65.90 20.06 18.27
C ASP E 1 65.47 20.21 19.72
N ILE E 2 65.34 19.08 20.41
CA ILE E 2 64.96 19.08 21.83
C ILE E 2 66.22 19.28 22.66
N GLN E 3 66.22 20.30 23.51
CA GLN E 3 67.35 20.55 24.41
C GLN E 3 67.21 19.66 25.65
N MET E 4 68.22 18.82 25.88
CA MET E 4 68.23 17.88 26.99
C MET E 4 69.49 18.11 27.83
N THR E 5 69.29 18.31 29.12
CA THR E 5 70.37 18.60 30.05
C THR E 5 70.50 17.50 31.11
N GLN E 6 71.73 17.04 31.32
CA GLN E 6 72.06 16.08 32.36
C GLN E 6 72.63 16.81 33.57
N SER E 7 72.49 16.20 34.74
CA SER E 7 73.14 16.75 35.93
C SER E 7 73.38 15.62 36.93
N PRO E 8 74.50 15.67 37.68
CA PRO E 8 75.58 16.66 37.51
C PRO E 8 76.46 16.33 36.30
N SER E 9 77.28 17.28 35.87
CA SER E 9 78.15 17.03 34.73
C SER E 9 79.22 15.99 35.06
N SER E 10 79.67 15.94 36.30
CA SER E 10 80.58 14.90 36.76
C SER E 10 80.43 14.78 38.27
N LEU E 11 80.78 13.60 38.78
CA LEU E 11 80.76 13.37 40.22
C LEU E 11 81.81 12.34 40.59
N SER E 12 82.33 12.48 41.80
CA SER E 12 83.26 11.53 42.38
C SER E 12 82.56 10.75 43.49
N ALA E 13 82.76 9.43 43.52
CA ALA E 13 82.11 8.61 44.52
C ALA E 13 82.96 7.37 44.80
N SER E 14 82.68 6.75 45.94
CA SER E 14 83.35 5.55 46.39
C SER E 14 82.38 4.38 46.40
N VAL E 15 82.93 3.17 46.37
CA VAL E 15 82.12 1.96 46.44
C VAL E 15 81.18 2.02 47.63
N GLY E 16 79.90 1.78 47.40
CA GLY E 16 78.89 1.85 48.43
C GLY E 16 78.08 3.12 48.46
N ASP E 17 78.46 4.12 47.67
CA ASP E 17 77.78 5.41 47.69
C ASP E 17 76.43 5.33 46.97
N ARG E 18 75.53 6.23 47.37
CA ARG E 18 74.23 6.39 46.72
C ARG E 18 74.37 7.47 45.65
N VAL E 19 74.02 7.13 44.42
CA VAL E 19 74.19 8.06 43.29
C VAL E 19 72.82 8.38 42.71
N THR E 20 72.60 9.65 42.37
CA THR E 20 71.37 10.10 41.75
C THR E 20 71.70 11.05 40.61
N ILE E 21 71.25 10.71 39.40
CA ILE E 21 71.51 11.50 38.20
C ILE E 21 70.18 11.96 37.63
N THR E 22 70.08 13.26 37.33
CA THR E 22 68.85 13.85 36.82
C THR E 22 69.01 14.20 35.35
N CYS E 23 67.91 14.07 34.60
CA CYS E 23 67.87 14.36 33.18
C CYS E 23 66.58 15.14 32.92
N ARG E 24 66.73 16.34 32.38
CA ARG E 24 65.60 17.22 32.10
C ARG E 24 65.56 17.58 30.63
N ALA E 25 64.36 17.55 30.05
CA ALA E 25 64.15 18.00 28.68
C ALA E 25 63.61 19.43 28.68
N SER E 26 63.89 20.16 27.61
CA SER E 26 63.44 21.55 27.52
C SER E 26 61.94 21.67 27.32
N GLN E 27 61.25 20.56 27.09
CA GLN E 27 59.80 20.54 26.96
C GLN E 27 59.31 19.13 27.24
N SER E 28 58.02 19.03 27.56
CA SER E 28 57.43 17.75 27.92
C SER E 28 57.65 16.73 26.80
N ILE E 29 58.12 15.54 27.18
CA ILE E 29 58.35 14.46 26.22
C ILE E 29 57.86 13.13 26.80
N SER E 30 56.97 13.22 27.79
CA SER E 30 56.35 12.06 28.43
C SER E 30 57.36 11.07 29.01
N SER E 31 57.34 9.83 28.51
CA SER E 31 58.20 8.77 29.03
C SER E 31 59.22 8.28 28.02
N TYR E 32 59.54 9.10 27.02
CA TYR E 32 60.48 8.71 25.96
C TYR E 32 61.92 8.96 26.44
N LEU E 33 62.33 8.16 27.43
CA LEU E 33 63.66 8.27 27.99
C LEU E 33 64.27 6.88 28.16
N SER E 34 65.51 6.75 27.71
CA SER E 34 66.29 5.53 27.87
C SER E 34 67.59 5.85 28.61
N TRP E 35 68.10 4.89 29.37
CA TRP E 35 69.30 5.07 30.17
C TRP E 35 70.37 4.08 29.74
N TYR E 36 71.60 4.58 29.61
CA TYR E 36 72.70 3.75 29.16
C TYR E 36 73.92 3.95 30.06
N GLN E 37 74.62 2.86 30.35
CA GLN E 37 75.91 2.90 31.02
C GLN E 37 76.99 2.48 30.03
N GLN E 38 78.10 3.23 30.01
CA GLN E 38 79.16 3.01 29.03
C GLN E 38 80.50 3.02 29.72
N LYS E 39 81.33 2.02 29.42
CA LYS E 39 82.68 1.90 29.94
C LYS E 39 83.69 2.32 28.89
N PRO E 40 84.85 2.83 29.31
CA PRO E 40 85.91 3.19 28.34
C PRO E 40 86.23 2.06 27.37
N GLY E 41 86.12 2.35 26.07
CA GLY E 41 86.41 1.35 25.06
C GLY E 41 85.33 0.32 24.83
N LYS E 42 84.14 0.51 25.39
CA LYS E 42 83.03 -0.41 25.19
C LYS E 42 81.77 0.38 24.87
N ALA E 43 80.82 -0.28 24.20
CA ALA E 43 79.55 0.34 23.87
C ALA E 43 78.67 0.47 25.10
N PRO E 44 77.76 1.44 25.11
CA PRO E 44 76.83 1.58 26.24
C PRO E 44 75.93 0.36 26.39
N LYS E 45 75.36 0.22 27.59
CA LYS E 45 74.43 -0.84 27.93
C LYS E 45 73.11 -0.22 28.40
N LEU E 46 72.00 -0.68 27.82
CA LEU E 46 70.70 -0.15 28.20
C LEU E 46 70.31 -0.61 29.60
N LEU E 47 69.95 0.34 30.46
CA LEU E 47 69.60 0.05 31.84
C LEU E 47 68.13 0.24 32.15
N ILE E 48 67.53 1.34 31.71
CA ILE E 48 66.15 1.69 32.07
C ILE E 48 65.45 2.22 30.83
N TYR E 49 64.28 1.67 30.53
CA TYR E 49 63.45 2.13 29.43
C TYR E 49 62.09 2.55 29.96
N ALA E 50 61.39 3.36 29.16
CA ALA E 50 60.06 3.87 29.51
C ALA E 50 60.07 4.64 30.82
N ALA E 51 61.20 5.29 31.12
CA ALA E 51 61.38 6.15 32.30
C ALA E 51 61.36 5.38 33.62
N SER E 52 60.65 4.26 33.68
CA SER E 52 60.49 3.55 34.95
C SER E 52 60.62 2.04 34.87
N SER E 53 60.60 1.44 33.68
CA SER E 53 60.70 -0.01 33.57
C SER E 53 62.14 -0.47 33.66
N LEU E 54 62.38 -1.51 34.45
CA LEU E 54 63.72 -2.07 34.60
C LEU E 54 64.03 -3.02 33.46
N GLN E 55 65.15 -2.78 32.77
CA GLN E 55 65.50 -3.57 31.60
C GLN E 55 65.94 -4.98 32.01
N SER E 56 65.57 -5.96 31.21
CA SER E 56 66.02 -7.33 31.45
C SER E 56 67.53 -7.43 31.35
N GLY E 57 68.13 -8.17 32.29
CA GLY E 57 69.57 -8.33 32.32
C GLY E 57 70.32 -7.22 33.02
N VAL E 58 69.63 -6.35 33.74
CA VAL E 58 70.23 -5.23 34.45
C VAL E 58 70.14 -5.51 35.94
N PRO E 59 71.21 -5.32 36.70
CA PRO E 59 71.14 -5.56 38.15
C PRO E 59 70.13 -4.64 38.82
N SER E 60 69.50 -5.15 39.88
CA SER E 60 68.42 -4.44 40.55
C SER E 60 68.89 -3.27 41.39
N ARG E 61 70.20 -2.98 41.43
CA ARG E 61 70.66 -1.81 42.18
C ARG E 61 70.28 -0.51 41.46
N PHE E 62 70.10 -0.58 40.13
CA PHE E 62 69.67 0.57 39.37
C PHE E 62 68.15 0.71 39.44
N SER E 63 67.67 1.95 39.54
CA SER E 63 66.24 2.20 39.54
C SER E 63 65.97 3.57 38.92
N GLY E 64 64.79 3.73 38.35
CA GLY E 64 64.41 4.96 37.68
C GLY E 64 63.13 5.53 38.24
N SER E 65 63.00 6.85 38.16
CA SER E 65 61.82 7.56 38.64
C SER E 65 61.75 8.89 37.91
N GLY E 66 60.79 9.73 38.30
CA GLY E 66 60.67 11.03 37.66
C GLY E 66 59.32 11.25 37.02
N SER E 67 58.97 12.51 36.74
CA SER E 67 57.66 12.80 36.17
C SER E 67 57.73 14.08 35.35
N GLY E 68 57.08 14.06 34.18
CA GLY E 68 56.95 15.24 33.35
C GLY E 68 58.15 15.48 32.45
N THR E 69 59.00 16.43 32.85
CA THR E 69 60.22 16.74 32.13
C THR E 69 61.47 16.22 32.83
N ASP E 70 61.43 16.05 34.15
CA ASP E 70 62.59 15.68 34.94
C ASP E 70 62.48 14.23 35.37
N PHE E 71 63.50 13.44 35.06
CA PHE E 71 63.52 12.03 35.43
C PHE E 71 64.91 11.69 35.95
N THR E 72 64.97 10.74 36.89
CA THR E 72 66.21 10.49 37.62
C THR E 72 66.49 8.99 37.70
N LEU E 73 67.78 8.67 37.59
CA LEU E 73 68.29 7.32 37.77
C LEU E 73 69.07 7.26 39.08
N THR E 74 68.84 6.21 39.85
CA THR E 74 69.47 6.04 41.15
C THR E 74 70.25 4.73 41.19
N ILE E 75 71.45 4.80 41.75
CA ILE E 75 72.34 3.67 41.96
C ILE E 75 72.46 3.49 43.47
N THR E 76 71.89 2.39 43.97
CA THR E 76 71.78 2.18 45.41
C THR E 76 73.11 1.78 46.04
N SER E 77 73.89 0.96 45.35
CA SER E 77 75.16 0.46 45.90
C SER E 77 76.19 0.44 44.77
N LEU E 78 76.98 1.51 44.69
CA LEU E 78 77.99 1.63 43.64
C LEU E 78 79.02 0.50 43.76
N GLN E 79 79.27 -0.16 42.65
CA GLN E 79 80.18 -1.31 42.59
C GLN E 79 81.42 -0.97 41.79
N PRO E 80 82.51 -1.73 41.97
CA PRO E 80 83.72 -1.49 41.16
C PRO E 80 83.46 -1.39 39.67
N GLU E 81 82.58 -2.24 39.13
CA GLU E 81 82.24 -2.18 37.72
C GLU E 81 81.21 -1.10 37.39
N ASP E 82 80.76 -0.32 38.37
CA ASP E 82 79.81 0.75 38.12
C ASP E 82 80.48 2.08 37.79
N PHE E 83 81.80 2.17 37.92
CA PHE E 83 82.52 3.38 37.51
C PHE E 83 82.50 3.46 35.99
N ALA E 84 81.74 4.41 35.45
CA ALA E 84 81.44 4.48 34.03
C ALA E 84 80.67 5.76 33.77
N THR E 85 80.32 5.97 32.50
CA THR E 85 79.55 7.13 32.08
C THR E 85 78.09 6.75 31.97
N TYR E 86 77.20 7.69 32.32
CA TYR E 86 75.76 7.46 32.28
C TYR E 86 75.09 8.47 31.36
N TYR E 87 74.26 7.97 30.45
CA TYR E 87 73.61 8.77 29.43
C TYR E 87 72.10 8.59 29.53
N CYS E 88 71.38 9.70 29.43
CA CYS E 88 69.94 9.63 29.16
C CYS E 88 69.71 9.98 27.70
N GLN E 89 68.61 9.46 27.14
CA GLN E 89 68.30 9.67 25.74
C GLN E 89 66.81 9.89 25.56
N GLN E 90 66.46 10.94 24.81
CA GLN E 90 65.09 11.24 24.43
C GLN E 90 64.83 10.73 23.01
N SER E 91 63.62 10.17 22.82
CA SER E 91 63.21 9.64 21.53
C SER E 91 61.93 10.31 21.03
N TYR E 92 61.61 11.49 21.54
CA TYR E 92 60.37 12.16 21.19
C TYR E 92 60.32 12.54 19.72
N SER E 93 61.41 13.08 19.18
CA SER E 93 61.44 13.48 17.78
C SER E 93 62.87 13.41 17.26
N THR E 94 62.98 13.43 15.93
CA THR E 94 64.28 13.35 15.28
C THR E 94 64.95 14.73 15.25
N PRO E 95 66.28 14.79 15.41
CA PRO E 95 67.13 13.63 15.73
C PRO E 95 67.09 13.27 17.20
N ARG E 96 67.48 12.04 17.53
CA ARG E 96 67.47 11.55 18.90
C ARG E 96 68.79 11.94 19.58
N THR E 97 68.90 13.25 19.85
CA THR E 97 70.14 13.83 20.32
C THR E 97 70.58 13.23 21.66
N PHE E 98 71.88 13.00 21.79
CA PHE E 98 72.47 12.51 23.04
C PHE E 98 73.13 13.67 23.78
N GLY E 99 73.11 13.56 25.11
CA GLY E 99 73.80 14.52 25.95
C GLY E 99 75.31 14.40 25.84
N GLN E 100 75.99 15.41 26.39
CA GLN E 100 77.45 15.42 26.39
C GLN E 100 78.05 14.39 27.34
N GLY E 101 77.23 13.77 28.18
CA GLY E 101 77.69 12.70 29.04
C GLY E 101 78.03 13.20 30.44
N THR E 102 78.11 12.23 31.36
CA THR E 102 78.45 12.49 32.76
C THR E 102 79.54 11.51 33.17
N LYS E 103 80.74 12.03 33.44
CA LYS E 103 81.89 11.20 33.79
C LYS E 103 81.92 10.95 35.29
N VAL E 104 81.99 9.68 35.68
CA VAL E 104 82.06 9.27 37.08
C VAL E 104 83.47 8.76 37.35
N GLU E 105 84.17 9.43 38.26
CA GLU E 105 85.54 9.09 38.62
C GLU E 105 85.57 8.57 40.05
N ILE E 106 86.63 7.81 40.36
CA ILE E 106 86.74 7.17 41.67
C ILE E 106 87.13 8.20 42.72
C1 NAG F . -55.48 26.46 5.61
C2 NAG F . -56.54 27.31 6.32
C3 NAG F . -55.95 28.67 6.69
C4 NAG F . -54.67 28.52 7.48
C5 NAG F . -53.70 27.57 6.78
C6 NAG F . -52.50 27.21 7.64
C7 NAG F . -58.88 26.85 5.75
C8 NAG F . -60.00 27.13 4.80
N2 NAG F . -57.72 27.47 5.49
O3 NAG F . -56.92 29.40 7.44
O4 NAG F . -54.05 29.81 7.54
O5 NAG F . -54.33 26.34 6.44
O6 NAG F . -52.38 25.80 7.79
O7 NAG F . -59.01 26.10 6.71
C1 NAG F . -53.75 30.34 8.85
C2 NAG F . -54.76 29.86 9.92
C3 NAG F . -54.31 30.13 11.36
C4 NAG F . -52.85 29.75 11.64
C5 NAG F . -51.89 30.20 10.55
C6 NAG F . -50.54 29.51 10.63
C7 NAG F . -56.36 31.73 9.70
C8 NAG F . -57.79 32.11 9.44
N2 NAG F . -56.09 30.43 9.70
O3 NAG F . -55.16 29.43 12.27
O4 NAG F . -52.44 30.32 12.87
O5 NAG F . -52.39 29.96 9.23
O6 NAG F . -49.95 29.40 9.34
O7 NAG F . -55.50 32.58 9.91
C1 NAG G . -37.66 31.28 -37.51
C2 NAG G . -38.06 32.29 -38.57
C3 NAG G . -37.74 31.73 -39.94
C4 NAG G . -36.24 31.43 -39.98
C5 NAG G . -35.94 30.42 -38.87
C6 NAG G . -34.48 30.03 -38.81
C7 NAG G . -39.93 33.76 -37.94
C8 NAG G . -41.41 33.93 -37.93
N2 NAG G . -39.47 32.62 -38.48
O3 NAG G . -38.08 32.66 -40.94
O4 NAG G . -35.88 30.88 -41.24
O5 NAG G . -36.26 31.03 -37.61
O6 NAG G . -34.08 29.32 -39.98
O7 NAG G . -39.16 34.61 -37.48
C1 NAG G . -35.06 31.83 -41.94
C2 NAG G . -34.58 31.18 -43.24
C3 NAG G . -33.73 32.17 -44.03
C4 NAG G . -34.52 33.45 -44.27
C5 NAG G . -35.02 34.02 -42.94
C6 NAG G . -35.91 35.22 -43.11
C7 NAG G . -34.36 28.75 -43.02
C8 NAG G . -33.43 27.61 -42.71
N2 NAG G . -33.82 29.97 -42.97
O3 NAG G . -33.36 31.59 -45.27
O4 NAG G . -33.70 34.42 -44.92
O5 NAG G . -35.78 33.03 -42.24
O6 NAG G . -37.19 34.86 -43.62
O7 NAG G . -35.54 28.57 -43.30
C1 NAG H . -29.26 13.71 -46.90
C2 NAG H . -29.63 13.71 -48.38
C3 NAG H . -28.53 13.01 -49.18
C4 NAG H . -27.19 13.71 -48.92
C5 NAG H . -26.92 13.69 -47.41
C6 NAG H . -25.65 14.42 -47.03
C7 NAG H . -32.08 13.70 -48.61
C8 NAG H . -33.29 12.85 -48.84
N2 NAG H . -30.91 13.05 -48.59
O3 NAG H . -28.85 13.06 -50.56
O4 NAG H . -26.16 13.02 -49.59
O5 NAG H . -28.00 14.36 -46.73
O6 NAG H . -24.50 13.63 -47.29
O7 NAG H . -32.14 14.91 -48.45
C1 NAG H . -25.45 13.88 -50.50
C2 NAG H . -26.02 13.69 -51.91
C3 NAG H . -25.33 14.64 -52.89
C4 NAG H . -25.41 16.08 -52.40
C5 NAG H . -24.87 16.18 -50.98
C6 NAG H . -25.04 17.55 -50.38
C7 NAG H . -26.93 11.54 -52.63
C8 NAG H . -26.62 10.15 -53.09
N2 NAG H . -25.88 12.32 -52.36
O3 NAG H . -25.94 14.53 -54.17
O4 NAG H . -24.67 16.94 -53.25
O5 NAG H . -25.55 15.26 -50.12
O6 NAG H . -24.24 17.72 -49.21
O7 NAG H . -28.09 11.93 -52.54
C1 NAG I . -69.03 -2.52 -3.13
C2 NAG I . -69.92 -2.11 -1.96
C3 NAG I . -71.06 -3.11 -1.80
C4 NAG I . -71.84 -3.21 -3.10
C5 NAG I . -70.89 -3.59 -4.24
C6 NAG I . -71.56 -3.62 -5.58
C7 NAG I . -69.53 -1.31 0.34
C8 NAG I . -68.60 -1.34 1.52
N2 NAG I . -69.15 -2.02 -0.72
O3 NAG I . -71.93 -2.69 -0.76
O4 NAG I . -72.85 -4.21 -2.99
O5 NAG I . -69.83 -2.61 -4.32
O6 NAG I . -70.92 -2.74 -6.50
O7 NAG I . -70.58 -0.67 0.34
C1 NAG J . -38.30 39.68 4.50
C2 NAG J . -39.01 40.85 5.16
C3 NAG J . -37.98 41.70 5.92
C4 NAG J . -37.26 40.80 6.92
C5 NAG J . -36.60 39.67 6.15
C6 NAG J . -35.84 38.72 7.02
C7 NAG J . -39.19 42.31 3.17
C8 NAG J . -40.14 43.09 2.31
N2 NAG J . -39.75 41.67 4.21
O3 NAG J . -38.64 42.76 6.59
O4 NAG J . -36.28 41.54 7.62
O5 NAG J . -37.62 38.90 5.49
O6 NAG J . -34.84 39.39 7.78
O7 NAG J . -37.99 42.26 2.94
C1 NAG K . -66.06 9.48 6.84
C2 NAG K . -66.32 8.41 5.78
C3 NAG K . -66.12 7.01 6.37
C4 NAG K . -64.74 6.91 7.02
C5 NAG K . -64.53 8.03 8.03
C6 NAG K . -63.13 8.05 8.60
C7 NAG K . -68.79 8.46 5.85
C8 NAG K . -70.04 8.63 5.04
N2 NAG K . -67.64 8.54 5.18
O3 NAG K . -66.27 6.03 5.36
O4 NAG K . -64.63 5.66 7.70
O5 NAG K . -64.74 9.31 7.40
O6 NAG K . -62.52 9.31 8.42
O7 NAG K . -68.83 8.26 7.06
C1 NAG L . -74.20 19.41 0.56
C2 NAG L . -74.35 20.42 1.70
C3 NAG L . -75.54 21.33 1.44
C4 NAG L . -75.38 22.00 0.09
C5 NAG L . -75.20 20.93 -1.00
C6 NAG L . -74.95 21.53 -2.37
C7 NAG L . -75.28 18.94 3.55
C8 NAG L . -76.43 18.50 2.67
N2 NAG L . -74.40 19.81 3.03
O3 NAG L . -75.61 22.32 2.46
O4 NAG L . -76.54 22.77 -0.22
O5 NAG L . -74.06 20.11 -0.69
O6 NAG L . -74.10 22.66 -2.30
O7 NAG L . -75.18 18.53 4.69
C1 NAG M . -81.15 5.12 -12.89
C2 NAG M . -81.87 4.01 -12.11
C3 NAG M . -82.11 2.80 -13.02
C4 NAG M . -82.90 3.26 -14.24
C5 NAG M . -82.12 4.38 -14.94
C6 NAG M . -82.82 4.92 -16.16
C7 NAG M . -79.96 3.13 -10.67
C8 NAG M . -79.10 2.90 -11.89
N2 NAG M . -81.20 3.64 -10.86
O3 NAG M . -82.83 1.81 -12.31
O4 NAG M . -83.09 2.18 -15.13
O5 NAG M . -81.94 5.49 -14.04
O6 NAG M . -82.25 6.16 -16.58
O7 NAG M . -79.54 2.88 -9.55
C1 NAG N . -50.85 -4.24 -41.09
C2 NAG N . -49.91 -4.16 -42.28
C3 NAG N . -48.94 -5.34 -42.25
C4 NAG N . -48.20 -5.37 -40.92
C5 NAG N . -49.21 -5.42 -39.78
C6 NAG N . -48.57 -5.36 -38.41
C7 NAG N . -51.09 -3.01 -44.09
C8 NAG N . -51.83 -3.17 -45.38
N2 NAG N . -50.63 -4.14 -43.54
O3 NAG N . -48.01 -5.22 -43.32
O4 NAG N . -47.35 -6.51 -40.85
O5 NAG N . -50.10 -4.28 -39.87
O6 NAG N . -49.42 -5.89 -37.41
O7 NAG N . -50.94 -1.92 -43.57
C1 NAG O . 49.36 -26.40 -9.53
C2 NAG O . 49.63 -27.65 -8.71
C3 NAG O . 48.61 -28.72 -9.06
C4 NAG O . 47.20 -28.17 -8.83
C5 NAG O . 47.01 -26.91 -9.68
C6 NAG O . 45.68 -26.26 -9.48
C7 NAG O . 51.99 -27.86 -8.09
C8 NAG O . 53.32 -28.45 -8.46
N2 NAG O . 50.98 -28.14 -8.91
O3 NAG O . 48.81 -29.87 -8.25
O4 NAG O . 46.23 -29.14 -9.20
O5 NAG O . 48.01 -25.94 -9.30
O6 NAG O . 45.78 -24.84 -9.47
O7 NAG O . 51.84 -27.17 -7.08
C1 NAG P . -2.52 -19.32 -37.95
C2 NAG P . -2.61 -17.98 -38.81
C3 NAG P . -1.88 -18.00 -40.17
C4 NAG P . -0.61 -18.81 -40.17
C5 NAG P . -0.99 -20.22 -39.82
C6 NAG P . 0.17 -21.19 -39.91
C7 NAG P . -4.55 -16.55 -38.34
C8 NAG P . -3.66 -15.80 -37.40
N2 NAG P . -4.00 -17.58 -38.99
O3 NAG P . -1.59 -16.66 -40.56
O4 NAG P . -0.01 -18.79 -41.45
O5 NAG P . -1.43 -20.24 -38.47
O6 NAG P . 0.53 -21.68 -38.62
O7 NAG P . -5.73 -16.23 -38.51
C1 NAG Q . -47.22 9.89 -49.38
C2 NAG Q . -47.93 11.14 -49.88
C3 NAG Q . -48.46 10.91 -51.29
C4 NAG Q . -47.29 10.52 -52.19
C5 NAG Q . -46.60 9.28 -51.61
C6 NAG Q . -45.38 8.85 -52.39
C7 NAG Q . -48.89 12.31 -47.94
C8 NAG Q . -50.12 12.57 -47.13
N2 NAG Q . -49.03 11.50 -48.99
O3 NAG Q . -49.06 12.10 -51.78
O4 NAG Q . -47.75 10.22 -53.50
O5 NAG Q . -46.15 9.57 -50.28
O6 NAG Q . -45.17 7.45 -52.29
O7 NAG Q . -47.80 12.81 -47.65
C1 NAG R . -57.55 -15.13 -4.34
C2 NAG R . -59.01 -15.42 -3.99
C3 NAG R . -59.09 -16.66 -3.11
C4 NAG R . -58.42 -17.83 -3.83
C5 NAG R . -56.98 -17.45 -4.17
C6 NAG R . -56.26 -18.53 -4.94
C7 NAG R . -60.94 -14.06 -3.29
C8 NAG R . -61.39 -12.84 -2.54
N2 NAG R . -59.62 -14.29 -3.32
O3 NAG R . -60.45 -16.97 -2.84
O4 NAG R . -58.42 -18.98 -2.98
O5 NAG R . -56.98 -16.28 -4.99
O6 NAG R . -56.90 -19.80 -4.79
O7 NAG R . -61.73 -14.81 -3.85
C1 NAG S . -60.71 19.64 -50.71
C2 NAG S . -60.08 19.04 -51.96
C3 NAG S . -59.33 20.11 -52.73
C4 NAG S . -60.28 21.26 -53.05
C5 NAG S . -60.90 21.79 -51.77
C6 NAG S . -61.93 22.87 -52.01
C7 NAG S . -58.88 16.95 -52.44
C8 NAG S . -57.94 15.90 -51.92
N2 NAG S . -59.18 17.94 -51.60
O3 NAG S . -58.80 19.57 -53.92
O4 NAG S . -59.56 22.31 -53.70
O5 NAG S . -61.58 20.72 -51.09
O6 NAG S . -63.20 22.51 -51.47
O7 NAG S . -59.34 16.89 -53.57
C1 NAG T . -60.25 -7.89 -27.06
C2 NAG T . -60.42 -9.09 -26.13
C3 NAG T . -61.80 -9.67 -26.35
C4 NAG T . -62.83 -8.59 -26.05
C5 NAG T . -62.56 -7.42 -27.01
C6 NAG T . -63.53 -6.28 -26.81
C7 NAG T . -58.76 -10.76 -25.41
C8 NAG T . -59.15 -10.41 -24.01
N2 NAG T . -59.40 -10.10 -26.38
O3 NAG T . -62.00 -10.78 -25.48
O4 NAG T . -64.14 -9.08 -26.24
O5 NAG T . -61.25 -6.90 -26.76
O6 NAG T . -63.67 -5.94 -25.45
O7 NAG T . -57.91 -11.60 -25.65
C1 NAG U . -38.19 43.34 -22.78
C2 NAG U . -37.10 43.17 -23.84
C3 NAG U . -35.73 43.37 -23.20
C4 NAG U . -35.66 44.71 -22.49
C5 NAG U . -36.81 44.82 -21.49
C6 NAG U . -36.88 46.18 -20.83
C7 NAG U . -36.66 41.60 -25.67
C8 NAG U . -36.83 40.21 -26.17
N2 NAG U . -37.18 41.87 -24.47
O3 NAG U . -34.72 43.30 -24.20
O4 NAG U . -34.43 44.85 -21.81
O5 NAG U . -38.06 44.62 -22.16
O6 NAG U . -38.23 46.49 -20.46
O7 NAG U . -36.05 42.46 -26.32
C1 NAG V . 16.34 2.20 -41.12
C2 NAG V . 15.80 3.53 -41.62
C3 NAG V . 14.98 3.31 -42.88
C4 NAG V . 15.85 2.60 -43.92
C5 NAG V . 16.39 1.30 -43.34
C6 NAG V . 17.32 0.58 -44.28
C7 NAG V . 15.13 5.47 -40.28
C8 NAG V . 14.21 5.97 -39.20
N2 NAG V . 15.00 4.18 -40.60
O3 NAG V . 14.52 4.55 -43.39
O4 NAG V . 15.08 2.31 -45.09
O5 NAG V . 17.14 1.59 -42.15
O6 NAG V . 18.45 0.04 -43.60
O7 NAG V . 15.94 6.20 -40.83
C1 NAG W . -47.15 45.90 -10.45
C2 NAG W . -48.54 46.19 -9.90
C3 NAG W . -48.70 47.69 -9.66
C4 NAG W . -47.60 48.17 -8.74
C5 NAG W . -46.25 47.82 -9.33
C6 NAG W . -45.08 48.21 -8.43
C7 NAG W . -50.09 44.47 -10.73
C8 NAG W . -51.13 44.14 -11.74
N2 NAG W . -49.57 45.71 -10.80
O3 NAG W . -49.98 47.95 -9.09
O4 NAG W . -47.69 49.59 -8.57
O5 NAG W . -46.16 46.40 -9.52
O6 NAG W . -44.46 47.07 -7.87
O7 NAG W . -49.73 43.67 -9.88
C1 NAG X . -62.71 47.03 -14.23
C2 NAG X . -62.71 48.55 -14.14
C3 NAG X . -62.97 49.00 -12.70
C4 NAG X . -64.29 48.40 -12.24
C5 NAG X . -64.22 46.87 -12.37
C6 NAG X . -65.52 46.19 -11.97
C7 NAG X . -60.26 48.88 -14.12
C8 NAG X . -59.10 49.57 -14.78
N2 NAG X . -61.47 49.12 -14.64
O3 NAG X . -63.03 50.42 -12.65
O4 NAG X . -64.52 48.74 -10.86
O5 NAG X . -63.97 46.53 -13.73
O6 NAG X . -66.09 46.80 -10.83
O7 NAG X . -60.10 48.14 -13.15
#